data_9IY1
#
_entry.id   9IY1
#
_cell.length_a   172.420
_cell.length_b   190.114
_cell.length_c   226.571
_cell.angle_alpha   90.000
_cell.angle_beta   90.000
_cell.angle_gamma   90.000
#
_symmetry.space_group_name_H-M   'I 2 2 2'
#
loop_
_entity.id
_entity.type
_entity.pdbx_description
1 polymer 'Fatty-acid peroxygenase'
2 non-polymer 'PROTOPORPHYRIN IX CONTAINING FE'
3 non-polymer 'PALMITIC ACID'
4 non-polymer GLYCEROL
5 non-polymer 'SULFATE ION'
6 non-polymer DI(HYDROXYETHYL)ETHER
7 water water
#
_entity_poly.entity_id   1
_entity_poly.type   'polypeptide(L)'
_entity_poly.pdbx_seq_one_letter_code
;MNEQIPHDKSLDNSLTLLKEGYLFIKNRTERYNSDLFQARLLGKNAICMTGAEAAKVFYDTDRFQRQNALPKRVQKSLFG
VNAIQGMDGSAHIHRKMLFLSLMTPPHQKRLAELMTEEWKAAVTRWEKADEVVLFEEAKEILCRVACYWAGVPLKETEVK
ERADDFIDMVDAFGAVGPRHWKGRRARPRAEEWIEVMIEDARAGLLKTTSGTALHEMAFHTQEDGSQLDSRMAAIELINV
LRPIVAISYFLVFSALALHEHPKYKEWLRSGNSREREMFVQEVRRYYPFGPFLGALVKKDFVWNNCEFKKGTSVLLDLYG
TNHDPRLWDHPDEFRPERFAEREENLFDMIPQGGGHAEKGHRCPGEGITIEVMKASLDFLVHQIEYDVPEQSLHYSLARM
PSLPESGFVMSGIRRK
;
_entity_poly.pdbx_strand_id   A,B,C,D,E,F
#
loop_
_chem_comp.id
_chem_comp.type
_chem_comp.name
_chem_comp.formula
GOL non-polymer GLYCEROL 'C3 H8 O3'
HEM non-polymer 'PROTOPORPHYRIN IX CONTAINING FE' 'C34 H32 Fe N4 O4'
PEG non-polymer DI(HYDROXYETHYL)ETHER 'C4 H10 O3'
PLM non-polymer 'PALMITIC ACID' 'C16 H32 O2'
SO4 non-polymer 'SULFATE ION' 'O4 S -2'
#
# COMPACT_ATOMS: atom_id res chain seq x y z
N ASN A 2 48.20 37.65 2.67
CA ASN A 2 48.14 36.36 1.98
C ASN A 2 47.98 36.54 0.48
N GLU A 3 48.41 37.69 -0.03
CA GLU A 3 48.38 37.93 -1.47
C GLU A 3 49.33 37.01 -2.23
N GLN A 4 50.28 36.38 -1.53
CA GLN A 4 51.16 35.42 -2.16
C GLN A 4 50.54 34.03 -2.26
N ILE A 5 49.67 33.68 -1.30
CA ILE A 5 48.97 32.40 -1.32
C ILE A 5 47.93 32.44 -2.42
N PRO A 6 47.95 31.49 -3.36
CA PRO A 6 46.98 31.51 -4.46
C PRO A 6 45.54 31.42 -3.95
N HIS A 7 44.62 31.98 -4.73
CA HIS A 7 43.24 32.18 -4.29
C HIS A 7 42.30 31.94 -5.47
N ASP A 8 41.56 30.84 -5.42
CA ASP A 8 40.47 30.59 -6.35
C ASP A 8 39.29 31.48 -5.97
N LYS A 9 39.03 32.51 -6.77
CA LYS A 9 38.04 33.53 -6.42
C LYS A 9 36.66 33.27 -7.01
N SER A 10 36.41 32.07 -7.54
CA SER A 10 35.09 31.74 -8.04
C SER A 10 34.09 31.68 -6.88
N LEU A 11 32.84 32.01 -7.20
CA LEU A 11 31.79 32.08 -6.17
C LEU A 11 30.91 30.84 -6.13
N ASP A 12 31.06 29.92 -7.08
CA ASP A 12 30.29 28.69 -7.13
C ASP A 12 31.17 27.47 -6.87
N ASN A 13 32.16 27.63 -5.99
CA ASN A 13 33.14 26.57 -5.77
C ASN A 13 32.53 25.36 -5.06
N SER A 14 31.54 25.58 -4.20
CA SER A 14 30.88 24.45 -3.55
C SER A 14 30.19 23.57 -4.58
N LEU A 15 29.56 24.18 -5.59
CA LEU A 15 28.98 23.42 -6.68
C LEU A 15 30.06 22.78 -7.55
N THR A 16 31.20 23.46 -7.70
CA THR A 16 32.32 22.87 -8.42
C THR A 16 32.91 21.70 -7.63
N LEU A 17 32.96 21.82 -6.30
CA LEU A 17 33.40 20.71 -5.47
C LEU A 17 32.53 19.47 -5.69
N LEU A 18 31.23 19.67 -5.94
CA LEU A 18 30.37 18.55 -6.28
C LEU A 18 30.71 17.99 -7.66
N LYS A 19 31.14 18.85 -8.59
CA LYS A 19 31.49 18.38 -9.92
C LYS A 19 32.78 17.56 -9.91
N GLU A 20 33.74 17.95 -9.08
CA GLU A 20 35.08 17.35 -9.11
C GLU A 20 35.36 16.39 -7.97
N GLY A 21 34.66 16.52 -6.86
CA GLY A 21 34.76 15.52 -5.80
C GLY A 21 36.16 15.39 -5.23
N TYR A 22 36.70 14.17 -5.31
CA TYR A 22 38.00 13.87 -4.72
C TYR A 22 39.15 14.64 -5.38
N LEU A 23 38.92 15.19 -6.57
CA LEU A 23 39.98 15.86 -7.32
C LEU A 23 39.93 17.38 -7.20
N PHE A 24 38.99 17.93 -6.44
CA PHE A 24 38.86 19.39 -6.36
C PHE A 24 40.15 20.02 -5.81
N ILE A 25 40.65 19.50 -4.69
CA ILE A 25 41.81 20.12 -4.06
C ILE A 25 43.08 19.83 -4.86
N LYS A 26 43.24 18.59 -5.32
CA LYS A 26 44.45 18.24 -6.05
C LYS A 26 44.54 19.00 -7.38
N ASN A 27 43.41 19.15 -8.07
CA ASN A 27 43.42 19.91 -9.32
C ASN A 27 43.93 21.32 -9.11
N ARG A 28 43.65 21.92 -7.96
CA ARG A 28 44.07 23.29 -7.70
C ARG A 28 45.45 23.37 -7.06
N THR A 29 45.84 22.40 -6.24
CA THR A 29 47.22 22.36 -5.76
C THR A 29 48.18 22.11 -6.92
N GLU A 30 47.78 21.30 -7.89
CA GLU A 30 48.57 21.13 -9.10
C GLU A 30 48.58 22.41 -9.93
N ARG A 31 47.40 23.03 -10.09
CA ARG A 31 47.29 24.21 -10.95
C ARG A 31 48.09 25.39 -10.39
N TYR A 32 48.01 25.62 -9.09
CA TYR A 32 48.66 26.76 -8.46
C TYR A 32 50.10 26.48 -8.03
N ASN A 33 50.57 25.25 -8.17
CA ASN A 33 51.91 24.85 -7.73
C ASN A 33 52.14 25.26 -6.29
N SER A 34 51.19 24.89 -5.42
CA SER A 34 51.26 25.23 -4.01
C SER A 34 50.60 24.11 -3.23
N ASP A 35 51.12 23.87 -2.02
CA ASP A 35 50.50 22.91 -1.12
C ASP A 35 49.27 23.48 -0.43
N LEU A 36 48.86 24.71 -0.75
CA LEU A 36 47.72 25.32 -0.09
C LEU A 36 47.20 26.47 -0.95
N PHE A 37 45.88 26.64 -0.94
CA PHE A 37 45.23 27.74 -1.65
C PHE A 37 43.98 28.15 -0.88
N GLN A 38 43.49 29.35 -1.18
CA GLN A 38 42.29 29.88 -0.55
C GLN A 38 41.10 29.78 -1.47
N ALA A 39 39.93 29.55 -0.88
CA ALA A 39 38.68 29.46 -1.63
C ALA A 39 37.51 29.59 -0.67
N ARG A 40 36.37 30.00 -1.22
CA ARG A 40 35.12 30.02 -0.46
C ARG A 40 34.39 28.71 -0.70
N LEU A 41 34.29 27.89 0.34
CA LEU A 41 33.69 26.57 0.25
C LEU A 41 32.70 26.38 1.38
N LEU A 42 31.52 25.84 1.05
CA LEU A 42 30.50 25.52 2.03
C LEU A 42 30.14 26.73 2.88
N GLY A 43 30.08 27.90 2.23
CA GLY A 43 29.70 29.12 2.90
C GLY A 43 30.73 29.68 3.86
N LYS A 44 31.99 29.28 3.72
CA LYS A 44 33.06 29.77 4.59
C LYS A 44 34.30 30.08 3.78
N ASN A 45 34.98 31.17 4.13
CA ASN A 45 36.30 31.45 3.58
C ASN A 45 37.28 30.40 4.10
N ALA A 46 37.83 29.60 3.20
CA ALA A 46 38.58 28.41 3.59
C ALA A 46 39.96 28.39 2.96
N ILE A 47 40.82 27.57 3.54
CA ILE A 47 42.14 27.25 3.01
C ILE A 47 42.20 25.74 2.80
N CYS A 48 42.51 25.32 1.58
CA CYS A 48 42.69 23.90 1.28
C CYS A 48 44.18 23.61 1.21
N MET A 49 44.61 22.56 1.90
CA MET A 49 46.01 22.17 1.90
C MET A 49 46.14 20.67 1.70
N THR A 50 47.32 20.25 1.25
CA THR A 50 47.61 18.86 0.97
C THR A 50 49.06 18.55 1.35
N GLY A 51 49.35 17.28 1.53
CA GLY A 51 50.70 16.84 1.82
C GLY A 51 50.84 16.36 3.26
N ALA A 52 51.93 15.62 3.49
CA ALA A 52 52.19 15.06 4.82
C ALA A 52 52.51 16.15 5.83
N GLU A 53 53.23 17.19 5.40
CA GLU A 53 53.57 18.28 6.31
C GLU A 53 52.32 19.09 6.67
N ALA A 54 51.41 19.27 5.71
CA ALA A 54 50.14 19.93 6.02
C ALA A 54 49.31 19.10 6.97
N ALA A 55 49.38 17.76 6.85
CA ALA A 55 48.65 16.89 7.77
C ALA A 55 49.21 17.00 9.18
N LYS A 56 50.52 17.19 9.32
CA LYS A 56 51.11 17.34 10.64
C LYS A 56 50.62 18.62 11.32
N VAL A 57 50.46 19.70 10.55
CA VAL A 57 49.90 20.93 11.10
C VAL A 57 48.42 20.76 11.39
N PHE A 58 47.71 20.03 10.53
CA PHE A 58 46.27 19.85 10.70
C PHE A 58 45.95 19.17 12.03
N TYR A 59 46.76 18.18 12.42
CA TYR A 59 46.52 17.42 13.64
C TYR A 59 47.20 18.02 14.86
N ASP A 60 47.60 19.30 14.79
CA ASP A 60 48.08 20.04 15.95
C ASP A 60 46.85 20.58 16.67
N THR A 61 46.49 19.95 17.80
CA THR A 61 45.30 20.35 18.53
C THR A 61 45.40 21.76 19.09
N ASP A 62 46.62 22.28 19.28
CA ASP A 62 46.77 23.66 19.73
C ASP A 62 46.46 24.65 18.61
N ARG A 63 46.63 24.23 17.36
CA ARG A 63 46.40 25.11 16.22
C ARG A 63 45.05 24.92 15.57
N PHE A 64 44.42 23.75 15.73
CA PHE A 64 43.18 23.45 15.03
C PHE A 64 42.17 22.81 15.96
N GLN A 65 40.90 23.12 15.71
CA GLN A 65 39.78 22.55 16.44
C GLN A 65 38.79 21.99 15.44
N ARG A 66 37.89 21.13 15.93
CA ARG A 66 36.86 20.53 15.08
C ARG A 66 35.48 21.08 15.34
N GLN A 67 35.27 21.81 16.43
CA GLN A 67 33.94 22.36 16.72
C GLN A 67 33.54 23.38 15.66
N ASN A 68 32.36 23.16 15.08
CA ASN A 68 31.78 24.05 14.07
C ASN A 68 32.64 24.12 12.80
N ALA A 69 33.30 23.01 12.47
CA ALA A 69 34.15 22.98 11.27
C ALA A 69 33.33 22.67 10.02
N LEU A 70 32.62 21.55 10.02
CA LEU A 70 31.83 21.10 8.88
C LEU A 70 30.38 21.53 9.03
N PRO A 71 29.65 21.64 7.93
CA PRO A 71 28.23 22.03 8.02
C PRO A 71 27.42 21.01 8.81
N LYS A 72 26.26 21.47 9.29
CA LYS A 72 25.36 20.58 10.03
C LYS A 72 24.86 19.43 9.17
N ARG A 73 24.93 19.56 7.85
CA ARG A 73 24.45 18.50 6.96
C ARG A 73 25.19 17.19 7.18
N VAL A 74 26.47 17.27 7.57
CA VAL A 74 27.23 16.04 7.83
C VAL A 74 26.78 15.40 9.13
N GLN A 75 26.62 16.21 10.18
CA GLN A 75 26.11 15.68 11.45
C GLN A 75 24.73 15.07 11.27
N LYS A 76 23.85 15.76 10.54
CA LYS A 76 22.49 15.27 10.34
C LYS A 76 22.42 14.05 9.43
N SER A 77 23.53 13.66 8.79
CA SER A 77 23.53 12.50 7.91
C SER A 77 24.52 11.44 8.40
N LEU A 78 25.82 11.72 8.37
CA LEU A 78 26.82 10.68 8.61
C LEU A 78 27.16 10.52 10.10
N PHE A 79 27.49 11.62 10.78
CA PHE A 79 28.14 11.54 12.09
C PHE A 79 27.16 11.53 13.26
N GLY A 80 26.08 12.28 13.17
CA GLY A 80 25.29 12.56 14.35
C GLY A 80 25.61 13.92 14.92
N VAL A 81 24.60 14.56 15.51
CA VAL A 81 24.73 15.92 16.00
C VAL A 81 25.53 15.90 17.30
N ASN A 82 26.61 16.70 17.35
CA ASN A 82 27.36 16.97 18.57
C ASN A 82 28.01 15.70 19.13
N ALA A 83 28.58 14.88 18.25
CA ALA A 83 29.22 13.64 18.65
C ALA A 83 30.74 13.84 18.73
N ILE A 84 31.46 12.72 18.77
CA ILE A 84 32.91 12.75 18.99
C ILE A 84 33.63 13.56 17.92
N GLN A 85 33.12 13.56 16.69
CA GLN A 85 33.84 14.17 15.57
C GLN A 85 33.99 15.68 15.76
N GLY A 86 33.08 16.31 16.50
CA GLY A 86 33.12 17.73 16.73
C GLY A 86 33.60 18.17 18.09
N MET A 87 34.16 17.26 18.89
CA MET A 87 34.63 17.61 20.22
C MET A 87 36.12 17.96 20.20
N ASP A 88 36.54 18.70 21.23
CA ASP A 88 37.92 19.12 21.38
C ASP A 88 38.31 19.01 22.85
N GLY A 89 39.63 19.01 23.08
CA GLY A 89 40.13 19.05 24.44
C GLY A 89 40.06 17.70 25.15
N SER A 90 40.05 17.79 26.49
CA SER A 90 40.09 16.59 27.31
C SER A 90 38.81 15.78 27.21
N ALA A 91 37.68 16.44 26.93
CA ALA A 91 36.42 15.72 26.78
C ALA A 91 36.46 14.80 25.56
N HIS A 92 37.03 15.27 24.45
CA HIS A 92 37.17 14.42 23.27
C HIS A 92 38.09 13.25 23.55
N ILE A 93 39.24 13.51 24.18
CA ILE A 93 40.16 12.42 24.51
C ILE A 93 39.48 11.40 25.40
N HIS A 94 38.70 11.86 26.39
CA HIS A 94 38.02 10.94 27.29
C HIS A 94 37.06 10.03 26.54
N ARG A 95 36.27 10.58 25.62
CA ARG A 95 35.35 9.76 24.85
C ARG A 95 36.08 8.94 23.80
N LYS A 96 37.21 9.43 23.29
CA LYS A 96 37.96 8.67 22.30
C LYS A 96 38.49 7.37 22.87
N MET A 97 38.89 7.37 24.15
CA MET A 97 39.35 6.14 24.78
C MET A 97 38.24 5.11 24.88
N LEU A 98 36.98 5.56 24.98
CA LEU A 98 35.86 4.63 24.94
C LEU A 98 35.82 3.88 23.62
N PHE A 99 35.90 4.60 22.51
CA PHE A 99 35.94 3.96 21.20
C PHE A 99 37.16 3.05 21.07
N LEU A 100 38.32 3.55 21.48
CA LEU A 100 39.55 2.78 21.33
C LEU A 100 39.52 1.49 22.14
N SER A 101 38.89 1.52 23.32
CA SER A 101 38.79 0.33 24.14
C SER A 101 38.01 -0.79 23.45
N LEU A 102 37.14 -0.44 22.51
CA LEU A 102 36.32 -1.41 21.79
C LEU A 102 36.92 -1.83 20.46
N MET A 103 38.12 -1.35 20.12
CA MET A 103 38.70 -1.56 18.80
C MET A 103 40.14 -2.05 18.91
N THR A 104 40.47 -2.69 20.04
CA THR A 104 41.79 -3.25 20.28
C THR A 104 41.97 -4.51 19.43
N PRO A 105 43.20 -5.01 19.31
CA PRO A 105 43.45 -6.22 18.49
C PRO A 105 42.56 -7.39 18.84
N PRO A 106 42.23 -7.63 20.12
CA PRO A 106 41.26 -8.71 20.40
C PRO A 106 39.91 -8.49 19.73
N HIS A 107 39.43 -7.25 19.69
CA HIS A 107 38.18 -6.98 19.00
C HIS A 107 38.33 -7.14 17.49
N GLN A 108 39.47 -6.70 16.94
CA GLN A 108 39.71 -6.86 15.51
C GLN A 108 39.74 -8.32 15.11
N LYS A 109 40.43 -9.15 15.89
CA LYS A 109 40.50 -10.58 15.59
C LYS A 109 39.12 -11.23 15.68
N ARG A 110 38.33 -10.87 16.70
CA ARG A 110 37.00 -11.43 16.84
C ARG A 110 36.11 -11.06 15.64
N LEU A 111 36.12 -9.78 15.27
CA LEU A 111 35.30 -9.36 14.13
C LEU A 111 35.77 -10.02 12.84
N ALA A 112 37.08 -10.14 12.66
CA ALA A 112 37.60 -10.81 11.46
C ALA A 112 37.20 -12.28 11.43
N GLU A 113 37.23 -12.94 12.59
CA GLU A 113 36.82 -14.34 12.65
C GLU A 113 35.33 -14.50 12.37
N LEU A 114 34.50 -13.63 12.95
CA LEU A 114 33.07 -13.69 12.69
C LEU A 114 32.77 -13.47 11.20
N MET A 115 33.52 -12.58 10.56
CA MET A 115 33.32 -12.35 9.13
C MET A 115 33.67 -13.60 8.32
N THR A 116 34.75 -14.28 8.70
CA THR A 116 35.17 -15.47 7.97
C THR A 116 34.11 -16.57 8.03
N GLU A 117 33.52 -16.79 9.21
CA GLU A 117 32.47 -17.79 9.34
C GLU A 117 31.30 -17.47 8.42
N GLU A 118 30.92 -16.19 8.33
CA GLU A 118 29.77 -15.82 7.50
C GLU A 118 30.07 -15.97 6.02
N TRP A 119 31.30 -15.63 5.61
CA TRP A 119 31.69 -15.81 4.22
C TRP A 119 31.60 -17.29 3.82
N LYS A 120 32.14 -18.18 4.65
CA LYS A 120 32.10 -19.60 4.34
C LYS A 120 30.67 -20.12 4.30
N ALA A 121 29.82 -19.62 5.19
CA ALA A 121 28.42 -20.07 5.21
C ALA A 121 27.65 -19.54 4.02
N ALA A 122 28.08 -18.41 3.45
CA ALA A 122 27.38 -17.83 2.31
C ALA A 122 27.60 -18.61 1.03
N VAL A 123 28.64 -19.44 0.96
CA VAL A 123 28.97 -20.15 -0.27
C VAL A 123 27.83 -21.08 -0.67
N THR A 124 27.16 -21.68 0.31
CA THR A 124 26.06 -22.61 0.02
C THR A 124 24.94 -21.90 -0.77
N ARG A 125 24.63 -20.66 -0.41
CA ARG A 125 23.61 -19.92 -1.15
C ARG A 125 24.16 -19.35 -2.45
N TRP A 126 25.43 -18.90 -2.44
CA TRP A 126 26.01 -18.32 -3.63
C TRP A 126 26.08 -19.33 -4.77
N GLU A 127 26.34 -20.59 -4.45
CA GLU A 127 26.41 -21.62 -5.47
C GLU A 127 25.07 -21.85 -6.16
N LYS A 128 23.97 -21.49 -5.50
CA LYS A 128 22.63 -21.70 -6.06
C LYS A 128 22.05 -20.46 -6.72
N ALA A 129 22.70 -19.31 -6.59
CA ALA A 129 22.23 -18.09 -7.21
C ALA A 129 22.86 -17.90 -8.58
N ASP A 130 22.12 -17.26 -9.48
CA ASP A 130 22.69 -16.93 -10.78
C ASP A 130 23.75 -15.84 -10.65
N GLU A 131 23.44 -14.77 -9.92
CA GLU A 131 24.36 -13.66 -9.73
C GLU A 131 24.34 -13.24 -8.27
N VAL A 132 25.45 -12.62 -7.85
CA VAL A 132 25.62 -12.14 -6.48
C VAL A 132 26.28 -10.78 -6.54
N VAL A 133 25.72 -9.81 -5.81
CA VAL A 133 26.27 -8.46 -5.73
C VAL A 133 27.05 -8.34 -4.43
N LEU A 134 28.36 -8.14 -4.54
CA LEU A 134 29.22 -8.19 -3.36
C LEU A 134 28.89 -7.09 -2.36
N PHE A 135 28.59 -5.88 -2.83
CA PHE A 135 28.28 -4.79 -1.94
C PHE A 135 27.04 -5.08 -1.09
N GLU A 136 26.02 -5.69 -1.70
CA GLU A 136 24.81 -6.03 -0.97
C GLU A 136 25.07 -7.16 0.02
N GLU A 137 25.86 -8.15 -0.36
CA GLU A 137 26.19 -9.22 0.57
C GLU A 137 27.06 -8.72 1.71
N ALA A 138 28.06 -7.90 1.39
CA ALA A 138 28.93 -7.36 2.43
C ALA A 138 28.15 -6.45 3.38
N LYS A 139 27.19 -5.71 2.86
CA LYS A 139 26.44 -4.77 3.69
C LYS A 139 25.62 -5.50 4.74
N GLU A 140 25.03 -6.65 4.39
CA GLU A 140 24.20 -7.38 5.33
C GLU A 140 25.01 -8.24 6.28
N ILE A 141 26.10 -8.82 5.78
CA ILE A 141 26.98 -9.63 6.64
C ILE A 141 27.63 -8.74 7.70
N LEU A 142 28.13 -7.57 7.29
CA LEU A 142 28.75 -6.67 8.25
C LEU A 142 27.74 -6.14 9.27
N CYS A 143 26.49 -5.93 8.85
CA CYS A 143 25.47 -5.49 9.80
C CYS A 143 25.16 -6.58 10.82
N ARG A 144 25.01 -7.82 10.36
CA ARG A 144 24.78 -8.94 11.27
C ARG A 144 25.97 -9.15 12.20
N VAL A 145 27.19 -9.01 11.68
CA VAL A 145 28.38 -9.26 12.48
C VAL A 145 28.61 -8.13 13.48
N ALA A 146 28.44 -6.89 13.05
CA ALA A 146 28.66 -5.75 13.95
C ALA A 146 27.68 -5.78 15.11
N CYS A 147 26.39 -6.00 14.81
CA CYS A 147 25.37 -6.02 15.87
C CYS A 147 25.61 -7.17 16.84
N TYR A 148 25.98 -8.33 16.33
CA TYR A 148 26.23 -9.49 17.20
C TYR A 148 27.44 -9.26 18.09
N TRP A 149 28.53 -8.74 17.52
CA TRP A 149 29.73 -8.48 18.30
C TRP A 149 29.52 -7.36 19.31
N ALA A 150 28.60 -6.45 19.05
CA ALA A 150 28.31 -5.35 19.95
C ALA A 150 27.23 -5.68 20.97
N GLY A 151 26.57 -6.83 20.86
CA GLY A 151 25.46 -7.14 21.73
C GLY A 151 24.16 -6.47 21.35
N VAL A 152 24.08 -5.95 20.13
CA VAL A 152 22.87 -5.28 19.65
C VAL A 152 21.95 -6.34 19.04
N PRO A 153 20.75 -6.52 19.55
CA PRO A 153 19.83 -7.51 18.94
C PRO A 153 19.43 -7.11 17.53
N LEU A 154 19.34 -8.11 16.66
CA LEU A 154 18.99 -7.88 15.26
C LEU A 154 18.16 -9.04 14.78
N LYS A 155 16.85 -8.82 14.61
CA LYS A 155 15.99 -9.86 14.06
C LYS A 155 16.29 -10.05 12.57
N GLU A 156 16.09 -11.28 12.10
CA GLU A 156 16.35 -11.58 10.70
C GLU A 156 15.44 -10.77 9.77
N THR A 157 14.24 -10.43 10.23
CA THR A 157 13.31 -9.65 9.43
C THR A 157 13.69 -8.18 9.33
N GLU A 158 14.78 -7.74 9.97
CA GLU A 158 15.18 -6.35 9.91
C GLU A 158 16.63 -6.16 9.47
N VAL A 159 17.33 -7.24 9.10
CA VAL A 159 18.75 -7.11 8.74
C VAL A 159 18.91 -6.19 7.54
N LYS A 160 18.12 -6.42 6.49
CA LYS A 160 18.26 -5.64 5.27
C LYS A 160 17.97 -4.16 5.52
N GLU A 161 16.89 -3.87 6.25
CA GLU A 161 16.49 -2.47 6.43
C GLU A 161 17.42 -1.72 7.38
N ARG A 162 18.00 -2.41 8.37
CA ARG A 162 18.98 -1.74 9.23
C ARG A 162 20.28 -1.52 8.48
N ALA A 163 20.70 -2.50 7.68
CA ALA A 163 21.92 -2.34 6.88
C ALA A 163 21.75 -1.28 5.81
N ASP A 164 20.57 -1.22 5.18
CA ASP A 164 20.30 -0.18 4.20
C ASP A 164 20.31 1.20 4.86
N ASP A 165 19.82 1.30 6.09
CA ASP A 165 19.83 2.58 6.78
C ASP A 165 21.24 3.02 7.12
N PHE A 166 22.10 2.08 7.52
CA PHE A 166 23.49 2.43 7.83
C PHE A 166 24.20 2.97 6.61
N ILE A 167 24.06 2.28 5.47
CA ILE A 167 24.75 2.70 4.26
C ILE A 167 24.17 4.00 3.72
N ASP A 168 22.86 4.21 3.89
CA ASP A 168 22.25 5.46 3.45
C ASP A 168 22.89 6.67 4.13
N MET A 169 23.25 6.52 5.41
CA MET A 169 23.93 7.61 6.11
C MET A 169 25.32 7.86 5.52
N VAL A 170 26.05 6.79 5.20
CA VAL A 170 27.37 6.94 4.61
C VAL A 170 27.26 7.51 3.20
N ASP A 171 26.41 6.91 2.36
CA ASP A 171 26.28 7.32 0.97
C ASP A 171 25.84 8.78 0.81
N ALA A 172 25.48 9.45 1.89
CA ALA A 172 24.91 10.79 1.82
C ALA A 172 25.88 11.90 2.24
N PHE A 173 27.06 11.56 2.76
CA PHE A 173 27.89 12.60 3.37
C PHE A 173 28.40 13.61 2.37
N GLY A 174 28.59 13.21 1.11
CA GLY A 174 29.08 14.13 0.11
C GLY A 174 28.07 14.46 -0.97
N ALA A 175 26.80 14.19 -0.69
CA ALA A 175 25.73 14.28 -1.67
C ALA A 175 24.85 15.49 -1.43
N VAL A 176 24.14 15.88 -2.49
CA VAL A 176 23.08 16.87 -2.46
C VAL A 176 21.86 16.24 -3.10
N GLY A 177 20.68 16.60 -2.60
CA GLY A 177 19.45 16.14 -3.19
C GLY A 177 18.96 14.82 -2.58
N PRO A 178 18.35 13.98 -3.42
CA PRO A 178 17.75 12.74 -2.88
C PRO A 178 18.75 11.80 -2.22
N ARG A 179 19.96 11.68 -2.77
CA ARG A 179 20.96 10.82 -2.13
C ARG A 179 21.30 11.33 -0.74
N HIS A 180 21.39 12.64 -0.56
CA HIS A 180 21.65 13.19 0.77
C HIS A 180 20.45 12.98 1.69
N TRP A 181 19.24 13.19 1.18
CA TRP A 181 18.05 13.13 2.03
C TRP A 181 17.80 11.72 2.54
N LYS A 182 18.25 10.69 1.81
CA LYS A 182 18.11 9.33 2.30
C LYS A 182 18.88 9.13 3.60
N GLY A 183 20.03 9.79 3.73
CA GLY A 183 20.77 9.74 4.98
C GLY A 183 20.13 10.59 6.06
N ARG A 184 19.50 11.70 5.68
CA ARG A 184 18.79 12.53 6.66
C ARG A 184 17.55 11.83 7.19
N ARG A 185 16.99 10.88 6.46
CA ARG A 185 15.84 10.11 6.93
C ARG A 185 16.25 8.86 7.69
N ALA A 186 17.34 8.22 7.29
CA ALA A 186 17.76 6.98 7.95
C ALA A 186 18.33 7.23 9.33
N ARG A 187 18.98 8.37 9.54
CA ARG A 187 19.62 8.64 10.83
C ARG A 187 18.62 8.71 11.98
N PRO A 188 17.47 9.41 11.88
CA PRO A 188 16.51 9.35 12.99
C PRO A 188 15.96 7.96 13.26
N ARG A 189 15.76 7.16 12.21
CA ARG A 189 15.30 5.80 12.41
C ARG A 189 16.30 4.97 13.19
N ALA A 190 17.59 5.13 12.87
CA ALA A 190 18.62 4.33 13.54
C ALA A 190 18.83 4.80 14.97
N GLU A 191 18.79 6.11 15.21
CA GLU A 191 19.00 6.63 16.56
C GLU A 191 17.87 6.22 17.49
N GLU A 192 16.62 6.33 17.03
CA GLU A 192 15.49 5.88 17.83
C GLU A 192 15.57 4.38 18.12
N TRP A 193 15.99 3.60 17.11
CA TRP A 193 16.12 2.16 17.28
C TRP A 193 17.16 1.81 18.32
N ILE A 194 18.27 2.54 18.35
CA ILE A 194 19.34 2.23 19.30
C ILE A 194 19.08 2.88 20.66
N GLU A 195 18.43 4.04 20.70
CA GLU A 195 18.21 4.70 21.98
C GLU A 195 17.27 3.90 22.86
N VAL A 196 16.27 3.24 22.26
CA VAL A 196 15.41 2.34 23.03
C VAL A 196 16.24 1.26 23.71
N MET A 197 17.26 0.74 23.01
CA MET A 197 18.15 -0.25 23.59
C MET A 197 18.94 0.33 24.77
N ILE A 198 19.46 1.56 24.60
CA ILE A 198 20.15 2.22 25.69
C ILE A 198 19.23 2.37 26.90
N GLU A 199 18.01 2.85 26.66
CA GLU A 199 17.06 3.07 27.75
C GLU A 199 16.64 1.76 28.39
N ASP A 200 16.45 0.71 27.58
CA ASP A 200 16.10 -0.58 28.14
C ASP A 200 17.26 -1.19 28.93
N ALA A 201 18.49 -1.01 28.43
CA ALA A 201 19.64 -1.56 29.12
C ALA A 201 19.85 -0.88 30.48
N ARG A 202 19.72 0.44 30.52
CA ARG A 202 19.96 1.18 31.76
C ARG A 202 18.93 0.85 32.83
N ALA A 203 17.76 0.34 32.44
CA ALA A 203 16.76 -0.13 33.39
C ALA A 203 16.88 -1.63 33.67
N GLY A 204 17.93 -2.28 33.17
CA GLY A 204 18.09 -3.70 33.35
C GLY A 204 17.14 -4.56 32.53
N LEU A 205 16.36 -3.96 31.64
CA LEU A 205 15.37 -4.68 30.87
C LEU A 205 15.92 -5.24 29.57
N LEU A 206 17.19 -5.01 29.27
CA LEU A 206 17.86 -5.63 28.11
C LEU A 206 19.20 -6.16 28.57
N LYS A 207 19.46 -7.44 28.28
CA LYS A 207 20.70 -8.08 28.69
C LYS A 207 21.88 -7.45 27.96
N THR A 208 22.85 -6.95 28.72
CA THR A 208 24.11 -6.46 28.17
C THR A 208 25.27 -7.26 28.74
N THR A 209 26.44 -7.09 28.13
CA THR A 209 27.63 -7.83 28.52
C THR A 209 28.81 -6.87 28.57
N SER A 210 29.47 -6.80 29.72
CA SER A 210 30.65 -5.96 29.86
C SER A 210 31.68 -6.29 28.79
N GLY A 211 32.29 -5.25 28.24
CA GLY A 211 33.26 -5.39 27.18
C GLY A 211 32.70 -5.21 25.78
N THR A 212 31.39 -5.26 25.62
CA THR A 212 30.74 -5.08 24.34
C THR A 212 30.31 -3.63 24.16
N ALA A 213 30.16 -3.23 22.89
CA ALA A 213 29.94 -1.83 22.57
C ALA A 213 28.64 -1.30 23.15
N LEU A 214 27.56 -2.10 23.09
CA LEU A 214 26.28 -1.65 23.64
C LEU A 214 26.40 -1.36 25.14
N HIS A 215 27.02 -2.28 25.88
CA HIS A 215 27.17 -2.08 27.33
C HIS A 215 28.07 -0.89 27.63
N GLU A 216 29.20 -0.80 26.93
CA GLU A 216 30.16 0.26 27.23
C GLU A 216 29.64 1.63 26.84
N MET A 217 28.87 1.72 25.75
CA MET A 217 28.26 3.00 25.39
C MET A 217 27.14 3.38 26.35
N ALA A 218 26.34 2.40 26.77
CA ALA A 218 25.20 2.68 27.63
C ALA A 218 25.63 3.10 29.03
N PHE A 219 26.76 2.58 29.52
CA PHE A 219 27.19 2.82 30.89
C PHE A 219 28.48 3.62 30.98
N HIS A 220 28.93 4.21 29.87
CA HIS A 220 30.10 5.08 29.91
C HIS A 220 29.81 6.33 30.73
N THR A 221 30.78 6.72 31.56
CA THR A 221 30.70 7.96 32.32
C THR A 221 31.72 8.95 31.80
N GLN A 222 31.33 10.22 31.75
CA GLN A 222 32.20 11.28 31.24
C GLN A 222 33.14 11.73 32.35
N GLU A 223 33.80 12.88 32.15
CA GLU A 223 34.77 13.36 33.13
C GLU A 223 34.08 13.75 34.44
N ASP A 224 32.88 14.29 34.36
CA ASP A 224 32.12 14.69 35.55
C ASP A 224 31.42 13.52 36.22
N GLY A 225 31.67 12.28 35.78
CA GLY A 225 31.04 11.11 36.36
C GLY A 225 29.65 10.82 35.86
N SER A 226 29.03 11.73 35.11
CA SER A 226 27.70 11.48 34.56
C SER A 226 27.81 10.64 33.29
N GLN A 227 26.78 9.83 33.05
CA GLN A 227 26.72 9.07 31.83
C GLN A 227 26.11 9.90 30.71
N LEU A 228 26.35 9.47 29.47
CA LEU A 228 25.85 10.19 28.32
C LEU A 228 24.33 10.17 28.31
N ASP A 229 23.75 11.22 27.73
CA ASP A 229 22.32 11.19 27.43
C ASP A 229 22.01 9.99 26.56
N SER A 230 20.81 9.42 26.75
CA SER A 230 20.45 8.21 26.03
C SER A 230 20.58 8.38 24.52
N ARG A 231 20.28 9.59 24.02
CA ARG A 231 20.41 9.84 22.59
C ARG A 231 21.87 9.92 22.17
N MET A 232 22.72 10.55 22.99
CA MET A 232 24.14 10.63 22.66
C MET A 232 24.79 9.25 22.70
N ALA A 233 24.42 8.42 23.68
CA ALA A 233 24.94 7.06 23.73
C ALA A 233 24.53 6.26 22.51
N ALA A 234 23.30 6.44 22.06
CA ALA A 234 22.86 5.79 20.82
C ALA A 234 23.66 6.30 19.63
N ILE A 235 23.87 7.61 19.55
CA ILE A 235 24.62 8.19 18.43
C ILE A 235 26.03 7.64 18.38
N GLU A 236 26.68 7.51 19.54
CA GLU A 236 28.05 7.02 19.55
C GLU A 236 28.13 5.52 19.32
N LEU A 237 27.08 4.77 19.68
CA LEU A 237 27.03 3.37 19.29
C LEU A 237 26.85 3.24 17.78
N ILE A 238 26.09 4.15 17.18
CA ILE A 238 25.99 4.19 15.73
C ILE A 238 27.34 4.47 15.11
N ASN A 239 28.14 5.31 15.77
CA ASN A 239 29.48 5.62 15.28
C ASN A 239 30.43 4.43 15.39
N VAL A 240 29.96 3.30 15.89
CA VAL A 240 30.67 2.02 15.79
C VAL A 240 30.02 1.10 14.77
N LEU A 241 28.68 1.00 14.82
CA LEU A 241 27.97 0.07 13.94
C LEU A 241 28.03 0.52 12.49
N ARG A 242 27.66 1.77 12.21
CA ARG A 242 27.63 2.25 10.83
C ARG A 242 28.97 2.14 10.12
N PRO A 243 30.09 2.60 10.70
CA PRO A 243 31.35 2.52 9.95
C PRO A 243 31.82 1.10 9.69
N ILE A 244 31.45 0.14 10.53
CA ILE A 244 31.77 -1.26 10.24
C ILE A 244 31.04 -1.72 9.00
N VAL A 245 29.78 -1.32 8.84
CA VAL A 245 29.06 -1.59 7.61
C VAL A 245 29.69 -0.83 6.44
N ALA A 246 30.28 0.34 6.72
CA ALA A 246 30.93 1.12 5.67
C ALA A 246 32.14 0.42 5.08
N ILE A 247 32.68 -0.60 5.74
CA ILE A 247 33.77 -1.39 5.18
C ILE A 247 33.36 -2.02 3.85
N SER A 248 32.05 -2.15 3.60
CA SER A 248 31.55 -2.71 2.35
C SER A 248 32.19 -2.04 1.14
N TYR A 249 32.35 -0.71 1.19
CA TYR A 249 32.97 0.00 0.08
C TYR A 249 34.38 -0.51 -0.18
N PHE A 250 35.18 -0.66 0.88
CA PHE A 250 36.55 -1.15 0.72
C PHE A 250 36.58 -2.60 0.29
N LEU A 251 35.60 -3.40 0.71
CA LEU A 251 35.57 -4.81 0.31
C LEU A 251 35.30 -4.94 -1.18
N VAL A 252 34.44 -4.06 -1.72
CA VAL A 252 34.20 -4.06 -3.16
C VAL A 252 35.45 -3.60 -3.91
N PHE A 253 36.13 -2.58 -3.39
CA PHE A 253 37.34 -2.10 -4.04
C PHE A 253 38.45 -3.13 -4.00
N SER A 254 38.49 -3.96 -2.95
CA SER A 254 39.48 -5.04 -2.91
C SER A 254 39.22 -6.05 -4.02
N ALA A 255 37.96 -6.42 -4.22
CA ALA A 255 37.63 -7.37 -5.29
C ALA A 255 37.86 -6.76 -6.67
N LEU A 256 37.64 -5.45 -6.81
CA LEU A 256 37.95 -4.79 -8.07
C LEU A 256 39.45 -4.81 -8.35
N ALA A 257 40.27 -4.56 -7.32
CA ALA A 257 41.71 -4.58 -7.50
C ALA A 257 42.19 -5.96 -7.92
N LEU A 258 41.66 -7.01 -7.31
CA LEU A 258 42.03 -8.37 -7.68
C LEU A 258 41.63 -8.67 -9.12
N HIS A 259 40.50 -8.13 -9.57
CA HIS A 259 40.01 -8.41 -10.92
C HIS A 259 40.76 -7.60 -11.97
N GLU A 260 41.11 -6.36 -11.67
CA GLU A 260 41.81 -5.51 -12.62
C GLU A 260 43.33 -5.67 -12.54
N HIS A 261 43.83 -6.41 -11.56
CA HIS A 261 45.26 -6.73 -11.45
C HIS A 261 45.40 -8.19 -11.04
N PRO A 262 45.01 -9.12 -11.90
CA PRO A 262 44.96 -10.53 -11.49
C PRO A 262 46.32 -11.14 -11.19
N LYS A 263 47.42 -10.45 -11.50
CA LYS A 263 48.74 -11.01 -11.21
C LYS A 263 48.99 -11.14 -9.72
N TYR A 264 48.17 -10.51 -8.88
CA TYR A 264 48.35 -10.57 -7.43
C TYR A 264 47.59 -11.72 -6.78
N LYS A 265 46.73 -12.42 -7.52
CA LYS A 265 45.99 -13.53 -6.94
C LYS A 265 46.93 -14.68 -6.56
N GLU A 266 47.80 -15.08 -7.48
CA GLU A 266 48.79 -16.11 -7.17
C GLU A 266 49.81 -15.59 -6.16
N TRP A 267 50.15 -14.30 -6.25
CA TRP A 267 51.05 -13.70 -5.27
C TRP A 267 50.48 -13.82 -3.86
N LEU A 268 49.16 -13.68 -3.72
CA LEU A 268 48.52 -13.87 -2.43
C LEU A 268 48.39 -15.34 -2.07
N ARG A 269 48.08 -16.19 -3.05
CA ARG A 269 47.87 -17.60 -2.78
C ARG A 269 49.13 -18.26 -2.24
N SER A 270 50.29 -17.89 -2.77
CA SER A 270 51.57 -18.41 -2.29
C SER A 270 52.11 -17.62 -1.12
N GLY A 271 51.35 -16.68 -0.58
CA GLY A 271 51.81 -15.87 0.54
C GLY A 271 51.00 -16.08 1.79
N ASN A 272 51.24 -15.25 2.81
CA ASN A 272 50.53 -15.34 4.07
C ASN A 272 49.86 -14.02 4.44
N SER A 273 49.74 -13.75 5.74
CA SER A 273 49.07 -12.53 6.19
C SER A 273 49.82 -11.28 5.73
N ARG A 274 51.14 -11.39 5.51
CA ARG A 274 51.92 -10.24 5.10
C ARG A 274 51.47 -9.71 3.74
N GLU A 275 51.35 -10.59 2.75
CA GLU A 275 50.97 -10.16 1.41
C GLU A 275 49.53 -9.65 1.38
N ARG A 276 48.65 -10.25 2.18
CA ARG A 276 47.27 -9.77 2.25
C ARG A 276 47.20 -8.40 2.89
N GLU A 277 48.05 -8.14 3.88
CA GLU A 277 48.08 -6.82 4.50
C GLU A 277 48.60 -5.77 3.52
N MET A 278 49.65 -6.11 2.76
CA MET A 278 50.15 -5.19 1.75
C MET A 278 49.09 -4.89 0.70
N PHE A 279 48.32 -5.91 0.30
CA PHE A 279 47.23 -5.69 -0.64
C PHE A 279 46.16 -4.81 -0.03
N VAL A 280 45.75 -5.10 1.20
CA VAL A 280 44.68 -4.35 1.85
C VAL A 280 45.10 -2.89 2.03
N GLN A 281 46.36 -2.66 2.44
CA GLN A 281 46.83 -1.30 2.64
C GLN A 281 46.82 -0.52 1.32
N GLU A 282 47.25 -1.15 0.23
CA GLU A 282 47.25 -0.46 -1.05
C GLU A 282 45.83 -0.16 -1.53
N VAL A 283 44.87 -1.03 -1.19
CA VAL A 283 43.48 -0.71 -1.50
C VAL A 283 43.05 0.56 -0.77
N ARG A 284 43.47 0.70 0.48
CA ARG A 284 43.08 1.87 1.27
C ARG A 284 43.77 3.14 0.77
N ARG A 285 45.01 3.03 0.28
CA ARG A 285 45.69 4.21 -0.24
C ARG A 285 45.18 4.60 -1.62
N TYR A 286 44.94 3.61 -2.49
CA TYR A 286 44.70 3.89 -3.90
C TYR A 286 43.27 4.34 -4.16
N TYR A 287 42.28 3.67 -3.54
CA TYR A 287 40.91 3.96 -3.94
C TYR A 287 40.30 5.06 -3.07
N PRO A 288 39.33 5.81 -3.61
CA PRO A 288 38.76 6.93 -2.85
C PRO A 288 37.70 6.48 -1.86
N PHE A 289 37.65 7.19 -0.74
CA PHE A 289 36.60 7.04 0.27
C PHE A 289 36.47 8.34 1.04
N GLY A 290 37.46 8.64 1.88
CA GLY A 290 37.51 9.90 2.59
C GLY A 290 38.14 10.99 1.75
N PRO A 291 37.34 11.98 1.34
CA PRO A 291 37.87 13.02 0.46
C PRO A 291 38.77 14.01 1.19
N PHE A 292 38.20 14.74 2.14
CA PHE A 292 38.96 15.70 2.92
C PHE A 292 38.36 15.77 4.31
N LEU A 293 39.09 16.41 5.22
CA LEU A 293 38.66 16.64 6.58
C LEU A 293 38.67 18.14 6.88
N GLY A 294 37.76 18.57 7.74
CA GLY A 294 37.57 19.97 8.06
C GLY A 294 37.97 20.28 9.49
N ALA A 295 38.52 21.48 9.68
CA ALA A 295 38.86 21.97 11.01
C ALA A 295 38.77 23.48 11.01
N LEU A 296 38.82 24.06 12.21
CA LEU A 296 38.79 25.50 12.40
C LEU A 296 40.07 25.93 13.07
N VAL A 297 40.63 27.05 12.61
CA VAL A 297 41.87 27.56 13.17
C VAL A 297 41.61 28.02 14.60
N LYS A 298 42.28 27.38 15.56
CA LYS A 298 42.07 27.67 16.97
C LYS A 298 42.76 28.95 17.41
N LYS A 299 43.92 29.26 16.83
CA LYS A 299 44.68 30.45 17.17
C LYS A 299 45.51 30.84 15.95
N ASP A 300 45.83 32.12 15.86
CA ASP A 300 46.63 32.61 14.73
C ASP A 300 47.99 31.94 14.72
N PHE A 301 48.43 31.52 13.53
CA PHE A 301 49.76 30.95 13.36
C PHE A 301 50.17 31.12 11.91
N VAL A 302 51.46 30.91 11.65
CA VAL A 302 52.04 31.05 10.33
C VAL A 302 52.70 29.73 9.96
N TRP A 303 52.42 29.25 8.75
CA TRP A 303 53.03 28.02 8.25
C TRP A 303 53.03 28.07 6.73
N ASN A 304 54.17 27.72 6.14
CA ASN A 304 54.36 27.75 4.68
C ASN A 304 54.04 29.13 4.11
N ASN A 305 54.55 30.16 4.78
CA ASN A 305 54.39 31.55 4.36
C ASN A 305 52.92 31.94 4.21
N CYS A 306 52.06 31.38 5.06
CA CYS A 306 50.64 31.69 5.05
C CYS A 306 50.17 32.00 6.46
N GLU A 307 49.37 33.05 6.59
CA GLU A 307 48.83 33.46 7.88
C GLU A 307 47.45 32.83 8.06
N PHE A 308 47.35 31.91 9.02
CA PHE A 308 46.08 31.29 9.36
C PHE A 308 45.43 32.10 10.48
N LYS A 309 44.25 32.65 10.21
CA LYS A 309 43.53 33.46 11.19
C LYS A 309 42.55 32.59 11.96
N LYS A 310 42.46 32.84 13.27
CA LYS A 310 41.58 32.05 14.12
C LYS A 310 40.14 32.17 13.65
N GLY A 311 39.51 31.02 13.39
CA GLY A 311 38.15 30.95 12.92
C GLY A 311 38.00 30.51 11.48
N THR A 312 39.05 30.64 10.67
CA THR A 312 38.96 30.23 9.28
C THR A 312 38.92 28.71 9.18
N SER A 313 38.14 28.20 8.22
CA SER A 313 38.09 26.78 7.96
C SER A 313 39.28 26.38 7.09
N VAL A 314 39.84 25.21 7.38
CA VAL A 314 40.84 24.62 6.50
C VAL A 314 40.46 23.17 6.24
N LEU A 315 40.68 22.73 5.00
CA LEU A 315 40.38 21.36 4.58
C LEU A 315 41.68 20.67 4.24
N LEU A 316 41.89 19.48 4.82
CA LEU A 316 43.09 18.68 4.55
C LEU A 316 42.73 17.61 3.54
N ASP A 317 43.43 17.61 2.41
CA ASP A 317 43.15 16.69 1.31
C ASP A 317 43.67 15.30 1.68
N LEU A 318 42.75 14.36 1.94
CA LEU A 318 43.16 12.99 2.20
C LEU A 318 43.51 12.26 0.91
N TYR A 319 42.66 12.40 -0.11
CA TYR A 319 42.90 11.69 -1.37
C TYR A 319 44.18 12.18 -2.04
N GLY A 320 44.40 13.49 -2.07
CA GLY A 320 45.60 14.01 -2.69
C GLY A 320 46.87 13.59 -1.98
N THR A 321 46.85 13.61 -0.64
CA THR A 321 48.03 13.21 0.12
C THR A 321 48.36 11.74 -0.12
N ASN A 322 47.34 10.88 -0.22
CA ASN A 322 47.57 9.47 -0.48
C ASN A 322 48.07 9.21 -1.89
N HIS A 323 47.91 10.17 -2.79
CA HIS A 323 48.43 10.08 -4.16
C HIS A 323 49.55 11.08 -4.41
N ASP A 324 50.22 11.51 -3.36
CA ASP A 324 51.31 12.49 -3.47
C ASP A 324 52.55 11.82 -4.04
N PRO A 325 53.06 12.24 -5.20
CA PRO A 325 54.26 11.60 -5.76
C PRO A 325 55.52 11.85 -4.94
N ARG A 326 55.51 12.84 -4.04
CA ARG A 326 56.65 13.04 -3.15
C ARG A 326 56.72 12.01 -2.04
N LEU A 327 55.62 11.30 -1.77
CA LEU A 327 55.59 10.25 -0.77
C LEU A 327 55.36 8.85 -1.34
N TRP A 328 54.85 8.75 -2.56
CA TRP A 328 54.49 7.47 -3.16
C TRP A 328 55.00 7.43 -4.60
N ASP A 329 55.86 6.45 -4.89
CA ASP A 329 56.33 6.26 -6.25
C ASP A 329 55.21 5.70 -7.11
N HIS A 330 55.00 6.30 -8.27
CA HIS A 330 53.90 5.96 -9.17
C HIS A 330 52.58 5.95 -8.40
N PRO A 331 52.14 7.10 -7.87
CA PRO A 331 51.03 7.08 -6.91
C PRO A 331 49.69 6.71 -7.52
N ASP A 332 49.52 6.81 -8.83
CA ASP A 332 48.26 6.48 -9.48
C ASP A 332 48.24 5.06 -10.03
N GLU A 333 49.07 4.17 -9.48
CA GLU A 333 49.10 2.78 -9.90
C GLU A 333 49.04 1.87 -8.67
N PHE A 334 48.22 0.83 -8.78
CA PHE A 334 47.98 -0.11 -7.68
C PHE A 334 49.19 -1.03 -7.56
N ARG A 335 50.03 -0.80 -6.54
CA ARG A 335 51.27 -1.55 -6.35
C ARG A 335 51.40 -1.95 -4.89
N PRO A 336 50.83 -3.11 -4.51
CA PRO A 336 50.93 -3.55 -3.11
C PRO A 336 52.36 -3.73 -2.62
N GLU A 337 53.32 -3.98 -3.51
CA GLU A 337 54.70 -4.20 -3.08
C GLU A 337 55.31 -2.96 -2.45
N ARG A 338 54.71 -1.78 -2.63
CA ARG A 338 55.21 -0.57 -2.00
C ARG A 338 55.13 -0.62 -0.48
N PHE A 339 54.36 -1.56 0.08
CA PHE A 339 54.22 -1.72 1.51
C PHE A 339 55.08 -2.85 2.07
N ALA A 340 56.12 -3.26 1.34
CA ALA A 340 56.99 -4.33 1.80
C ALA A 340 57.84 -3.88 2.98
N GLU A 341 58.67 -2.85 2.79
CA GLU A 341 59.56 -2.34 3.81
C GLU A 341 59.02 -1.08 4.48
N ARG A 342 57.77 -0.72 4.21
CA ARG A 342 57.15 0.49 4.73
C ARG A 342 57.14 0.50 6.27
N GLU A 343 57.98 1.34 6.88
CA GLU A 343 57.96 1.55 8.31
C GLU A 343 56.86 2.55 8.67
N GLU A 344 56.35 2.46 9.90
CA GLU A 344 55.20 3.25 10.30
C GLU A 344 55.44 4.73 10.06
N ASN A 345 54.47 5.38 9.41
CA ASN A 345 54.42 6.82 9.26
C ASN A 345 52.98 7.26 9.39
N LEU A 346 52.74 8.27 10.21
CA LEU A 346 51.38 8.68 10.58
C LEU A 346 50.82 9.80 9.71
N PHE A 347 51.55 10.25 8.70
CA PHE A 347 51.08 11.37 7.91
C PHE A 347 51.26 11.22 6.40
N ASP A 348 51.93 10.18 5.91
CA ASP A 348 51.99 9.95 4.46
C ASP A 348 50.85 9.05 3.98
N MET A 349 50.23 8.31 4.88
CA MET A 349 49.08 7.46 4.58
C MET A 349 47.96 7.88 5.51
N ILE A 350 46.95 8.55 4.97
CA ILE A 350 45.85 9.06 5.81
C ILE A 350 44.47 8.77 5.22
N PRO A 351 44.18 7.56 4.72
CA PRO A 351 42.82 7.33 4.23
C PRO A 351 41.79 7.33 5.34
N GLN A 352 42.20 7.02 6.57
CA GLN A 352 41.35 7.09 7.75
C GLN A 352 41.92 8.03 8.79
N GLY A 353 42.56 9.10 8.35
CA GLY A 353 43.10 10.11 9.24
C GLY A 353 44.59 9.93 9.50
N GLY A 354 45.18 10.97 10.10
CA GLY A 354 46.59 10.95 10.43
C GLY A 354 46.82 11.28 11.90
N GLY A 355 48.08 11.16 12.30
CA GLY A 355 48.45 11.43 13.68
C GLY A 355 48.21 10.22 14.58
N HIS A 356 48.02 10.53 15.86
CA HIS A 356 47.75 9.52 16.88
C HIS A 356 46.27 9.51 17.20
N ALA A 357 45.66 8.31 17.19
CA ALA A 357 44.24 8.20 17.48
C ALA A 357 43.92 8.59 18.92
N GLU A 358 44.84 8.31 19.85
CA GLU A 358 44.64 8.66 21.25
C GLU A 358 44.88 10.13 21.54
N LYS A 359 45.49 10.88 20.60
CA LYS A 359 45.75 12.30 20.77
C LYS A 359 45.00 13.16 19.77
N GLY A 360 44.18 12.56 18.91
CA GLY A 360 43.47 13.32 17.91
C GLY A 360 42.26 12.56 17.41
N HIS A 361 41.76 12.98 16.26
CA HIS A 361 40.53 12.44 15.70
C HIS A 361 40.76 11.32 14.70
N ARG A 362 41.99 10.79 14.60
CA ARG A 362 42.27 9.70 13.69
C ARG A 362 41.33 8.53 13.96
N CYS A 363 41.00 7.80 12.90
CA CYS A 363 40.00 6.74 13.01
C CYS A 363 40.49 5.65 13.94
N PRO A 364 39.70 5.29 14.97
CA PRO A 364 40.06 4.15 15.82
C PRO A 364 39.69 2.80 15.24
N GLY A 365 38.93 2.76 14.16
CA GLY A 365 38.52 1.50 13.56
C GLY A 365 39.45 1.08 12.44
N GLU A 366 40.64 1.67 12.39
CA GLU A 366 41.60 1.36 11.33
C GLU A 366 42.00 -0.11 11.37
N GLY A 367 42.36 -0.60 12.55
CA GLY A 367 42.75 -2.00 12.67
C GLY A 367 41.60 -2.93 12.33
N ILE A 368 40.39 -2.62 12.80
CA ILE A 368 39.23 -3.42 12.45
C ILE A 368 39.03 -3.45 10.94
N THR A 369 39.17 -2.29 10.30
CA THR A 369 39.08 -2.24 8.83
C THR A 369 40.10 -3.17 8.20
N ILE A 370 41.37 -3.04 8.59
CA ILE A 370 42.44 -3.83 7.98
C ILE A 370 42.20 -5.33 8.19
N GLU A 371 41.82 -5.72 9.41
CA GLU A 371 41.64 -7.14 9.70
C GLU A 371 40.42 -7.71 8.99
N VAL A 372 39.35 -6.92 8.87
CA VAL A 372 38.16 -7.39 8.16
C VAL A 372 38.44 -7.55 6.67
N MET A 373 39.14 -6.58 6.07
CA MET A 373 39.47 -6.70 4.65
C MET A 373 40.41 -7.86 4.39
N LYS A 374 41.37 -8.09 5.28
CA LYS A 374 42.29 -9.21 5.10
C LYS A 374 41.56 -10.55 5.17
N ALA A 375 40.63 -10.68 6.11
CA ALA A 375 39.84 -11.90 6.19
C ALA A 375 38.94 -12.06 4.97
N SER A 376 38.38 -10.95 4.48
CA SER A 376 37.53 -11.02 3.30
C SER A 376 38.36 -11.29 2.05
N LEU A 377 39.58 -10.74 1.99
CA LEU A 377 40.46 -11.04 0.87
C LEU A 377 40.88 -12.50 0.87
N ASP A 378 41.17 -13.05 2.06
CA ASP A 378 41.55 -14.45 2.16
C ASP A 378 40.44 -15.37 1.67
N PHE A 379 39.18 -14.99 1.93
CA PHE A 379 38.05 -15.80 1.48
C PHE A 379 37.94 -15.79 -0.04
N LEU A 380 38.00 -14.61 -0.65
CA LEU A 380 37.87 -14.51 -2.10
C LEU A 380 39.01 -15.21 -2.83
N VAL A 381 40.19 -15.25 -2.21
CA VAL A 381 41.36 -15.78 -2.89
C VAL A 381 41.45 -17.30 -2.77
N HIS A 382 41.03 -17.85 -1.62
CA HIS A 382 41.25 -19.27 -1.34
C HIS A 382 39.99 -20.11 -1.31
N GLN A 383 38.85 -19.56 -0.89
CA GLN A 383 37.69 -20.39 -0.60
C GLN A 383 36.78 -20.63 -1.79
N ILE A 384 36.73 -19.71 -2.76
CA ILE A 384 35.81 -19.81 -3.88
C ILE A 384 36.51 -19.44 -5.18
N GLU A 385 36.00 -20.00 -6.28
CA GLU A 385 36.24 -19.48 -7.62
C GLU A 385 34.96 -18.86 -8.13
N TYR A 386 35.09 -17.82 -8.94
CA TYR A 386 33.91 -17.12 -9.43
C TYR A 386 34.26 -16.41 -10.71
N ASP A 387 33.24 -16.16 -11.52
CA ASP A 387 33.36 -15.35 -12.72
C ASP A 387 32.91 -13.92 -12.44
N VAL A 388 33.47 -12.98 -13.18
CA VAL A 388 33.06 -11.58 -13.09
C VAL A 388 32.39 -11.23 -14.42
N PRO A 389 31.07 -11.34 -14.52
CA PRO A 389 30.41 -11.13 -15.82
C PRO A 389 30.48 -9.68 -16.26
N GLU A 390 30.00 -9.45 -17.48
CA GLU A 390 30.03 -8.10 -18.04
C GLU A 390 29.15 -7.17 -17.22
N GLN A 391 29.74 -6.06 -16.78
CA GLN A 391 29.07 -5.12 -15.89
C GLN A 391 29.80 -3.78 -15.95
N SER A 392 29.21 -2.78 -15.30
CA SER A 392 29.84 -1.47 -15.17
C SER A 392 30.63 -1.46 -13.87
N LEU A 393 31.94 -1.63 -13.98
CA LEU A 393 32.83 -1.56 -12.83
C LEU A 393 33.40 -0.16 -12.62
N HIS A 394 32.93 0.82 -13.40
CA HIS A 394 33.44 2.17 -13.31
C HIS A 394 33.05 2.81 -11.97
N TYR A 395 34.02 3.47 -11.34
CA TYR A 395 33.77 4.26 -10.15
C TYR A 395 34.20 5.69 -10.42
N SER A 396 33.36 6.65 -10.05
CA SER A 396 33.60 8.05 -10.36
C SER A 396 34.37 8.71 -9.23
N LEU A 397 35.32 9.58 -9.60
CA LEU A 397 36.04 10.38 -8.63
C LEU A 397 35.28 11.64 -8.22
N ALA A 398 34.12 11.88 -8.83
CA ALA A 398 33.28 13.02 -8.46
C ALA A 398 32.22 12.66 -7.43
N ARG A 399 31.83 11.40 -7.37
CA ARG A 399 30.77 10.95 -6.47
C ARG A 399 31.38 10.65 -5.11
N MET A 400 30.91 11.35 -4.07
CA MET A 400 31.41 11.17 -2.71
C MET A 400 30.30 10.61 -1.83
N PRO A 401 30.42 9.38 -1.32
CA PRO A 401 31.52 8.42 -1.55
C PRO A 401 31.40 7.74 -2.91
N SER A 402 32.43 7.02 -3.34
CA SER A 402 32.46 6.40 -4.65
C SER A 402 32.35 4.89 -4.51
N LEU A 403 31.79 4.27 -5.55
CA LEU A 403 31.63 2.82 -5.57
C LEU A 403 31.55 2.36 -7.02
N PRO A 404 32.16 1.24 -7.39
CA PRO A 404 31.90 0.66 -8.71
C PRO A 404 30.41 0.42 -8.87
N GLU A 405 29.87 0.91 -10.00
CA GLU A 405 28.42 1.00 -10.19
C GLU A 405 27.74 -0.35 -9.97
N SER A 406 28.31 -1.41 -10.54
CA SER A 406 27.68 -2.72 -10.42
C SER A 406 27.76 -3.26 -9.00
N GLY A 407 28.86 -2.95 -8.31
CA GLY A 407 29.14 -3.58 -7.03
C GLY A 407 29.91 -4.88 -7.13
N PHE A 408 30.66 -5.08 -8.21
CA PHE A 408 31.39 -6.31 -8.48
C PHE A 408 30.46 -7.52 -8.43
N VAL A 409 29.55 -7.55 -9.39
CA VAL A 409 28.64 -8.67 -9.53
C VAL A 409 29.44 -9.94 -9.83
N MET A 410 29.13 -11.01 -9.12
CA MET A 410 29.80 -12.29 -9.29
C MET A 410 28.81 -13.34 -9.77
N SER A 411 29.30 -14.29 -10.56
CA SER A 411 28.48 -15.36 -11.08
C SER A 411 29.32 -16.64 -11.12
N GLY A 412 28.64 -17.76 -11.32
CA GLY A 412 29.33 -19.04 -11.41
C GLY A 412 30.14 -19.37 -10.17
N ILE A 413 29.66 -18.95 -9.00
CA ILE A 413 30.42 -19.10 -7.78
C ILE A 413 30.43 -20.57 -7.38
N ARG A 414 31.63 -21.11 -7.16
CA ARG A 414 31.81 -22.49 -6.74
C ARG A 414 32.84 -22.54 -5.62
N ARG A 415 32.65 -23.50 -4.72
CA ARG A 415 33.62 -23.72 -3.66
C ARG A 415 34.89 -24.34 -4.24
N LYS A 416 36.03 -23.95 -3.71
CA LYS A 416 37.31 -24.48 -4.16
C LYS A 416 37.52 -25.91 -3.69
N ASN B 2 24.75 -33.75 -44.15
CA ASN B 2 24.32 -34.33 -45.41
C ASN B 2 23.81 -33.25 -46.36
N GLU B 3 24.49 -32.11 -46.37
CA GLU B 3 24.14 -30.99 -47.22
C GLU B 3 25.35 -30.07 -47.33
N GLN B 4 25.41 -29.34 -48.45
CA GLN B 4 26.41 -28.28 -48.60
C GLN B 4 25.97 -26.97 -47.96
N ILE B 5 24.85 -26.97 -47.25
CA ILE B 5 24.37 -25.79 -46.55
C ILE B 5 24.97 -25.81 -45.15
N PRO B 6 25.67 -24.75 -44.73
CA PRO B 6 26.32 -24.75 -43.41
C PRO B 6 25.31 -25.01 -42.29
N HIS B 7 25.79 -25.64 -41.23
CA HIS B 7 24.95 -26.13 -40.16
C HIS B 7 25.61 -25.83 -38.81
N ASP B 8 25.01 -24.94 -38.04
CA ASP B 8 25.43 -24.71 -36.66
C ASP B 8 24.76 -25.78 -35.79
N LYS B 9 25.56 -26.69 -35.24
CA LYS B 9 25.05 -27.82 -34.49
C LYS B 9 25.06 -27.58 -32.98
N SER B 10 25.24 -26.33 -32.54
CA SER B 10 25.15 -26.03 -31.13
C SER B 10 23.69 -26.15 -30.66
N LEU B 11 23.50 -26.75 -29.49
CA LEU B 11 22.17 -26.97 -28.95
C LEU B 11 21.70 -25.85 -28.04
N ASP B 12 22.57 -24.87 -27.75
CA ASP B 12 22.24 -23.73 -26.91
C ASP B 12 22.11 -22.45 -27.75
N ASN B 13 21.74 -22.60 -29.02
CA ASN B 13 21.76 -21.46 -29.94
C ASN B 13 20.74 -20.39 -29.56
N SER B 14 19.60 -20.78 -28.98
CA SER B 14 18.64 -19.79 -28.53
C SER B 14 19.23 -18.93 -27.41
N LEU B 15 20.01 -19.54 -26.52
CA LEU B 15 20.68 -18.76 -25.48
C LEU B 15 21.78 -17.89 -26.07
N THR B 16 22.43 -18.34 -27.14
CA THR B 16 23.42 -17.50 -27.82
C THR B 16 22.74 -16.36 -28.57
N LEU B 17 21.53 -16.59 -29.09
CA LEU B 17 20.78 -15.50 -29.69
C LEU B 17 20.48 -14.41 -28.69
N LEU B 18 20.17 -14.78 -27.44
CA LEU B 18 20.00 -13.79 -26.39
C LEU B 18 21.32 -13.07 -26.09
N LYS B 19 22.44 -13.75 -26.24
CA LYS B 19 23.73 -13.13 -25.97
C LYS B 19 24.18 -12.21 -27.10
N GLU B 20 23.83 -12.53 -28.35
CA GLU B 20 24.32 -11.78 -29.50
C GLU B 20 23.27 -10.87 -30.12
N GLY B 21 21.99 -11.16 -29.94
CA GLY B 21 20.94 -10.23 -30.36
C GLY B 21 20.95 -9.98 -31.85
N TYR B 22 21.09 -8.71 -32.23
CA TYR B 22 21.00 -8.29 -33.62
C TYR B 22 22.14 -8.83 -34.48
N LEU B 23 23.18 -9.41 -33.89
CA LEU B 23 24.34 -9.87 -34.63
C LEU B 23 24.42 -11.39 -34.72
N PHE B 24 23.41 -12.11 -34.23
CA PHE B 24 23.47 -13.58 -34.24
C PHE B 24 23.56 -14.11 -35.67
N ILE B 25 22.62 -13.72 -36.52
CA ILE B 25 22.60 -14.24 -37.88
C ILE B 25 23.79 -13.72 -38.68
N LYS B 26 24.16 -12.45 -38.47
CA LYS B 26 25.26 -11.87 -39.24
C LYS B 26 26.60 -12.49 -38.87
N ASN B 27 26.83 -12.70 -37.57
CA ASN B 27 28.09 -13.32 -37.14
C ASN B 27 28.28 -14.68 -37.79
N ARG B 28 27.18 -15.42 -38.00
CA ARG B 28 27.26 -16.76 -38.57
C ARG B 28 27.25 -16.76 -40.09
N THR B 29 26.53 -15.83 -40.73
CA THR B 29 26.65 -15.70 -42.17
C THR B 29 28.05 -15.24 -42.55
N GLU B 30 28.68 -14.39 -41.73
CA GLU B 30 30.06 -14.03 -41.95
C GLU B 30 30.98 -15.24 -41.71
N ARG B 31 30.73 -15.99 -40.64
CA ARG B 31 31.60 -17.10 -40.30
C ARG B 31 31.51 -18.22 -41.32
N TYR B 32 30.29 -18.57 -41.75
CA TYR B 32 30.09 -19.67 -42.67
C TYR B 32 30.21 -19.28 -44.14
N ASN B 33 30.52 -18.01 -44.42
CA ASN B 33 30.68 -17.52 -45.80
C ASN B 33 29.48 -17.92 -46.65
N SER B 34 28.29 -17.63 -46.13
CA SER B 34 27.06 -18.07 -46.77
C SER B 34 25.93 -17.12 -46.40
N ASP B 35 25.03 -16.90 -47.35
CA ASP B 35 23.83 -16.12 -47.07
C ASP B 35 22.80 -16.89 -46.26
N LEU B 36 23.08 -18.15 -45.92
CA LEU B 36 22.10 -18.96 -45.22
C LEU B 36 22.81 -20.11 -44.51
N PHE B 37 22.31 -20.45 -43.32
CA PHE B 37 22.82 -21.58 -42.56
C PHE B 37 21.68 -22.21 -41.79
N GLN B 38 21.91 -23.44 -41.32
CA GLN B 38 20.94 -24.18 -40.53
C GLN B 38 21.28 -24.07 -39.05
N ALA B 39 20.24 -24.04 -38.21
CA ALA B 39 20.44 -23.93 -36.77
C ALA B 39 19.13 -24.26 -36.06
N ARG B 40 19.25 -24.93 -34.91
CA ARG B 40 18.11 -25.12 -34.02
C ARG B 40 17.91 -23.83 -33.24
N LEU B 41 16.79 -23.15 -33.48
CA LEU B 41 16.52 -21.85 -32.87
C LEU B 41 15.07 -21.80 -32.40
N LEU B 42 14.87 -21.31 -31.19
CA LEU B 42 13.53 -21.10 -30.64
C LEU B 42 12.70 -22.38 -30.67
N GLY B 43 13.36 -23.52 -30.46
CA GLY B 43 12.68 -24.79 -30.42
C GLY B 43 12.34 -25.40 -31.76
N LYS B 44 12.89 -24.88 -32.85
CA LYS B 44 12.61 -25.39 -34.18
C LYS B 44 13.92 -25.51 -34.97
N ASN B 45 14.02 -26.55 -35.79
CA ASN B 45 15.11 -26.66 -36.74
C ASN B 45 14.89 -25.64 -37.84
N ALA B 46 15.77 -24.63 -37.92
CA ALA B 46 15.51 -23.44 -38.71
C ALA B 46 16.60 -23.21 -39.74
N ILE B 47 16.29 -22.35 -40.70
CA ILE B 47 17.25 -21.81 -41.65
C ILE B 47 17.26 -20.31 -41.49
N CYS B 48 18.43 -19.75 -41.20
CA CYS B 48 18.61 -18.30 -41.14
C CYS B 48 19.20 -17.82 -42.45
N MET B 49 18.63 -16.76 -43.01
CA MET B 49 19.14 -16.22 -44.26
C MET B 49 19.16 -14.69 -44.20
N THR B 50 20.04 -14.11 -45.01
CA THR B 50 20.24 -12.67 -45.04
C THR B 50 20.44 -12.24 -46.49
N GLY B 51 20.25 -10.95 -46.73
CA GLY B 51 20.46 -10.38 -48.04
C GLY B 51 19.15 -10.06 -48.75
N ALA B 52 19.25 -9.17 -49.74
CA ALA B 52 18.07 -8.73 -50.47
C ALA B 52 17.43 -9.87 -51.25
N GLU B 53 18.24 -10.76 -51.81
CA GLU B 53 17.70 -11.87 -52.59
C GLU B 53 16.96 -12.86 -51.69
N ALA B 54 17.48 -13.09 -50.47
CA ALA B 54 16.76 -13.93 -49.52
C ALA B 54 15.47 -13.27 -49.08
N ALA B 55 15.46 -11.94 -48.95
CA ALA B 55 14.24 -11.22 -48.59
C ALA B 55 13.19 -11.37 -49.69
N LYS B 56 13.62 -11.39 -50.94
CA LYS B 56 12.68 -11.56 -52.04
C LYS B 56 11.99 -12.93 -51.96
N VAL B 57 12.74 -13.97 -51.63
CA VAL B 57 12.16 -15.29 -51.47
C VAL B 57 11.30 -15.35 -50.20
N PHE B 58 11.76 -14.69 -49.14
CA PHE B 58 11.03 -14.70 -47.88
C PHE B 58 9.62 -14.14 -48.03
N TYR B 59 9.42 -13.22 -48.98
CA TYR B 59 8.14 -12.57 -49.17
C TYR B 59 7.32 -13.19 -50.30
N ASP B 60 7.77 -14.32 -50.84
CA ASP B 60 6.97 -15.12 -51.77
C ASP B 60 5.91 -15.84 -50.95
N THR B 61 4.67 -15.35 -51.00
CA THR B 61 3.61 -15.92 -50.18
C THR B 61 3.18 -17.30 -50.63
N ASP B 62 3.62 -17.75 -51.81
CA ASP B 62 3.40 -19.13 -52.22
C ASP B 62 4.44 -20.08 -51.62
N ARG B 63 5.59 -19.55 -51.19
CA ARG B 63 6.64 -20.36 -50.60
C ARG B 63 6.72 -20.24 -49.09
N PHE B 64 6.09 -19.23 -48.48
CA PHE B 64 6.24 -18.99 -47.06
C PHE B 64 4.91 -18.57 -46.45
N GLN B 65 4.65 -19.08 -45.25
CA GLN B 65 3.49 -18.71 -44.45
C GLN B 65 3.96 -18.14 -43.12
N ARG B 66 3.08 -17.37 -42.47
CA ARG B 66 3.38 -16.78 -41.18
C ARG B 66 2.67 -17.48 -40.03
N GLN B 67 1.72 -18.36 -40.31
CA GLN B 67 1.00 -19.05 -39.25
C GLN B 67 1.93 -20.04 -38.54
N ASN B 68 1.97 -19.93 -37.20
CA ASN B 68 2.77 -20.81 -36.35
C ASN B 68 4.27 -20.66 -36.61
N ALA B 69 4.69 -19.48 -37.07
CA ALA B 69 6.10 -19.27 -37.39
C ALA B 69 6.92 -18.96 -36.15
N LEU B 70 6.46 -18.01 -35.33
CA LEU B 70 7.15 -17.58 -34.12
C LEU B 70 6.47 -18.19 -32.89
N PRO B 71 7.22 -18.37 -31.80
CA PRO B 71 6.62 -18.94 -30.58
C PRO B 71 5.51 -18.05 -30.04
N LYS B 72 4.64 -18.66 -29.24
CA LYS B 72 3.50 -17.94 -28.68
C LYS B 72 3.91 -16.78 -27.79
N ARG B 73 5.16 -16.76 -27.31
CA ARG B 73 5.60 -15.71 -26.41
C ARG B 73 5.56 -14.34 -27.07
N VAL B 74 5.71 -14.28 -28.40
CA VAL B 74 5.66 -12.99 -29.08
C VAL B 74 4.23 -12.50 -29.21
N GLN B 75 3.29 -13.41 -29.51
CA GLN B 75 1.88 -13.03 -29.54
C GLN B 75 1.41 -12.57 -28.16
N LYS B 76 1.79 -13.30 -27.11
CA LYS B 76 1.34 -12.97 -25.76
C LYS B 76 2.02 -11.73 -25.19
N SER B 77 2.97 -11.13 -25.91
CA SER B 77 3.63 -9.92 -25.43
C SER B 77 3.48 -8.77 -26.42
N LEU B 78 3.95 -8.93 -27.65
CA LEU B 78 4.01 -7.82 -28.61
C LEU B 78 2.81 -7.76 -29.54
N PHE B 79 2.44 -8.88 -30.16
CA PHE B 79 1.50 -8.87 -31.28
C PHE B 79 0.04 -8.98 -30.85
N GLY B 80 -0.25 -9.83 -29.88
CA GLY B 80 -1.61 -10.26 -29.66
C GLY B 80 -1.84 -11.63 -30.27
N VAL B 81 -2.69 -12.42 -29.63
CA VAL B 81 -2.91 -13.80 -30.03
C VAL B 81 -3.80 -13.84 -31.27
N ASN B 82 -3.33 -14.56 -32.30
CA ASN B 82 -4.11 -14.82 -33.52
C ASN B 82 -4.45 -13.53 -34.27
N ALA B 83 -3.55 -12.55 -34.23
CA ALA B 83 -3.77 -11.29 -34.91
C ALA B 83 -3.21 -11.35 -36.33
N ILE B 84 -3.06 -10.18 -36.96
CA ILE B 84 -2.74 -10.13 -38.39
C ILE B 84 -1.35 -10.67 -38.68
N GLN B 85 -0.43 -10.56 -37.72
CA GLN B 85 0.96 -10.96 -37.97
C GLN B 85 1.07 -12.45 -38.29
N GLY B 86 0.15 -13.27 -37.79
CA GLY B 86 0.15 -14.69 -38.05
C GLY B 86 -0.89 -15.16 -39.04
N MET B 87 -1.48 -14.26 -39.81
CA MET B 87 -2.49 -14.63 -40.80
C MET B 87 -1.87 -14.81 -42.18
N ASP B 88 -2.57 -15.58 -43.03
CA ASP B 88 -2.15 -15.81 -44.40
C ASP B 88 -3.37 -15.79 -45.30
N GLY B 89 -3.11 -15.81 -46.61
CA GLY B 89 -4.17 -15.90 -47.58
C GLY B 89 -4.94 -14.60 -47.77
N SER B 90 -6.10 -14.73 -48.41
CA SER B 90 -6.95 -13.59 -48.66
C SER B 90 -7.52 -12.98 -47.38
N ALA B 91 -7.61 -13.78 -46.31
CA ALA B 91 -8.06 -13.23 -45.04
C ALA B 91 -7.07 -12.22 -44.49
N HIS B 92 -5.77 -12.50 -44.63
CA HIS B 92 -4.74 -11.54 -44.20
C HIS B 92 -4.78 -10.28 -45.05
N ILE B 93 -4.87 -10.43 -46.37
CA ILE B 93 -4.90 -9.28 -47.26
C ILE B 93 -6.13 -8.42 -46.96
N HIS B 94 -7.26 -9.05 -46.70
CA HIS B 94 -8.48 -8.31 -46.37
C HIS B 94 -8.28 -7.47 -45.11
N ARG B 95 -7.75 -8.08 -44.05
CA ARG B 95 -7.48 -7.32 -42.83
C ARG B 95 -6.35 -6.31 -43.02
N LYS B 96 -5.35 -6.65 -43.84
CA LYS B 96 -4.27 -5.71 -44.11
C LYS B 96 -4.79 -4.43 -44.77
N MET B 97 -5.81 -4.55 -45.62
CA MET B 97 -6.40 -3.37 -46.24
C MET B 97 -6.98 -2.42 -45.21
N LEU B 98 -7.48 -2.96 -44.09
CA LEU B 98 -8.03 -2.11 -43.04
C LEU B 98 -6.92 -1.30 -42.37
N PHE B 99 -5.79 -1.94 -42.05
CA PHE B 99 -4.67 -1.21 -41.48
C PHE B 99 -4.15 -0.16 -42.44
N LEU B 100 -4.02 -0.51 -43.72
CA LEU B 100 -3.49 0.42 -44.70
C LEU B 100 -4.40 1.63 -44.87
N SER B 101 -5.72 1.43 -44.77
CA SER B 101 -6.67 2.53 -44.92
C SER B 101 -6.52 3.59 -43.84
N LEU B 102 -5.94 3.23 -42.70
CA LEU B 102 -5.75 4.15 -41.60
C LEU B 102 -4.37 4.79 -41.57
N MET B 103 -3.51 4.50 -42.55
CA MET B 103 -2.13 4.95 -42.54
C MET B 103 -1.76 5.60 -43.87
N THR B 104 -2.75 6.15 -44.57
CA THR B 104 -2.54 6.85 -45.83
C THR B 104 -1.86 8.19 -45.57
N PRO B 105 -1.33 8.84 -46.60
CA PRO B 105 -0.64 10.12 -46.42
C PRO B 105 -1.45 11.16 -45.64
N PRO B 106 -2.77 11.26 -45.84
CA PRO B 106 -3.53 12.18 -44.98
C PRO B 106 -3.44 11.84 -43.50
N HIS B 107 -3.44 10.55 -43.17
CA HIS B 107 -3.25 10.15 -41.78
C HIS B 107 -1.83 10.45 -41.30
N GLN B 108 -0.83 10.17 -42.14
CA GLN B 108 0.55 10.47 -41.77
C GLN B 108 0.75 11.96 -41.52
N LYS B 109 0.15 12.80 -42.36
CA LYS B 109 0.26 14.24 -42.19
C LYS B 109 -0.41 14.71 -40.90
N ARG B 110 -1.61 14.20 -40.63
CA ARG B 110 -2.34 14.58 -39.43
C ARG B 110 -1.55 14.20 -38.17
N LEU B 111 -1.03 12.98 -38.13
CA LEU B 111 -0.29 12.53 -36.96
C LEU B 111 0.98 13.35 -36.75
N ALA B 112 1.70 13.65 -37.83
CA ALA B 112 2.91 14.47 -37.72
C ALA B 112 2.58 15.88 -37.26
N GLU B 113 1.44 16.42 -37.70
CA GLU B 113 1.05 17.77 -37.29
C GLU B 113 0.66 17.80 -35.82
N LEU B 114 -0.03 16.76 -35.34
CA LEU B 114 -0.37 16.69 -33.92
C LEU B 114 0.89 16.59 -33.07
N MET B 115 1.89 15.86 -33.55
CA MET B 115 3.15 15.76 -32.81
C MET B 115 3.88 17.10 -32.79
N THR B 116 3.87 17.82 -33.90
CA THR B 116 4.51 19.14 -33.95
C THR B 116 3.90 20.08 -32.90
N GLU B 117 2.57 20.10 -32.80
CA GLU B 117 1.92 20.93 -31.79
C GLU B 117 2.34 20.52 -30.39
N GLU B 118 2.42 19.21 -30.13
CA GLU B 118 2.75 18.73 -28.79
C GLU B 118 4.19 19.06 -28.42
N TRP B 119 5.12 18.95 -29.39
CA TRP B 119 6.51 19.30 -29.12
C TRP B 119 6.64 20.77 -28.74
N LYS B 120 6.02 21.65 -29.53
CA LYS B 120 6.12 23.08 -29.26
C LYS B 120 5.51 23.44 -27.92
N ALA B 121 4.42 22.78 -27.54
CA ALA B 121 3.79 23.06 -26.26
C ALA B 121 4.61 22.55 -25.09
N ALA B 122 5.38 21.48 -25.30
CA ALA B 122 6.19 20.93 -24.23
C ALA B 122 7.37 21.83 -23.87
N VAL B 123 7.74 22.76 -24.75
CA VAL B 123 8.91 23.60 -24.52
C VAL B 123 8.75 24.41 -23.23
N THR B 124 7.54 24.92 -22.98
CA THR B 124 7.35 25.79 -21.82
C THR B 124 7.55 25.04 -20.50
N ARG B 125 7.25 23.73 -20.46
CA ARG B 125 7.56 22.95 -19.28
C ARG B 125 9.03 22.52 -19.28
N TRP B 126 9.57 22.22 -20.47
CA TRP B 126 10.96 21.80 -20.57
C TRP B 126 11.90 22.89 -20.08
N GLU B 127 11.57 24.16 -20.38
CA GLU B 127 12.42 25.26 -19.95
C GLU B 127 12.49 25.39 -18.44
N LYS B 128 11.44 24.95 -17.74
CA LYS B 128 11.41 25.02 -16.29
C LYS B 128 11.97 23.78 -15.61
N ALA B 129 12.26 22.73 -16.36
CA ALA B 129 12.79 21.51 -15.79
C ALA B 129 14.31 21.54 -15.74
N ASP B 130 14.88 20.77 -14.82
CA ASP B 130 16.33 20.62 -14.77
C ASP B 130 16.81 19.68 -15.88
N GLU B 131 16.16 18.53 -16.03
CA GLU B 131 16.50 17.57 -17.07
C GLU B 131 15.21 17.01 -17.66
N VAL B 132 15.35 16.43 -18.85
CA VAL B 132 14.23 15.87 -19.60
C VAL B 132 14.73 14.64 -20.34
N VAL B 133 14.03 13.51 -20.16
CA VAL B 133 14.36 12.26 -20.82
C VAL B 133 13.49 12.16 -22.07
N LEU B 134 14.13 12.22 -23.24
CA LEU B 134 13.37 12.25 -24.49
C LEU B 134 12.51 11.01 -24.66
N PHE B 135 13.02 9.84 -24.26
CA PHE B 135 12.24 8.61 -24.39
C PHE B 135 10.95 8.68 -23.59
N GLU B 136 11.00 9.24 -22.38
CA GLU B 136 9.80 9.34 -21.55
C GLU B 136 8.84 10.39 -22.10
N GLU B 137 9.37 11.51 -22.59
CA GLU B 137 8.51 12.53 -23.18
C GLU B 137 7.91 12.07 -24.49
N ALA B 138 8.68 11.32 -25.28
CA ALA B 138 8.17 10.83 -26.57
C ALA B 138 7.05 9.83 -26.36
N LYS B 139 7.23 8.88 -25.44
CA LYS B 139 6.23 7.84 -25.24
C LYS B 139 4.91 8.40 -24.74
N GLU B 140 4.95 9.47 -23.95
CA GLU B 140 3.71 10.05 -23.44
C GLU B 140 3.04 10.94 -24.47
N ILE B 141 3.84 11.67 -25.27
CA ILE B 141 3.28 12.48 -26.34
C ILE B 141 2.68 11.59 -27.43
N LEU B 142 3.40 10.53 -27.80
CA LEU B 142 2.90 9.64 -28.84
C LEU B 142 1.63 8.91 -28.40
N CYS B 143 1.56 8.50 -27.14
CA CYS B 143 0.35 7.87 -26.63
C CYS B 143 -0.82 8.83 -26.67
N ARG B 144 -0.60 10.08 -26.26
CA ARG B 144 -1.67 11.08 -26.28
C ARG B 144 -2.09 11.39 -27.71
N VAL B 145 -1.14 11.50 -28.64
CA VAL B 145 -1.46 11.82 -30.02
C VAL B 145 -2.15 10.63 -30.69
N ALA B 146 -1.66 9.41 -30.46
CA ALA B 146 -2.23 8.24 -31.11
C ALA B 146 -3.68 8.02 -30.70
N CYS B 147 -3.98 8.16 -29.41
CA CYS B 147 -5.34 7.94 -28.93
C CYS B 147 -6.28 9.02 -29.44
N TYR B 148 -5.83 10.29 -29.41
CA TYR B 148 -6.66 11.38 -29.91
C TYR B 148 -6.96 11.21 -31.39
N TRP B 149 -5.93 10.89 -32.18
CA TRP B 149 -6.12 10.70 -33.61
C TRP B 149 -7.00 9.49 -33.91
N ALA B 150 -6.98 8.49 -33.04
CA ALA B 150 -7.76 7.28 -33.23
C ALA B 150 -9.16 7.37 -32.62
N GLY B 151 -9.52 8.49 -32.00
CA GLY B 151 -10.79 8.59 -31.33
C GLY B 151 -10.88 7.78 -30.04
N VAL B 152 -9.74 7.44 -29.45
CA VAL B 152 -9.69 6.63 -28.24
C VAL B 152 -9.63 7.58 -27.05
N PRO B 153 -10.59 7.55 -26.13
CA PRO B 153 -10.54 8.44 -24.97
C PRO B 153 -9.35 8.13 -24.08
N LEU B 154 -8.68 9.19 -23.64
CA LEU B 154 -7.48 9.07 -22.80
C LEU B 154 -7.52 10.16 -21.74
N LYS B 155 -7.73 9.77 -20.49
CA LYS B 155 -7.70 10.72 -19.38
C LYS B 155 -6.25 11.05 -19.02
N GLU B 156 -6.05 12.27 -18.52
CA GLU B 156 -4.70 12.70 -18.18
C GLU B 156 -4.12 11.91 -17.01
N THR B 157 -4.96 11.33 -16.17
CA THR B 157 -4.47 10.54 -15.04
C THR B 157 -4.06 9.13 -15.44
N GLU B 158 -4.28 8.73 -16.69
CA GLU B 158 -3.89 7.41 -17.17
C GLU B 158 -2.86 7.45 -18.29
N VAL B 159 -2.41 8.64 -18.71
CA VAL B 159 -1.51 8.74 -19.86
C VAL B 159 -0.23 7.96 -19.61
N LYS B 160 0.39 8.17 -18.44
CA LYS B 160 1.66 7.51 -18.16
C LYS B 160 1.50 5.99 -18.07
N GLU B 161 0.42 5.53 -17.45
CA GLU B 161 0.25 4.09 -17.30
C GLU B 161 -0.14 3.44 -18.62
N ARG B 162 -0.88 4.14 -19.48
CA ARG B 162 -1.20 3.61 -20.79
C ARG B 162 0.04 3.56 -21.67
N ALA B 163 0.86 4.62 -21.62
CA ALA B 163 2.08 4.65 -22.42
C ALA B 163 3.09 3.62 -21.93
N ASP B 164 3.24 3.48 -20.62
CA ASP B 164 4.16 2.46 -20.08
C ASP B 164 3.72 1.07 -20.49
N ASP B 165 2.41 0.80 -20.46
CA ASP B 165 1.91 -0.51 -20.86
C ASP B 165 2.20 -0.77 -22.34
N PHE B 166 2.09 0.26 -23.18
CA PHE B 166 2.41 0.10 -24.59
C PHE B 166 3.91 -0.18 -24.79
N ILE B 167 4.76 0.54 -24.07
CA ILE B 167 6.20 0.35 -24.22
C ILE B 167 6.64 -0.97 -23.61
N ASP B 168 6.02 -1.37 -22.50
CA ASP B 168 6.35 -2.65 -21.88
C ASP B 168 6.13 -3.81 -22.84
N MET B 169 5.10 -3.71 -23.70
CA MET B 169 4.86 -4.75 -24.70
C MET B 169 5.97 -4.78 -25.74
N VAL B 170 6.37 -3.61 -26.23
CA VAL B 170 7.44 -3.55 -27.23
C VAL B 170 8.76 -4.02 -26.62
N ASP B 171 9.12 -3.47 -25.46
CA ASP B 171 10.40 -3.78 -24.83
C ASP B 171 10.55 -5.24 -24.42
N ALA B 172 9.52 -6.05 -24.59
CA ALA B 172 9.53 -7.43 -24.12
C ALA B 172 9.66 -8.47 -25.22
N PHE B 173 9.67 -8.06 -26.50
CA PHE B 173 9.53 -9.05 -27.57
C PHE B 173 10.76 -9.95 -27.71
N GLY B 174 11.94 -9.46 -27.32
CA GLY B 174 13.13 -10.26 -27.44
C GLY B 174 13.80 -10.53 -26.11
N ALA B 175 13.00 -10.64 -25.05
CA ALA B 175 13.51 -10.70 -23.69
C ALA B 175 13.09 -12.00 -23.01
N VAL B 176 13.80 -12.31 -21.94
CA VAL B 176 13.44 -13.38 -21.00
C VAL B 176 13.43 -12.77 -19.61
N GLY B 177 12.76 -13.45 -18.69
CA GLY B 177 12.70 -13.01 -17.32
C GLY B 177 11.79 -11.81 -17.13
N PRO B 178 12.13 -10.95 -16.17
CA PRO B 178 11.21 -9.87 -15.78
C PRO B 178 10.88 -8.89 -16.89
N ARG B 179 11.83 -8.59 -17.79
CA ARG B 179 11.52 -7.66 -18.88
C ARG B 179 10.46 -8.24 -19.81
N HIS B 180 10.51 -9.56 -20.05
CA HIS B 180 9.48 -10.19 -20.86
C HIS B 180 8.16 -10.29 -20.10
N TRP B 181 8.21 -10.46 -18.78
CA TRP B 181 6.98 -10.62 -18.02
C TRP B 181 6.20 -9.32 -17.93
N LYS B 182 6.89 -8.17 -17.94
CA LYS B 182 6.20 -6.89 -17.88
C LYS B 182 5.29 -6.70 -19.08
N GLY B 183 5.73 -7.17 -20.26
CA GLY B 183 4.87 -7.14 -21.42
C GLY B 183 3.76 -8.18 -21.36
N ARG B 184 4.01 -9.32 -20.74
CA ARG B 184 2.98 -10.34 -20.61
C ARG B 184 1.85 -9.88 -19.68
N ARG B 185 2.16 -9.02 -18.72
CA ARG B 185 1.13 -8.47 -17.84
C ARG B 185 0.50 -7.20 -18.40
N ALA B 186 1.24 -6.45 -19.22
CA ALA B 186 0.71 -5.21 -19.78
C ALA B 186 -0.35 -5.48 -20.83
N ARG B 187 -0.16 -6.51 -21.64
CA ARG B 187 -1.08 -6.79 -22.74
C ARG B 187 -2.52 -7.04 -22.28
N PRO B 188 -2.79 -7.88 -21.27
CA PRO B 188 -4.19 -8.07 -20.86
C PRO B 188 -4.86 -6.81 -20.36
N ARG B 189 -4.11 -5.92 -19.70
CA ARG B 189 -4.69 -4.65 -19.27
C ARG B 189 -5.08 -3.78 -20.45
N ALA B 190 -4.22 -3.70 -21.46
CA ALA B 190 -4.54 -2.88 -22.64
C ALA B 190 -5.69 -3.46 -23.44
N GLU B 191 -5.73 -4.79 -23.57
CA GLU B 191 -6.81 -5.42 -24.32
C GLU B 191 -8.15 -5.23 -23.62
N GLU B 192 -8.19 -5.45 -22.31
CA GLU B 192 -9.42 -5.23 -21.55
C GLU B 192 -9.85 -3.76 -21.65
N TRP B 193 -8.89 -2.85 -21.63
CA TRP B 193 -9.19 -1.43 -21.70
C TRP B 193 -9.82 -1.05 -23.04
N ILE B 194 -9.30 -1.61 -24.13
CA ILE B 194 -9.81 -1.26 -25.46
C ILE B 194 -11.08 -2.04 -25.80
N GLU B 195 -11.17 -3.30 -25.35
CA GLU B 195 -12.36 -4.10 -25.66
C GLU B 195 -13.63 -3.48 -25.09
N VAL B 196 -13.52 -2.81 -23.94
CA VAL B 196 -14.67 -2.11 -23.38
C VAL B 196 -15.14 -1.01 -24.33
N MET B 197 -14.20 -0.28 -24.92
CA MET B 197 -14.58 0.74 -25.89
C MET B 197 -15.21 0.14 -27.12
N ILE B 198 -14.72 -1.01 -27.58
CA ILE B 198 -15.29 -1.68 -28.74
C ILE B 198 -16.74 -2.06 -28.46
N GLU B 199 -17.01 -2.63 -27.29
CA GLU B 199 -18.37 -3.03 -26.96
C GLU B 199 -19.27 -1.82 -26.73
N ASP B 200 -18.74 -0.78 -26.08
CA ASP B 200 -19.53 0.45 -25.90
C ASP B 200 -19.83 1.10 -27.24
N ALA B 201 -18.87 1.05 -28.18
CA ALA B 201 -19.11 1.63 -29.50
C ALA B 201 -20.18 0.86 -30.27
N ARG B 202 -20.11 -0.48 -30.23
CA ARG B 202 -21.07 -1.28 -30.97
C ARG B 202 -22.48 -1.16 -30.43
N ALA B 203 -22.63 -0.77 -29.16
CA ALA B 203 -23.94 -0.48 -28.58
C ALA B 203 -24.28 1.00 -28.65
N GLY B 204 -23.47 1.80 -29.33
CA GLY B 204 -23.70 3.23 -29.46
C GLY B 204 -23.45 4.04 -28.20
N LEU B 205 -22.97 3.41 -27.13
CA LEU B 205 -22.76 4.10 -25.86
C LEU B 205 -21.45 4.88 -25.81
N LEU B 206 -20.64 4.82 -26.86
CA LEU B 206 -19.42 5.60 -26.96
C LEU B 206 -19.37 6.23 -28.35
N LYS B 207 -19.18 7.54 -28.41
CA LYS B 207 -19.16 8.25 -29.69
C LYS B 207 -17.92 7.88 -30.48
N THR B 208 -18.11 7.41 -31.70
CA THR B 208 -17.03 7.15 -32.63
C THR B 208 -17.23 7.97 -33.90
N THR B 209 -16.16 8.12 -34.67
CA THR B 209 -16.16 8.95 -35.86
C THR B 209 -15.65 8.13 -37.04
N SER B 210 -16.41 8.16 -38.14
CA SER B 210 -16.04 7.39 -39.33
C SER B 210 -14.69 7.85 -39.86
N GLY B 211 -13.85 6.88 -40.21
CA GLY B 211 -12.51 7.15 -40.70
C GLY B 211 -11.42 7.06 -39.65
N THR B 212 -11.76 7.02 -38.36
CA THR B 212 -10.79 6.88 -37.31
C THR B 212 -10.59 5.42 -36.95
N ALA B 213 -9.45 5.13 -36.30
CA ALA B 213 -9.04 3.75 -36.08
C ALA B 213 -10.03 2.99 -35.20
N LEU B 214 -10.49 3.62 -34.11
CA LEU B 214 -11.42 2.95 -33.21
C LEU B 214 -12.70 2.56 -33.92
N HIS B 215 -13.27 3.49 -34.70
CA HIS B 215 -14.50 3.20 -35.42
C HIS B 215 -14.29 2.12 -36.46
N GLU B 216 -13.23 2.24 -37.27
CA GLU B 216 -13.00 1.27 -38.33
C GLU B 216 -12.69 -0.11 -37.77
N MET B 217 -12.01 -0.18 -36.62
CA MET B 217 -11.77 -1.48 -35.99
C MET B 217 -13.04 -2.04 -35.37
N ALA B 218 -13.87 -1.17 -34.80
CA ALA B 218 -15.09 -1.64 -34.13
C ALA B 218 -16.11 -2.17 -35.13
N PHE B 219 -16.14 -1.62 -36.35
CA PHE B 219 -17.17 -1.96 -37.31
C PHE B 219 -16.61 -2.58 -38.59
N HIS B 220 -15.33 -2.97 -38.60
CA HIS B 220 -14.78 -3.69 -39.74
C HIS B 220 -15.49 -5.03 -39.90
N THR B 221 -15.75 -5.41 -41.14
CA THR B 221 -16.34 -6.70 -41.46
C THR B 221 -15.35 -7.53 -42.26
N GLN B 222 -15.29 -8.82 -41.94
CA GLN B 222 -14.37 -9.73 -42.62
C GLN B 222 -14.98 -10.14 -43.96
N GLU B 223 -14.38 -11.14 -44.61
CA GLU B 223 -14.81 -11.54 -45.94
C GLU B 223 -16.22 -12.15 -45.90
N ASP B 224 -16.62 -12.73 -44.79
CA ASP B 224 -17.94 -13.34 -44.65
C ASP B 224 -18.99 -12.35 -44.17
N GLY B 225 -18.67 -11.06 -44.13
CA GLY B 225 -19.61 -10.04 -43.68
C GLY B 225 -19.72 -9.89 -42.18
N SER B 226 -19.09 -10.75 -41.39
CA SER B 226 -19.17 -10.67 -39.94
C SER B 226 -18.10 -9.74 -39.39
N GLN B 227 -18.42 -9.11 -38.26
CA GLN B 227 -17.47 -8.27 -37.57
C GLN B 227 -16.45 -9.12 -36.84
N LEU B 228 -15.35 -8.48 -36.44
CA LEU B 228 -14.38 -9.15 -35.58
C LEU B 228 -14.96 -9.31 -34.18
N ASP B 229 -14.52 -10.37 -33.49
CA ASP B 229 -14.78 -10.47 -32.07
C ASP B 229 -14.24 -9.23 -31.36
N SER B 230 -14.98 -8.77 -30.35
CA SER B 230 -14.62 -7.53 -29.67
C SER B 230 -13.19 -7.56 -29.16
N ARG B 231 -12.71 -8.74 -28.73
CA ARG B 231 -11.34 -8.85 -28.29
C ARG B 231 -10.37 -8.73 -29.46
N MET B 232 -10.68 -9.36 -30.59
CA MET B 232 -9.82 -9.25 -31.77
C MET B 232 -9.82 -7.83 -32.31
N ALA B 233 -10.98 -7.17 -32.32
CA ALA B 233 -11.02 -5.78 -32.74
C ALA B 233 -10.17 -4.90 -31.83
N ALA B 234 -10.19 -5.19 -30.52
CA ALA B 234 -9.33 -4.45 -29.60
C ALA B 234 -7.86 -4.78 -29.84
N ILE B 235 -7.54 -6.06 -30.06
CA ILE B 235 -6.16 -6.45 -30.32
C ILE B 235 -5.62 -5.75 -31.56
N GLU B 236 -6.43 -5.68 -32.62
CA GLU B 236 -5.97 -5.04 -33.84
C GLU B 236 -5.91 -3.52 -33.71
N LEU B 237 -6.71 -2.94 -32.83
CA LEU B 237 -6.54 -1.53 -32.52
C LEU B 237 -5.28 -1.30 -31.70
N ILE B 238 -4.92 -2.24 -30.83
CA ILE B 238 -3.64 -2.18 -30.14
C ILE B 238 -2.49 -2.25 -31.13
N ASN B 239 -2.66 -3.00 -32.22
CA ASN B 239 -1.65 -3.08 -33.27
C ASN B 239 -1.55 -1.79 -34.08
N VAL B 240 -2.32 -0.76 -33.75
CA VAL B 240 -2.13 0.57 -34.29
C VAL B 240 -1.57 1.52 -33.24
N LEU B 241 -2.10 1.48 -32.02
CA LEU B 241 -1.70 2.43 -30.98
C LEU B 241 -0.31 2.11 -30.45
N ARG B 242 -0.04 0.84 -30.14
CA ARG B 242 1.26 0.47 -29.59
C ARG B 242 2.42 0.80 -30.51
N PRO B 243 2.41 0.44 -31.80
CA PRO B 243 3.59 0.75 -32.63
C PRO B 243 3.80 2.23 -32.85
N ILE B 244 2.75 3.05 -32.76
CA ILE B 244 2.93 4.50 -32.82
C ILE B 244 3.72 4.97 -31.60
N VAL B 245 3.46 4.38 -30.43
CA VAL B 245 4.24 4.69 -29.24
C VAL B 245 5.66 4.16 -29.37
N ALA B 246 5.84 3.03 -30.07
CA ALA B 246 7.15 2.44 -30.27
C ALA B 246 8.06 3.31 -31.15
N ILE B 247 7.51 4.29 -31.86
CA ILE B 247 8.33 5.25 -32.58
C ILE B 247 9.29 5.97 -31.63
N SER B 248 8.98 5.96 -30.33
CA SER B 248 9.87 6.57 -29.34
C SER B 248 11.30 6.09 -29.48
N TYR B 249 11.49 4.79 -29.78
CA TYR B 249 12.84 4.26 -29.98
C TYR B 249 13.55 4.98 -31.11
N PHE B 250 12.87 5.12 -32.26
CA PHE B 250 13.48 5.81 -33.39
C PHE B 250 13.72 7.28 -33.09
N LEU B 251 12.85 7.90 -32.30
CA LEU B 251 13.02 9.32 -31.97
C LEU B 251 14.27 9.54 -31.12
N VAL B 252 14.56 8.62 -30.21
CA VAL B 252 15.76 8.74 -29.39
C VAL B 252 17.00 8.48 -30.24
N PHE B 253 16.93 7.51 -31.15
CA PHE B 253 18.07 7.21 -32.01
C PHE B 253 18.40 8.37 -32.94
N SER B 254 17.37 9.00 -33.51
CA SER B 254 17.61 10.15 -34.38
C SER B 254 18.24 11.30 -33.61
N ALA B 255 17.84 11.48 -32.35
CA ALA B 255 18.45 12.51 -31.52
C ALA B 255 19.89 12.14 -31.16
N LEU B 256 20.15 10.85 -30.94
CA LEU B 256 21.52 10.42 -30.67
C LEU B 256 22.40 10.59 -31.90
N ALA B 257 21.86 10.32 -33.09
CA ALA B 257 22.63 10.50 -34.31
C ALA B 257 22.97 11.96 -34.53
N LEU B 258 22.02 12.85 -34.24
CA LEU B 258 22.29 14.29 -34.32
C LEU B 258 23.40 14.69 -33.35
N HIS B 259 23.41 14.09 -32.16
CA HIS B 259 24.43 14.42 -31.16
C HIS B 259 25.79 13.85 -31.55
N GLU B 260 25.82 12.60 -32.01
CA GLU B 260 27.08 11.94 -32.31
C GLU B 260 27.69 12.37 -33.64
N HIS B 261 26.89 12.93 -34.53
CA HIS B 261 27.35 13.39 -35.85
C HIS B 261 26.86 14.82 -36.06
N PRO B 262 27.48 15.79 -35.37
CA PRO B 262 26.92 17.15 -35.36
C PRO B 262 27.03 17.90 -36.68
N LYS B 263 27.80 17.39 -37.66
CA LYS B 263 27.91 18.10 -38.92
C LYS B 263 26.60 18.10 -39.69
N TYR B 264 25.75 17.08 -39.48
CA TYR B 264 24.45 17.04 -40.13
C TYR B 264 23.44 17.99 -39.49
N LYS B 265 23.78 18.61 -38.36
CA LYS B 265 22.88 19.55 -37.73
C LYS B 265 22.68 20.79 -38.61
N GLU B 266 23.78 21.48 -38.93
CA GLU B 266 23.69 22.64 -39.81
C GLU B 266 23.28 22.24 -41.22
N TRP B 267 23.60 21.02 -41.62
CA TRP B 267 23.15 20.53 -42.92
C TRP B 267 21.63 20.45 -42.99
N LEU B 268 20.99 20.11 -41.87
CA LEU B 268 19.53 20.03 -41.85
C LEU B 268 18.90 21.42 -41.84
N ARG B 269 19.49 22.36 -41.10
CA ARG B 269 18.97 23.72 -41.09
C ARG B 269 19.03 24.35 -42.47
N SER B 270 20.12 24.10 -43.20
CA SER B 270 20.29 24.73 -44.51
C SER B 270 19.33 24.15 -45.55
N GLY B 271 18.91 22.90 -45.38
CA GLY B 271 18.06 22.22 -46.32
C GLY B 271 16.59 22.29 -45.95
N ASN B 272 15.82 21.34 -46.47
CA ASN B 272 14.40 21.25 -46.18
C ASN B 272 13.98 19.81 -45.91
N SER B 273 12.74 19.46 -46.27
CA SER B 273 12.22 18.13 -45.95
C SER B 273 13.00 17.02 -46.65
N ARG B 274 13.66 17.32 -47.77
CA ARG B 274 14.45 16.30 -48.46
C ARG B 274 15.60 15.81 -47.57
N GLU B 275 16.31 16.75 -46.94
CA GLU B 275 17.43 16.38 -46.08
C GLU B 275 16.95 15.73 -44.79
N ARG B 276 15.76 16.09 -44.32
CA ARG B 276 15.20 15.45 -43.12
C ARG B 276 14.80 14.01 -43.43
N GLU B 277 14.26 13.77 -44.62
CA GLU B 277 13.90 12.41 -45.00
C GLU B 277 15.15 11.53 -45.16
N MET B 278 16.20 12.07 -45.78
CA MET B 278 17.45 11.33 -45.89
C MET B 278 18.01 10.97 -44.53
N PHE B 279 18.00 11.93 -43.60
CA PHE B 279 18.44 11.66 -42.23
C PHE B 279 17.57 10.59 -41.58
N VAL B 280 16.25 10.70 -41.74
CA VAL B 280 15.34 9.78 -41.08
C VAL B 280 15.49 8.38 -41.65
N GLN B 281 15.68 8.25 -42.96
CA GLN B 281 15.88 6.94 -43.56
C GLN B 281 17.17 6.30 -43.07
N GLU B 282 18.22 7.09 -42.91
CA GLU B 282 19.47 6.52 -42.41
C GLU B 282 19.34 6.10 -40.95
N VAL B 283 18.57 6.83 -40.15
CA VAL B 283 18.30 6.39 -38.78
C VAL B 283 17.64 5.02 -38.79
N ARG B 284 16.66 4.81 -39.68
CA ARG B 284 15.97 3.53 -39.73
C ARG B 284 16.88 2.42 -40.22
N ARG B 285 17.76 2.72 -41.18
CA ARG B 285 18.66 1.68 -41.70
C ARG B 285 19.77 1.36 -40.71
N TYR B 286 20.34 2.39 -40.09
CA TYR B 286 21.56 2.22 -39.30
C TYR B 286 21.28 1.61 -37.93
N TYR B 287 20.23 2.10 -37.23
CA TYR B 287 20.10 1.71 -35.83
C TYR B 287 19.20 0.48 -35.69
N PRO B 288 19.46 -0.34 -34.67
CA PRO B 288 18.70 -1.58 -34.51
C PRO B 288 17.30 -1.34 -33.95
N PHE B 289 16.39 -2.21 -34.39
CA PHE B 289 15.04 -2.26 -33.83
C PHE B 289 14.46 -3.66 -34.05
N GLY B 290 14.06 -3.96 -35.27
CA GLY B 290 13.58 -5.28 -35.61
C GLY B 290 14.72 -6.21 -35.97
N PRO B 291 14.93 -7.25 -35.14
CA PRO B 291 16.06 -8.15 -35.37
C PRO B 291 15.89 -9.04 -36.59
N PHE B 292 14.85 -9.87 -36.59
CA PHE B 292 14.62 -10.79 -37.69
C PHE B 292 13.13 -11.07 -37.79
N LEU B 293 12.73 -11.67 -38.90
CA LEU B 293 11.35 -12.07 -39.14
C LEU B 293 11.29 -13.58 -39.30
N GLY B 294 10.17 -14.17 -38.87
CA GLY B 294 10.00 -15.61 -38.88
C GLY B 294 8.88 -16.03 -39.82
N ALA B 295 9.12 -17.14 -40.53
CA ALA B 295 8.11 -17.71 -41.42
C ALA B 295 8.26 -19.23 -41.41
N LEU B 296 7.25 -19.90 -41.95
CA LEU B 296 7.28 -21.33 -42.18
C LEU B 296 7.23 -21.60 -43.67
N VAL B 297 7.97 -22.62 -44.11
CA VAL B 297 7.96 -22.99 -45.52
C VAL B 297 6.60 -23.56 -45.88
N LYS B 298 5.96 -22.98 -46.89
CA LYS B 298 4.62 -23.42 -47.28
C LYS B 298 4.67 -24.71 -48.09
N LYS B 299 5.51 -24.74 -49.12
CA LYS B 299 5.67 -25.90 -49.98
C LYS B 299 7.15 -26.15 -50.20
N ASP B 300 7.49 -27.40 -50.50
CA ASP B 300 8.88 -27.73 -50.80
C ASP B 300 9.37 -26.92 -51.99
N PHE B 301 10.56 -26.33 -51.84
CA PHE B 301 11.19 -25.60 -52.93
C PHE B 301 12.70 -25.59 -52.70
N VAL B 302 13.43 -25.18 -53.74
CA VAL B 302 14.88 -25.10 -53.72
C VAL B 302 15.30 -23.71 -54.12
N TRP B 303 16.21 -23.12 -53.35
CA TRP B 303 16.74 -21.79 -53.65
C TRP B 303 18.14 -21.69 -53.08
N ASN B 304 19.06 -21.12 -53.88
CA ASN B 304 20.45 -20.93 -53.48
C ASN B 304 21.10 -22.26 -53.07
N ASN B 305 20.83 -23.31 -53.86
CA ASN B 305 21.35 -24.66 -53.65
C ASN B 305 20.93 -25.23 -52.30
N CYS B 306 19.82 -24.75 -51.75
CA CYS B 306 19.29 -25.24 -50.48
C CYS B 306 17.87 -25.75 -50.69
N GLU B 307 17.56 -26.88 -50.06
CA GLU B 307 16.23 -27.47 -50.14
C GLU B 307 15.42 -27.05 -48.92
N PHE B 308 14.40 -26.23 -49.16
CA PHE B 308 13.49 -25.78 -48.11
C PHE B 308 12.32 -26.75 -48.05
N LYS B 309 12.21 -27.50 -46.94
CA LYS B 309 11.15 -28.47 -46.78
C LYS B 309 9.94 -27.83 -46.11
N LYS B 310 8.76 -28.38 -46.40
CA LYS B 310 7.52 -27.83 -45.89
C LYS B 310 7.49 -27.91 -44.36
N GLY B 311 7.32 -26.75 -43.72
CA GLY B 311 7.17 -26.69 -42.28
C GLY B 311 8.39 -26.21 -41.52
N THR B 312 9.56 -26.19 -42.14
CA THR B 312 10.75 -25.71 -41.44
C THR B 312 10.70 -24.20 -41.28
N SER B 313 11.09 -23.73 -40.10
CA SER B 313 11.11 -22.30 -39.82
C SER B 313 12.27 -21.62 -40.52
N VAL B 314 12.02 -20.43 -41.04
CA VAL B 314 13.04 -19.63 -41.71
C VAL B 314 13.03 -18.23 -41.09
N LEU B 315 14.22 -17.74 -40.76
CA LEU B 315 14.38 -16.42 -40.16
C LEU B 315 15.13 -15.52 -41.14
N LEU B 316 14.56 -14.35 -41.41
CA LEU B 316 15.16 -13.38 -42.32
C LEU B 316 15.81 -12.27 -41.49
N ASP B 317 17.12 -12.10 -41.67
CA ASP B 317 17.90 -11.14 -40.90
C ASP B 317 17.63 -9.73 -41.41
N LEU B 318 16.88 -8.94 -40.65
CA LEU B 318 16.63 -7.56 -41.04
C LEU B 318 17.84 -6.69 -40.81
N TYR B 319 18.45 -6.79 -39.61
CA TYR B 319 19.61 -5.96 -39.29
C TYR B 319 20.77 -6.24 -40.24
N GLY B 320 20.98 -7.51 -40.58
CA GLY B 320 22.08 -7.85 -41.47
C GLY B 320 21.87 -7.33 -42.88
N THR B 321 20.65 -7.47 -43.41
CA THR B 321 20.34 -6.95 -44.73
C THR B 321 20.52 -5.44 -44.79
N ASN B 322 20.09 -4.74 -43.74
CA ASN B 322 20.24 -3.29 -43.68
C ASN B 322 21.69 -2.86 -43.51
N HIS B 323 22.59 -3.77 -43.15
CA HIS B 323 24.02 -3.46 -43.01
C HIS B 323 24.85 -4.29 -43.98
N ASP B 324 24.24 -4.71 -45.09
CA ASP B 324 24.93 -5.53 -46.08
C ASP B 324 25.86 -4.66 -46.92
N PRO B 325 27.17 -4.93 -46.94
CA PRO B 325 28.07 -4.14 -47.78
C PRO B 325 27.80 -4.29 -49.26
N ARG B 326 27.17 -5.39 -49.69
CA ARG B 326 26.83 -5.56 -51.10
C ARG B 326 25.74 -4.60 -51.55
N LEU B 327 24.95 -4.07 -50.63
CA LEU B 327 23.88 -3.13 -50.96
C LEU B 327 24.14 -1.72 -50.46
N TRP B 328 24.93 -1.56 -49.41
CA TRP B 328 25.19 -0.26 -48.80
C TRP B 328 26.69 -0.06 -48.69
N ASP B 329 27.20 1.01 -49.30
CA ASP B 329 28.62 1.34 -49.20
C ASP B 329 28.93 1.86 -47.80
N HIS B 330 29.94 1.28 -47.16
CA HIS B 330 30.29 1.56 -45.77
C HIS B 330 29.06 1.38 -44.90
N PRO B 331 28.58 0.15 -44.72
CA PRO B 331 27.27 -0.05 -44.10
C PRO B 331 27.23 0.31 -42.62
N ASP B 332 28.36 0.25 -41.92
CA ASP B 332 28.40 0.52 -40.49
C ASP B 332 28.73 1.97 -40.17
N GLU B 333 28.54 2.88 -41.12
CA GLU B 333 28.71 4.31 -40.92
C GLU B 333 27.38 5.01 -41.13
N PHE B 334 27.11 6.02 -40.30
CA PHE B 334 25.89 6.81 -40.42
C PHE B 334 26.09 7.89 -41.47
N ARG B 335 25.49 7.69 -42.65
CA ARG B 335 25.65 8.60 -43.77
C ARG B 335 24.31 8.86 -44.43
N PRO B 336 23.59 9.89 -43.98
CA PRO B 336 22.32 10.24 -44.64
C PRO B 336 22.46 10.53 -46.13
N GLU B 337 23.64 10.97 -46.57
CA GLU B 337 23.82 11.32 -47.98
C GLU B 337 23.63 10.11 -48.89
N ARG B 338 23.74 8.89 -48.36
CA ARG B 338 23.55 7.70 -49.18
C ARG B 338 22.14 7.60 -49.75
N PHE B 339 21.18 8.28 -49.14
CA PHE B 339 19.80 8.26 -49.62
C PHE B 339 19.48 9.40 -50.59
N ALA B 340 20.48 10.23 -50.92
CA ALA B 340 20.28 11.26 -51.93
C ALA B 340 20.17 10.62 -53.31
N GLU B 341 19.01 10.80 -53.96
CA GLU B 341 18.76 10.28 -55.30
C GLU B 341 18.98 8.76 -55.33
N ARG B 342 18.25 8.06 -54.48
CA ARG B 342 18.30 6.61 -54.42
C ARG B 342 16.99 6.03 -54.93
N GLU B 343 17.09 5.07 -55.85
CA GLU B 343 15.90 4.45 -56.41
C GLU B 343 15.18 3.62 -55.35
N GLU B 344 13.86 3.59 -55.45
CA GLU B 344 13.04 2.84 -54.52
C GLU B 344 13.29 1.35 -54.70
N ASN B 345 13.71 0.68 -53.62
CA ASN B 345 13.93 -0.76 -53.61
C ASN B 345 13.21 -1.35 -52.41
N LEU B 346 12.49 -2.44 -52.64
CA LEU B 346 11.63 -3.03 -51.61
C LEU B 346 12.32 -4.13 -50.82
N PHE B 347 13.58 -4.43 -51.10
CA PHE B 347 14.24 -5.55 -50.44
C PHE B 347 15.65 -5.25 -49.94
N ASP B 348 16.25 -4.11 -50.29
CA ASP B 348 17.56 -3.76 -49.76
C ASP B 348 17.49 -2.96 -48.48
N MET B 349 16.31 -2.41 -48.16
CA MET B 349 16.11 -1.58 -46.98
C MET B 349 14.84 -2.11 -46.31
N ILE B 350 15.00 -2.93 -45.27
CA ILE B 350 13.85 -3.60 -44.66
C ILE B 350 13.81 -3.45 -43.15
N PRO B 351 14.04 -2.25 -42.57
CA PRO B 351 13.92 -2.14 -41.11
C PRO B 351 12.49 -2.33 -40.62
N GLN B 352 11.50 -2.14 -41.50
CA GLN B 352 10.10 -2.37 -41.18
C GLN B 352 9.47 -3.34 -42.17
N GLY B 353 10.28 -4.23 -42.73
CA GLY B 353 9.80 -5.24 -43.65
C GLY B 353 10.13 -4.94 -45.10
N GLY B 354 9.95 -5.96 -45.94
CA GLY B 354 10.18 -5.85 -47.36
C GLY B 354 8.93 -6.20 -48.16
N GLY B 355 9.06 -6.07 -49.48
CA GLY B 355 7.96 -6.38 -50.37
C GLY B 355 6.90 -5.30 -50.41
N HIS B 356 5.69 -5.71 -50.78
CA HIS B 356 4.54 -4.82 -50.88
C HIS B 356 3.66 -4.99 -49.65
N ALA B 357 3.31 -3.88 -49.01
CA ALA B 357 2.44 -3.94 -47.83
C ALA B 357 1.06 -4.47 -48.20
N GLU B 358 0.59 -4.20 -49.42
CA GLU B 358 -0.72 -4.66 -49.85
C GLU B 358 -0.73 -6.13 -50.27
N LYS B 359 0.45 -6.74 -50.47
CA LYS B 359 0.53 -8.15 -50.84
C LYS B 359 1.35 -8.96 -49.86
N GLY B 360 1.64 -8.42 -48.69
CA GLY B 360 2.45 -9.12 -47.72
C GLY B 360 2.33 -8.51 -46.35
N HIS B 361 3.26 -8.89 -45.47
CA HIS B 361 3.22 -8.50 -44.08
C HIS B 361 4.08 -7.28 -43.77
N ARG B 362 4.57 -6.58 -44.80
CA ARG B 362 5.37 -5.39 -44.60
C ARG B 362 4.60 -4.37 -43.75
N CYS B 363 5.32 -3.66 -42.89
CA CYS B 363 4.70 -2.74 -41.96
C CYS B 363 3.89 -1.68 -42.71
N PRO B 364 2.61 -1.50 -42.40
CA PRO B 364 1.83 -0.43 -43.02
C PRO B 364 2.04 0.93 -42.39
N GLY B 365 2.69 1.00 -41.24
CA GLY B 365 2.91 2.27 -40.57
C GLY B 365 4.25 2.89 -40.89
N GLU B 366 4.87 2.43 -41.98
CA GLU B 366 6.17 2.94 -42.37
C GLU B 366 6.10 4.44 -42.68
N GLY B 367 5.09 4.85 -43.45
CA GLY B 367 4.95 6.26 -43.76
C GLY B 367 4.68 7.10 -42.54
N ILE B 368 3.85 6.60 -41.61
CA ILE B 368 3.61 7.31 -40.36
C ILE B 368 4.91 7.44 -39.58
N THR B 369 5.69 6.37 -39.50
CA THR B 369 6.96 6.41 -38.79
C THR B 369 7.88 7.48 -39.37
N ILE B 370 7.97 7.55 -40.71
CA ILE B 370 8.87 8.49 -41.35
C ILE B 370 8.41 9.92 -41.10
N GLU B 371 7.11 10.19 -41.30
CA GLU B 371 6.62 11.56 -41.16
C GLU B 371 6.67 12.04 -39.72
N VAL B 372 6.40 11.15 -38.76
CA VAL B 372 6.53 11.54 -37.36
C VAL B 372 7.99 11.82 -37.02
N MET B 373 8.90 10.99 -37.55
CA MET B 373 10.32 11.21 -37.31
C MET B 373 10.79 12.52 -37.93
N LYS B 374 10.34 12.82 -39.15
CA LYS B 374 10.76 14.04 -39.81
C LYS B 374 10.27 15.28 -39.05
N ALA B 375 9.04 15.23 -38.55
CA ALA B 375 8.51 16.36 -37.78
C ALA B 375 9.23 16.50 -36.45
N SER B 376 9.48 15.38 -35.76
CA SER B 376 10.22 15.43 -34.50
C SER B 376 11.66 15.87 -34.71
N LEU B 377 12.26 15.50 -35.83
CA LEU B 377 13.61 15.98 -36.13
C LEU B 377 13.62 17.47 -36.42
N ASP B 378 12.63 17.95 -37.19
CA ASP B 378 12.53 19.38 -37.46
C ASP B 378 12.40 20.18 -36.16
N PHE B 379 11.68 19.63 -35.18
CA PHE B 379 11.52 20.31 -33.90
C PHE B 379 12.85 20.42 -33.17
N LEU B 380 13.58 19.31 -33.09
CA LEU B 380 14.86 19.31 -32.39
C LEU B 380 15.87 20.23 -33.06
N VAL B 381 15.79 20.39 -34.38
CA VAL B 381 16.79 21.14 -35.12
C VAL B 381 16.51 22.64 -35.05
N HIS B 382 15.23 23.04 -35.10
CA HIS B 382 14.87 24.43 -35.30
C HIS B 382 14.22 25.10 -34.10
N GLN B 383 13.45 24.37 -33.29
CA GLN B 383 12.62 25.03 -32.30
C GLN B 383 13.39 25.33 -31.01
N ILE B 384 14.28 24.43 -30.59
CA ILE B 384 14.92 24.56 -29.29
C ILE B 384 16.43 24.34 -29.42
N GLU B 385 17.15 24.91 -28.46
CA GLU B 385 18.53 24.54 -28.18
C GLU B 385 18.58 23.79 -26.86
N TYR B 386 19.56 22.90 -26.71
CA TYR B 386 19.64 22.09 -25.51
C TYR B 386 21.05 21.55 -25.36
N ASP B 387 21.40 21.24 -24.11
CA ASP B 387 22.63 20.55 -23.78
C ASP B 387 22.36 19.05 -23.63
N VAL B 388 23.35 18.25 -23.99
CA VAL B 388 23.30 16.82 -23.75
C VAL B 388 24.29 16.50 -22.62
N PRO B 389 23.84 16.49 -21.37
CA PRO B 389 24.77 16.33 -20.25
C PRO B 389 25.45 14.96 -20.22
N GLU B 390 26.37 14.77 -19.27
CA GLU B 390 27.08 13.51 -19.16
C GLU B 390 26.11 12.39 -18.81
N GLN B 391 26.12 11.33 -19.62
CA GLN B 391 25.16 10.25 -19.49
C GLN B 391 25.68 9.05 -20.26
N SER B 392 25.05 7.90 -20.02
CA SER B 392 25.41 6.67 -20.72
C SER B 392 24.58 6.59 -22.01
N LEU B 393 25.13 7.15 -23.08
CA LEU B 393 24.48 7.12 -24.38
C LEU B 393 24.63 5.78 -25.09
N HIS B 394 25.41 4.87 -24.53
CA HIS B 394 25.68 3.60 -25.20
C HIS B 394 24.42 2.74 -25.24
N TYR B 395 24.21 2.04 -26.35
CA TYR B 395 23.11 1.09 -26.50
C TYR B 395 23.67 -0.28 -26.84
N SER B 396 23.05 -1.33 -26.29
CA SER B 396 23.55 -2.69 -26.38
C SER B 396 22.87 -3.42 -27.54
N LEU B 397 23.68 -3.96 -28.46
CA LEU B 397 23.13 -4.72 -29.58
C LEU B 397 22.57 -6.06 -29.13
N ALA B 398 23.09 -6.60 -28.03
CA ALA B 398 22.55 -7.85 -27.49
C ALA B 398 21.11 -7.67 -27.06
N ARG B 399 20.77 -6.51 -26.52
CA ARG B 399 19.44 -6.26 -25.99
C ARG B 399 18.46 -5.99 -27.12
N MET B 400 17.34 -6.72 -27.12
CA MET B 400 16.30 -6.59 -28.15
C MET B 400 14.97 -6.23 -27.50
N PRO B 401 14.39 -5.06 -27.80
CA PRO B 401 14.93 -4.00 -28.66
C PRO B 401 16.05 -3.22 -27.98
N SER B 402 16.96 -2.62 -28.72
CA SER B 402 18.07 -1.87 -28.14
C SER B 402 17.66 -0.42 -27.94
N LEU B 403 18.12 0.17 -26.85
CA LEU B 403 17.84 1.56 -26.56
C LEU B 403 19.02 2.11 -25.77
N PRO B 404 19.44 3.36 -26.02
CA PRO B 404 20.46 3.98 -25.18
C PRO B 404 20.01 4.00 -23.72
N GLU B 405 20.92 3.61 -22.83
CA GLU B 405 20.58 3.50 -21.41
C GLU B 405 20.10 4.83 -20.84
N SER B 406 20.74 5.93 -21.26
CA SER B 406 20.34 7.24 -20.77
C SER B 406 18.94 7.62 -21.23
N GLY B 407 18.56 7.24 -22.45
CA GLY B 407 17.31 7.72 -23.00
C GLY B 407 17.41 9.11 -23.59
N PHE B 408 18.63 9.58 -23.85
CA PHE B 408 18.93 10.94 -24.33
C PHE B 408 18.35 11.99 -23.38
N VAL B 409 18.98 12.10 -22.21
CA VAL B 409 18.62 13.12 -21.25
C VAL B 409 19.09 14.48 -21.77
N MET B 410 18.21 15.48 -21.69
CA MET B 410 18.50 16.83 -22.18
C MET B 410 18.35 17.83 -21.06
N SER B 411 19.19 18.87 -21.07
CA SER B 411 19.14 19.92 -20.07
C SER B 411 19.42 21.26 -20.73
N GLY B 412 19.20 22.33 -19.97
CA GLY B 412 19.41 23.67 -20.51
C GLY B 412 18.54 23.99 -21.71
N ILE B 413 17.31 23.49 -21.71
CA ILE B 413 16.44 23.64 -22.87
C ILE B 413 15.94 25.08 -22.96
N ARG B 414 16.12 25.69 -24.13
CA ARG B 414 15.70 27.05 -24.39
C ARG B 414 15.05 27.11 -25.77
N ARG B 415 13.98 27.89 -25.89
CA ARG B 415 13.39 28.11 -27.19
C ARG B 415 14.28 29.00 -28.04
N LYS B 416 14.28 28.76 -29.34
CA LYS B 416 15.11 29.52 -30.27
C LYS B 416 14.46 30.84 -30.65
N GLU C 3 -21.62 49.77 27.45
CA GLU C 3 -21.20 51.12 27.15
C GLU C 3 -21.98 51.68 25.95
N GLN C 4 -23.24 51.24 25.83
CA GLN C 4 -24.15 51.54 24.73
C GLN C 4 -23.69 50.94 23.41
N ILE C 5 -22.63 50.15 23.40
CA ILE C 5 -22.21 49.41 22.21
C ILE C 5 -22.96 48.08 22.21
N PRO C 6 -23.62 47.72 21.11
CA PRO C 6 -24.38 46.46 21.09
C PRO C 6 -23.50 45.28 21.44
N HIS C 7 -24.08 44.35 22.21
CA HIS C 7 -23.34 43.21 22.74
C HIS C 7 -24.10 41.93 22.42
N ASP C 8 -23.53 41.10 21.53
CA ASP C 8 -24.04 39.77 21.30
C ASP C 8 -23.52 38.87 22.42
N LYS C 9 -24.42 38.45 23.31
CA LYS C 9 -24.05 37.69 24.49
C LYS C 9 -24.22 36.19 24.32
N SER C 10 -24.39 35.73 23.08
CA SER C 10 -24.47 34.29 22.84
C SER C 10 -23.14 33.62 23.19
N LEU C 11 -23.23 32.39 23.69
CA LEU C 11 -22.06 31.66 24.17
C LEU C 11 -21.50 30.69 23.14
N ASP C 12 -22.09 30.60 21.96
CA ASP C 12 -21.61 29.74 20.89
C ASP C 12 -21.36 30.55 19.62
N ASN C 13 -20.83 31.76 19.78
CA ASN C 13 -20.66 32.65 18.63
C ASN C 13 -19.58 32.15 17.68
N SER C 14 -18.54 31.49 18.20
CA SER C 14 -17.54 30.91 17.31
C SER C 14 -18.15 29.78 16.47
N LEU C 15 -19.04 29.00 17.08
CA LEU C 15 -19.76 27.98 16.31
C LEU C 15 -20.71 28.62 15.32
N THR C 16 -21.33 29.74 15.71
CA THR C 16 -22.20 30.47 14.78
C THR C 16 -21.38 31.11 13.66
N LEU C 17 -20.17 31.57 13.98
CA LEU C 17 -19.28 32.09 12.94
C LEU C 17 -18.96 31.02 11.91
N LEU C 18 -18.88 29.75 12.32
CA LEU C 18 -18.67 28.67 11.36
C LEU C 18 -19.93 28.42 10.53
N LYS C 19 -21.11 28.65 11.11
CA LYS C 19 -22.35 28.42 10.37
C LYS C 19 -22.63 29.51 9.35
N GLU C 20 -22.19 30.75 9.62
CA GLU C 20 -22.53 31.88 8.78
C GLU C 20 -21.35 32.42 7.97
N GLY C 21 -20.13 32.17 8.40
CA GLY C 21 -18.96 32.45 7.57
C GLY C 21 -18.80 33.93 7.25
N TYR C 22 -18.83 34.25 5.96
CA TYR C 22 -18.55 35.61 5.51
C TYR C 22 -19.61 36.61 5.93
N LEU C 23 -20.77 36.14 6.36
CA LEU C 23 -21.88 37.01 6.70
C LEU C 23 -22.07 37.18 8.20
N PHE C 24 -21.20 36.59 9.03
CA PHE C 24 -21.40 36.65 10.48
C PHE C 24 -21.37 38.08 10.99
N ILE C 25 -20.37 38.86 10.59
CA ILE C 25 -20.28 40.23 11.06
C ILE C 25 -21.33 41.10 10.38
N LYS C 26 -21.58 40.88 9.09
CA LYS C 26 -22.57 41.68 8.38
C LYS C 26 -23.97 41.44 8.93
N ASN C 27 -24.31 40.19 9.25
CA ASN C 27 -25.62 39.89 9.80
C ASN C 27 -25.86 40.63 11.11
N ARG C 28 -24.81 40.77 11.94
CA ARG C 28 -24.97 41.40 13.24
C ARG C 28 -24.86 42.92 13.16
N THR C 29 -24.03 43.46 12.27
CA THR C 29 -24.00 44.90 12.09
C THR C 29 -25.32 45.41 11.51
N GLU C 30 -25.98 44.60 10.68
CA GLU C 30 -27.32 44.97 10.22
C GLU C 30 -28.35 44.82 11.33
N ARG C 31 -28.25 43.75 12.12
CA ARG C 31 -29.22 43.51 13.18
C ARG C 31 -29.16 44.59 14.25
N TYR C 32 -27.96 45.06 14.57
CA TYR C 32 -27.76 45.98 15.69
C TYR C 32 -27.76 47.45 15.27
N ASN C 33 -27.86 47.73 13.97
CA ASN C 33 -27.80 49.11 13.47
C ASN C 33 -26.55 49.82 13.99
N SER C 34 -25.41 49.17 13.83
CA SER C 34 -24.15 49.68 14.35
C SER C 34 -23.02 49.14 13.49
N ASP C 35 -22.00 49.98 13.29
CA ASP C 35 -20.79 49.54 12.60
C ASP C 35 -19.89 48.70 13.49
N LEU C 36 -20.26 48.49 14.75
CA LEU C 36 -19.43 47.74 15.68
C LEU C 36 -20.31 47.11 16.75
N PHE C 37 -19.93 45.91 17.18
CA PHE C 37 -20.65 45.21 18.24
C PHE C 37 -19.68 44.32 19.01
N GLN C 38 -20.02 44.05 20.26
CA GLN C 38 -19.21 43.18 21.11
C GLN C 38 -19.69 41.74 21.01
N ALA C 39 -18.73 40.82 21.06
CA ALA C 39 -19.04 39.39 21.04
C ALA C 39 -17.80 38.62 21.46
N ARG C 40 -18.02 37.50 22.15
CA ARG C 40 -16.94 36.59 22.49
C ARG C 40 -16.70 35.66 21.30
N LEU C 41 -15.51 35.75 20.72
CA LEU C 41 -15.19 35.00 19.50
C LEU C 41 -13.78 34.45 19.61
N LEU C 42 -13.62 33.18 19.24
CA LEU C 42 -12.32 32.52 19.23
C LEU C 42 -11.65 32.62 20.60
N GLY C 43 -12.44 32.35 21.65
CA GLY C 43 -11.93 32.36 23.01
C GLY C 43 -11.55 33.71 23.55
N LYS C 44 -11.91 34.80 22.88
CA LYS C 44 -11.55 36.14 23.30
C LYS C 44 -12.76 37.05 23.28
N ASN C 45 -12.80 37.98 24.23
CA ASN C 45 -13.80 39.05 24.20
C ASN C 45 -13.41 40.05 23.12
N ALA C 46 -14.24 40.16 22.08
CA ALA C 46 -13.85 40.86 20.87
C ALA C 46 -14.85 41.95 20.53
N ILE C 47 -14.40 42.85 19.64
CA ILE C 47 -15.26 43.86 19.01
C ILE C 47 -15.11 43.70 17.51
N CYS C 48 -16.22 43.40 16.84
CA CYS C 48 -16.24 43.33 15.38
C CYS C 48 -16.69 44.67 14.83
N MET C 49 -16.03 45.13 13.76
CA MET C 49 -16.43 46.36 13.10
C MET C 49 -16.40 46.19 11.60
N THR C 50 -17.03 47.13 10.91
CA THR C 50 -17.16 47.10 9.46
C THR C 50 -17.20 48.53 8.95
N GLY C 51 -16.82 48.69 7.69
CA GLY C 51 -16.87 49.98 7.02
C GLY C 51 -15.48 50.56 6.79
N ALA C 52 -15.47 51.58 5.93
CA ALA C 52 -14.20 52.20 5.54
C ALA C 52 -13.57 52.97 6.69
N GLU C 53 -14.39 53.67 7.48
CA GLU C 53 -13.85 54.43 8.61
C GLU C 53 -13.29 53.50 9.66
N ALA C 54 -13.92 52.34 9.88
CA ALA C 54 -13.38 51.35 10.80
C ALA C 54 -12.06 50.79 10.28
N ALA C 55 -11.95 50.61 8.95
CA ALA C 55 -10.71 50.12 8.38
C ALA C 55 -9.58 51.10 8.60
N LYS C 56 -9.87 52.40 8.53
CA LYS C 56 -8.84 53.41 8.80
C LYS C 56 -8.30 53.28 10.21
N VAL C 57 -9.18 53.09 11.19
CA VAL C 57 -8.73 52.95 12.57
C VAL C 57 -7.99 51.63 12.76
N PHE C 58 -8.45 50.58 12.08
CA PHE C 58 -7.84 49.26 12.22
C PHE C 58 -6.38 49.28 11.77
N TYR C 59 -6.03 50.14 10.81
CA TYR C 59 -4.68 50.21 10.27
C TYR C 59 -3.86 51.32 10.92
N ASP C 60 -4.33 51.87 12.04
CA ASP C 60 -3.53 52.78 12.86
C ASP C 60 -2.61 51.93 13.71
N THR C 61 -1.33 51.86 13.31
CA THR C 61 -0.38 50.99 14.01
C THR C 61 -0.08 51.46 15.42
N ASP C 62 -0.39 52.72 15.74
CA ASP C 62 -0.29 53.18 17.12
C ASP C 62 -1.44 52.70 17.98
N ARG C 63 -2.58 52.37 17.38
CA ARG C 63 -3.75 51.92 18.12
C ARG C 63 -4.01 50.43 17.98
N PHE C 64 -3.28 49.73 17.10
CA PHE C 64 -3.54 48.32 16.85
C PHE C 64 -2.24 47.57 16.59
N GLN C 65 -2.11 46.40 17.21
CA GLN C 65 -1.00 45.49 16.99
C GLN C 65 -1.52 44.17 16.44
N ARG C 66 -0.62 43.42 15.80
CA ARG C 66 -0.98 42.12 15.24
C ARG C 66 -0.42 40.94 16.02
N GLN C 67 0.49 41.16 16.96
CA GLN C 67 1.03 40.06 17.74
C GLN C 67 -0.04 39.53 18.69
N ASN C 68 -0.20 38.20 18.72
CA ASN C 68 -1.16 37.49 19.55
C ASN C 68 -2.61 37.81 19.19
N ALA C 69 -2.84 38.27 17.95
CA ALA C 69 -4.19 38.66 17.55
C ALA C 69 -5.05 37.46 17.18
N LEU C 70 -4.51 36.55 16.38
CA LEU C 70 -5.27 35.41 15.89
C LEU C 70 -4.87 34.13 16.61
N PRO C 71 -5.77 33.15 16.70
CA PRO C 71 -5.40 31.88 17.35
C PRO C 71 -4.26 31.20 16.62
N LYS C 72 -3.54 30.34 17.36
CA LYS C 72 -2.40 29.64 16.80
C LYS C 72 -2.78 28.74 15.63
N ARG C 73 -4.05 28.36 15.53
CA ARG C 73 -4.50 27.47 14.46
C ARG C 73 -4.23 28.07 13.08
N VAL C 74 -4.24 29.39 12.97
CA VAL C 74 -4.02 30.03 11.67
C VAL C 74 -2.54 30.00 11.30
N GLN C 75 -1.66 30.24 12.28
CA GLN C 75 -0.23 30.13 12.03
C GLN C 75 0.15 28.70 11.67
N LYS C 76 -0.41 27.73 12.38
CA LYS C 76 -0.07 26.32 12.15
C LYS C 76 -0.67 25.77 10.87
N SER C 77 -1.41 26.58 10.12
CA SER C 77 -1.97 26.12 8.85
C SER C 77 -1.64 27.09 7.72
N LEU C 78 -2.18 28.31 7.79
CA LEU C 78 -2.08 29.23 6.66
C LEU C 78 -0.76 29.98 6.63
N PHE C 79 -0.41 30.65 7.74
CA PHE C 79 0.61 31.68 7.72
C PHE C 79 2.01 31.18 8.07
N GLY C 80 2.12 30.24 8.98
CA GLY C 80 3.42 29.93 9.56
C GLY C 80 3.59 30.61 10.90
N VAL C 81 4.28 29.94 11.81
CA VAL C 81 4.42 30.42 13.18
C VAL C 81 5.40 31.58 13.23
N ASN C 82 4.99 32.66 13.87
CA ASN C 82 5.86 33.82 14.14
C ASN C 82 6.41 34.44 12.85
N ALA C 83 5.57 34.51 11.84
CA ALA C 83 5.95 35.08 10.55
C ALA C 83 5.52 36.55 10.48
N ILE C 84 5.56 37.11 9.28
CA ILE C 84 5.35 38.55 9.11
C ILE C 84 3.95 38.98 9.53
N GLN C 85 2.98 38.07 9.46
CA GLN C 85 1.61 38.45 9.76
C GLN C 85 1.44 38.85 11.21
N GLY C 86 2.25 38.31 12.11
CA GLY C 86 2.18 38.60 13.52
C GLY C 86 3.23 39.55 14.04
N MET C 87 3.99 40.21 13.18
CA MET C 87 5.00 41.16 13.63
C MET C 87 4.45 42.59 13.64
N ASP C 88 5.10 43.43 14.43
CA ASP C 88 4.74 44.84 14.54
C ASP C 88 6.01 45.68 14.52
N GLY C 89 5.83 46.99 14.38
CA GLY C 89 6.93 47.91 14.53
C GLY C 89 7.94 47.89 13.39
N SER C 90 9.13 48.43 13.68
CA SER C 90 10.17 48.56 12.66
C SER C 90 10.64 47.21 12.15
N ALA C 91 10.55 46.16 12.97
CA ALA C 91 10.92 44.84 12.50
C ALA C 91 9.93 44.31 11.46
N HIS C 92 8.65 44.66 11.60
CA HIS C 92 7.68 44.26 10.58
C HIS C 92 7.92 45.02 9.28
N ILE C 93 8.15 46.33 9.37
CA ILE C 93 8.39 47.14 8.19
C ILE C 93 9.63 46.65 7.45
N HIS C 94 10.68 46.29 8.19
CA HIS C 94 11.91 45.81 7.57
C HIS C 94 11.66 44.56 6.76
N ARG C 95 10.93 43.58 7.34
CA ARG C 95 10.64 42.37 6.59
C ARG C 95 9.59 42.59 5.51
N LYS C 96 8.69 43.57 5.71
CA LYS C 96 7.71 43.88 4.68
C LYS C 96 8.39 44.42 3.43
N MET C 97 9.47 45.19 3.60
CA MET C 97 10.21 45.70 2.45
C MET C 97 10.79 44.56 1.62
N LEU C 98 11.20 43.47 2.28
CA LEU C 98 11.69 42.30 1.55
C LEU C 98 10.60 41.72 0.66
N PHE C 99 9.39 41.55 1.21
CA PHE C 99 8.28 41.03 0.42
C PHE C 99 7.93 41.97 -0.73
N LEU C 100 7.92 43.28 -0.45
CA LEU C 100 7.53 44.24 -1.48
C LEU C 100 8.54 44.31 -2.61
N SER C 101 9.82 44.04 -2.33
CA SER C 101 10.84 44.09 -3.38
C SER C 101 10.68 42.98 -4.40
N LEU C 102 10.00 41.90 -4.04
CA LEU C 102 9.78 40.78 -4.95
C LEU C 102 8.43 40.85 -5.65
N MET C 103 7.66 41.92 -5.45
CA MET C 103 6.31 42.01 -6.00
C MET C 103 6.09 43.34 -6.72
N THR C 104 7.17 44.01 -7.15
CA THR C 104 7.10 45.23 -7.92
C THR C 104 6.51 44.95 -9.30
N PRO C 105 6.15 45.98 -10.06
CA PRO C 105 5.57 45.77 -11.40
C PRO C 105 6.40 44.84 -12.28
N PRO C 106 7.73 44.95 -12.31
CA PRO C 106 8.49 44.00 -13.14
C PRO C 106 8.26 42.55 -12.78
N HIS C 107 8.11 42.24 -11.48
CA HIS C 107 7.76 40.88 -11.09
C HIS C 107 6.33 40.54 -11.47
N GLN C 108 5.45 41.55 -11.47
CA GLN C 108 4.05 41.31 -11.85
C GLN C 108 3.94 40.91 -13.31
N LYS C 109 4.64 41.63 -14.21
CA LYS C 109 4.57 41.31 -15.62
C LYS C 109 5.20 39.95 -15.92
N ARG C 110 6.36 39.67 -15.32
CA ARG C 110 7.03 38.39 -15.55
C ARG C 110 6.15 37.22 -15.15
N LEU C 111 5.53 37.30 -13.97
CA LEU C 111 4.63 36.23 -13.54
C LEU C 111 3.42 36.14 -14.45
N ALA C 112 2.86 37.29 -14.84
CA ALA C 112 1.69 37.27 -15.71
C ALA C 112 2.03 36.70 -17.07
N GLU C 113 3.17 37.08 -17.64
CA GLU C 113 3.54 36.58 -18.95
C GLU C 113 3.95 35.10 -18.90
N LEU C 114 4.51 34.66 -17.77
CA LEU C 114 4.76 33.23 -17.58
C LEU C 114 3.45 32.45 -17.56
N MET C 115 2.41 33.03 -16.96
CA MET C 115 1.11 32.38 -16.94
C MET C 115 0.51 32.31 -18.34
N THR C 116 0.67 33.38 -19.12
CA THR C 116 0.15 33.39 -20.49
C THR C 116 0.75 32.25 -21.31
N GLU C 117 2.07 32.04 -21.20
CA GLU C 117 2.70 30.96 -21.94
C GLU C 117 2.17 29.60 -21.51
N GLU C 118 1.96 29.40 -20.21
CA GLU C 118 1.47 28.10 -19.74
C GLU C 118 0.04 27.86 -20.16
N TRP C 119 -0.80 28.91 -20.14
CA TRP C 119 -2.18 28.76 -20.59
C TRP C 119 -2.23 28.33 -22.06
N LYS C 120 -1.49 29.03 -22.92
CA LYS C 120 -1.51 28.72 -24.35
C LYS C 120 -0.98 27.31 -24.62
N ALA C 121 0.01 26.87 -23.85
CA ALA C 121 0.56 25.53 -24.05
C ALA C 121 -0.41 24.45 -23.60
N ALA C 122 -1.25 24.74 -22.61
CA ALA C 122 -2.19 23.74 -22.11
C ALA C 122 -3.32 23.45 -23.10
N VAL C 123 -3.51 24.31 -24.11
CA VAL C 123 -4.62 24.13 -25.04
C VAL C 123 -4.48 22.82 -25.81
N THR C 124 -3.25 22.50 -26.25
CA THR C 124 -3.02 21.26 -26.97
C THR C 124 -3.50 20.05 -26.18
N ARG C 125 -3.30 20.09 -24.86
CA ARG C 125 -3.75 19.00 -24.00
C ARG C 125 -5.25 19.10 -23.70
N TRP C 126 -5.74 20.32 -23.48
CA TRP C 126 -7.16 20.50 -23.20
C TRP C 126 -8.04 20.07 -24.37
N GLU C 127 -7.56 20.27 -25.60
CA GLU C 127 -8.32 19.87 -26.78
C GLU C 127 -8.49 18.35 -26.87
N LYS C 128 -7.60 17.59 -26.25
CA LYS C 128 -7.65 16.13 -26.30
C LYS C 128 -8.36 15.52 -25.11
N ALA C 129 -8.76 16.32 -24.13
CA ALA C 129 -9.47 15.84 -22.96
C ALA C 129 -10.96 16.07 -23.10
N ASP C 130 -11.74 15.24 -22.41
CA ASP C 130 -13.19 15.46 -22.35
C ASP C 130 -13.50 16.63 -21.41
N GLU C 131 -12.98 16.59 -20.20
CA GLU C 131 -13.29 17.60 -19.19
C GLU C 131 -12.00 18.13 -18.58
N VAL C 132 -12.04 19.40 -18.19
CA VAL C 132 -10.92 20.07 -17.53
C VAL C 132 -11.48 20.85 -16.35
N VAL C 133 -10.90 20.64 -15.17
CA VAL C 133 -11.28 21.35 -13.97
C VAL C 133 -10.34 22.54 -13.83
N LEU C 134 -10.89 23.75 -14.02
CA LEU C 134 -10.06 24.95 -14.04
C LEU C 134 -9.29 25.12 -12.74
N PHE C 135 -9.93 24.81 -11.60
CA PHE C 135 -9.24 24.94 -10.32
C PHE C 135 -8.02 24.03 -10.26
N GLU C 136 -8.15 22.78 -10.73
CA GLU C 136 -7.03 21.84 -10.69
C GLU C 136 -5.93 22.27 -11.65
N GLU C 137 -6.29 22.73 -12.85
CA GLU C 137 -5.29 23.18 -13.80
C GLU C 137 -4.56 24.42 -13.30
N ALA C 138 -5.29 25.35 -12.69
CA ALA C 138 -4.69 26.59 -12.24
C ALA C 138 -3.68 26.35 -11.12
N LYS C 139 -4.00 25.46 -10.17
CA LYS C 139 -3.13 25.25 -9.02
C LYS C 139 -1.78 24.66 -9.44
N GLU C 140 -1.77 23.81 -10.48
CA GLU C 140 -0.51 23.22 -10.90
C GLU C 140 0.29 24.20 -11.76
N ILE C 141 -0.37 24.95 -12.64
CA ILE C 141 0.32 25.96 -13.42
C ILE C 141 0.90 27.04 -12.51
N LEU C 142 0.09 27.55 -11.58
CA LEU C 142 0.56 28.58 -10.66
C LEU C 142 1.72 28.07 -9.81
N CYS C 143 1.66 26.81 -9.38
CA CYS C 143 2.76 26.25 -8.60
C CYS C 143 4.03 26.17 -9.45
N ARG C 144 3.91 25.68 -10.68
CA ARG C 144 5.07 25.60 -11.56
C ARG C 144 5.63 26.98 -11.87
N VAL C 145 4.74 27.94 -12.14
CA VAL C 145 5.19 29.30 -12.47
C VAL C 145 5.84 29.95 -11.24
N ALA C 146 5.22 29.81 -10.07
CA ALA C 146 5.75 30.45 -8.87
C ALA C 146 7.13 29.90 -8.52
N CYS C 147 7.31 28.58 -8.64
CA CYS C 147 8.60 27.99 -8.29
C CYS C 147 9.68 28.38 -9.30
N TYR C 148 9.35 28.35 -10.59
CA TYR C 148 10.30 28.78 -11.61
C TYR C 148 10.70 30.24 -11.41
N TRP C 149 9.72 31.11 -11.20
CA TRP C 149 10.00 32.54 -11.03
C TRP C 149 10.77 32.80 -9.74
N ALA C 150 10.52 32.02 -8.69
CA ALA C 150 11.23 32.20 -7.42
C ALA C 150 12.61 31.54 -7.42
N GLY C 151 12.91 30.71 -8.41
CA GLY C 151 14.15 29.95 -8.39
C GLY C 151 14.10 28.68 -7.57
N VAL C 152 12.90 28.23 -7.20
CA VAL C 152 12.73 27.02 -6.39
C VAL C 152 12.67 25.84 -7.34
N PRO C 153 13.59 24.88 -7.24
CA PRO C 153 13.53 23.71 -8.13
C PRO C 153 12.27 22.90 -7.88
N LEU C 154 11.66 22.43 -8.97
CA LEU C 154 10.40 21.70 -8.88
C LEU C 154 10.39 20.64 -9.97
N LYS C 155 10.51 19.38 -9.58
CA LYS C 155 10.42 18.29 -10.54
C LYS C 155 8.97 18.08 -10.97
N GLU C 156 8.81 17.60 -12.21
CA GLU C 156 7.46 17.39 -12.73
C GLU C 156 6.69 16.31 -11.99
N THR C 157 7.39 15.37 -11.37
CA THR C 157 6.74 14.31 -10.61
C THR C 157 6.29 14.75 -9.23
N GLU C 158 6.61 15.98 -8.82
CA GLU C 158 6.19 16.49 -7.53
C GLU C 158 5.29 17.72 -7.63
N VAL C 159 4.94 18.15 -8.84
CA VAL C 159 4.14 19.37 -9.01
C VAL C 159 2.79 19.21 -8.33
N LYS C 160 2.09 18.12 -8.59
CA LYS C 160 0.76 17.93 -8.05
C LYS C 160 0.78 17.87 -6.52
N GLU C 161 1.79 17.19 -5.96
CA GLU C 161 1.88 17.10 -4.50
C GLU C 161 2.17 18.45 -3.87
N ARG C 162 3.12 19.21 -4.44
CA ARG C 162 3.46 20.51 -3.87
C ARG C 162 2.32 21.51 -4.05
N ALA C 163 1.62 21.46 -5.19
CA ALA C 163 0.47 22.34 -5.38
C ALA C 163 -0.67 21.96 -4.44
N ASP C 164 -0.89 20.66 -4.24
CA ASP C 164 -1.94 20.23 -3.31
C ASP C 164 -1.61 20.63 -1.88
N ASP C 165 -0.34 20.60 -1.51
CA ASP C 165 0.05 21.00 -0.16
C ASP C 165 -0.19 22.49 0.07
N PHE C 166 0.11 23.31 -0.93
CA PHE C 166 -0.14 24.75 -0.81
C PHE C 166 -1.62 25.03 -0.63
N ILE C 167 -2.47 24.37 -1.43
CA ILE C 167 -3.91 24.61 -1.38
C ILE C 167 -4.48 24.09 -0.08
N ASP C 168 -3.98 22.95 0.41
CA ASP C 168 -4.45 22.42 1.69
C ASP C 168 -4.24 23.41 2.81
N MET C 169 -3.11 24.13 2.79
CA MET C 169 -2.87 25.17 3.80
C MET C 169 -3.89 26.29 3.68
N VAL C 170 -4.21 26.71 2.45
CA VAL C 170 -5.16 27.81 2.26
C VAL C 170 -6.56 27.36 2.60
N ASP C 171 -7.00 26.22 2.06
CA ASP C 171 -8.36 25.75 2.26
C ASP C 171 -8.66 25.43 3.72
N ALA C 172 -7.67 25.50 4.61
CA ALA C 172 -7.83 25.12 6.00
C ALA C 172 -7.95 26.29 6.96
N PHE C 173 -7.77 27.53 6.50
CA PHE C 173 -7.61 28.64 7.44
C PHE C 173 -8.90 28.98 8.18
N GLY C 174 -10.06 28.63 7.65
CA GLY C 174 -11.30 28.93 8.34
C GLY C 174 -12.12 27.69 8.61
N ALA C 175 -11.45 26.54 8.73
CA ALA C 175 -12.12 25.25 8.86
C ALA C 175 -11.86 24.64 10.22
N VAL C 176 -12.66 23.62 10.54
CA VAL C 176 -12.45 22.75 11.68
C VAL C 176 -12.52 21.32 11.19
N GLY C 177 -11.93 20.41 11.97
CA GLY C 177 -11.94 19.01 11.62
C GLY C 177 -11.02 18.69 10.46
N PRO C 178 -11.41 17.71 9.64
CA PRO C 178 -10.50 17.19 8.61
C PRO C 178 -9.98 18.24 7.63
N ARG C 179 -10.83 19.18 7.22
CA ARG C 179 -10.39 20.20 6.28
C ARG C 179 -9.29 21.06 6.87
N HIS C 180 -9.37 21.35 8.17
CA HIS C 180 -8.31 22.10 8.83
C HIS C 180 -7.06 21.25 9.02
N TRP C 181 -7.24 19.97 9.36
CA TRP C 181 -6.11 19.11 9.64
C TRP C 181 -5.25 18.84 8.41
N LYS C 182 -5.82 18.94 7.21
CA LYS C 182 -5.02 18.75 6.01
C LYS C 182 -3.99 19.87 5.85
N GLY C 183 -4.37 21.10 6.20
CA GLY C 183 -3.41 22.18 6.19
C GLY C 183 -2.38 22.07 7.30
N ARG C 184 -2.81 21.57 8.46
CA ARG C 184 -1.87 21.31 9.55
C ARG C 184 -0.88 20.23 9.20
N ARG C 185 -1.28 19.27 8.35
CA ARG C 185 -0.35 18.24 7.89
C ARG C 185 0.53 18.75 6.76
N ALA C 186 -0.02 19.60 5.89
CA ALA C 186 0.73 20.03 4.72
C ALA C 186 1.83 21.01 5.07
N ARG C 187 1.62 21.86 6.08
CA ARG C 187 2.60 22.89 6.41
C ARG C 187 3.97 22.32 6.78
N PRO C 188 4.10 21.31 7.65
CA PRO C 188 5.44 20.78 7.92
C PRO C 188 6.11 20.16 6.72
N ARG C 189 5.34 19.54 5.82
CA ARG C 189 5.91 18.99 4.61
C ARG C 189 6.51 20.08 3.73
N ALA C 190 5.77 21.18 3.56
CA ALA C 190 6.27 22.27 2.73
C ALA C 190 7.45 22.98 3.39
N GLU C 191 7.37 23.21 4.70
CA GLU C 191 8.44 23.92 5.40
C GLU C 191 9.75 23.13 5.36
N GLU C 192 9.68 21.82 5.58
CA GLU C 192 10.87 20.98 5.49
C GLU C 192 11.43 20.98 4.07
N TRP C 193 10.54 20.94 3.07
CA TRP C 193 10.97 20.87 1.67
C TRP C 193 11.70 22.13 1.25
N ILE C 194 11.32 23.29 1.81
CA ILE C 194 11.95 24.55 1.43
C ILE C 194 13.16 24.86 2.30
N GLU C 195 13.13 24.50 3.58
CA GLU C 195 14.27 24.78 4.46
C GLU C 195 15.53 24.07 3.96
N VAL C 196 15.36 22.87 3.39
CA VAL C 196 16.50 22.18 2.80
C VAL C 196 17.13 23.03 1.71
N MET C 197 16.31 23.73 0.92
CA MET C 197 16.83 24.62 -0.10
C MET C 197 17.54 25.82 0.52
N ILE C 198 16.96 26.39 1.57
CA ILE C 198 17.62 27.49 2.29
C ILE C 198 18.99 27.03 2.79
N GLU C 199 19.03 25.87 3.44
CA GLU C 199 20.28 25.38 4.00
C GLU C 199 21.31 25.10 2.91
N ASP C 200 20.87 24.49 1.80
CA ASP C 200 21.79 24.20 0.70
C ASP C 200 22.26 25.48 0.02
N ALA C 201 21.38 26.48 -0.07
CA ALA C 201 21.78 27.75 -0.68
C ALA C 201 22.85 28.45 0.14
N ARG C 202 22.72 28.43 1.46
CA ARG C 202 23.69 29.10 2.32
C ARG C 202 25.03 28.37 2.34
N ALA C 203 25.05 27.08 2.02
CA ALA C 203 26.29 26.35 1.87
C ALA C 203 26.84 26.38 0.45
N GLY C 204 26.19 27.14 -0.45
CA GLY C 204 26.60 27.18 -1.83
C GLY C 204 26.32 25.93 -2.62
N LEU C 205 25.60 24.98 -2.04
CA LEU C 205 25.33 23.70 -2.69
C LEU C 205 24.07 23.73 -3.56
N LEU C 206 23.37 24.86 -3.59
CA LEU C 206 22.22 25.04 -4.46
C LEU C 206 22.35 26.40 -5.16
N LYS C 207 22.28 26.39 -6.48
CA LYS C 207 22.43 27.62 -7.24
C LYS C 207 21.26 28.55 -6.99
N THR C 208 21.56 29.81 -6.67
CA THR C 208 20.55 30.84 -6.50
C THR C 208 20.92 32.06 -7.34
N THR C 209 19.89 32.81 -7.74
CA THR C 209 20.04 33.98 -8.59
C THR C 209 19.57 35.21 -7.83
N SER C 210 20.42 36.23 -7.74
CA SER C 210 20.06 37.46 -7.05
C SER C 210 18.81 38.06 -7.68
N GLY C 211 17.94 38.62 -6.83
CA GLY C 211 16.69 39.18 -7.27
C GLY C 211 15.51 38.23 -7.25
N THR C 212 15.76 36.92 -7.11
CA THR C 212 14.68 35.95 -7.03
C THR C 212 14.31 35.70 -5.57
N ALA C 213 13.10 35.15 -5.39
CA ALA C 213 12.54 35.04 -4.04
C ALA C 213 13.37 34.11 -3.16
N LEU C 214 13.80 32.97 -3.70
CA LEU C 214 14.59 32.04 -2.90
C LEU C 214 15.91 32.65 -2.45
N HIS C 215 16.58 33.36 -3.36
CA HIS C 215 17.85 33.99 -3.00
C HIS C 215 17.63 35.10 -1.97
N GLU C 216 16.62 35.95 -2.18
CA GLU C 216 16.41 37.08 -1.28
C GLU C 216 15.97 36.63 0.11
N MET C 217 15.21 35.53 0.20
CA MET C 217 14.81 35.04 1.52
C MET C 217 15.96 34.33 2.23
N ALA C 218 16.79 33.62 1.48
CA ALA C 218 17.88 32.88 2.11
C ALA C 218 18.98 33.80 2.62
N PHE C 219 19.18 34.94 1.96
CA PHE C 219 20.27 35.85 2.32
C PHE C 219 19.76 37.20 2.82
N HIS C 220 18.49 37.30 3.16
CA HIS C 220 17.97 38.50 3.80
C HIS C 220 18.59 38.66 5.18
N THR C 221 18.90 39.91 5.54
CA THR C 221 19.41 40.24 6.87
C THR C 221 18.43 41.16 7.57
N GLN C 222 18.27 40.96 8.87
CA GLN C 222 17.32 41.73 9.66
C GLN C 222 17.96 43.06 10.05
N GLU C 223 17.30 43.80 10.95
CA GLU C 223 17.83 45.11 11.35
C GLU C 223 19.17 44.98 12.06
N ASP C 224 19.41 43.86 12.72
CA ASP C 224 20.66 43.63 13.43
C ASP C 224 21.75 43.02 12.54
N GLY C 225 21.50 42.90 11.24
CA GLY C 225 22.45 42.33 10.32
C GLY C 225 22.45 40.82 10.24
N SER C 226 21.73 40.13 11.12
CA SER C 226 21.71 38.68 11.12
C SER C 226 20.71 38.14 10.11
N GLN C 227 21.05 37.00 9.52
CA GLN C 227 20.13 36.31 8.62
C GLN C 227 18.97 35.73 9.42
N LEU C 228 17.86 35.48 8.73
CA LEU C 228 16.75 34.76 9.34
C LEU C 228 17.15 33.31 9.57
N ASP C 229 16.57 32.70 10.61
CA ASP C 229 16.70 31.27 10.79
C ASP C 229 16.20 30.55 9.55
N SER C 230 16.84 29.43 9.22
CA SER C 230 16.54 28.72 7.98
C SER C 230 15.05 28.36 7.89
N ARG C 231 14.44 28.01 9.02
CA ARG C 231 13.01 27.70 9.01
C ARG C 231 12.18 28.95 8.75
N MET C 232 12.53 30.06 9.39
CA MET C 232 11.80 31.30 9.14
C MET C 232 11.99 31.78 7.71
N ALA C 233 13.21 31.66 7.18
CA ALA C 233 13.43 31.96 5.76
C ALA C 233 12.57 31.06 4.88
N ALA C 234 12.43 29.79 5.25
CA ALA C 234 11.56 28.90 4.50
C ALA C 234 10.10 29.30 4.65
N ILE C 235 9.69 29.68 5.86
CA ILE C 235 8.30 30.08 6.09
C ILE C 235 7.95 31.30 5.26
N GLU C 236 8.85 32.27 5.17
CA GLU C 236 8.54 33.49 4.44
C GLU C 236 8.61 33.29 2.93
N LEU C 237 9.43 32.35 2.46
CA LEU C 237 9.35 31.98 1.05
C LEU C 237 8.03 31.26 0.76
N ILE C 238 7.53 30.47 1.72
CA ILE C 238 6.21 29.87 1.59
C ILE C 238 5.14 30.95 1.51
N ASN C 239 5.34 32.07 2.23
CA ASN C 239 4.41 33.19 2.19
C ASN C 239 4.46 33.95 0.87
N VAL C 240 5.29 33.52 -0.07
CA VAL C 240 5.26 33.99 -1.45
C VAL C 240 4.68 32.93 -2.37
N LEU C 241 5.13 31.68 -2.23
CA LEU C 241 4.71 30.61 -3.12
C LEU C 241 3.25 30.24 -2.89
N ARG C 242 2.86 30.06 -1.62
CA ARG C 242 1.49 29.63 -1.32
C ARG C 242 0.44 30.62 -1.81
N PRO C 243 0.51 31.92 -1.51
CA PRO C 243 -0.56 32.82 -1.95
C PRO C 243 -0.60 33.02 -3.46
N ILE C 244 0.51 32.78 -4.17
CA ILE C 244 0.47 32.79 -5.63
C ILE C 244 -0.39 31.64 -6.14
N VAL C 245 -0.21 30.45 -5.55
CA VAL C 245 -1.06 29.32 -5.92
C VAL C 245 -2.50 29.57 -5.48
N ALA C 246 -2.70 30.33 -4.40
CA ALA C 246 -4.05 30.63 -3.93
C ALA C 246 -4.83 31.52 -4.89
N ILE C 247 -4.17 32.12 -5.88
CA ILE C 247 -4.88 32.86 -6.92
C ILE C 247 -5.85 31.97 -7.66
N SER C 248 -5.68 30.65 -7.59
CA SER C 248 -6.60 29.70 -8.21
C SER C 248 -8.05 29.98 -7.81
N TYR C 249 -8.27 30.36 -6.55
CA TYR C 249 -9.62 30.68 -6.10
C TYR C 249 -10.21 31.81 -6.92
N PHE C 250 -9.48 32.92 -7.06
CA PHE C 250 -9.98 34.07 -7.80
C PHE C 250 -10.12 33.75 -9.29
N LEU C 251 -9.22 32.93 -9.84
CA LEU C 251 -9.31 32.57 -11.25
C LEU C 251 -10.58 31.78 -11.53
N VAL C 252 -10.96 30.88 -10.63
CA VAL C 252 -12.21 30.15 -10.78
C VAL C 252 -13.40 31.10 -10.66
N PHE C 253 -13.31 32.08 -9.73
CA PHE C 253 -14.40 33.03 -9.57
C PHE C 253 -14.54 33.94 -10.79
N SER C 254 -13.44 34.27 -11.45
CA SER C 254 -13.50 35.08 -12.67
C SER C 254 -14.23 34.32 -13.77
N ALA C 255 -13.87 33.05 -13.97
CA ALA C 255 -14.55 32.25 -14.99
C ALA C 255 -16.02 32.04 -14.65
N LEU C 256 -16.35 31.93 -13.36
CA LEU C 256 -17.75 31.85 -12.96
C LEU C 256 -18.49 33.14 -13.31
N ALA C 257 -17.89 34.29 -13.04
CA ALA C 257 -18.52 35.57 -13.34
C ALA C 257 -18.75 35.73 -14.84
N LEU C 258 -17.80 35.28 -15.65
CA LEU C 258 -17.96 35.33 -17.10
C LEU C 258 -19.14 34.47 -17.55
N HIS C 259 -19.27 33.28 -16.98
CA HIS C 259 -20.37 32.39 -17.36
C HIS C 259 -21.71 32.88 -16.82
N GLU C 260 -21.72 33.40 -15.59
CA GLU C 260 -22.97 33.87 -14.99
C GLU C 260 -23.42 35.21 -15.54
N HIS C 261 -22.52 35.97 -16.16
CA HIS C 261 -22.83 37.29 -16.72
C HIS C 261 -22.22 37.38 -18.12
N PRO C 262 -22.82 36.70 -19.09
CA PRO C 262 -22.18 36.57 -20.41
C PRO C 262 -22.09 37.86 -21.21
N LYS C 263 -22.83 38.91 -20.84
CA LYS C 263 -22.78 40.15 -21.60
C LYS C 263 -21.42 40.82 -21.53
N TYR C 264 -20.63 40.53 -20.50
CA TYR C 264 -19.29 41.11 -20.38
C TYR C 264 -18.27 40.41 -21.25
N LYS C 265 -18.61 39.27 -21.84
CA LYS C 265 -17.67 38.54 -22.69
C LYS C 265 -17.33 39.34 -23.93
N GLU C 266 -18.33 39.79 -24.68
CA GLU C 266 -18.08 40.60 -25.86
C GLU C 266 -17.58 41.99 -25.48
N TRP C 267 -18.01 42.51 -24.33
CA TRP C 267 -17.47 43.77 -23.83
C TRP C 267 -15.98 43.65 -23.56
N LEU C 268 -15.54 42.49 -23.05
CA LEU C 268 -14.12 42.25 -22.86
C LEU C 268 -13.42 42.01 -24.19
N ARG C 269 -14.08 41.28 -25.11
CA ARG C 269 -13.47 40.99 -26.40
C ARG C 269 -13.18 42.26 -27.18
N SER C 270 -14.15 43.17 -27.24
CA SER C 270 -13.95 44.43 -27.94
C SER C 270 -13.13 45.43 -27.16
N GLY C 271 -12.93 45.21 -25.86
CA GLY C 271 -12.12 46.09 -25.04
C GLY C 271 -10.67 45.65 -24.96
N ASN C 272 -9.95 46.25 -24.02
CA ASN C 272 -8.55 45.91 -23.81
C ASN C 272 -8.22 45.82 -22.33
N SER C 273 -7.02 46.28 -21.94
CA SER C 273 -6.56 46.11 -20.57
C SER C 273 -7.45 46.82 -19.56
N ARG C 274 -8.02 47.97 -19.95
CA ARG C 274 -8.89 48.71 -19.04
C ARG C 274 -10.09 47.87 -18.61
N GLU C 275 -10.74 47.22 -19.59
CA GLU C 275 -11.93 46.43 -19.29
C GLU C 275 -11.57 45.18 -18.49
N ARG C 276 -10.46 44.52 -18.82
CA ARG C 276 -10.03 43.35 -18.07
C ARG C 276 -9.72 43.71 -16.62
N GLU C 277 -9.11 44.88 -16.41
CA GLU C 277 -8.85 45.33 -15.04
C GLU C 277 -10.14 45.58 -14.29
N MET C 278 -11.11 46.25 -14.93
CA MET C 278 -12.40 46.50 -14.30
C MET C 278 -13.08 45.19 -13.92
N PHE C 279 -13.07 44.22 -14.84
CA PHE C 279 -13.64 42.91 -14.54
C PHE C 279 -12.92 42.25 -13.38
N VAL C 280 -11.58 42.33 -13.36
CA VAL C 280 -10.81 41.67 -12.33
C VAL C 280 -11.04 42.32 -10.97
N GLN C 281 -11.16 43.65 -10.94
CA GLN C 281 -11.40 44.33 -9.67
C GLN C 281 -12.76 43.96 -9.09
N GLU C 282 -13.77 43.81 -9.95
CA GLU C 282 -15.09 43.45 -9.46
C GLU C 282 -15.14 42.01 -8.97
N VAL C 283 -14.34 41.12 -9.57
CA VAL C 283 -14.23 39.76 -9.05
C VAL C 283 -13.67 39.76 -7.64
N ARG C 284 -12.67 40.62 -7.38
CA ARG C 284 -12.07 40.67 -6.05
C ARG C 284 -12.99 41.33 -5.04
N ARG C 285 -13.83 42.27 -5.47
CA ARG C 285 -14.75 42.92 -4.54
C ARG C 285 -15.97 42.05 -4.26
N TYR C 286 -16.53 41.42 -5.30
CA TYR C 286 -17.83 40.77 -5.18
C TYR C 286 -17.73 39.39 -4.57
N TYR C 287 -16.71 38.61 -4.95
CA TYR C 287 -16.70 37.23 -4.49
C TYR C 287 -15.94 37.10 -3.17
N PRO C 288 -16.26 36.10 -2.36
CA PRO C 288 -15.63 35.97 -1.05
C PRO C 288 -14.27 35.28 -1.12
N PHE C 289 -13.35 35.76 -0.29
CA PHE C 289 -12.06 35.10 -0.07
C PHE C 289 -11.61 35.34 1.35
N GLY C 290 -11.15 36.55 1.65
CA GLY C 290 -10.78 36.92 3.00
C GLY C 290 -11.98 37.42 3.78
N PRO C 291 -12.33 36.70 4.85
CA PRO C 291 -13.53 37.08 5.62
C PRO C 291 -13.31 38.29 6.50
N PHE C 292 -12.35 38.21 7.42
CA PHE C 292 -12.08 39.30 8.34
C PHE C 292 -10.62 39.24 8.75
N LEU C 293 -10.13 40.33 9.33
CA LEU C 293 -8.79 40.43 9.86
C LEU C 293 -8.85 40.67 11.36
N GLY C 294 -7.84 40.19 12.08
CA GLY C 294 -7.80 40.29 13.53
C GLY C 294 -6.62 41.11 14.01
N ALA C 295 -6.85 41.91 15.04
CA ALA C 295 -5.80 42.69 15.67
C ALA C 295 -6.09 42.80 17.17
N LEU C 296 -5.14 43.37 17.90
CA LEU C 296 -5.29 43.65 19.32
C LEU C 296 -5.15 45.14 19.56
N VAL C 297 -5.93 45.67 20.50
CA VAL C 297 -5.86 47.08 20.84
C VAL C 297 -4.51 47.34 21.53
N LYS C 298 -3.70 48.22 20.94
CA LYS C 298 -2.37 48.49 21.45
C LYS C 298 -2.42 49.38 22.69
N LYS C 299 -3.19 50.46 22.62
CA LYS C 299 -3.37 51.38 23.73
C LYS C 299 -4.84 51.74 23.83
N ASP C 300 -5.28 52.11 25.03
CA ASP C 300 -6.65 52.57 25.21
C ASP C 300 -6.95 53.75 24.31
N PHE C 301 -8.07 53.70 23.60
CA PHE C 301 -8.52 54.82 22.80
C PHE C 301 -10.03 54.76 22.65
N VAL C 302 -10.59 55.83 22.10
CA VAL C 302 -12.04 55.99 21.95
C VAL C 302 -12.34 56.33 20.50
N TRP C 303 -13.26 55.59 19.89
CA TRP C 303 -13.68 55.85 18.52
C TRP C 303 -15.12 55.40 18.35
N ASN C 304 -15.91 56.23 17.66
CA ASN C 304 -17.32 55.94 17.37
C ASN C 304 -18.08 55.63 18.67
N ASN C 305 -17.83 56.44 19.70
CA ASN C 305 -18.49 56.30 21.00
C ASN C 305 -18.25 54.93 21.61
N CYS C 306 -17.08 54.35 21.37
CA CYS C 306 -16.71 53.07 21.94
C CYS C 306 -15.33 53.17 22.56
N GLU C 307 -15.18 52.61 23.76
CA GLU C 307 -13.91 52.59 24.46
C GLU C 307 -13.15 51.32 24.09
N PHE C 308 -12.06 51.47 23.34
CA PHE C 308 -11.21 50.35 22.97
C PHE C 308 -10.12 50.21 24.03
N LYS C 309 -10.14 49.11 24.77
CA LYS C 309 -9.21 48.89 25.87
C LYS C 309 -8.04 48.04 25.41
N LYS C 310 -6.86 48.34 25.95
CA LYS C 310 -5.63 47.64 25.55
C LYS C 310 -5.78 46.13 25.74
N GLY C 311 -5.41 45.38 24.71
CA GLY C 311 -5.50 43.93 24.73
C GLY C 311 -6.78 43.36 24.15
N THR C 312 -7.77 44.19 23.83
CA THR C 312 -9.03 43.69 23.30
C THR C 312 -8.86 43.23 21.86
N SER C 313 -9.41 42.06 21.55
CA SER C 313 -9.41 41.59 20.17
C SER C 313 -10.41 42.37 19.35
N VAL C 314 -10.01 42.76 18.13
CA VAL C 314 -10.87 43.49 17.22
C VAL C 314 -10.80 42.83 15.85
N LEU C 315 -11.96 42.56 15.25
CA LEU C 315 -12.05 41.97 13.93
C LEU C 315 -12.64 42.99 12.96
N LEU C 316 -11.94 43.20 11.85
CA LEU C 316 -12.40 44.09 10.79
C LEU C 316 -13.03 43.27 9.67
N ASP C 317 -14.25 43.60 9.30
CA ASP C 317 -15.02 42.84 8.32
C ASP C 317 -14.58 43.23 6.92
N LEU C 318 -13.90 42.30 6.23
CA LEU C 318 -13.48 42.55 4.85
C LEU C 318 -14.64 42.38 3.88
N TYR C 319 -15.34 41.24 3.95
CA TYR C 319 -16.44 40.97 3.04
C TYR C 319 -17.54 42.02 3.16
N GLY C 320 -17.90 42.38 4.39
CA GLY C 320 -18.97 43.35 4.57
C GLY C 320 -18.61 44.73 4.07
N THR C 321 -17.37 45.15 4.30
CA THR C 321 -16.93 46.46 3.80
C THR C 321 -16.93 46.48 2.27
N ASN C 322 -16.50 45.39 1.64
CA ASN C 322 -16.51 45.32 0.19
C ASN C 322 -17.93 45.27 -0.38
N HIS C 323 -18.92 44.97 0.46
CA HIS C 323 -20.32 44.96 0.04
C HIS C 323 -21.12 46.02 0.79
N ASP C 324 -20.46 47.12 1.15
CA ASP C 324 -21.11 48.18 1.93
C ASP C 324 -21.90 49.09 0.99
N PRO C 325 -23.22 49.20 1.15
CA PRO C 325 -24.00 50.07 0.25
C PRO C 325 -23.65 51.54 0.35
N ARG C 326 -23.08 51.99 1.49
CA ARG C 326 -22.60 53.36 1.57
C ARG C 326 -21.38 53.60 0.69
N LEU C 327 -20.67 52.53 0.31
CA LEU C 327 -19.48 52.63 -0.52
C LEU C 327 -19.68 52.14 -1.94
N TRP C 328 -20.63 51.24 -2.17
CA TRP C 328 -20.81 50.62 -3.48
C TRP C 328 -22.29 50.56 -3.81
N ASP C 329 -22.67 51.23 -4.91
CA ASP C 329 -24.05 51.20 -5.36
C ASP C 329 -24.40 49.80 -5.86
N HIS C 330 -25.52 49.27 -5.34
CA HIS C 330 -25.94 47.89 -5.59
C HIS C 330 -24.79 46.95 -5.29
N PRO C 331 -24.37 46.84 -4.02
CA PRO C 331 -23.13 46.11 -3.72
C PRO C 331 -23.24 44.61 -3.94
N ASP C 332 -24.44 44.05 -3.95
CA ASP C 332 -24.63 42.62 -4.14
C ASP C 332 -24.80 42.24 -5.60
N GLU C 333 -24.42 43.11 -6.52
CA GLU C 333 -24.49 42.86 -7.95
C GLU C 333 -23.08 42.91 -8.54
N PHE C 334 -22.84 42.06 -9.53
CA PHE C 334 -21.55 42.03 -10.25
C PHE C 334 -21.63 43.07 -11.36
N ARG C 335 -20.96 44.20 -11.15
CA ARG C 335 -21.00 45.31 -12.11
C ARG C 335 -19.58 45.86 -12.28
N PRO C 336 -18.82 45.34 -13.24
CA PRO C 336 -17.46 45.84 -13.47
C PRO C 336 -17.41 47.32 -13.83
N GLU C 337 -18.48 47.88 -14.39
CA GLU C 337 -18.49 49.28 -14.78
C GLU C 337 -18.28 50.21 -13.59
N ARG C 338 -18.50 49.73 -12.36
CA ARG C 338 -18.28 50.55 -11.18
C ARG C 338 -16.82 50.92 -10.96
N PHE C 339 -15.89 50.31 -11.71
CA PHE C 339 -14.47 50.60 -11.58
C PHE C 339 -13.94 51.44 -12.75
N ALA C 340 -14.82 52.11 -13.48
CA ALA C 340 -14.43 52.91 -14.64
C ALA C 340 -13.84 54.22 -14.14
N GLU C 341 -12.51 54.33 -14.22
CA GLU C 341 -11.79 55.55 -13.82
C GLU C 341 -12.14 55.97 -12.40
N ARG C 342 -12.10 55.00 -11.50
CA ARG C 342 -12.49 55.24 -10.11
C ARG C 342 -11.34 55.84 -9.32
N GLU C 343 -11.66 56.87 -8.54
CA GLU C 343 -10.67 57.51 -7.69
C GLU C 343 -10.09 56.52 -6.69
N GLU C 344 -8.76 56.44 -6.64
CA GLU C 344 -8.10 55.47 -5.78
C GLU C 344 -8.41 55.73 -4.31
N ASN C 345 -8.74 54.66 -3.59
CA ASN C 345 -9.03 54.72 -2.16
C ASN C 345 -8.49 53.47 -1.50
N LEU C 346 -7.89 53.63 -0.33
CA LEU C 346 -7.20 52.55 0.36
C LEU C 346 -8.06 51.85 1.40
N PHE C 347 -9.34 52.24 1.55
CA PHE C 347 -10.15 51.68 2.61
C PHE C 347 -11.57 51.28 2.19
N ASP C 348 -12.04 51.68 1.01
CA ASP C 348 -13.36 51.26 0.57
C ASP C 348 -13.33 49.89 -0.08
N MET C 349 -12.19 49.50 -0.65
CA MET C 349 -12.00 48.23 -1.34
C MET C 349 -10.82 47.54 -0.64
N ILE C 350 -11.13 46.52 0.17
CA ILE C 350 -10.08 45.89 0.97
C ILE C 350 -10.13 44.36 0.91
N PRO C 351 -10.30 43.73 -0.26
CA PRO C 351 -10.32 42.25 -0.28
C PRO C 351 -8.97 41.64 0.07
N GLN C 352 -7.88 42.38 -0.07
CA GLN C 352 -6.54 41.95 0.32
C GLN C 352 -5.93 42.95 1.28
N GLY C 353 -6.73 43.47 2.19
CA GLY C 353 -6.27 44.43 3.17
C GLY C 353 -6.50 45.87 2.74
N GLY C 354 -6.26 46.79 3.68
CA GLY C 354 -6.41 48.20 3.43
C GLY C 354 -5.16 48.97 3.85
N GLY C 355 -5.24 50.28 3.69
CA GLY C 355 -4.13 51.13 4.07
C GLY C 355 -2.97 51.03 3.10
N HIS C 356 -1.77 51.35 3.61
CA HIS C 356 -0.54 51.30 2.84
C HIS C 356 0.20 50.01 3.14
N ALA C 357 0.60 49.29 2.09
CA ALA C 357 1.35 48.06 2.27
C ALA C 357 2.75 48.28 2.83
N GLU C 358 3.31 49.47 2.64
CA GLU C 358 4.64 49.77 3.16
C GLU C 358 4.62 50.27 4.60
N LYS C 359 3.47 50.71 5.10
CA LYS C 359 3.31 51.13 6.49
C LYS C 359 2.36 50.23 7.27
N GLY C 360 2.04 49.06 6.73
CA GLY C 360 1.10 48.18 7.41
C GLY C 360 1.12 46.79 6.80
N HIS C 361 0.11 46.02 7.15
CA HIS C 361 0.05 44.60 6.79
C HIS C 361 -0.71 44.33 5.52
N ARG C 362 -1.08 45.36 4.76
CA ARG C 362 -1.80 45.15 3.50
C ARG C 362 -1.02 44.20 2.60
N CYS C 363 -1.75 43.40 1.84
CA CYS C 363 -1.15 42.37 1.00
C CYS C 363 -0.21 42.99 -0.02
N PRO C 364 1.07 42.60 -0.05
CA PRO C 364 1.99 43.10 -1.08
C PRO C 364 1.85 42.40 -2.42
N GLY C 365 1.11 41.29 -2.49
CA GLY C 365 0.92 40.57 -3.74
C GLY C 365 -0.35 40.96 -4.46
N GLU C 366 -0.88 42.14 -4.13
CA GLU C 366 -2.10 42.60 -4.78
C GLU C 366 -1.86 42.90 -6.25
N GLY C 367 -0.71 43.51 -6.58
CA GLY C 367 -0.38 43.76 -7.97
C GLY C 367 -0.21 42.47 -8.76
N ILE C 368 0.45 41.48 -8.16
CA ILE C 368 0.63 40.19 -8.83
C ILE C 368 -0.73 39.52 -9.03
N THR C 369 -1.59 39.57 -8.01
CA THR C 369 -2.90 38.95 -8.12
C THR C 369 -3.69 39.55 -9.28
N ILE C 370 -3.70 40.89 -9.39
CA ILE C 370 -4.48 41.55 -10.43
C ILE C 370 -3.93 41.21 -11.81
N GLU C 371 -2.62 41.26 -11.97
CA GLU C 371 -2.03 41.02 -13.29
C GLU C 371 -2.15 39.57 -13.71
N VAL C 372 -2.03 38.64 -12.76
CA VAL C 372 -2.24 37.22 -13.08
C VAL C 372 -3.70 36.99 -13.48
N MET C 373 -4.63 37.64 -12.79
CA MET C 373 -6.04 37.49 -13.13
C MET C 373 -6.36 38.12 -14.48
N LYS C 374 -5.74 39.27 -14.78
CA LYS C 374 -5.97 39.90 -16.08
C LYS C 374 -5.48 39.03 -17.22
N ALA C 375 -4.28 38.44 -17.06
CA ALA C 375 -3.73 37.59 -18.12
C ALA C 375 -4.56 36.32 -18.28
N SER C 376 -4.97 35.71 -17.17
CA SER C 376 -5.79 34.50 -17.26
C SER C 376 -7.15 34.80 -17.87
N LEU C 377 -7.76 35.93 -17.49
CA LEU C 377 -9.03 36.33 -18.08
C LEU C 377 -8.88 36.57 -19.58
N ASP C 378 -7.76 37.17 -19.99
CA ASP C 378 -7.51 37.38 -21.42
C ASP C 378 -7.44 36.05 -22.16
N PHE C 379 -6.81 35.05 -21.56
CA PHE C 379 -6.70 33.73 -22.18
C PHE C 379 -8.08 33.11 -22.39
N LEU C 380 -8.91 33.14 -21.35
CA LEU C 380 -10.24 32.52 -21.45
C LEU C 380 -11.12 33.24 -22.46
N VAL C 381 -10.86 34.52 -22.72
CA VAL C 381 -11.72 35.32 -23.57
C VAL C 381 -11.31 35.22 -25.05
N HIS C 382 -10.00 35.20 -25.33
CA HIS C 382 -9.52 35.32 -26.70
C HIS C 382 -8.90 34.05 -27.27
N GLN C 383 -8.36 33.17 -26.43
CA GLN C 383 -7.57 32.06 -26.95
C GLN C 383 -8.37 30.78 -27.17
N ILE C 384 -9.39 30.53 -26.35
CA ILE C 384 -10.14 29.28 -26.43
C ILE C 384 -11.63 29.56 -26.42
N GLU C 385 -12.38 28.65 -27.04
CA GLU C 385 -13.81 28.53 -26.83
C GLU C 385 -14.06 27.25 -26.05
N TYR C 386 -15.09 27.29 -25.19
CA TYR C 386 -15.34 26.12 -24.34
C TYR C 386 -16.80 26.12 -23.91
N ASP C 387 -17.31 24.91 -23.66
CA ASP C 387 -18.62 24.74 -23.06
C ASP C 387 -18.50 24.63 -21.55
N VAL C 388 -19.58 24.95 -20.87
CA VAL C 388 -19.67 24.77 -19.42
C VAL C 388 -20.74 23.73 -19.15
N PRO C 389 -20.37 22.45 -19.01
CA PRO C 389 -21.38 21.39 -18.87
C PRO C 389 -22.12 21.50 -17.54
N GLU C 390 -23.17 20.68 -17.43
CA GLU C 390 -23.98 20.67 -16.22
C GLU C 390 -23.14 20.31 -15.01
N GLN C 391 -23.14 21.18 -14.01
CA GLN C 391 -22.29 21.02 -12.84
C GLN C 391 -22.84 21.91 -11.74
N SER C 392 -22.35 21.67 -10.53
CA SER C 392 -22.70 22.50 -9.37
C SER C 392 -21.69 23.65 -9.30
N LEU C 393 -22.10 24.82 -9.76
CA LEU C 393 -21.30 26.03 -9.63
C LEU C 393 -21.58 26.78 -8.33
N HIS C 394 -22.32 26.16 -7.41
CA HIS C 394 -22.67 26.81 -6.17
C HIS C 394 -21.45 27.00 -5.28
N TYR C 395 -21.35 28.17 -4.66
CA TYR C 395 -20.35 28.43 -3.63
C TYR C 395 -21.06 28.94 -2.39
N SER C 396 -20.64 28.44 -1.24
CA SER C 396 -21.27 28.77 0.03
C SER C 396 -20.58 29.95 0.68
N LEU C 397 -21.37 30.91 1.15
CA LEU C 397 -20.83 32.02 1.93
C LEU C 397 -20.48 31.62 3.35
N ALA C 398 -20.77 30.38 3.75
CA ALA C 398 -20.37 29.88 5.06
C ALA C 398 -19.01 29.19 5.03
N ARG C 399 -18.62 28.64 3.89
CA ARG C 399 -17.36 27.92 3.77
C ARG C 399 -16.22 28.92 3.60
N MET C 400 -15.31 28.96 4.56
CA MET C 400 -14.16 29.86 4.50
C MET C 400 -12.87 29.06 4.37
N PRO C 401 -12.14 29.14 3.25
CA PRO C 401 -12.46 29.94 2.05
C PRO C 401 -13.53 29.26 1.19
N SER C 402 -14.11 29.97 0.24
CA SER C 402 -15.20 29.46 -0.58
C SER C 402 -14.73 29.20 -2.01
N LEU C 403 -15.43 28.30 -2.68
CA LEU C 403 -15.11 27.94 -4.06
C LEU C 403 -16.31 27.27 -4.70
N PRO C 404 -16.61 27.58 -5.96
CA PRO C 404 -17.62 26.79 -6.69
C PRO C 404 -17.29 25.31 -6.60
N GLU C 405 -18.30 24.52 -6.23
CA GLU C 405 -18.05 23.14 -5.79
C GLU C 405 -17.41 22.30 -6.87
N SER C 406 -17.60 22.66 -8.15
CA SER C 406 -17.05 21.88 -9.24
C SER C 406 -15.74 22.45 -9.78
N GLY C 407 -15.38 23.66 -9.39
CA GLY C 407 -14.18 24.30 -9.92
C GLY C 407 -14.28 24.72 -11.37
N PHE C 408 -15.50 25.04 -11.84
CA PHE C 408 -15.76 25.45 -13.22
C PHE C 408 -15.19 24.43 -14.21
N VAL C 409 -15.87 23.28 -14.28
CA VAL C 409 -15.51 22.24 -15.23
C VAL C 409 -15.75 22.76 -16.64
N MET C 410 -14.82 22.47 -17.56
CA MET C 410 -14.90 22.93 -18.93
C MET C 410 -14.80 21.73 -19.87
N SER C 411 -15.49 21.83 -21.01
CA SER C 411 -15.53 20.75 -21.99
C SER C 411 -15.61 21.35 -23.38
N GLY C 412 -15.45 20.50 -24.38
CA GLY C 412 -15.45 20.95 -25.77
C GLY C 412 -14.45 22.04 -26.06
N ILE C 413 -13.27 21.97 -25.45
CA ILE C 413 -12.31 23.06 -25.53
C ILE C 413 -11.67 23.06 -26.91
N ARG C 414 -11.76 24.20 -27.60
CA ARG C 414 -11.18 24.37 -28.93
C ARG C 414 -10.35 25.66 -28.94
N ARG C 415 -9.25 25.63 -29.68
CA ARG C 415 -8.47 26.84 -29.89
C ARG C 415 -9.19 27.76 -30.87
N LYS C 416 -9.28 29.04 -30.52
CA LYS C 416 -9.95 30.02 -31.37
C LYS C 416 -9.10 30.36 -32.58
N MET D 1 -44.50 -1.00 -44.70
CA MET D 1 -44.59 -1.80 -43.48
C MET D 1 -45.10 -0.96 -42.31
N ASN D 2 -44.19 -0.21 -41.69
CA ASN D 2 -44.50 0.60 -40.52
C ASN D 2 -44.20 2.08 -40.76
N GLU D 3 -44.36 2.53 -42.01
CA GLU D 3 -44.14 3.93 -42.32
C GLU D 3 -45.10 4.85 -41.57
N GLN D 4 -46.25 4.32 -41.14
CA GLN D 4 -47.17 5.11 -40.34
C GLN D 4 -46.64 5.31 -38.92
N ILE D 5 -45.96 4.30 -38.39
CA ILE D 5 -45.46 4.36 -37.01
C ILE D 5 -44.37 5.42 -36.91
N PRO D 6 -44.39 6.29 -35.91
CA PRO D 6 -43.34 7.32 -35.80
C PRO D 6 -41.95 6.71 -35.69
N HIS D 7 -40.95 7.45 -36.15
CA HIS D 7 -39.60 6.93 -36.33
C HIS D 7 -38.60 8.03 -35.99
N ASP D 8 -37.90 7.87 -34.87
CA ASP D 8 -36.74 8.70 -34.57
C ASP D 8 -35.56 8.19 -35.39
N LYS D 9 -35.00 9.07 -36.23
CA LYS D 9 -33.97 8.69 -37.19
C LYS D 9 -32.57 9.10 -36.77
N SER D 10 -32.38 9.52 -35.53
CA SER D 10 -31.06 9.94 -35.08
C SER D 10 -30.13 8.73 -34.94
N LEU D 11 -28.85 8.97 -35.22
CA LEU D 11 -27.84 7.91 -35.16
C LEU D 11 -27.14 7.83 -33.81
N ASP D 12 -27.37 8.79 -32.92
CA ASP D 12 -26.74 8.83 -31.60
C ASP D 12 -27.76 8.64 -30.48
N ASN D 13 -28.81 7.85 -30.73
CA ASN D 13 -29.90 7.74 -29.78
C ASN D 13 -29.47 7.05 -28.49
N SER D 14 -28.50 6.14 -28.55
CA SER D 14 -27.99 5.52 -27.34
C SER D 14 -27.30 6.53 -26.43
N LEU D 15 -26.62 7.52 -27.02
CA LEU D 15 -26.00 8.57 -26.22
C LEU D 15 -27.04 9.51 -25.64
N THR D 16 -28.08 9.83 -26.42
CA THR D 16 -29.16 10.67 -25.90
C THR D 16 -29.96 9.95 -24.84
N LEU D 17 -30.10 8.62 -24.95
CA LEU D 17 -30.71 7.84 -23.88
C LEU D 17 -29.93 7.97 -22.59
N LEU D 18 -28.60 8.09 -22.68
CA LEU D 18 -27.79 8.23 -21.48
C LEU D 18 -28.00 9.57 -20.80
N LYS D 19 -28.22 10.63 -21.58
CA LYS D 19 -28.39 11.96 -21.01
C LYS D 19 -29.83 12.28 -20.67
N GLU D 20 -30.80 11.51 -21.16
CA GLU D 20 -32.19 11.68 -20.79
C GLU D 20 -32.71 10.62 -19.84
N GLY D 21 -32.07 9.45 -19.79
CA GLY D 21 -32.37 8.42 -18.81
C GLY D 21 -33.83 7.99 -18.75
N TYR D 22 -34.44 8.15 -17.57
CA TYR D 22 -35.81 7.71 -17.33
C TYR D 22 -36.82 8.44 -18.19
N LEU D 23 -36.46 9.56 -18.81
CA LEU D 23 -37.39 10.34 -19.60
C LEU D 23 -37.22 10.17 -21.10
N PHE D 24 -36.29 9.32 -21.55
CA PHE D 24 -36.02 9.20 -22.97
C PHE D 24 -37.27 8.73 -23.73
N ILE D 25 -37.91 7.68 -23.24
CA ILE D 25 -39.05 7.11 -23.97
C ILE D 25 -40.27 8.00 -23.84
N LYS D 26 -40.55 8.52 -22.63
CA LYS D 26 -41.73 9.35 -22.46
C LYS D 26 -41.62 10.66 -23.25
N ASN D 27 -40.42 11.22 -23.33
CA ASN D 27 -40.23 12.45 -24.11
C ASN D 27 -40.68 12.26 -25.55
N ARG D 28 -40.40 11.09 -26.12
CA ARG D 28 -40.72 10.84 -27.52
C ARG D 28 -42.14 10.34 -27.73
N THR D 29 -42.67 9.54 -26.80
CA THR D 29 -44.08 9.17 -26.89
C THR D 29 -44.97 10.41 -26.75
N GLU D 30 -44.58 11.36 -25.90
CA GLU D 30 -45.28 12.64 -25.84
C GLU D 30 -45.05 13.44 -27.11
N ARG D 31 -43.82 13.42 -27.63
CA ARG D 31 -43.50 14.18 -28.85
C ARG D 31 -44.28 13.65 -30.05
N TYR D 32 -44.35 12.32 -30.19
CA TYR D 32 -44.94 11.71 -31.38
C TYR D 32 -46.43 11.46 -31.25
N ASN D 33 -47.03 11.74 -30.08
CA ASN D 33 -48.44 11.47 -29.83
C ASN D 33 -48.78 10.02 -30.17
N SER D 34 -48.01 9.10 -29.59
CA SER D 34 -48.12 7.69 -29.88
C SER D 34 -47.55 6.90 -28.71
N ASP D 35 -48.13 5.73 -28.47
CA ASP D 35 -47.57 4.78 -27.51
C ASP D 35 -46.45 3.95 -28.11
N LEU D 36 -45.98 4.31 -29.31
CA LEU D 36 -45.10 3.48 -30.11
C LEU D 36 -44.20 4.38 -30.94
N PHE D 37 -42.90 4.09 -30.96
CA PHE D 37 -42.00 4.76 -31.88
C PHE D 37 -40.79 3.89 -32.13
N GLN D 38 -40.23 4.01 -33.33
CA GLN D 38 -39.05 3.27 -33.74
C GLN D 38 -37.79 4.11 -33.52
N ALA D 39 -36.71 3.43 -33.16
CA ALA D 39 -35.42 4.08 -32.94
C ALA D 39 -34.35 3.01 -32.89
N ARG D 40 -33.14 3.38 -33.30
CA ARG D 40 -31.97 2.51 -33.15
C ARG D 40 -31.37 2.78 -31.78
N LEU D 41 -31.42 1.77 -30.91
CA LEU D 41 -30.94 1.89 -29.54
C LEU D 41 -30.12 0.67 -29.17
N LEU D 42 -29.00 0.90 -28.49
CA LEU D 42 -28.16 -0.19 -27.98
C LEU D 42 -27.73 -1.14 -29.09
N GLY D 43 -27.45 -0.59 -30.27
CA GLY D 43 -26.96 -1.38 -31.39
C GLY D 43 -28.00 -2.18 -32.13
N LYS D 44 -29.28 -1.98 -31.84
CA LYS D 44 -30.35 -2.73 -32.49
C LYS D 44 -31.46 -1.79 -32.93
N ASN D 45 -32.10 -2.14 -34.05
CA ASN D 45 -33.30 -1.43 -34.48
C ASN D 45 -34.46 -1.85 -33.58
N ALA D 46 -35.03 -0.89 -32.84
CA ALA D 46 -35.93 -1.20 -31.76
C ALA D 46 -37.27 -0.48 -31.94
N ILE D 47 -38.24 -0.92 -31.14
CA ILE D 47 -39.53 -0.26 -31.00
C ILE D 47 -39.76 -0.04 -29.52
N CYS D 48 -39.93 1.21 -29.11
CA CYS D 48 -40.22 1.56 -27.74
C CYS D 48 -41.72 1.76 -27.55
N MET D 49 -42.26 1.23 -26.45
CA MET D 49 -43.66 1.40 -26.15
C MET D 49 -43.85 1.71 -24.68
N THR D 50 -45.05 2.18 -24.35
CA THR D 50 -45.41 2.58 -23.00
C THR D 50 -46.91 2.40 -22.82
N GLY D 51 -47.34 2.38 -21.57
CA GLY D 51 -48.74 2.23 -21.25
C GLY D 51 -49.08 0.81 -20.81
N ALA D 52 -50.22 0.69 -20.13
CA ALA D 52 -50.63 -0.60 -19.58
C ALA D 52 -50.98 -1.60 -20.69
N GLU D 53 -51.53 -1.13 -21.81
CA GLU D 53 -51.86 -2.03 -22.91
C GLU D 53 -50.59 -2.56 -23.56
N ALA D 54 -49.55 -1.73 -23.67
CA ALA D 54 -48.29 -2.20 -24.22
C ALA D 54 -47.65 -3.25 -23.32
N ALA D 55 -47.76 -3.08 -21.99
CA ALA D 55 -47.19 -4.05 -21.07
C ALA D 55 -47.86 -5.40 -21.20
N LYS D 56 -49.18 -5.42 -21.47
CA LYS D 56 -49.88 -6.68 -21.65
C LYS D 56 -49.31 -7.47 -22.81
N VAL D 57 -49.01 -6.79 -23.92
CA VAL D 57 -48.40 -7.47 -25.07
C VAL D 57 -46.96 -7.84 -24.77
N PHE D 58 -46.23 -6.96 -24.06
CA PHE D 58 -44.84 -7.23 -23.74
C PHE D 58 -44.69 -8.52 -22.93
N TYR D 59 -45.68 -8.85 -22.11
CA TYR D 59 -45.63 -10.05 -21.29
C TYR D 59 -46.36 -11.22 -21.92
N ASP D 60 -46.74 -11.13 -23.19
CA ASP D 60 -47.22 -12.27 -23.96
C ASP D 60 -46.00 -13.10 -24.33
N THR D 61 -45.78 -14.20 -23.61
CA THR D 61 -44.58 -15.00 -23.83
C THR D 61 -44.56 -15.70 -25.18
N ASP D 62 -45.72 -15.80 -25.85
CA ASP D 62 -45.72 -16.33 -27.21
C ASP D 62 -45.24 -15.30 -28.23
N ARG D 63 -45.39 -14.01 -27.91
CA ARG D 63 -44.98 -12.95 -28.81
C ARG D 63 -43.60 -12.38 -28.51
N PHE D 64 -43.09 -12.57 -27.30
CA PHE D 64 -41.83 -11.95 -26.90
C PHE D 64 -40.95 -12.94 -26.16
N GLN D 65 -39.65 -12.82 -26.38
CA GLN D 65 -38.65 -13.61 -25.69
C GLN D 65 -37.63 -12.69 -25.05
N ARG D 66 -36.97 -13.18 -24.01
CA ARG D 66 -35.97 -12.39 -23.29
C ARG D 66 -34.54 -12.75 -23.65
N GLN D 67 -34.31 -13.89 -24.29
CA GLN D 67 -32.95 -14.28 -24.66
C GLN D 67 -32.41 -13.34 -25.73
N ASN D 68 -31.16 -12.89 -25.52
CA ASN D 68 -30.46 -11.99 -26.43
C ASN D 68 -31.14 -10.63 -26.57
N ALA D 69 -31.91 -10.22 -25.56
CA ALA D 69 -32.66 -8.97 -25.65
C ALA D 69 -31.78 -7.77 -25.32
N LEU D 70 -30.99 -7.85 -24.26
CA LEU D 70 -30.17 -6.76 -23.78
C LEU D 70 -28.70 -6.99 -24.13
N PRO D 71 -27.90 -5.93 -24.19
CA PRO D 71 -26.46 -6.12 -24.40
C PRO D 71 -25.85 -6.92 -23.26
N LYS D 72 -24.75 -7.61 -23.58
CA LYS D 72 -24.07 -8.43 -22.59
C LYS D 72 -23.56 -7.61 -21.40
N ARG D 73 -23.51 -6.28 -21.54
CA ARG D 73 -23.03 -5.43 -20.46
C ARG D 73 -23.89 -5.55 -19.21
N VAL D 74 -25.19 -5.77 -19.37
CA VAL D 74 -26.06 -5.87 -18.21
C VAL D 74 -25.83 -7.19 -17.48
N GLN D 75 -25.58 -8.26 -18.24
CA GLN D 75 -25.22 -9.53 -17.62
C GLN D 75 -23.91 -9.42 -16.87
N LYS D 76 -22.90 -8.80 -17.49
CA LYS D 76 -21.59 -8.70 -16.86
C LYS D 76 -21.57 -7.76 -15.66
N SER D 77 -22.68 -7.06 -15.39
CA SER D 77 -22.75 -6.17 -14.23
C SER D 77 -23.91 -6.55 -13.31
N LEU D 78 -25.16 -6.44 -13.76
CA LEU D 78 -26.31 -6.58 -12.88
C LEU D 78 -26.78 -8.02 -12.74
N PHE D 79 -27.10 -8.67 -13.86
CA PHE D 79 -27.80 -9.95 -13.81
C PHE D 79 -26.86 -11.12 -13.56
N GLY D 80 -25.78 -11.19 -14.31
CA GLY D 80 -25.02 -12.42 -14.44
C GLY D 80 -25.25 -13.04 -15.81
N VAL D 81 -24.26 -13.78 -16.28
CA VAL D 81 -24.32 -14.34 -17.63
C VAL D 81 -25.21 -15.57 -17.64
N ASN D 82 -26.17 -15.58 -18.57
CA ASN D 82 -27.03 -16.74 -18.83
C ASN D 82 -27.85 -17.12 -17.59
N ALA D 83 -28.32 -16.12 -16.86
CA ALA D 83 -29.08 -16.36 -15.64
C ALA D 83 -30.58 -16.32 -15.96
N ILE D 84 -31.42 -16.19 -14.93
CA ILE D 84 -32.86 -16.32 -15.09
C ILE D 84 -33.43 -15.23 -15.99
N GLN D 85 -32.83 -14.02 -15.97
CA GLN D 85 -33.40 -12.89 -16.69
C GLN D 85 -33.41 -13.09 -18.20
N GLY D 86 -32.53 -13.93 -18.74
CA GLY D 86 -32.47 -14.19 -20.15
C GLY D 86 -33.05 -15.53 -20.58
N MET D 87 -33.76 -16.22 -19.71
CA MET D 87 -34.31 -17.53 -20.02
C MET D 87 -35.73 -17.42 -20.53
N ASP D 88 -36.12 -18.39 -21.36
CA ASP D 88 -37.48 -18.47 -21.89
C ASP D 88 -37.98 -19.90 -21.76
N GLY D 89 -39.30 -20.04 -21.81
CA GLY D 89 -39.92 -21.36 -21.88
C GLY D 89 -40.09 -22.03 -20.52
N SER D 90 -40.26 -23.34 -20.58
CA SER D 90 -40.47 -24.12 -19.36
C SER D 90 -39.27 -24.08 -18.44
N ALA D 91 -38.06 -23.98 -19.02
CA ALA D 91 -36.86 -23.90 -18.18
C ALA D 91 -36.84 -22.62 -17.35
N HIS D 92 -37.36 -21.52 -17.90
CA HIS D 92 -37.45 -20.29 -17.13
C HIS D 92 -38.47 -20.44 -16.00
N ILE D 93 -39.64 -20.99 -16.31
CA ILE D 93 -40.67 -21.17 -15.28
C ILE D 93 -40.15 -22.05 -14.15
N HIS D 94 -39.41 -23.11 -14.49
CA HIS D 94 -38.87 -23.99 -13.47
C HIS D 94 -37.96 -23.25 -12.50
N ARG D 95 -37.01 -22.48 -13.03
CA ARG D 95 -36.13 -21.71 -12.15
C ARG D 95 -36.85 -20.57 -11.47
N LYS D 96 -37.89 -20.02 -12.11
CA LYS D 96 -38.68 -18.97 -11.49
C LYS D 96 -39.40 -19.48 -10.25
N MET D 97 -39.87 -20.73 -10.28
CA MET D 97 -40.52 -21.30 -9.10
C MET D 97 -39.56 -21.40 -7.93
N LEU D 98 -38.27 -21.63 -8.20
CA LEU D 98 -37.28 -21.65 -7.12
C LEU D 98 -37.21 -20.29 -6.42
N PHE D 99 -37.07 -19.21 -7.21
CA PHE D 99 -37.02 -17.88 -6.63
C PHE D 99 -38.29 -17.58 -5.84
N LEU D 100 -39.45 -17.86 -6.43
CA LEU D 100 -40.72 -17.56 -5.75
C LEU D 100 -40.83 -18.33 -4.45
N SER D 101 -40.31 -19.55 -4.41
CA SER D 101 -40.37 -20.36 -3.19
C SER D 101 -39.61 -19.71 -2.03
N LEU D 102 -38.66 -18.84 -2.32
CA LEU D 102 -37.87 -18.16 -1.29
C LEU D 102 -38.40 -16.77 -0.96
N MET D 103 -39.49 -16.34 -1.59
CA MET D 103 -40.01 -14.99 -1.41
C MET D 103 -41.50 -15.01 -1.10
N THR D 104 -41.96 -16.08 -0.45
CA THR D 104 -43.34 -16.20 -0.01
C THR D 104 -43.59 -15.26 1.18
N PRO D 105 -44.85 -15.07 1.57
CA PRO D 105 -45.16 -14.19 2.71
C PRO D 105 -44.40 -14.58 3.98
N PRO D 106 -44.21 -15.87 4.28
CA PRO D 106 -43.36 -16.19 5.45
C PRO D 106 -41.95 -15.66 5.34
N HIS D 107 -41.37 -15.69 4.13
CA HIS D 107 -40.05 -15.11 3.94
C HIS D 107 -40.10 -13.59 4.03
N GLN D 108 -41.16 -12.99 3.49
CA GLN D 108 -41.33 -11.53 3.59
C GLN D 108 -41.42 -11.09 5.05
N LYS D 109 -42.19 -11.82 5.85
CA LYS D 109 -42.36 -11.47 7.27
C LYS D 109 -41.04 -11.63 8.03
N ARG D 110 -40.31 -12.72 7.76
CA ARG D 110 -39.04 -12.95 8.44
C ARG D 110 -38.04 -11.84 8.13
N LEU D 111 -37.89 -11.51 6.84
CA LEU D 111 -36.94 -10.46 6.45
C LEU D 111 -37.33 -9.11 7.02
N ALA D 112 -38.62 -8.77 6.96
CA ALA D 112 -39.08 -7.49 7.50
C ALA D 112 -38.81 -7.40 9.00
N GLU D 113 -39.07 -8.49 9.72
CA GLU D 113 -38.84 -8.49 11.17
C GLU D 113 -37.34 -8.42 11.49
N LEU D 114 -36.52 -9.10 10.68
CA LEU D 114 -35.07 -8.98 10.85
C LEU D 114 -34.62 -7.53 10.63
N MET D 115 -35.25 -6.85 9.67
CA MET D 115 -34.96 -5.44 9.44
C MET D 115 -35.32 -4.60 10.66
N THR D 116 -36.46 -4.88 11.29
CA THR D 116 -36.94 -4.07 12.40
C THR D 116 -35.98 -4.13 13.58
N GLU D 117 -35.53 -5.35 13.93
CA GLU D 117 -34.58 -5.48 15.05
C GLU D 117 -33.29 -4.74 14.77
N GLU D 118 -32.83 -4.77 13.50
CA GLU D 118 -31.58 -4.10 13.15
C GLU D 118 -31.73 -2.58 13.23
N TRP D 119 -32.86 -2.05 12.76
CA TRP D 119 -33.10 -0.61 12.87
C TRP D 119 -33.11 -0.17 14.33
N LYS D 120 -33.80 -0.94 15.19
CA LYS D 120 -33.85 -0.59 16.61
C LYS D 120 -32.47 -0.62 17.25
N ALA D 121 -31.67 -1.64 16.92
CA ALA D 121 -30.33 -1.74 17.48
C ALA D 121 -29.43 -0.59 17.01
N ALA D 122 -29.67 -0.08 15.80
CA ALA D 122 -28.83 0.99 15.26
C ALA D 122 -29.01 2.31 16.00
N VAL D 123 -30.12 2.49 16.71
CA VAL D 123 -30.40 3.76 17.37
C VAL D 123 -29.31 4.07 18.41
N THR D 124 -28.84 3.04 19.10
CA THR D 124 -27.83 3.24 20.14
C THR D 124 -26.56 3.85 19.56
N ARG D 125 -26.16 3.41 18.38
CA ARG D 125 -24.99 4.01 17.73
C ARG D 125 -25.33 5.34 17.07
N TRP D 126 -26.54 5.44 16.49
CA TRP D 126 -26.93 6.67 15.80
C TRP D 126 -27.01 7.85 16.76
N GLU D 127 -27.41 7.62 18.01
CA GLU D 127 -27.49 8.72 18.97
C GLU D 127 -26.11 9.27 19.31
N LYS D 128 -25.07 8.45 19.22
CA LYS D 128 -23.72 8.87 19.53
C LYS D 128 -22.98 9.48 18.34
N ALA D 129 -23.53 9.36 17.14
CA ALA D 129 -22.88 9.86 15.94
C ALA D 129 -23.41 11.25 15.60
N ASP D 130 -22.53 12.06 15.00
CA ASP D 130 -22.95 13.40 14.56
C ASP D 130 -23.88 13.32 13.37
N GLU D 131 -23.52 12.53 12.36
CA GLU D 131 -24.33 12.41 11.16
C GLU D 131 -24.39 10.95 10.72
N VAL D 132 -25.49 10.60 10.05
CA VAL D 132 -25.73 9.25 9.59
C VAL D 132 -26.28 9.32 8.17
N VAL D 133 -25.67 8.57 7.26
CA VAL D 133 -26.11 8.51 5.87
C VAL D 133 -27.00 7.28 5.74
N LEU D 134 -28.30 7.51 5.51
CA LEU D 134 -29.26 6.42 5.50
C LEU D 134 -28.93 5.40 4.41
N PHE D 135 -28.44 5.86 3.26
CA PHE D 135 -28.10 4.93 2.20
C PHE D 135 -26.97 3.99 2.60
N GLU D 136 -25.95 4.52 3.28
CA GLU D 136 -24.85 3.68 3.73
C GLU D 136 -25.29 2.75 4.85
N GLU D 137 -26.17 3.23 5.73
CA GLU D 137 -26.66 2.39 6.82
C GLU D 137 -27.55 1.27 6.28
N ALA D 138 -28.37 1.58 5.27
CA ALA D 138 -29.32 0.59 4.76
C ALA D 138 -28.60 -0.57 4.07
N LYS D 139 -27.65 -0.27 3.20
CA LYS D 139 -26.98 -1.32 2.44
C LYS D 139 -26.22 -2.28 3.34
N GLU D 140 -25.66 -1.79 4.44
CA GLU D 140 -24.97 -2.67 5.38
C GLU D 140 -25.97 -3.53 6.14
N ILE D 141 -27.04 -2.93 6.63
CA ILE D 141 -28.07 -3.70 7.34
C ILE D 141 -28.73 -4.70 6.41
N LEU D 142 -29.07 -4.27 5.20
CA LEU D 142 -29.71 -5.16 4.24
C LEU D 142 -28.79 -6.32 3.86
N CYS D 143 -27.50 -6.05 3.70
CA CYS D 143 -26.56 -7.12 3.39
C CYS D 143 -26.43 -8.10 4.55
N ARG D 144 -26.34 -7.57 5.77
CA ARG D 144 -26.26 -8.45 6.95
C ARG D 144 -27.51 -9.30 7.09
N VAL D 145 -28.68 -8.72 6.83
CA VAL D 145 -29.93 -9.45 7.00
C VAL D 145 -30.12 -10.45 5.88
N ALA D 146 -29.80 -10.06 4.65
CA ALA D 146 -29.99 -10.97 3.51
C ALA D 146 -29.11 -12.21 3.65
N CYS D 147 -27.86 -12.04 4.08
CA CYS D 147 -26.97 -13.19 4.21
C CYS D 147 -27.38 -14.08 5.38
N TYR D 148 -27.83 -13.46 6.48
CA TYR D 148 -28.26 -14.25 7.64
C TYR D 148 -29.51 -15.06 7.32
N TRP D 149 -30.49 -14.43 6.66
CA TRP D 149 -31.72 -15.12 6.32
C TRP D 149 -31.51 -16.15 5.22
N ALA D 150 -30.55 -15.92 4.33
CA ALA D 150 -30.24 -16.89 3.28
C ALA D 150 -29.30 -17.98 3.76
N GLY D 151 -28.75 -17.87 4.97
CA GLY D 151 -27.77 -18.83 5.43
C GLY D 151 -26.38 -18.62 4.90
N VAL D 152 -26.09 -17.41 4.42
CA VAL D 152 -24.79 -17.10 3.83
C VAL D 152 -23.90 -16.53 4.93
N PRO D 153 -22.79 -17.19 5.29
CA PRO D 153 -21.91 -16.66 6.32
C PRO D 153 -21.35 -15.30 5.92
N LEU D 154 -21.32 -14.38 6.89
CA LEU D 154 -20.88 -13.02 6.64
C LEU D 154 -20.05 -12.56 7.84
N LYS D 155 -18.74 -12.47 7.66
CA LYS D 155 -17.89 -11.95 8.71
C LYS D 155 -18.12 -10.46 8.88
N GLU D 156 -18.03 -9.99 10.14
CA GLU D 156 -18.27 -8.58 10.41
C GLU D 156 -17.27 -7.68 9.69
N THR D 157 -16.05 -8.17 9.49
CA THR D 157 -15.01 -7.38 8.82
C THR D 157 -15.14 -7.40 7.29
N GLU D 158 -16.16 -8.07 6.75
CA GLU D 158 -16.41 -8.04 5.31
C GLU D 158 -17.78 -7.49 4.96
N VAL D 159 -18.55 -7.02 5.94
CA VAL D 159 -19.91 -6.53 5.68
C VAL D 159 -19.87 -5.36 4.70
N LYS D 160 -18.99 -4.40 4.95
CA LYS D 160 -18.93 -3.22 4.09
C LYS D 160 -18.48 -3.58 2.68
N GLU D 161 -17.47 -4.44 2.55
CA GLU D 161 -16.97 -4.80 1.23
C GLU D 161 -18.03 -5.55 0.43
N ARG D 162 -18.74 -6.48 1.05
CA ARG D 162 -19.76 -7.25 0.33
C ARG D 162 -20.94 -6.37 -0.04
N ALA D 163 -21.37 -5.50 0.89
CA ALA D 163 -22.46 -4.58 0.58
C ALA D 163 -22.08 -3.61 -0.53
N ASP D 164 -20.83 -3.13 -0.51
CA ASP D 164 -20.37 -2.23 -1.55
C ASP D 164 -20.33 -2.93 -2.91
N ASP D 165 -19.91 -4.19 -2.94
CA ASP D 165 -19.87 -4.93 -4.19
C ASP D 165 -21.28 -5.15 -4.75
N PHE D 166 -22.25 -5.40 -3.87
CA PHE D 166 -23.62 -5.56 -4.34
C PHE D 166 -24.16 -4.27 -4.93
N ILE D 167 -23.91 -3.14 -4.27
CA ILE D 167 -24.42 -1.86 -4.75
C ILE D 167 -23.67 -1.43 -6.01
N ASP D 168 -22.36 -1.69 -6.07
CA ASP D 168 -21.60 -1.39 -7.28
C ASP D 168 -22.22 -2.06 -8.50
N MET D 169 -22.68 -3.31 -8.34
CA MET D 169 -23.33 -4.00 -9.44
C MET D 169 -24.63 -3.30 -9.84
N VAL D 170 -25.46 -2.96 -8.84
CA VAL D 170 -26.73 -2.31 -9.11
C VAL D 170 -26.50 -0.93 -9.74
N ASP D 171 -25.61 -0.14 -9.14
CA ASP D 171 -25.37 1.23 -9.58
C ASP D 171 -24.73 1.32 -10.96
N ALA D 172 -24.45 0.19 -11.61
CA ALA D 172 -23.73 0.19 -12.87
C ALA D 172 -24.58 -0.23 -14.07
N PHE D 173 -25.85 -0.60 -13.86
CA PHE D 173 -26.61 -1.23 -14.94
C PHE D 173 -26.93 -0.23 -16.05
N GLY D 174 -26.99 1.06 -15.74
CA GLY D 174 -27.34 2.05 -16.75
C GLY D 174 -26.24 3.07 -16.99
N ALA D 175 -25.01 2.71 -16.67
CA ALA D 175 -23.88 3.63 -16.73
C ALA D 175 -22.88 3.20 -17.80
N VAL D 176 -22.01 4.14 -18.13
CA VAL D 176 -20.83 3.88 -18.96
C VAL D 176 -19.62 4.47 -18.26
N GLY D 177 -18.45 3.97 -18.62
CA GLY D 177 -17.22 4.44 -18.04
C GLY D 177 -16.96 3.89 -16.65
N PRO D 178 -16.42 4.73 -15.76
CA PRO D 178 -15.99 4.22 -14.45
C PRO D 178 -17.11 3.66 -13.60
N ARG D 179 -18.27 4.32 -13.54
CA ARG D 179 -19.37 3.80 -12.73
C ARG D 179 -19.81 2.43 -13.20
N HIS D 180 -19.76 2.18 -14.51
CA HIS D 180 -20.12 0.87 -15.03
C HIS D 180 -19.02 -0.15 -14.72
N TRP D 181 -17.76 0.27 -14.77
CA TRP D 181 -16.66 -0.67 -14.55
C TRP D 181 -16.61 -1.17 -13.12
N LYS D 182 -17.07 -0.34 -12.16
CA LYS D 182 -17.11 -0.79 -10.78
C LYS D 182 -17.98 -2.03 -10.62
N GLY D 183 -19.13 -2.04 -11.30
CA GLY D 183 -19.96 -3.24 -11.28
C GLY D 183 -19.35 -4.39 -12.05
N ARG D 184 -18.60 -4.10 -13.12
CA ARG D 184 -17.98 -5.15 -13.90
C ARG D 184 -16.87 -5.84 -13.11
N ARG D 185 -16.23 -5.13 -12.17
CA ARG D 185 -15.23 -5.74 -11.30
C ARG D 185 -15.83 -6.36 -10.06
N ALA D 186 -16.96 -5.82 -9.57
CA ALA D 186 -17.55 -6.35 -8.35
C ALA D 186 -18.17 -7.72 -8.57
N ARG D 187 -18.77 -7.93 -9.75
CA ARG D 187 -19.46 -9.20 -10.01
C ARG D 187 -18.54 -10.42 -9.92
N PRO D 188 -17.35 -10.44 -10.54
CA PRO D 188 -16.49 -11.62 -10.37
C PRO D 188 -16.09 -11.89 -8.93
N ARG D 189 -15.88 -10.83 -8.14
CA ARG D 189 -15.56 -11.00 -6.73
C ARG D 189 -16.72 -11.66 -5.99
N ALA D 190 -17.94 -11.18 -6.23
CA ALA D 190 -19.10 -11.72 -5.55
C ALA D 190 -19.41 -13.14 -6.02
N GLU D 191 -19.28 -13.39 -7.31
CA GLU D 191 -19.57 -14.73 -7.85
C GLU D 191 -18.60 -15.75 -7.29
N GLU D 192 -17.30 -15.43 -7.30
CA GLU D 192 -16.31 -16.35 -6.76
C GLU D 192 -16.52 -16.58 -5.27
N TRP D 193 -16.85 -15.51 -4.53
CA TRP D 193 -17.08 -15.63 -3.10
C TRP D 193 -18.25 -16.57 -2.79
N ILE D 194 -19.32 -16.48 -3.58
CA ILE D 194 -20.50 -17.31 -3.32
C ILE D 194 -20.32 -18.72 -3.90
N GLU D 195 -19.55 -18.87 -4.98
CA GLU D 195 -19.39 -20.18 -5.60
C GLU D 195 -18.64 -21.14 -4.69
N VAL D 196 -17.66 -20.64 -3.93
CA VAL D 196 -16.97 -21.47 -2.95
C VAL D 196 -17.97 -22.01 -1.93
N MET D 197 -18.95 -21.17 -1.54
CA MET D 197 -20.00 -21.62 -0.63
C MET D 197 -20.82 -22.74 -1.26
N ILE D 198 -21.17 -22.60 -2.54
CA ILE D 198 -21.93 -23.64 -3.22
C ILE D 198 -21.13 -24.94 -3.27
N GLU D 199 -19.82 -24.84 -3.50
CA GLU D 199 -18.99 -26.04 -3.57
C GLU D 199 -18.84 -26.67 -2.20
N ASP D 200 -18.59 -25.87 -1.16
CA ASP D 200 -18.48 -26.41 0.19
C ASP D 200 -19.79 -27.03 0.65
N ALA D 201 -20.92 -26.41 0.28
CA ALA D 201 -22.21 -26.95 0.66
C ALA D 201 -22.47 -28.31 0.01
N ARG D 202 -22.22 -28.40 -1.30
CA ARG D 202 -22.45 -29.65 -2.02
C ARG D 202 -21.53 -30.77 -1.52
N ALA D 203 -20.41 -30.43 -0.89
CA ALA D 203 -19.52 -31.42 -0.29
C ALA D 203 -19.83 -31.67 1.17
N GLY D 204 -20.89 -31.06 1.71
CA GLY D 204 -21.21 -31.18 3.12
C GLY D 204 -20.29 -30.42 4.05
N LEU D 205 -19.30 -29.70 3.52
CA LEU D 205 -18.32 -29.01 4.35
C LEU D 205 -18.80 -27.67 4.87
N LEU D 206 -19.98 -27.21 4.45
CA LEU D 206 -20.59 -26.00 4.99
C LEU D 206 -22.03 -26.31 5.35
N LYS D 207 -22.42 -25.97 6.58
CA LYS D 207 -23.77 -26.25 7.04
C LYS D 207 -24.78 -25.42 6.26
N THR D 208 -25.82 -26.08 5.76
CA THR D 208 -26.94 -25.41 5.12
C THR D 208 -28.23 -25.86 5.79
N THR D 209 -29.30 -25.11 5.58
CA THR D 209 -30.59 -25.37 6.19
C THR D 209 -31.64 -25.40 5.10
N SER D 210 -32.36 -26.52 5.00
CA SER D 210 -33.46 -26.65 4.05
C SER D 210 -34.44 -25.48 4.20
N GLY D 211 -34.83 -24.90 3.07
CA GLY D 211 -35.71 -23.76 3.06
C GLY D 211 -35.02 -22.42 2.95
N THR D 212 -33.70 -22.38 3.12
CA THR D 212 -32.95 -21.14 2.97
C THR D 212 -32.39 -21.03 1.55
N ALA D 213 -32.06 -19.79 1.16
CA ALA D 213 -31.68 -19.53 -0.22
C ALA D 213 -30.39 -20.25 -0.61
N LEU D 214 -29.39 -20.23 0.27
CA LEU D 214 -28.13 -20.90 -0.03
C LEU D 214 -28.36 -22.39 -0.28
N HIS D 215 -29.11 -23.04 0.61
CA HIS D 215 -29.38 -24.47 0.45
C HIS D 215 -30.20 -24.75 -0.80
N GLU D 216 -31.25 -23.96 -1.02
CA GLU D 216 -32.14 -24.23 -2.15
C GLU D 216 -31.45 -23.98 -3.49
N MET D 217 -30.53 -23.01 -3.55
CA MET D 217 -29.80 -22.77 -4.79
C MET D 217 -28.75 -23.85 -5.03
N ALA D 218 -28.07 -24.29 -3.96
CA ALA D 218 -27.01 -25.29 -4.12
C ALA D 218 -27.57 -26.65 -4.52
N PHE D 219 -28.78 -26.98 -4.10
CA PHE D 219 -29.35 -28.30 -4.35
C PHE D 219 -30.56 -28.25 -5.28
N HIS D 220 -30.84 -27.11 -5.89
CA HIS D 220 -31.87 -27.02 -6.91
C HIS D 220 -31.51 -27.92 -8.09
N THR D 221 -32.51 -28.66 -8.59
CA THR D 221 -32.34 -29.50 -9.77
C THR D 221 -33.17 -28.95 -10.90
N GLN D 222 -32.64 -29.03 -12.11
CA GLN D 222 -33.33 -28.52 -13.29
C GLN D 222 -34.41 -29.50 -13.72
N GLU D 223 -34.98 -29.29 -14.91
CA GLU D 223 -36.03 -30.18 -15.40
C GLU D 223 -35.49 -31.59 -15.63
N ASP D 224 -34.26 -31.70 -16.13
CA ASP D 224 -33.64 -33.00 -16.37
C ASP D 224 -33.10 -33.64 -15.10
N GLY D 225 -33.37 -33.04 -13.94
CA GLY D 225 -32.91 -33.58 -12.68
C GLY D 225 -31.49 -33.24 -12.30
N SER D 226 -30.74 -32.57 -13.17
CA SER D 226 -29.36 -32.22 -12.87
C SER D 226 -29.29 -30.93 -12.08
N GLN D 227 -28.24 -30.81 -11.26
CA GLN D 227 -28.00 -29.59 -10.52
C GLN D 227 -27.46 -28.50 -11.45
N LEU D 228 -27.66 -27.25 -11.04
CA LEU D 228 -27.03 -26.15 -11.74
C LEU D 228 -25.52 -26.24 -11.59
N ASP D 229 -24.81 -25.65 -12.54
CA ASP D 229 -23.38 -25.43 -12.35
C ASP D 229 -23.14 -24.62 -11.09
N SER D 230 -22.04 -24.92 -10.39
CA SER D 230 -21.75 -24.21 -9.16
C SER D 230 -21.67 -22.71 -9.40
N ARG D 231 -21.12 -22.30 -10.53
CA ARG D 231 -21.09 -20.88 -10.89
C ARG D 231 -22.50 -20.35 -11.13
N MET D 232 -23.34 -21.13 -11.81
CA MET D 232 -24.70 -20.69 -12.07
C MET D 232 -25.53 -20.65 -10.79
N ALA D 233 -25.33 -21.62 -9.90
CA ALA D 233 -26.03 -21.61 -8.62
C ALA D 233 -25.64 -20.39 -7.79
N ALA D 234 -24.35 -20.02 -7.84
CA ALA D 234 -23.91 -18.82 -7.13
C ALA D 234 -24.49 -17.57 -7.77
N ILE D 235 -24.52 -17.52 -9.11
CA ILE D 235 -25.07 -16.37 -9.81
C ILE D 235 -26.51 -16.15 -9.41
N GLU D 236 -27.31 -17.22 -9.34
CA GLU D 236 -28.72 -17.07 -9.04
C GLU D 236 -28.95 -16.74 -7.57
N LEU D 237 -28.07 -17.22 -6.68
CA LEU D 237 -28.15 -16.78 -5.28
C LEU D 237 -27.83 -15.30 -5.16
N ILE D 238 -26.90 -14.80 -5.97
CA ILE D 238 -26.62 -13.37 -6.00
C ILE D 238 -27.82 -12.60 -6.55
N ASN D 239 -28.59 -13.21 -7.44
CA ASN D 239 -29.84 -12.62 -7.89
C ASN D 239 -30.90 -12.58 -6.80
N VAL D 240 -30.57 -13.04 -5.59
CA VAL D 240 -31.42 -12.86 -4.42
C VAL D 240 -30.77 -11.92 -3.42
N LEU D 241 -29.47 -12.10 -3.15
CA LEU D 241 -28.78 -11.28 -2.17
C LEU D 241 -28.66 -9.83 -2.64
N ARG D 242 -28.18 -9.64 -3.87
CA ARG D 242 -27.98 -8.28 -4.39
C ARG D 242 -29.27 -7.46 -4.45
N PRO D 243 -30.38 -7.96 -5.02
CA PRO D 243 -31.58 -7.12 -5.09
C PRO D 243 -32.18 -6.79 -3.73
N ILE D 244 -31.94 -7.62 -2.71
CA ILE D 244 -32.35 -7.24 -1.35
C ILE D 244 -31.55 -6.03 -0.88
N VAL D 245 -30.24 -6.03 -1.14
CA VAL D 245 -29.42 -4.86 -0.82
C VAL D 245 -29.87 -3.65 -1.62
N ALA D 246 -30.39 -3.88 -2.83
CA ALA D 246 -30.82 -2.79 -3.69
C ALA D 246 -32.01 -2.02 -3.14
N ILE D 247 -32.73 -2.58 -2.16
CA ILE D 247 -33.85 -1.89 -1.54
C ILE D 247 -33.39 -0.57 -0.90
N SER D 248 -32.08 -0.43 -0.66
CA SER D 248 -31.56 0.81 -0.09
C SER D 248 -31.99 2.03 -0.89
N TYR D 249 -32.12 1.89 -2.22
CA TYR D 249 -32.59 2.99 -3.04
C TYR D 249 -34.00 3.40 -2.66
N PHE D 250 -34.90 2.42 -2.53
CA PHE D 250 -36.27 2.72 -2.17
C PHE D 250 -36.37 3.26 -0.75
N LEU D 251 -35.54 2.75 0.17
CA LEU D 251 -35.56 3.22 1.55
C LEU D 251 -35.20 4.69 1.63
N VAL D 252 -34.23 5.13 0.83
CA VAL D 252 -33.85 6.54 0.83
C VAL D 252 -34.93 7.39 0.19
N PHE D 253 -35.56 6.88 -0.88
CA PHE D 253 -36.65 7.61 -1.50
C PHE D 253 -37.84 7.76 -0.55
N SER D 254 -38.09 6.74 0.27
CA SER D 254 -39.17 6.83 1.25
C SER D 254 -38.89 7.91 2.28
N ALA D 255 -37.68 7.91 2.86
CA ALA D 255 -37.32 8.97 3.80
C ALA D 255 -37.31 10.34 3.11
N LEU D 256 -36.94 10.37 1.83
CA LEU D 256 -37.03 11.62 1.07
C LEU D 256 -38.47 12.06 0.92
N ALA D 257 -39.39 11.11 0.77
CA ALA D 257 -40.80 11.44 0.61
C ALA D 257 -41.38 11.98 1.92
N LEU D 258 -41.04 11.37 3.05
CA LEU D 258 -41.53 11.85 4.34
C LEU D 258 -41.04 13.27 4.61
N HIS D 259 -39.78 13.55 4.27
CA HIS D 259 -39.22 14.88 4.48
C HIS D 259 -39.85 15.91 3.55
N GLU D 260 -40.02 15.56 2.27
CA GLU D 260 -40.54 16.50 1.30
C GLU D 260 -42.06 16.66 1.38
N HIS D 261 -42.75 15.77 2.07
CA HIS D 261 -44.21 15.86 2.25
C HIS D 261 -44.53 15.57 3.71
N PRO D 262 -44.20 16.52 4.60
CA PRO D 262 -44.30 16.23 6.04
C PRO D 262 -45.72 16.00 6.53
N LYS D 263 -46.74 16.34 5.73
CA LYS D 263 -48.12 16.13 6.16
C LYS D 263 -48.46 14.65 6.32
N TYR D 264 -47.69 13.75 5.69
CA TYR D 264 -47.98 12.33 5.76
C TYR D 264 -47.37 11.67 6.99
N LYS D 265 -46.50 12.38 7.72
CA LYS D 265 -45.95 11.83 8.96
C LYS D 265 -47.04 11.59 9.99
N GLU D 266 -47.82 12.62 10.31
CA GLU D 266 -48.94 12.46 11.22
C GLU D 266 -50.00 11.53 10.63
N TRP D 267 -50.17 11.54 9.31
CA TRP D 267 -51.10 10.63 8.66
C TRP D 267 -50.70 9.18 8.91
N LEU D 268 -49.40 8.88 8.79
CA LEU D 268 -48.92 7.53 9.09
C LEU D 268 -48.95 7.24 10.58
N ARG D 269 -48.56 8.22 11.40
CA ARG D 269 -48.53 8.02 12.84
C ARG D 269 -49.92 7.72 13.40
N SER D 270 -50.93 8.45 12.92
CA SER D 270 -52.31 8.22 13.32
C SER D 270 -52.96 7.08 12.54
N GLY D 271 -52.18 6.33 11.77
CA GLY D 271 -52.74 5.23 11.00
C GLY D 271 -52.19 3.87 11.40
N ASN D 272 -52.31 2.89 10.52
CA ASN D 272 -51.83 1.54 10.80
C ASN D 272 -51.09 0.96 9.59
N SER D 273 -51.10 -0.36 9.46
CA SER D 273 -50.39 -1.00 8.34
C SER D 273 -51.01 -0.64 7.00
N ARG D 274 -52.29 -0.24 6.98
CA ARG D 274 -52.91 0.15 5.71
C ARG D 274 -52.26 1.39 5.12
N GLU D 275 -52.06 2.43 5.95
CA GLU D 275 -51.51 3.68 5.47
C GLU D 275 -50.03 3.53 5.10
N ARG D 276 -49.31 2.63 5.79
CA ARG D 276 -47.90 2.42 5.46
C ARG D 276 -47.76 1.74 4.10
N GLU D 277 -48.63 0.77 3.81
CA GLU D 277 -48.61 0.13 2.50
C GLU D 277 -48.91 1.13 1.39
N MET D 278 -49.87 2.02 1.61
CA MET D 278 -50.21 3.03 0.62
C MET D 278 -49.01 3.95 0.37
N PHE D 279 -48.40 4.45 1.43
CA PHE D 279 -47.20 5.27 1.29
C PHE D 279 -46.10 4.53 0.55
N VAL D 280 -45.94 3.24 0.84
CA VAL D 280 -44.85 2.47 0.24
C VAL D 280 -45.10 2.23 -1.24
N GLN D 281 -46.34 1.89 -1.60
CA GLN D 281 -46.67 1.71 -3.01
C GLN D 281 -46.45 2.99 -3.80
N GLU D 282 -46.81 4.14 -3.21
CA GLU D 282 -46.64 5.39 -3.92
C GLU D 282 -45.17 5.74 -4.09
N VAL D 283 -44.32 5.34 -3.16
CA VAL D 283 -42.87 5.53 -3.34
C VAL D 283 -42.39 4.73 -4.54
N ARG D 284 -42.89 3.50 -4.71
CA ARG D 284 -42.47 2.67 -5.83
C ARG D 284 -43.00 3.22 -7.15
N ARG D 285 -44.22 3.77 -7.16
CA ARG D 285 -44.78 4.32 -8.39
C ARG D 285 -44.13 5.64 -8.76
N TYR D 286 -43.87 6.50 -7.78
CA TYR D 286 -43.48 7.87 -8.07
C TYR D 286 -41.99 7.98 -8.39
N TYR D 287 -41.14 7.25 -7.67
CA TYR D 287 -39.72 7.51 -7.82
C TYR D 287 -39.09 6.56 -8.83
N PRO D 288 -38.03 7.00 -9.51
CA PRO D 288 -37.42 6.17 -10.54
C PRO D 288 -36.52 5.09 -9.95
N PHE D 289 -36.47 3.96 -10.67
CA PHE D 289 -35.55 2.87 -10.36
C PHE D 289 -35.38 2.02 -11.61
N GLY D 290 -36.41 1.27 -11.97
CA GLY D 290 -36.40 0.52 -13.21
C GLY D 290 -36.84 1.38 -14.37
N PRO D 291 -35.91 1.66 -15.29
CA PRO D 291 -36.24 2.53 -16.43
C PRO D 291 -37.11 1.82 -17.46
N PHE D 292 -36.57 0.79 -18.10
CA PHE D 292 -37.28 0.07 -19.14
C PHE D 292 -36.82 -1.38 -19.14
N LEU D 293 -37.61 -2.22 -19.82
CA LEU D 293 -37.30 -3.63 -19.98
C LEU D 293 -37.17 -3.95 -21.47
N GLY D 294 -36.30 -4.89 -21.78
CA GLY D 294 -36.00 -5.23 -23.16
C GLY D 294 -36.39 -6.66 -23.48
N ALA D 295 -36.95 -6.86 -24.68
CA ALA D 295 -37.30 -8.19 -25.16
C ALA D 295 -37.12 -8.22 -26.68
N LEU D 296 -37.08 -9.43 -27.21
CA LEU D 296 -37.03 -9.66 -28.65
C LEU D 296 -38.36 -10.22 -29.12
N VAL D 297 -38.81 -9.76 -30.29
CA VAL D 297 -40.06 -10.26 -30.85
C VAL D 297 -39.88 -11.73 -31.21
N LYS D 298 -40.69 -12.59 -30.55
CA LYS D 298 -40.55 -14.03 -30.74
C LYS D 298 -41.08 -14.47 -32.10
N LYS D 299 -42.22 -13.92 -32.51
CA LYS D 299 -42.83 -14.28 -33.79
C LYS D 299 -43.54 -13.05 -34.36
N ASP D 300 -43.71 -13.05 -35.68
CA ASP D 300 -44.35 -11.93 -36.35
C ASP D 300 -45.79 -11.76 -35.86
N PHE D 301 -46.13 -10.52 -35.48
CA PHE D 301 -47.49 -10.20 -35.09
C PHE D 301 -47.73 -8.71 -35.34
N VAL D 302 -49.00 -8.31 -35.20
CA VAL D 302 -49.42 -6.94 -35.44
C VAL D 302 -50.19 -6.44 -34.24
N TRP D 303 -49.83 -5.26 -33.74
CA TRP D 303 -50.52 -4.64 -32.63
C TRP D 303 -50.40 -3.14 -32.75
N ASN D 304 -51.53 -2.44 -32.50
CA ASN D 304 -51.58 -0.98 -32.54
C ASN D 304 -51.16 -0.44 -33.90
N ASN D 305 -51.61 -1.11 -34.97
CA ASN D 305 -51.27 -0.74 -36.35
C ASN D 305 -49.76 -0.75 -36.59
N CYS D 306 -49.05 -1.62 -35.88
CA CYS D 306 -47.60 -1.75 -36.03
C CYS D 306 -47.25 -3.21 -36.31
N GLU D 307 -46.37 -3.41 -37.28
CA GLU D 307 -45.89 -4.74 -37.62
C GLU D 307 -44.66 -5.04 -36.78
N PHE D 308 -44.77 -6.02 -35.89
CA PHE D 308 -43.64 -6.48 -35.09
C PHE D 308 -43.01 -7.68 -35.79
N LYS D 309 -41.77 -7.50 -36.25
CA LYS D 309 -41.07 -8.56 -36.96
C LYS D 309 -40.19 -9.35 -35.99
N LYS D 310 -40.14 -10.66 -36.20
CA LYS D 310 -39.37 -11.54 -35.33
C LYS D 310 -37.91 -11.11 -35.27
N GLY D 311 -37.40 -10.97 -34.05
CA GLY D 311 -36.03 -10.61 -33.83
C GLY D 311 -35.80 -9.15 -33.46
N THR D 312 -36.76 -8.27 -33.74
CA THR D 312 -36.57 -6.86 -33.48
C THR D 312 -36.62 -6.57 -31.98
N SER D 313 -35.80 -5.63 -31.55
CA SER D 313 -35.77 -5.24 -30.14
C SER D 313 -37.00 -4.42 -29.78
N VAL D 314 -37.53 -4.65 -28.59
CA VAL D 314 -38.67 -3.90 -28.07
C VAL D 314 -38.39 -3.52 -26.63
N LEU D 315 -38.61 -2.25 -26.29
CA LEU D 315 -38.37 -1.74 -24.95
C LEU D 315 -39.68 -1.24 -24.36
N LEU D 316 -40.05 -1.76 -23.19
CA LEU D 316 -41.25 -1.34 -22.49
C LEU D 316 -40.87 -0.33 -21.42
N ASP D 317 -41.50 0.85 -21.48
CA ASP D 317 -41.17 1.94 -20.56
C ASP D 317 -41.84 1.70 -19.22
N LEU D 318 -41.05 1.35 -18.20
CA LEU D 318 -41.59 1.18 -16.86
C LEU D 318 -41.91 2.52 -16.23
N TYR D 319 -40.98 3.47 -16.31
CA TYR D 319 -41.15 4.76 -15.64
C TYR D 319 -42.35 5.51 -16.20
N GLY D 320 -42.45 5.61 -17.53
CA GLY D 320 -43.53 6.36 -18.14
C GLY D 320 -44.89 5.76 -17.86
N THR D 321 -45.00 4.43 -17.91
CA THR D 321 -46.25 3.77 -17.56
C THR D 321 -46.66 4.10 -16.14
N ASN D 322 -45.71 4.14 -15.21
CA ASN D 322 -46.01 4.47 -13.82
C ASN D 322 -46.45 5.93 -13.67
N HIS D 323 -46.13 6.78 -14.63
CA HIS D 323 -46.55 8.18 -14.60
C HIS D 323 -47.51 8.50 -15.74
N ASP D 324 -48.24 7.49 -16.22
CA ASP D 324 -49.20 7.68 -17.29
C ASP D 324 -50.45 8.38 -16.75
N PRO D 325 -50.80 9.57 -17.25
CA PRO D 325 -52.02 10.23 -16.76
C PRO D 325 -53.30 9.46 -17.06
N ARG D 326 -53.29 8.57 -18.06
CA ARG D 326 -54.46 7.74 -18.33
C ARG D 326 -54.71 6.73 -17.22
N LEU D 327 -53.72 6.47 -16.38
CA LEU D 327 -53.86 5.50 -15.29
C LEU D 327 -53.78 6.11 -13.90
N TRP D 328 -53.10 7.25 -13.75
CA TRP D 328 -52.90 7.87 -12.45
C TRP D 328 -53.24 9.35 -12.55
N ASP D 329 -54.22 9.78 -11.77
CA ASP D 329 -54.58 11.19 -11.73
C ASP D 329 -53.47 12.00 -11.07
N HIS D 330 -53.06 13.09 -11.73
CA HIS D 330 -51.92 13.89 -11.31
C HIS D 330 -50.69 13.01 -11.08
N PRO D 331 -50.19 12.36 -12.14
CA PRO D 331 -49.18 11.31 -11.93
C PRO D 331 -47.84 11.82 -11.42
N ASP D 332 -47.50 13.07 -11.70
CA ASP D 332 -46.23 13.65 -11.27
C ASP D 332 -46.31 14.21 -9.85
N GLU D 333 -47.31 13.83 -9.08
CA GLU D 333 -47.46 14.25 -7.69
C GLU D 333 -47.44 13.02 -6.79
N PHE D 334 -46.80 13.16 -5.63
CA PHE D 334 -46.71 12.09 -4.64
C PHE D 334 -47.98 12.10 -3.80
N ARG D 335 -48.92 11.20 -4.14
CA ARG D 335 -50.23 11.13 -3.50
C ARG D 335 -50.49 9.71 -3.02
N PRO D 336 -50.02 9.36 -1.82
CA PRO D 336 -50.25 8.00 -1.31
C PRO D 336 -51.72 7.63 -1.19
N GLU D 337 -52.60 8.61 -0.99
CA GLU D 337 -54.03 8.32 -0.89
C GLU D 337 -54.62 7.76 -2.18
N ARG D 338 -53.89 7.86 -3.29
CA ARG D 338 -54.38 7.29 -4.54
C ARG D 338 -54.47 5.76 -4.50
N PHE D 339 -53.82 5.13 -3.53
CA PHE D 339 -53.84 3.67 -3.42
C PHE D 339 -54.89 3.16 -2.44
N ALA D 340 -55.63 4.06 -1.80
CA ALA D 340 -56.78 3.64 -1.01
C ALA D 340 -57.88 3.13 -1.93
N GLU D 341 -58.38 1.93 -1.67
CA GLU D 341 -59.44 1.31 -2.48
C GLU D 341 -59.02 1.21 -3.95
N ARG D 342 -57.77 0.82 -4.18
CA ARG D 342 -57.24 0.65 -5.53
C ARG D 342 -57.46 -0.78 -5.98
N GLU D 343 -58.16 -0.95 -7.10
CA GLU D 343 -58.31 -2.26 -7.70
C GLU D 343 -56.95 -2.80 -8.12
N GLU D 344 -56.65 -4.04 -7.73
CA GLU D 344 -55.36 -4.62 -8.08
C GLU D 344 -55.29 -4.87 -9.58
N ASN D 345 -54.25 -4.35 -10.22
CA ASN D 345 -54.03 -4.51 -11.64
C ASN D 345 -52.55 -4.81 -11.87
N LEU D 346 -52.28 -5.70 -12.82
CA LEU D 346 -50.94 -6.20 -13.06
C LEU D 346 -50.20 -5.47 -14.17
N PHE D 347 -50.79 -4.42 -14.73
CA PHE D 347 -50.17 -3.75 -15.88
C PHE D 347 -50.14 -2.24 -15.80
N ASP D 348 -50.82 -1.60 -14.85
CA ASP D 348 -50.75 -0.15 -14.71
C ASP D 348 -49.74 0.30 -13.67
N MET D 349 -49.38 -0.58 -12.74
CA MET D 349 -48.37 -0.33 -11.71
C MET D 349 -47.27 -1.36 -11.92
N ILE D 350 -46.19 -0.97 -12.60
CA ILE D 350 -45.16 -1.94 -12.97
C ILE D 350 -43.75 -1.46 -12.62
N PRO D 351 -43.49 -0.91 -11.43
CA PRO D 351 -42.12 -0.48 -11.12
C PRO D 351 -41.15 -1.64 -10.99
N GLN D 352 -41.64 -2.84 -10.70
CA GLN D 352 -40.82 -4.04 -10.65
C GLN D 352 -41.35 -5.09 -11.63
N GLY D 353 -41.88 -4.65 -12.77
CA GLY D 353 -42.40 -5.55 -13.78
C GLY D 353 -43.91 -5.67 -13.72
N GLY D 354 -44.46 -6.28 -14.77
CA GLY D 354 -45.89 -6.50 -14.86
C GLY D 354 -46.22 -7.96 -15.12
N GLY D 355 -47.52 -8.22 -15.29
CA GLY D 355 -47.98 -9.56 -15.55
C GLY D 355 -47.94 -10.45 -14.32
N HIS D 356 -47.89 -11.75 -14.57
CA HIS D 356 -47.84 -12.76 -13.52
C HIS D 356 -46.41 -13.21 -13.31
N ALA D 357 -45.95 -13.14 -12.06
CA ALA D 357 -44.57 -13.53 -11.76
C ALA D 357 -44.34 -15.01 -12.00
N GLU D 358 -45.37 -15.84 -11.84
CA GLU D 358 -45.24 -17.27 -12.05
C GLU D 358 -45.36 -17.68 -13.51
N LYS D 359 -45.75 -16.77 -14.39
CA LYS D 359 -45.85 -17.05 -15.82
C LYS D 359 -45.00 -16.09 -16.65
N GLY D 360 -44.18 -15.27 -16.01
CA GLY D 360 -43.34 -14.34 -16.72
C GLY D 360 -42.14 -13.94 -15.88
N HIS D 361 -41.49 -12.85 -16.30
CA HIS D 361 -40.26 -12.40 -15.68
C HIS D 361 -40.49 -11.33 -14.62
N ARG D 362 -41.73 -11.15 -14.16
CA ARG D 362 -42.01 -10.13 -13.14
C ARG D 362 -41.20 -10.41 -11.89
N CYS D 363 -40.76 -9.34 -11.23
CA CYS D 363 -39.91 -9.46 -10.05
C CYS D 363 -40.59 -10.31 -8.98
N PRO D 364 -39.99 -11.42 -8.56
CA PRO D 364 -40.56 -12.21 -7.47
C PRO D 364 -40.29 -11.63 -6.10
N GLY D 365 -39.41 -10.64 -5.98
CA GLY D 365 -39.12 -9.99 -4.73
C GLY D 365 -39.99 -8.79 -4.42
N GLU D 366 -41.10 -8.62 -5.14
CA GLU D 366 -41.97 -7.48 -4.90
C GLU D 366 -42.54 -7.50 -3.48
N GLY D 367 -42.99 -8.69 -3.02
CA GLY D 367 -43.52 -8.79 -1.68
C GLY D 367 -42.49 -8.49 -0.61
N ILE D 368 -41.24 -8.96 -0.82
CA ILE D 368 -40.17 -8.65 0.13
C ILE D 368 -39.88 -7.16 0.12
N THR D 369 -39.86 -6.55 -1.06
CA THR D 369 -39.58 -5.12 -1.17
C THR D 369 -40.60 -4.30 -0.40
N ILE D 370 -41.88 -4.65 -0.52
CA ILE D 370 -42.93 -3.89 0.15
C ILE D 370 -42.84 -4.05 1.66
N GLU D 371 -42.71 -5.30 2.12
CA GLU D 371 -42.70 -5.56 3.56
C GLU D 371 -41.49 -4.93 4.23
N VAL D 372 -40.33 -4.98 3.58
CA VAL D 372 -39.14 -4.34 4.14
C VAL D 372 -39.30 -2.83 4.15
N MET D 373 -39.91 -2.28 3.10
CA MET D 373 -40.13 -0.83 3.05
C MET D 373 -41.10 -0.38 4.13
N LYS D 374 -42.17 -1.15 4.36
CA LYS D 374 -43.14 -0.78 5.37
C LYS D 374 -42.52 -0.77 6.76
N ALA D 375 -41.74 -1.81 7.08
CA ALA D 375 -41.10 -1.88 8.39
C ALA D 375 -40.06 -0.78 8.57
N SER D 376 -39.34 -0.44 7.50
CA SER D 376 -38.38 0.66 7.58
C SER D 376 -39.08 2.00 7.75
N LEU D 377 -40.19 2.20 7.02
CA LEU D 377 -40.97 3.41 7.20
C LEU D 377 -41.59 3.48 8.59
N ASP D 378 -42.03 2.34 9.12
CA ASP D 378 -42.57 2.30 10.47
C ASP D 378 -41.53 2.73 11.49
N PHE D 379 -40.28 2.28 11.31
CA PHE D 379 -39.21 2.65 12.22
C PHE D 379 -38.89 4.13 12.15
N LEU D 380 -38.86 4.70 10.94
CA LEU D 380 -38.56 6.12 10.78
C LEU D 380 -39.64 7.02 11.38
N VAL D 381 -40.85 6.52 11.54
CA VAL D 381 -41.98 7.32 11.99
C VAL D 381 -42.19 7.21 13.50
N HIS D 382 -42.07 6.01 14.06
CA HIS D 382 -42.44 5.76 15.44
C HIS D 382 -41.26 5.62 16.39
N GLN D 383 -40.10 5.20 15.91
CA GLN D 383 -39.02 4.83 16.81
C GLN D 383 -38.08 5.97 17.15
N ILE D 384 -37.86 6.92 16.24
CA ILE D 384 -36.83 7.94 16.41
C ILE D 384 -37.32 9.29 15.92
N GLU D 385 -36.70 10.34 16.43
CA GLU D 385 -36.78 11.69 15.90
C GLU D 385 -35.41 12.09 15.38
N TYR D 386 -35.40 12.89 14.31
CA TYR D 386 -34.13 13.26 13.70
C TYR D 386 -34.28 14.55 12.92
N ASP D 387 -33.15 15.15 12.60
CA ASP D 387 -33.08 16.35 11.78
C ASP D 387 -32.56 15.99 10.38
N VAL D 388 -33.00 16.75 9.39
CA VAL D 388 -32.50 16.61 8.02
C VAL D 388 -31.71 17.88 7.70
N PRO D 389 -30.39 17.90 7.97
CA PRO D 389 -29.62 19.13 7.78
C PRO D 389 -29.44 19.51 6.32
N GLU D 390 -28.77 20.64 6.09
CA GLU D 390 -28.56 21.14 4.73
C GLU D 390 -27.73 20.15 3.92
N GLN D 391 -28.29 19.72 2.79
CA GLN D 391 -27.65 18.71 1.96
C GLN D 391 -28.27 18.77 0.57
N SER D 392 -27.63 18.09 -0.38
CA SER D 392 -28.14 17.97 -1.73
C SER D 392 -29.04 16.75 -1.81
N LEU D 393 -30.34 16.97 -1.65
CA LEU D 393 -31.34 15.91 -1.78
C LEU D 393 -31.81 15.74 -3.22
N HIS D 394 -31.21 16.44 -4.16
CA HIS D 394 -31.60 16.34 -5.56
C HIS D 394 -31.27 14.95 -6.10
N TYR D 395 -32.17 14.41 -6.91
CA TYR D 395 -31.93 13.17 -7.64
C TYR D 395 -32.23 13.40 -9.11
N SER D 396 -31.33 12.90 -9.96
CA SER D 396 -31.41 13.17 -11.39
C SER D 396 -32.20 12.08 -12.09
N LEU D 397 -33.16 12.50 -12.92
CA LEU D 397 -33.92 11.57 -13.74
C LEU D 397 -33.13 11.04 -14.94
N ALA D 398 -31.93 11.57 -15.17
CA ALA D 398 -31.07 11.08 -16.24
C ALA D 398 -30.11 10.00 -15.77
N ARG D 399 -29.81 9.93 -14.47
CA ARG D 399 -28.89 8.95 -13.93
C ARG D 399 -29.63 7.65 -13.63
N MET D 400 -29.14 6.55 -14.18
CA MET D 400 -29.78 5.24 -14.02
C MET D 400 -28.82 4.26 -13.36
N PRO D 401 -29.10 3.80 -12.14
CA PRO D 401 -30.25 4.14 -11.29
C PRO D 401 -30.08 5.51 -10.64
N SER D 402 -31.12 6.05 -10.02
CA SER D 402 -31.09 7.38 -9.44
C SER D 402 -31.13 7.30 -7.92
N LEU D 403 -30.53 8.30 -7.27
CA LEU D 403 -30.48 8.38 -5.82
C LEU D 403 -30.30 9.84 -5.45
N PRO D 404 -30.96 10.30 -4.38
CA PRO D 404 -30.63 11.63 -3.84
C PRO D 404 -29.14 11.71 -3.52
N GLU D 405 -28.50 12.77 -4.02
CA GLU D 405 -27.04 12.84 -3.99
C GLU D 405 -26.47 12.61 -2.60
N SER D 406 -27.07 13.25 -1.58
CA SER D 406 -26.57 13.09 -0.22
C SER D 406 -26.84 11.70 0.32
N GLY D 407 -27.92 11.05 -0.12
CA GLY D 407 -28.33 9.80 0.48
C GLY D 407 -29.17 9.97 1.73
N PHE D 408 -29.83 11.11 1.87
CA PHE D 408 -30.61 11.47 3.06
C PHE D 408 -29.77 11.31 4.34
N VAL D 409 -28.77 12.20 4.47
CA VAL D 409 -27.99 12.22 5.70
C VAL D 409 -28.85 12.79 6.81
N MET D 410 -28.74 12.19 8.00
CA MET D 410 -29.53 12.57 9.16
C MET D 410 -28.62 12.96 10.31
N SER D 411 -29.16 13.74 11.24
CA SER D 411 -28.40 14.19 12.41
C SER D 411 -29.37 14.45 13.55
N GLY D 412 -28.81 14.65 14.74
CA GLY D 412 -29.64 14.86 15.92
C GLY D 412 -30.58 13.71 16.21
N ILE D 413 -30.13 12.49 15.97
CA ILE D 413 -30.99 11.32 16.10
C ILE D 413 -31.13 10.97 17.58
N ARG D 414 -32.37 10.75 18.01
CA ARG D 414 -32.67 10.39 19.39
C ARG D 414 -33.89 9.47 19.39
N ARG D 415 -33.95 8.59 20.38
CA ARG D 415 -35.05 7.65 20.49
C ARG D 415 -36.34 8.40 20.81
N LYS D 416 -37.47 7.71 20.58
CA LYS D 416 -38.78 8.28 20.88
C LYS D 416 -39.33 7.68 22.17
N GLU E 3 21.34 -2.78 57.43
CA GLU E 3 20.04 -3.46 57.34
C GLU E 3 20.20 -4.97 57.27
N GLN E 4 19.61 -5.66 58.25
CA GLN E 4 19.47 -7.12 58.19
C GLN E 4 18.29 -7.55 57.32
N ILE E 5 17.75 -6.63 56.53
CA ILE E 5 16.63 -6.94 55.63
C ILE E 5 17.12 -7.90 54.55
N PRO E 6 16.33 -8.91 54.16
CA PRO E 6 16.77 -9.82 53.09
C PRO E 6 17.15 -9.05 51.83
N HIS E 7 18.21 -9.53 51.17
CA HIS E 7 18.81 -8.82 50.06
C HIS E 7 18.99 -9.78 48.88
N ASP E 8 18.18 -9.60 47.85
CA ASP E 8 18.38 -10.31 46.59
C ASP E 8 19.51 -9.62 45.84
N LYS E 9 20.66 -10.27 45.77
CA LYS E 9 21.85 -9.68 45.15
C LYS E 9 21.99 -10.08 43.69
N SER E 10 20.98 -10.71 43.09
CA SER E 10 21.04 -11.04 41.68
C SER E 10 21.05 -9.77 40.84
N LEU E 11 22.05 -9.66 39.96
CA LEU E 11 22.25 -8.44 39.18
C LEU E 11 21.30 -8.32 38.01
N ASP E 12 20.56 -9.37 37.67
CA ASP E 12 19.66 -9.39 36.52
C ASP E 12 18.20 -9.48 36.96
N ASN E 13 17.86 -8.81 38.07
CA ASN E 13 16.51 -8.94 38.62
C ASN E 13 15.46 -8.32 37.71
N SER E 14 15.83 -7.27 36.95
CA SER E 14 14.88 -6.67 36.02
C SER E 14 14.48 -7.65 34.93
N LEU E 15 15.44 -8.43 34.43
CA LEU E 15 15.11 -9.49 33.48
C LEU E 15 14.30 -10.59 34.16
N THR E 16 14.60 -10.89 35.43
CA THR E 16 13.83 -11.87 36.17
C THR E 16 12.42 -11.37 36.47
N LEU E 17 12.26 -10.06 36.68
CA LEU E 17 10.93 -9.49 36.83
C LEU E 17 10.11 -9.68 35.57
N LEU E 18 10.76 -9.63 34.40
CA LEU E 18 10.05 -9.79 33.13
C LEU E 18 9.51 -11.20 32.96
N LYS E 19 10.19 -12.21 33.52
CA LYS E 19 9.76 -13.59 33.34
C LYS E 19 8.87 -14.10 34.47
N GLU E 20 8.83 -13.41 35.62
CA GLU E 20 7.97 -13.81 36.72
C GLU E 20 6.76 -12.90 36.90
N GLY E 21 6.83 -11.66 36.45
CA GLY E 21 5.65 -10.81 36.38
C GLY E 21 5.01 -10.59 37.73
N TYR E 22 3.72 -10.92 37.82
CA TYR E 22 2.94 -10.67 39.03
C TYR E 22 3.42 -11.48 40.23
N LEU E 23 4.34 -12.42 40.05
CA LEU E 23 4.81 -13.27 41.13
C LEU E 23 6.23 -12.93 41.59
N PHE E 24 6.87 -11.94 40.98
CA PHE E 24 8.28 -11.66 41.31
C PHE E 24 8.43 -11.28 42.77
N ILE E 25 7.58 -10.39 43.27
CA ILE E 25 7.70 -9.94 44.65
C ILE E 25 7.25 -11.02 45.61
N LYS E 26 6.12 -11.66 45.32
CA LYS E 26 5.59 -12.68 46.22
C LYS E 26 6.54 -13.87 46.35
N ASN E 27 7.11 -14.32 45.23
CA ASN E 27 8.08 -15.42 45.28
C ASN E 27 9.21 -15.12 46.25
N ARG E 28 9.64 -13.85 46.30
CA ARG E 28 10.77 -13.47 47.15
C ARG E 28 10.34 -13.12 48.56
N THR E 29 9.16 -12.55 48.77
CA THR E 29 8.67 -12.41 50.13
C THR E 29 8.38 -13.77 50.76
N GLU E 30 7.95 -14.74 49.95
CA GLU E 30 7.79 -16.11 50.44
C GLU E 30 9.15 -16.73 50.72
N ARG E 31 10.09 -16.59 49.79
CA ARG E 31 11.40 -17.22 49.94
C ARG E 31 12.15 -16.65 51.14
N TYR E 32 12.10 -15.34 51.34
CA TYR E 32 12.86 -14.68 52.38
C TYR E 32 12.11 -14.61 53.72
N ASN E 33 10.87 -15.09 53.77
CA ASN E 33 10.06 -15.06 54.99
C ASN E 33 10.04 -13.66 55.60
N SER E 34 9.64 -12.70 54.78
CA SER E 34 9.71 -11.30 55.17
C SER E 34 8.79 -10.48 54.28
N ASP E 35 8.20 -9.43 54.86
CA ASP E 35 7.37 -8.51 54.11
C ASP E 35 8.18 -7.53 53.27
N LEU E 36 9.50 -7.47 53.47
CA LEU E 36 10.37 -6.55 52.78
C LEU E 36 11.64 -7.26 52.34
N PHE E 37 12.18 -6.84 51.20
CA PHE E 37 13.49 -7.29 50.76
C PHE E 37 14.06 -6.26 49.79
N GLN E 38 15.39 -6.16 49.78
CA GLN E 38 16.07 -5.25 48.87
C GLN E 38 16.45 -5.96 47.58
N ALA E 39 16.46 -5.21 46.49
CA ALA E 39 16.83 -5.74 45.18
C ALA E 39 17.04 -4.58 44.22
N ARG E 40 17.98 -4.77 43.30
CA ARG E 40 18.22 -3.79 42.24
C ARG E 40 17.21 -4.02 41.13
N LEU E 41 16.31 -3.06 40.93
CA LEU E 41 15.21 -3.21 39.98
C LEU E 41 15.05 -1.93 39.19
N LEU E 42 14.88 -2.07 37.87
CA LEU E 42 14.67 -0.95 36.96
C LEU E 42 15.79 0.09 37.09
N GLY E 43 17.01 -0.40 37.28
CA GLY E 43 18.15 0.48 37.40
C GLY E 43 18.26 1.24 38.70
N LYS E 44 17.55 0.81 39.74
CA LYS E 44 17.55 1.50 41.02
C LYS E 44 17.67 0.50 42.15
N ASN E 45 18.39 0.88 43.21
CA ASN E 45 18.44 0.09 44.44
C ASN E 45 17.10 0.24 45.16
N ALA E 46 16.28 -0.80 45.11
CA ALA E 46 14.90 -0.72 45.54
C ALA E 46 14.62 -1.63 46.72
N ILE E 47 13.50 -1.37 47.38
CA ILE E 47 12.93 -2.23 48.41
C ILE E 47 11.52 -2.60 47.99
N CYS E 48 11.22 -3.90 48.02
CA CYS E 48 9.90 -4.39 47.67
C CYS E 48 9.13 -4.74 48.94
N MET E 49 7.88 -4.29 49.01
CA MET E 49 7.03 -4.51 50.17
C MET E 49 5.76 -5.25 49.75
N THR E 50 5.10 -5.86 50.74
CA THR E 50 3.82 -6.52 50.50
C THR E 50 3.03 -6.54 51.80
N GLY E 51 1.71 -6.61 51.67
CA GLY E 51 0.83 -6.69 52.82
C GLY E 51 0.12 -5.36 53.08
N ALA E 52 -0.98 -5.45 53.83
CA ALA E 52 -1.81 -4.28 54.09
C ALA E 52 -1.08 -3.26 54.94
N GLU E 53 -0.27 -3.70 55.90
CA GLU E 53 0.49 -2.75 56.71
C GLU E 53 1.52 -2.01 55.88
N ALA E 54 2.20 -2.71 54.98
CA ALA E 54 3.11 -2.04 54.06
C ALA E 54 2.36 -1.06 53.17
N ALA E 55 1.14 -1.42 52.75
CA ALA E 55 0.32 -0.50 51.97
C ALA E 55 -0.01 0.74 52.78
N LYS E 56 -0.28 0.58 54.07
CA LYS E 56 -0.54 1.73 54.93
C LYS E 56 0.67 2.68 54.96
N VAL E 57 1.87 2.12 55.09
CA VAL E 57 3.08 2.94 55.08
C VAL E 57 3.31 3.53 53.70
N PHE E 58 2.98 2.76 52.64
CA PHE E 58 3.24 3.21 51.28
C PHE E 58 2.45 4.46 50.94
N TYR E 59 1.26 4.63 51.51
CA TYR E 59 0.39 5.76 51.19
C TYR E 59 0.52 6.89 52.18
N ASP E 60 1.56 6.88 53.02
CA ASP E 60 1.88 8.01 53.88
C ASP E 60 2.65 9.02 53.04
N THR E 61 1.94 10.05 52.55
CA THR E 61 2.56 11.02 51.65
C THR E 61 3.59 11.90 52.33
N ASP E 62 3.76 11.79 53.65
CA ASP E 62 4.88 12.44 54.31
C ASP E 62 6.16 11.63 54.16
N ARG E 63 6.03 10.32 53.96
CA ARG E 63 7.18 9.43 53.85
C ARG E 63 7.46 9.00 52.41
N PHE E 64 6.50 9.12 51.50
CA PHE E 64 6.65 8.65 50.13
C PHE E 64 6.18 9.69 49.14
N GLN E 65 6.95 9.85 48.07
CA GLN E 65 6.61 10.71 46.95
C GLN E 65 6.49 9.86 45.69
N ARG E 66 5.83 10.42 44.68
CA ARG E 66 5.67 9.74 43.40
C ARG E 66 6.51 10.32 42.28
N GLN E 67 7.01 11.55 42.43
CA GLN E 67 7.83 12.16 41.39
C GLN E 67 9.12 11.39 41.21
N ASN E 68 9.45 11.08 39.95
CA ASN E 68 10.66 10.34 39.59
C ASN E 68 10.70 8.95 40.20
N ALA E 69 9.53 8.36 40.45
CA ALA E 69 9.48 7.04 41.04
C ALA E 69 9.62 5.94 39.99
N LEU E 70 8.80 5.99 38.94
CA LEU E 70 8.80 5.00 37.88
C LEU E 70 9.62 5.49 36.68
N PRO E 71 10.21 4.58 35.91
CA PRO E 71 11.02 5.01 34.76
C PRO E 71 10.17 5.69 33.70
N LYS E 72 10.85 6.44 32.84
CA LYS E 72 10.16 7.21 31.81
C LYS E 72 9.40 6.33 30.83
N ARG E 73 9.74 5.04 30.75
CA ARG E 73 9.05 4.14 29.83
C ARG E 73 7.56 4.02 30.15
N VAL E 74 7.19 4.16 31.43
CA VAL E 74 5.78 4.06 31.80
C VAL E 74 5.05 5.35 31.44
N GLN E 75 5.72 6.50 31.61
CA GLN E 75 5.13 7.77 31.21
C GLN E 75 4.89 7.81 29.70
N LYS E 76 5.90 7.38 28.93
CA LYS E 76 5.82 7.45 27.48
C LYS E 76 4.92 6.38 26.87
N SER E 77 4.29 5.54 27.69
CA SER E 77 3.38 4.52 27.15
C SER E 77 2.01 4.61 27.81
N LEU E 78 1.95 4.33 29.11
CA LEU E 78 0.67 4.19 29.80
C LEU E 78 0.13 5.51 30.32
N PHE E 79 0.96 6.30 31.00
CA PHE E 79 0.47 7.43 31.79
C PHE E 79 0.44 8.74 31.03
N GLY E 80 1.42 9.00 30.19
CA GLY E 80 1.67 10.36 29.74
C GLY E 80 2.76 11.02 30.57
N VAL E 81 3.53 11.89 29.92
CA VAL E 81 4.69 12.48 30.56
C VAL E 81 4.25 13.55 31.55
N ASN E 82 4.67 13.41 32.80
CA ASN E 82 4.47 14.43 33.84
C ASN E 82 2.99 14.67 34.12
N ALA E 83 2.22 13.59 34.16
CA ALA E 83 0.79 13.70 34.43
C ALA E 83 0.54 13.53 35.93
N ILE E 84 -0.70 13.21 36.31
CA ILE E 84 -1.09 13.19 37.72
C ILE E 84 -0.33 12.10 38.49
N GLN E 85 0.03 11.01 37.82
CA GLN E 85 0.63 9.87 38.51
C GLN E 85 1.97 10.23 39.13
N GLY E 86 2.72 11.14 38.52
CA GLY E 86 4.01 11.58 39.03
C GLY E 86 3.96 12.83 39.88
N MET E 87 2.80 13.27 40.32
CA MET E 87 2.65 14.51 41.06
C MET E 87 2.56 14.25 42.56
N ASP E 88 2.91 15.28 43.33
CA ASP E 88 2.81 15.25 44.78
C ASP E 88 2.33 16.61 45.27
N GLY E 89 2.07 16.70 46.57
CA GLY E 89 1.71 17.96 47.19
C GLY E 89 0.29 18.39 46.90
N SER E 90 -0.01 19.64 47.30
CA SER E 90 -1.33 20.20 47.08
C SER E 90 -1.66 20.35 45.59
N ALA E 91 -0.64 20.45 44.74
CA ALA E 91 -0.89 20.49 43.30
C ALA E 91 -1.51 19.18 42.83
N HIS E 92 -1.03 18.04 43.34
CA HIS E 92 -1.61 16.76 42.98
C HIS E 92 -3.04 16.64 43.51
N ILE E 93 -3.26 17.04 44.77
CA ILE E 93 -4.60 17.00 45.34
C ILE E 93 -5.54 17.90 44.55
N HIS E 94 -5.02 19.02 44.03
CA HIS E 94 -5.85 19.90 43.21
C HIS E 94 -6.27 19.21 41.92
N ARG E 95 -5.32 18.57 41.23
CA ARG E 95 -5.66 17.87 39.99
C ARG E 95 -6.44 16.60 40.26
N LYS E 96 -6.24 15.98 41.43
CA LYS E 96 -7.01 14.79 41.76
C LYS E 96 -8.49 15.12 41.95
N MET E 97 -8.79 16.30 42.49
CA MET E 97 -10.18 16.72 42.64
C MET E 97 -10.88 16.81 41.29
N LEU E 98 -10.15 17.23 40.25
CA LEU E 98 -10.73 17.28 38.91
C LEU E 98 -11.16 15.90 38.44
N PHE E 99 -10.28 14.90 38.61
CA PHE E 99 -10.62 13.54 38.22
C PHE E 99 -11.79 13.01 39.03
N LEU E 100 -11.74 13.20 40.36
CA LEU E 100 -12.78 12.65 41.22
C LEU E 100 -14.14 13.26 40.91
N SER E 101 -14.16 14.54 40.53
CA SER E 101 -15.43 15.20 40.23
C SER E 101 -16.12 14.60 39.01
N LEU E 102 -15.37 13.92 38.14
CA LEU E 102 -15.91 13.31 36.94
C LEU E 102 -16.27 11.85 37.12
N MET E 103 -16.18 11.33 38.35
CA MET E 103 -16.31 9.90 38.60
C MET E 103 -17.24 9.61 39.77
N THR E 104 -18.09 10.57 40.13
CA THR E 104 -19.05 10.42 41.21
C THR E 104 -20.10 9.37 40.84
N PRO E 105 -20.90 8.92 41.81
CA PRO E 105 -21.94 7.91 41.53
C PRO E 105 -22.84 8.29 40.36
N PRO E 106 -23.23 9.57 40.20
CA PRO E 106 -23.99 9.90 38.99
C PRO E 106 -23.26 9.58 37.70
N HIS E 107 -21.95 9.85 37.64
CA HIS E 107 -21.18 9.49 36.46
C HIS E 107 -21.05 7.97 36.32
N GLN E 108 -20.90 7.27 37.44
CA GLN E 108 -20.84 5.81 37.40
C GLN E 108 -22.14 5.23 36.85
N LYS E 109 -23.28 5.74 37.34
CA LYS E 109 -24.58 5.25 36.88
C LYS E 109 -24.75 5.49 35.38
N ARG E 110 -24.41 6.69 34.91
CA ARG E 110 -24.58 7.01 33.50
C ARG E 110 -23.73 6.10 32.62
N LEU E 111 -22.48 5.87 33.00
CA LEU E 111 -21.61 5.02 32.19
C LEU E 111 -22.10 3.58 32.17
N ALA E 112 -22.61 3.09 33.30
CA ALA E 112 -23.11 1.71 33.35
C ALA E 112 -24.38 1.56 32.51
N GLU E 113 -25.26 2.57 32.53
CA GLU E 113 -26.48 2.49 31.75
C GLU E 113 -26.18 2.60 30.26
N LEU E 114 -25.21 3.43 29.88
CA LEU E 114 -24.78 3.47 28.47
C LEU E 114 -24.23 2.11 28.04
N MET E 115 -23.45 1.47 28.92
CA MET E 115 -22.94 0.14 28.63
C MET E 115 -24.08 -0.85 28.45
N THR E 116 -25.11 -0.77 29.29
CA THR E 116 -26.23 -1.69 29.21
C THR E 116 -26.94 -1.58 27.86
N GLU E 117 -27.19 -0.36 27.41
CA GLU E 117 -27.82 -0.18 26.10
C GLU E 117 -26.96 -0.76 24.99
N GLU E 118 -25.64 -0.56 25.07
CA GLU E 118 -24.76 -1.03 24.00
C GLU E 118 -24.70 -2.56 23.98
N TRP E 119 -24.67 -3.19 25.15
CA TRP E 119 -24.70 -4.66 25.19
C TRP E 119 -25.99 -5.19 24.59
N LYS E 120 -27.12 -4.58 24.93
CA LYS E 120 -28.40 -5.04 24.41
C LYS E 120 -28.48 -4.89 22.90
N ALA E 121 -28.03 -3.74 22.38
CA ALA E 121 -28.05 -3.52 20.93
C ALA E 121 -27.12 -4.47 20.20
N ALA E 122 -26.03 -4.89 20.85
CA ALA E 122 -25.06 -5.75 20.20
C ALA E 122 -25.57 -7.17 19.97
N VAL E 123 -26.63 -7.57 20.67
CA VAL E 123 -27.10 -8.95 20.58
C VAL E 123 -27.61 -9.25 19.18
N THR E 124 -28.25 -8.28 18.54
CA THR E 124 -28.74 -8.47 17.17
C THR E 124 -27.59 -8.79 16.22
N ARG E 125 -26.44 -8.13 16.42
CA ARG E 125 -25.27 -8.43 15.61
C ARG E 125 -24.63 -9.74 16.00
N TRP E 126 -24.58 -10.04 17.31
CA TRP E 126 -23.96 -11.26 17.79
C TRP E 126 -24.72 -12.49 17.34
N GLU E 127 -26.05 -12.40 17.22
CA GLU E 127 -26.85 -13.56 16.83
C GLU E 127 -26.55 -14.00 15.41
N LYS E 128 -26.15 -13.07 14.54
CA LYS E 128 -25.83 -13.41 13.15
C LYS E 128 -24.37 -13.76 12.94
N ALA E 129 -23.53 -13.61 13.95
CA ALA E 129 -22.11 -13.92 13.83
C ALA E 129 -21.84 -15.37 14.22
N ASP E 130 -20.81 -15.94 13.60
CA ASP E 130 -20.39 -17.29 13.96
C ASP E 130 -19.64 -17.29 15.29
N GLU E 131 -18.73 -16.33 15.47
CA GLU E 131 -17.97 -16.19 16.71
C GLU E 131 -17.91 -14.73 17.09
N VAL E 132 -17.61 -14.49 18.37
CA VAL E 132 -17.48 -13.14 18.92
C VAL E 132 -16.38 -13.17 19.97
N VAL E 133 -15.41 -12.28 19.82
CA VAL E 133 -14.33 -12.14 20.80
C VAL E 133 -14.73 -11.06 21.79
N LEU E 134 -14.96 -11.45 23.04
CA LEU E 134 -15.48 -10.51 24.03
C LEU E 134 -14.53 -9.34 24.24
N PHE E 135 -13.22 -9.59 24.21
CA PHE E 135 -12.26 -8.51 24.43
C PHE E 135 -12.34 -7.47 23.32
N GLU E 136 -12.50 -7.90 22.07
CA GLU E 136 -12.56 -6.96 20.97
C GLU E 136 -13.88 -6.19 20.97
N GLU E 137 -14.97 -6.84 21.35
CA GLU E 137 -16.25 -6.14 21.44
C GLU E 137 -16.28 -5.19 22.63
N ALA E 138 -15.67 -5.60 23.75
CA ALA E 138 -15.69 -4.75 24.94
C ALA E 138 -14.88 -3.49 24.73
N LYS E 139 -13.73 -3.59 24.06
CA LYS E 139 -12.88 -2.41 23.89
C LYS E 139 -13.52 -1.40 22.95
N GLU E 140 -14.23 -1.86 21.92
CA GLU E 140 -14.87 -0.93 21.01
C GLU E 140 -16.11 -0.30 21.64
N ILE E 141 -16.91 -1.09 22.35
CA ILE E 141 -18.07 -0.55 23.04
C ILE E 141 -17.64 0.44 24.12
N LEU E 142 -16.60 0.09 24.88
CA LEU E 142 -16.12 0.98 25.94
C LEU E 142 -15.57 2.27 25.35
N CYS E 143 -14.89 2.19 24.21
CA CYS E 143 -14.34 3.40 23.59
C CYS E 143 -15.45 4.33 23.13
N ARG E 144 -16.49 3.78 22.50
CA ARG E 144 -17.60 4.61 22.06
C ARG E 144 -18.37 5.18 23.25
N VAL E 145 -18.57 4.37 24.29
CA VAL E 145 -19.31 4.84 25.46
C VAL E 145 -18.51 5.90 26.21
N ALA E 146 -17.22 5.67 26.39
CA ALA E 146 -16.39 6.63 27.11
C ALA E 146 -16.33 7.97 26.38
N CYS E 147 -16.13 7.94 25.07
CA CYS E 147 -16.03 9.18 24.30
C CYS E 147 -17.36 9.92 24.29
N TYR E 148 -18.47 9.21 24.10
CA TYR E 148 -19.78 9.86 24.09
C TYR E 148 -20.09 10.48 25.44
N TRP E 149 -19.78 9.77 26.53
CA TRP E 149 -20.02 10.31 27.86
C TRP E 149 -19.09 11.49 28.17
N ALA E 150 -17.88 11.48 27.59
CA ALA E 150 -16.93 12.56 27.81
C ALA E 150 -17.18 13.77 26.93
N GLY E 151 -18.07 13.67 25.94
CA GLY E 151 -18.24 14.73 24.96
C GLY E 151 -17.19 14.75 23.88
N VAL E 152 -16.41 13.68 23.73
CA VAL E 152 -15.34 13.61 22.75
C VAL E 152 -15.95 13.09 21.44
N PRO E 153 -15.91 13.85 20.35
CA PRO E 153 -16.46 13.35 19.09
C PRO E 153 -15.70 12.13 18.60
N LEU E 154 -16.44 11.15 18.07
CA LEU E 154 -15.85 9.88 17.65
C LEU E 154 -16.62 9.37 16.44
N LYS E 155 -16.01 9.46 15.27
CA LYS E 155 -16.63 8.92 14.06
C LYS E 155 -16.62 7.40 14.10
N GLU E 156 -17.64 6.80 13.47
CA GLU E 156 -17.75 5.35 13.47
C GLU E 156 -16.61 4.68 12.72
N THR E 157 -16.04 5.37 11.72
CA THR E 157 -14.94 4.82 10.93
C THR E 157 -13.61 4.88 11.66
N GLU E 158 -13.55 5.47 12.85
CA GLU E 158 -12.32 5.54 13.63
C GLU E 158 -12.41 4.82 14.97
N VAL E 159 -13.56 4.21 15.28
CA VAL E 159 -13.75 3.58 16.59
C VAL E 159 -12.71 2.49 16.82
N LYS E 160 -12.47 1.65 15.80
CA LYS E 160 -11.53 0.54 15.96
C LYS E 160 -10.13 1.06 16.20
N GLU E 161 -9.68 2.04 15.42
CA GLU E 161 -8.31 2.52 15.53
C GLU E 161 -8.10 3.33 16.80
N ARG E 162 -9.14 4.01 17.30
CA ARG E 162 -9.00 4.73 18.56
C ARG E 162 -9.00 3.77 19.74
N ALA E 163 -9.84 2.74 19.69
CA ALA E 163 -9.84 1.73 20.75
C ALA E 163 -8.55 0.93 20.76
N ASP E 164 -8.04 0.59 19.57
CA ASP E 164 -6.78 -0.13 19.48
C ASP E 164 -5.64 0.68 20.08
N ASP E 165 -5.61 1.99 19.79
CA ASP E 165 -4.56 2.85 20.33
C ASP E 165 -4.63 2.90 21.85
N PHE E 166 -5.85 2.94 22.41
CA PHE E 166 -6.00 2.97 23.86
C PHE E 166 -5.45 1.71 24.50
N ILE E 167 -5.82 0.55 23.95
CA ILE E 167 -5.36 -0.72 24.51
C ILE E 167 -3.86 -0.90 24.31
N ASP E 168 -3.32 -0.40 23.20
CA ASP E 168 -1.88 -0.50 22.97
C ASP E 168 -1.09 0.16 24.08
N MET E 169 -1.59 1.29 24.61
CA MET E 169 -0.91 1.94 25.72
C MET E 169 -0.97 1.10 26.98
N VAL E 170 -2.13 0.49 27.25
CA VAL E 170 -2.28 -0.34 28.44
C VAL E 170 -1.45 -1.61 28.31
N ASP E 171 -1.57 -2.30 27.18
CA ASP E 171 -0.88 -3.56 26.99
C ASP E 171 0.64 -3.42 26.94
N ALA E 172 1.16 -2.20 27.02
CA ALA E 172 2.60 -1.97 26.90
C ALA E 172 3.29 -1.63 28.21
N PHE E 173 2.54 -1.44 29.31
CA PHE E 173 3.16 -0.86 30.50
C PHE E 173 4.18 -1.79 31.15
N GLY E 174 4.01 -3.11 31.00
CA GLY E 174 4.92 -4.04 31.63
C GLY E 174 5.68 -4.90 30.63
N ALA E 175 5.89 -4.37 29.43
CA ALA E 175 6.47 -5.13 28.34
C ALA E 175 7.77 -4.50 27.87
N VAL E 176 8.53 -5.29 27.10
CA VAL E 176 9.69 -4.81 26.36
C VAL E 176 9.55 -5.31 24.94
N GLY E 177 10.21 -4.61 24.02
CA GLY E 177 10.18 -4.99 22.62
C GLY E 177 8.94 -4.52 21.90
N PRO E 178 8.52 -5.28 20.89
CA PRO E 178 7.41 -4.82 20.03
C PRO E 178 6.13 -4.53 20.77
N ARG E 179 5.81 -5.29 21.82
CA ARG E 179 4.60 -5.02 22.59
C ARG E 179 4.69 -3.66 23.27
N HIS E 180 5.85 -3.32 23.82
CA HIS E 180 6.02 -2.01 24.45
C HIS E 180 6.04 -0.90 23.41
N TRP E 181 6.60 -1.16 22.23
CA TRP E 181 6.72 -0.12 21.23
C TRP E 181 5.37 0.26 20.63
N LYS E 182 4.42 -0.69 20.58
CA LYS E 182 3.08 -0.36 20.10
C LYS E 182 2.45 0.72 20.97
N GLY E 183 2.66 0.66 22.29
CA GLY E 183 2.14 1.71 23.15
C GLY E 183 2.91 3.01 23.00
N ARG E 184 4.23 2.92 22.80
CA ARG E 184 5.02 4.12 22.57
C ARG E 184 4.63 4.85 21.28
N ARG E 185 4.03 4.14 20.32
CA ARG E 185 3.56 4.77 19.09
C ARG E 185 2.12 5.23 19.20
N ALA E 186 1.28 4.53 19.97
CA ALA E 186 -0.12 4.91 20.09
C ALA E 186 -0.30 6.18 20.89
N ARG E 187 0.56 6.41 21.89
CA ARG E 187 0.40 7.59 22.75
C ARG E 187 0.53 8.91 21.99
N PRO E 188 1.53 9.11 21.13
CA PRO E 188 1.58 10.39 20.37
C PRO E 188 0.37 10.59 19.48
N ARG E 189 -0.15 9.51 18.88
CA ARG E 189 -1.34 9.64 18.05
C ARG E 189 -2.55 10.06 18.87
N ALA E 190 -2.74 9.46 20.04
CA ALA E 190 -3.89 9.79 20.87
C ALA E 190 -3.76 11.18 21.47
N GLU E 191 -2.54 11.57 21.87
CA GLU E 191 -2.34 12.89 22.44
C GLU E 191 -2.59 13.99 21.42
N GLU E 192 -2.15 13.78 20.18
CA GLU E 192 -2.39 14.76 19.12
C GLU E 192 -3.87 14.82 18.76
N TRP E 193 -4.54 13.66 18.74
CA TRP E 193 -5.95 13.63 18.39
C TRP E 193 -6.82 14.34 19.43
N ILE E 194 -6.41 14.30 20.69
CA ILE E 194 -7.20 14.94 21.75
C ILE E 194 -6.79 16.40 21.96
N GLU E 195 -5.51 16.73 21.78
CA GLU E 195 -5.08 18.12 21.97
C GLU E 195 -5.74 19.05 20.96
N VAL E 196 -6.00 18.57 19.74
CA VAL E 196 -6.74 19.37 18.77
C VAL E 196 -8.13 19.69 19.28
N MET E 197 -8.74 18.74 20.00
CA MET E 197 -10.04 18.98 20.61
C MET E 197 -9.97 20.03 21.70
N ILE E 198 -8.94 19.96 22.55
CA ILE E 198 -8.71 21.00 23.55
C ILE E 198 -8.50 22.35 22.89
N GLU E 199 -7.70 22.36 21.82
CA GLU E 199 -7.43 23.59 21.08
C GLU E 199 -8.72 24.20 20.54
N ASP E 200 -9.55 23.38 19.90
CA ASP E 200 -10.78 23.91 19.30
C ASP E 200 -11.80 24.28 20.37
N ALA E 201 -11.87 23.51 21.47
CA ALA E 201 -12.81 23.83 22.54
C ALA E 201 -12.48 25.19 23.17
N ARG E 202 -11.20 25.48 23.36
CA ARG E 202 -10.82 26.74 24.00
C ARG E 202 -11.04 27.92 23.06
N ALA E 203 -11.04 27.69 21.76
CA ALA E 203 -11.39 28.72 20.79
C ALA E 203 -12.90 28.76 20.51
N GLY E 204 -13.70 28.01 21.25
CA GLY E 204 -15.12 27.92 21.01
C GLY E 204 -15.50 27.27 19.69
N LEU E 205 -14.55 26.62 18.99
CA LEU E 205 -14.83 26.01 17.70
C LEU E 205 -15.26 24.55 17.82
N LEU E 206 -15.25 23.98 19.02
CA LEU E 206 -15.78 22.65 19.28
C LEU E 206 -16.74 22.75 20.46
N LYS E 207 -17.98 22.30 20.25
CA LYS E 207 -18.98 22.37 21.30
C LYS E 207 -18.60 21.47 22.47
N THR E 208 -18.66 22.02 23.68
CA THR E 208 -18.47 21.26 24.90
C THR E 208 -19.63 21.53 25.85
N THR E 209 -19.77 20.68 26.85
CA THR E 209 -20.88 20.74 27.79
C THR E 209 -20.32 20.68 29.22
N SER E 210 -20.73 21.64 30.05
CA SER E 210 -20.27 21.71 31.42
C SER E 210 -20.56 20.40 32.16
N GLY E 211 -19.59 19.97 32.97
CA GLY E 211 -19.70 18.73 33.71
C GLY E 211 -19.17 17.51 32.99
N THR E 212 -18.89 17.60 31.70
CA THR E 212 -18.33 16.49 30.95
C THR E 212 -16.81 16.55 30.95
N ALA E 213 -16.20 15.38 30.72
CA ALA E 213 -14.75 15.24 30.89
C ALA E 213 -13.98 16.16 29.94
N LEU E 214 -14.42 16.26 28.68
CA LEU E 214 -13.72 17.11 27.72
C LEU E 214 -13.77 18.58 28.14
N HIS E 215 -14.96 19.05 28.54
CA HIS E 215 -15.10 20.44 28.96
C HIS E 215 -14.29 20.71 30.22
N GLU E 216 -14.34 19.82 31.20
CA GLU E 216 -13.68 20.06 32.47
C GLU E 216 -12.16 20.05 32.34
N MET E 217 -11.63 19.17 31.48
CA MET E 217 -10.18 19.12 31.29
C MET E 217 -9.68 20.33 30.52
N ALA E 218 -10.44 20.80 29.53
CA ALA E 218 -9.99 21.91 28.71
C ALA E 218 -10.00 23.22 29.48
N PHE E 219 -10.90 23.38 30.45
CA PHE E 219 -11.08 24.64 31.15
C PHE E 219 -10.74 24.56 32.63
N HIS E 220 -10.14 23.47 33.07
CA HIS E 220 -9.67 23.37 34.45
C HIS E 220 -8.57 24.38 34.71
N THR E 221 -8.60 25.01 35.87
CA THR E 221 -7.56 25.94 36.29
C THR E 221 -6.78 25.36 37.47
N GLN E 222 -5.48 25.61 37.49
CA GLN E 222 -4.62 25.07 38.53
C GLN E 222 -4.72 25.95 39.78
N GLU E 223 -3.82 25.71 40.74
CA GLU E 223 -3.86 26.47 41.99
C GLU E 223 -3.54 27.95 41.74
N ASP E 224 -2.63 28.24 40.82
CA ASP E 224 -2.31 29.62 40.49
C ASP E 224 -3.37 30.29 39.63
N GLY E 225 -4.39 29.56 39.18
CA GLY E 225 -5.46 30.11 38.39
C GLY E 225 -5.32 29.89 36.90
N SER E 226 -4.16 29.48 36.42
CA SER E 226 -3.95 29.25 35.00
C SER E 226 -4.47 27.87 34.61
N GLN E 227 -4.87 27.74 33.35
CA GLN E 227 -5.31 26.45 32.86
C GLN E 227 -4.10 25.60 32.45
N LEU E 228 -4.35 24.31 32.24
CA LEU E 228 -3.30 23.41 31.82
C LEU E 228 -2.88 23.72 30.40
N ASP E 229 -1.63 23.37 30.07
CA ASP E 229 -1.22 23.37 28.68
C ASP E 229 -2.13 22.43 27.90
N SER E 230 -2.39 22.81 26.64
CA SER E 230 -3.30 22.01 25.82
C SER E 230 -2.85 20.56 25.71
N ARG E 231 -1.53 20.34 25.69
CA ARG E 231 -1.02 18.97 25.69
C ARG E 231 -1.30 18.28 27.02
N MET E 232 -1.11 19.00 28.13
CA MET E 232 -1.38 18.43 29.44
C MET E 232 -2.87 18.14 29.63
N ALA E 233 -3.73 19.06 29.20
CA ALA E 233 -5.17 18.81 29.26
C ALA E 233 -5.55 17.58 28.44
N ALA E 234 -4.93 17.42 27.27
CA ALA E 234 -5.18 16.23 26.46
C ALA E 234 -4.72 14.97 27.20
N ILE E 235 -3.54 15.02 27.80
CA ILE E 235 -3.00 13.84 28.50
C ILE E 235 -3.92 13.43 29.63
N GLU E 236 -4.42 14.40 30.40
CA GLU E 236 -5.29 14.04 31.52
C GLU E 236 -6.66 13.57 31.06
N LEU E 237 -7.13 14.05 29.90
CA LEU E 237 -8.34 13.47 29.32
C LEU E 237 -8.09 12.04 28.85
N ILE E 238 -6.89 11.76 28.34
CA ILE E 238 -6.52 10.38 28.01
C ILE E 238 -6.50 9.53 29.28
N ASN E 239 -6.12 10.11 30.41
CA ASN E 239 -6.13 9.39 31.67
C ASN E 239 -7.54 9.12 32.19
N VAL E 240 -8.57 9.55 31.48
CA VAL E 240 -9.94 9.14 31.74
C VAL E 240 -10.43 8.17 30.68
N LEU E 241 -10.18 8.47 29.40
CA LEU E 241 -10.69 7.64 28.32
C LEU E 241 -10.00 6.29 28.25
N ARG E 242 -8.67 6.28 28.37
CA ARG E 242 -7.93 5.03 28.24
C ARG E 242 -8.28 4.01 29.32
N PRO E 243 -8.30 4.34 30.62
CA PRO E 243 -8.56 3.29 31.61
C PRO E 243 -10.00 2.78 31.57
N ILE E 244 -10.95 3.58 31.08
CA ILE E 244 -12.30 3.06 30.87
C ILE E 244 -12.27 1.96 29.81
N VAL E 245 -11.52 2.17 28.73
CA VAL E 245 -11.34 1.12 27.73
C VAL E 245 -10.59 -0.05 28.34
N ALA E 246 -9.70 0.22 29.30
CA ALA E 246 -8.94 -0.84 29.96
C ALA E 246 -9.80 -1.75 30.82
N ILE E 247 -11.05 -1.36 31.11
CA ILE E 247 -11.98 -2.24 31.80
C ILE E 247 -12.22 -3.51 30.99
N SER E 248 -11.91 -3.49 29.70
CA SER E 248 -12.03 -4.68 28.86
C SER E 248 -11.32 -5.87 29.49
N TYR E 249 -10.16 -5.63 30.12
CA TYR E 249 -9.44 -6.71 30.76
C TYR E 249 -10.27 -7.35 31.87
N PHE E 250 -10.85 -6.52 32.74
CA PHE E 250 -11.69 -7.05 33.82
C PHE E 250 -12.97 -7.68 33.29
N LEU E 251 -13.52 -7.13 32.20
CA LEU E 251 -14.73 -7.71 31.62
C LEU E 251 -14.49 -9.11 31.10
N VAL E 252 -13.34 -9.33 30.44
CA VAL E 252 -12.99 -10.66 29.97
C VAL E 252 -12.78 -11.60 31.15
N PHE E 253 -12.16 -11.10 32.23
CA PHE E 253 -11.91 -11.93 33.39
C PHE E 253 -13.20 -12.31 34.10
N SER E 254 -14.20 -11.42 34.11
CA SER E 254 -15.48 -11.74 34.72
C SER E 254 -16.15 -12.90 34.00
N ALA E 255 -16.19 -12.85 32.67
CA ALA E 255 -16.76 -13.96 31.90
C ALA E 255 -15.95 -15.23 32.07
N LEU E 256 -14.63 -15.10 32.25
CA LEU E 256 -13.80 -16.27 32.52
C LEU E 256 -14.20 -16.95 33.82
N ALA E 257 -14.37 -16.15 34.88
CA ALA E 257 -14.72 -16.72 36.18
C ALA E 257 -16.09 -17.37 36.15
N LEU E 258 -17.05 -16.74 35.46
CA LEU E 258 -18.40 -17.32 35.36
C LEU E 258 -18.37 -18.65 34.61
N HIS E 259 -17.59 -18.72 33.53
CA HIS E 259 -17.50 -19.96 32.76
C HIS E 259 -16.75 -21.03 33.53
N GLU E 260 -15.70 -20.65 34.25
CA GLU E 260 -14.89 -21.62 35.00
C GLU E 260 -15.48 -21.95 36.36
N HIS E 261 -16.44 -21.17 36.85
CA HIS E 261 -17.15 -21.46 38.09
C HIS E 261 -18.65 -21.34 37.84
N PRO E 262 -19.23 -22.28 37.09
CA PRO E 262 -20.63 -22.12 36.66
C PRO E 262 -21.64 -22.17 37.79
N LYS E 263 -21.24 -22.58 39.00
CA LYS E 263 -22.19 -22.61 40.11
C LYS E 263 -22.71 -21.22 40.44
N TYR E 264 -21.90 -20.19 40.24
CA TYR E 264 -22.29 -18.83 40.58
C TYR E 264 -23.24 -18.21 39.56
N LYS E 265 -23.48 -18.86 38.42
CA LYS E 265 -24.40 -18.32 37.44
C LYS E 265 -25.83 -18.29 37.97
N GLU E 266 -26.32 -19.43 38.44
CA GLU E 266 -27.65 -19.47 39.06
C GLU E 266 -27.66 -18.70 40.37
N TRP E 267 -26.51 -18.61 41.05
CA TRP E 267 -26.41 -17.77 42.23
C TRP E 267 -26.69 -16.31 41.90
N LEU E 268 -26.15 -15.83 40.79
CA LEU E 268 -26.41 -14.47 40.35
C LEU E 268 -27.82 -14.32 39.78
N ARG E 269 -28.32 -15.36 39.10
CA ARG E 269 -29.64 -15.29 38.50
C ARG E 269 -30.72 -15.06 39.55
N SER E 270 -30.72 -15.85 40.61
CA SER E 270 -31.65 -15.69 41.72
C SER E 270 -31.19 -14.63 42.72
N GLY E 271 -30.28 -13.74 42.31
CA GLY E 271 -29.68 -12.79 43.21
C GLY E 271 -30.07 -11.35 42.91
N ASN E 272 -29.31 -10.43 43.50
CA ASN E 272 -29.55 -9.00 43.43
C ASN E 272 -28.26 -8.31 43.00
N SER E 273 -28.29 -6.99 42.89
CA SER E 273 -27.07 -6.21 42.69
C SER E 273 -26.05 -6.48 43.79
N ARG E 274 -26.49 -6.95 44.96
CA ARG E 274 -25.56 -7.31 46.02
C ARG E 274 -24.67 -8.47 45.60
N GLU E 275 -25.27 -9.50 44.99
CA GLU E 275 -24.48 -10.64 44.52
C GLU E 275 -23.59 -10.24 43.34
N ARG E 276 -24.09 -9.37 42.47
CA ARG E 276 -23.28 -8.92 41.34
C ARG E 276 -22.06 -8.13 41.82
N GLU E 277 -22.25 -7.29 42.84
CA GLU E 277 -21.12 -6.55 43.40
C GLU E 277 -20.12 -7.50 44.05
N MET E 278 -20.61 -8.53 44.75
CA MET E 278 -19.73 -9.51 45.36
C MET E 278 -18.91 -10.24 44.30
N PHE E 279 -19.57 -10.70 43.23
CA PHE E 279 -18.87 -11.35 42.14
C PHE E 279 -17.85 -10.41 41.49
N VAL E 280 -18.24 -9.15 41.30
CA VAL E 280 -17.34 -8.20 40.64
C VAL E 280 -16.13 -7.90 41.52
N GLN E 281 -16.35 -7.76 42.83
CA GLN E 281 -15.25 -7.46 43.74
C GLN E 281 -14.26 -8.62 43.82
N GLU E 282 -14.74 -9.86 43.73
CA GLU E 282 -13.82 -10.99 43.75
C GLU E 282 -13.04 -11.11 42.45
N VAL E 283 -13.62 -10.69 41.32
CA VAL E 283 -12.89 -10.67 40.07
C VAL E 283 -11.72 -9.70 40.15
N ARG E 284 -11.94 -8.54 40.78
CA ARG E 284 -10.88 -7.54 40.89
C ARG E 284 -9.78 -8.01 41.84
N ARG E 285 -10.14 -8.72 42.90
CA ARG E 285 -9.13 -9.21 43.85
C ARG E 285 -8.38 -10.41 43.31
N TYR E 286 -9.08 -11.34 42.67
CA TYR E 286 -8.49 -12.61 42.31
C TYR E 286 -7.63 -12.51 41.04
N TYR E 287 -8.07 -11.73 40.06
CA TYR E 287 -7.33 -11.80 38.82
C TYR E 287 -6.29 -10.69 38.74
N PRO E 288 -5.19 -10.91 38.02
CA PRO E 288 -4.13 -9.90 37.95
C PRO E 288 -4.45 -8.79 36.96
N PHE E 289 -3.95 -7.60 37.30
CA PHE E 289 -3.99 -6.45 36.41
C PHE E 289 -2.89 -5.47 36.81
N GLY E 290 -3.03 -4.88 37.99
CA GLY E 290 -1.99 -4.05 38.54
C GLY E 290 -0.95 -4.88 39.28
N PRO E 291 0.30 -4.84 38.79
CA PRO E 291 1.36 -5.64 39.42
C PRO E 291 1.85 -5.01 40.71
N PHE E 292 2.54 -3.87 40.59
CA PHE E 292 3.08 -3.17 41.75
C PHE E 292 3.07 -1.68 41.48
N LEU E 293 3.15 -0.91 42.56
CA LEU E 293 3.21 0.54 42.50
C LEU E 293 4.58 1.02 42.96
N GLY E 294 5.06 2.09 42.34
CA GLY E 294 6.38 2.64 42.61
C GLY E 294 6.31 3.95 43.36
N ALA E 295 7.30 4.18 44.23
CA ALA E 295 7.40 5.42 44.97
C ALA E 295 8.85 5.62 45.37
N LEU E 296 9.16 6.85 45.77
CA LEU E 296 10.47 7.22 46.30
C LEU E 296 10.32 7.67 47.74
N VAL E 297 11.31 7.34 48.56
CA VAL E 297 11.27 7.70 49.97
C VAL E 297 11.44 9.21 50.10
N LYS E 298 10.45 9.86 50.73
CA LYS E 298 10.46 11.32 50.86
C LYS E 298 11.46 11.78 51.92
N LYS E 299 11.40 11.19 53.10
CA LYS E 299 12.31 11.52 54.19
C LYS E 299 12.76 10.23 54.87
N ASP E 300 13.93 10.29 55.50
CA ASP E 300 14.46 9.13 56.20
C ASP E 300 13.47 8.67 57.27
N PHE E 301 13.29 7.36 57.37
CA PHE E 301 12.42 6.80 58.41
C PHE E 301 12.71 5.31 58.55
N VAL E 302 12.23 4.73 59.64
CA VAL E 302 12.40 3.33 59.97
C VAL E 302 11.02 2.71 60.12
N TRP E 303 10.83 1.54 59.50
CA TRP E 303 9.59 0.79 59.64
C TRP E 303 9.88 -0.69 59.43
N ASN E 304 9.29 -1.52 60.29
CA ASN E 304 9.48 -2.98 60.24
C ASN E 304 10.95 -3.34 60.29
N ASN E 305 11.67 -2.69 61.20
CA ASN E 305 13.11 -2.89 61.41
C ASN E 305 13.93 -2.61 60.15
N CYS E 306 13.37 -1.86 59.21
CA CYS E 306 14.05 -1.50 57.97
C CYS E 306 14.27 -0.01 57.94
N GLU E 307 15.49 0.41 57.58
CA GLU E 307 15.83 1.82 57.48
C GLU E 307 15.56 2.27 56.04
N PHE E 308 14.55 3.12 55.88
CA PHE E 308 14.19 3.65 54.57
C PHE E 308 14.94 4.97 54.37
N LYS E 309 15.93 4.96 53.47
CA LYS E 309 16.71 6.16 53.19
C LYS E 309 16.02 6.98 52.11
N LYS E 310 16.10 8.30 52.25
CA LYS E 310 15.46 9.21 51.32
C LYS E 310 16.01 9.00 49.90
N GLY E 311 15.10 8.79 48.95
CA GLY E 311 15.47 8.67 47.55
C GLY E 311 15.45 7.26 47.00
N THR E 312 15.40 6.24 47.85
CA THR E 312 15.43 4.86 47.37
C THR E 312 14.06 4.45 46.84
N SER E 313 14.08 3.64 45.78
CA SER E 313 12.84 3.16 45.17
C SER E 313 12.16 2.14 46.08
N VAL E 314 10.84 2.22 46.15
CA VAL E 314 10.04 1.28 46.93
C VAL E 314 8.87 0.83 46.07
N LEU E 315 8.68 -0.49 45.96
CA LEU E 315 7.62 -1.07 45.14
C LEU E 315 6.63 -1.80 46.05
N LEU E 316 5.36 -1.48 45.91
CA LEU E 316 4.30 -2.07 46.72
C LEU E 316 3.60 -3.18 45.93
N ASP E 317 3.63 -4.39 46.46
CA ASP E 317 3.08 -5.57 45.77
C ASP E 317 1.56 -5.52 45.82
N LEU E 318 0.95 -5.14 44.69
CA LEU E 318 -0.51 -5.12 44.62
C LEU E 318 -1.07 -6.54 44.53
N TYR E 319 -0.51 -7.36 43.65
CA TYR E 319 -1.03 -8.71 43.45
C TYR E 319 -0.86 -9.56 44.70
N GLY E 320 0.33 -9.52 45.29
CA GLY E 320 0.59 -10.34 46.48
C GLY E 320 -0.28 -9.95 47.65
N THR E 321 -0.51 -8.64 47.85
CA THR E 321 -1.38 -8.19 48.92
C THR E 321 -2.79 -8.73 48.74
N ASN E 322 -3.29 -8.74 47.50
CA ASN E 322 -4.64 -9.23 47.22
C ASN E 322 -4.75 -10.74 47.31
N HIS E 323 -3.62 -11.45 47.42
CA HIS E 323 -3.61 -12.90 47.64
C HIS E 323 -2.93 -13.26 48.95
N ASP E 324 -2.87 -12.33 49.89
CA ASP E 324 -2.22 -12.56 51.17
C ASP E 324 -3.10 -13.43 52.05
N PRO E 325 -2.66 -14.63 52.45
CA PRO E 325 -3.51 -15.47 53.32
C PRO E 325 -3.77 -14.87 54.68
N ARG E 326 -3.00 -13.87 55.11
CA ARG E 326 -3.27 -13.19 56.37
C ARG E 326 -4.54 -12.33 56.28
N LEU E 327 -4.94 -11.92 55.09
CA LEU E 327 -6.12 -11.09 54.90
C LEU E 327 -7.27 -11.78 54.22
N TRP E 328 -7.01 -12.83 53.45
CA TRP E 328 -8.04 -13.53 52.69
C TRP E 328 -7.91 -15.03 52.92
N ASP E 329 -8.98 -15.64 53.42
CA ASP E 329 -8.99 -17.09 53.60
C ASP E 329 -9.07 -17.77 52.25
N HIS E 330 -8.17 -18.74 52.02
CA HIS E 330 -8.03 -19.42 50.74
C HIS E 330 -7.86 -18.39 49.63
N PRO E 331 -6.74 -17.67 49.62
CA PRO E 331 -6.63 -16.50 48.72
C PRO E 331 -6.51 -16.85 47.25
N ASP E 332 -6.09 -18.07 46.91
CA ASP E 332 -5.96 -18.49 45.52
C ASP E 332 -7.21 -19.18 44.99
N GLU E 333 -8.35 -18.97 45.63
CA GLU E 333 -9.61 -19.53 45.19
C GLU E 333 -10.59 -18.41 44.88
N PHE E 334 -11.38 -18.58 43.82
CA PHE E 334 -12.40 -17.61 43.45
C PHE E 334 -13.64 -17.87 44.30
N ARG E 335 -13.84 -17.06 45.34
CA ARG E 335 -14.94 -17.21 46.28
C ARG E 335 -15.59 -15.86 46.49
N PRO E 336 -16.54 -15.47 45.62
CA PRO E 336 -17.24 -14.20 45.81
C PRO E 336 -17.98 -14.09 47.14
N GLU E 337 -18.32 -15.21 47.77
CA GLU E 337 -19.03 -15.17 49.04
C GLU E 337 -18.22 -14.52 50.15
N ARG E 338 -16.89 -14.40 49.97
CA ARG E 338 -16.05 -13.78 50.98
C ARG E 338 -16.35 -12.31 51.15
N PHE E 339 -17.07 -11.69 50.23
CA PHE E 339 -17.39 -10.27 50.29
C PHE E 339 -18.76 -9.99 50.87
N ALA E 340 -19.42 -11.01 51.43
CA ALA E 340 -20.73 -10.81 52.06
C ALA E 340 -20.53 -10.27 53.47
N GLU E 341 -21.12 -9.10 53.73
CA GLU E 341 -21.06 -8.46 55.05
C GLU E 341 -19.62 -8.21 55.50
N ARG E 342 -18.74 -7.91 54.57
CA ARG E 342 -17.35 -7.62 54.88
C ARG E 342 -17.15 -6.11 55.03
N GLU E 343 -16.40 -5.73 56.06
CA GLU E 343 -16.21 -4.31 56.35
C GLU E 343 -15.34 -3.64 55.29
N GLU E 344 -15.57 -2.34 55.11
CA GLU E 344 -14.75 -1.55 54.19
C GLU E 344 -13.35 -1.40 54.76
N ASN E 345 -12.35 -1.80 53.98
CA ASN E 345 -10.95 -1.63 54.36
C ASN E 345 -10.17 -1.13 53.16
N LEU E 346 -9.38 -0.08 53.36
CA LEU E 346 -8.69 0.60 52.28
C LEU E 346 -7.31 0.02 51.98
N PHE E 347 -6.88 -1.02 52.68
CA PHE E 347 -5.51 -1.50 52.54
C PHE E 347 -5.37 -3.00 52.38
N ASP E 348 -6.41 -3.80 52.67
CA ASP E 348 -6.33 -5.23 52.42
C ASP E 348 -6.73 -5.61 51.00
N MET E 349 -7.44 -4.72 50.31
CA MET E 349 -7.92 -4.94 48.95
C MET E 349 -7.46 -3.75 48.12
N ILE E 350 -6.39 -3.93 47.34
CA ILE E 350 -5.81 -2.80 46.61
C ILE E 350 -5.54 -3.12 45.14
N PRO E 351 -6.49 -3.70 44.39
CA PRO E 351 -6.21 -3.93 42.95
C PRO E 351 -6.19 -2.64 42.14
N GLN E 352 -6.74 -1.55 42.68
CA GLN E 352 -6.69 -0.25 42.05
C GLN E 352 -6.17 0.80 43.03
N GLY E 353 -5.22 0.39 43.87
CA GLY E 353 -4.62 1.28 44.84
C GLY E 353 -5.27 1.18 46.21
N GLY E 354 -4.59 1.76 47.20
CA GLY E 354 -5.06 1.77 48.56
C GLY E 354 -5.16 3.18 49.11
N GLY E 355 -5.64 3.26 50.35
CA GLY E 355 -5.77 4.54 51.01
C GLY E 355 -6.96 5.35 50.52
N HIS E 356 -6.85 6.66 50.65
CA HIS E 356 -7.91 7.58 50.24
C HIS E 356 -7.57 8.19 48.89
N ALA E 357 -8.52 8.14 47.95
CA ALA E 357 -8.28 8.71 46.63
C ALA E 357 -8.18 10.23 46.68
N GLU E 358 -8.79 10.86 47.69
CA GLU E 358 -8.74 12.31 47.82
C GLU E 358 -7.44 12.79 48.48
N LYS E 359 -6.78 11.92 49.26
CA LYS E 359 -5.54 12.27 49.93
C LYS E 359 -4.33 11.55 49.34
N GLY E 360 -4.51 10.75 48.30
CA GLY E 360 -3.42 10.02 47.69
C GLY E 360 -3.65 9.71 46.23
N HIS E 361 -2.95 8.71 45.71
CA HIS E 361 -2.99 8.38 44.30
C HIS E 361 -3.90 7.21 43.99
N ARG E 362 -4.74 6.79 44.93
CA ARG E 362 -5.66 5.68 44.70
C ARG E 362 -6.55 5.99 43.49
N CYS E 363 -6.85 4.94 42.72
CA CYS E 363 -7.60 5.10 41.48
C CYS E 363 -8.94 5.80 41.75
N PRO E 364 -9.24 6.89 41.06
CA PRO E 364 -10.56 7.52 41.21
C PRO E 364 -11.65 6.86 40.40
N GLY E 365 -11.32 5.99 39.45
CA GLY E 365 -12.31 5.33 38.62
C GLY E 365 -12.71 3.97 39.14
N GLU E 366 -12.49 3.73 40.43
CA GLU E 366 -12.84 2.44 41.01
C GLU E 366 -14.34 2.21 40.98
N GLY E 367 -15.12 3.24 41.33
CA GLY E 367 -16.56 3.11 41.28
C GLY E 367 -17.08 2.91 39.87
N ILE E 368 -16.52 3.64 38.90
CA ILE E 368 -16.88 3.43 37.50
C ILE E 368 -16.54 2.00 37.08
N THR E 369 -15.36 1.53 37.46
CA THR E 369 -14.96 0.16 37.14
C THR E 369 -15.95 -0.85 37.69
N ILE E 370 -16.32 -0.71 38.97
CA ILE E 370 -17.22 -1.67 39.60
C ILE E 370 -18.60 -1.61 38.96
N GLU E 371 -19.11 -0.40 38.73
CA GLU E 371 -20.46 -0.26 38.19
C GLU E 371 -20.54 -0.77 36.75
N VAL E 372 -19.52 -0.49 35.94
CA VAL E 372 -19.51 -0.98 34.56
C VAL E 372 -19.38 -2.50 34.55
N MET E 373 -18.56 -3.05 35.44
CA MET E 373 -18.43 -4.51 35.55
C MET E 373 -19.75 -5.14 35.98
N LYS E 374 -20.47 -4.48 36.88
CA LYS E 374 -21.73 -5.03 37.36
C LYS E 374 -22.79 -5.03 36.26
N ALA E 375 -22.80 -3.99 35.42
CA ALA E 375 -23.77 -3.94 34.32
C ALA E 375 -23.44 -4.97 33.24
N SER E 376 -22.15 -5.20 32.99
CA SER E 376 -21.77 -6.18 31.98
C SER E 376 -22.03 -7.60 32.46
N LEU E 377 -21.84 -7.85 33.76
CA LEU E 377 -22.14 -9.16 34.32
C LEU E 377 -23.63 -9.45 34.26
N ASP E 378 -24.46 -8.45 34.56
CA ASP E 378 -25.91 -8.61 34.46
C ASP E 378 -26.32 -9.02 33.05
N PHE E 379 -25.72 -8.40 32.04
CA PHE E 379 -26.08 -8.69 30.65
C PHE E 379 -25.70 -10.11 30.26
N LEU E 380 -24.52 -10.57 30.68
CA LEU E 380 -24.09 -11.93 30.36
C LEU E 380 -24.96 -12.97 31.08
N VAL E 381 -25.51 -12.62 32.23
CA VAL E 381 -26.26 -13.57 33.04
C VAL E 381 -27.72 -13.63 32.63
N HIS E 382 -28.34 -12.48 32.34
CA HIS E 382 -29.78 -12.41 32.16
C HIS E 382 -30.24 -12.20 30.72
N GLN E 383 -29.41 -11.64 29.84
CA GLN E 383 -29.87 -11.21 28.53
C GLN E 383 -29.59 -12.22 27.42
N ILE E 384 -28.50 -12.97 27.50
CA ILE E 384 -28.12 -13.87 26.41
C ILE E 384 -27.72 -15.23 26.97
N GLU E 385 -27.76 -16.22 26.09
CA GLU E 385 -27.15 -17.53 26.31
C GLU E 385 -26.09 -17.74 25.24
N TYR E 386 -25.00 -18.41 25.61
CA TYR E 386 -23.91 -18.56 24.66
C TYR E 386 -23.09 -19.78 25.01
N ASP E 387 -22.43 -20.34 24.00
CA ASP E 387 -21.46 -21.41 24.18
C ASP E 387 -20.06 -20.81 24.32
N VAL E 388 -19.20 -21.53 25.02
CA VAL E 388 -17.78 -21.19 25.07
C VAL E 388 -17.04 -22.27 24.28
N PRO E 389 -16.75 -22.04 23.00
CA PRO E 389 -16.13 -23.09 22.19
C PRO E 389 -14.71 -23.38 22.66
N GLU E 390 -14.15 -24.46 22.10
CA GLU E 390 -12.80 -24.85 22.44
C GLU E 390 -11.81 -23.75 22.06
N GLN E 391 -10.99 -23.35 23.04
CA GLN E 391 -10.09 -22.22 22.87
C GLN E 391 -9.06 -22.26 23.98
N SER E 392 -8.04 -21.43 23.85
CA SER E 392 -7.04 -21.25 24.91
C SER E 392 -7.52 -20.16 25.85
N LEU E 393 -7.98 -20.55 27.03
CA LEU E 393 -8.43 -19.61 28.05
C LEU E 393 -7.35 -19.33 29.09
N HIS E 394 -6.12 -19.77 28.84
CA HIS E 394 -5.04 -19.59 29.79
C HIS E 394 -4.59 -18.13 29.82
N TYR E 395 -4.28 -17.64 31.02
CA TYR E 395 -3.71 -16.31 31.21
C TYR E 395 -2.41 -16.45 31.97
N SER E 396 -1.36 -15.80 31.46
CA SER E 396 -0.02 -15.93 32.05
C SER E 396 0.16 -14.93 33.18
N LEU E 397 0.70 -15.40 34.30
CA LEU E 397 1.04 -14.52 35.41
C LEU E 397 2.37 -13.81 35.21
N ALA E 398 3.09 -14.13 34.14
CA ALA E 398 4.32 -13.42 33.81
C ALA E 398 4.09 -12.25 32.87
N ARG E 399 2.99 -12.26 32.13
CA ARG E 399 2.70 -11.23 31.14
C ARG E 399 1.94 -10.09 31.82
N MET E 400 2.51 -8.88 31.78
CA MET E 400 1.90 -7.71 32.39
C MET E 400 1.57 -6.69 31.31
N PRO E 401 0.29 -6.37 31.08
CA PRO E 401 -0.90 -6.90 31.75
C PRO E 401 -1.24 -8.30 31.23
N SER E 402 -2.11 -9.02 31.91
CA SER E 402 -2.46 -10.39 31.53
C SER E 402 -3.87 -10.42 30.95
N LEU E 403 -4.10 -11.36 30.04
CA LEU E 403 -5.38 -11.53 29.38
C LEU E 403 -5.47 -12.97 28.91
N PRO E 404 -6.63 -13.61 29.06
CA PRO E 404 -6.84 -14.92 28.41
C PRO E 404 -6.53 -14.83 26.93
N GLU E 405 -5.73 -15.78 26.43
CA GLU E 405 -5.18 -15.69 25.08
C GLU E 405 -6.28 -15.51 24.04
N SER E 406 -7.33 -16.33 24.12
CA SER E 406 -8.42 -16.24 23.14
C SER E 406 -9.20 -14.94 23.28
N GLY E 407 -9.30 -14.41 24.49
CA GLY E 407 -10.18 -13.28 24.73
C GLY E 407 -11.60 -13.68 25.04
N PHE E 408 -11.82 -14.92 25.50
CA PHE E 408 -13.14 -15.48 25.75
C PHE E 408 -14.03 -15.38 24.50
N VAL E 409 -13.63 -16.11 23.46
CA VAL E 409 -14.45 -16.17 22.25
C VAL E 409 -15.75 -16.90 22.56
N MET E 410 -16.86 -16.36 22.06
CA MET E 410 -18.18 -16.93 22.31
C MET E 410 -18.81 -17.38 21.00
N SER E 411 -19.76 -18.31 21.11
CA SER E 411 -20.42 -18.89 19.94
C SER E 411 -21.86 -19.21 20.27
N GLY E 412 -22.67 -19.37 19.22
CA GLY E 412 -24.07 -19.72 19.38
C GLY E 412 -24.85 -18.74 20.26
N ILE E 413 -24.62 -17.46 20.08
CA ILE E 413 -25.24 -16.44 20.94
C ILE E 413 -26.71 -16.27 20.56
N ARG E 414 -27.57 -16.20 21.57
CA ARG E 414 -29.00 -16.06 21.35
C ARG E 414 -29.60 -15.26 22.48
N ARG E 415 -30.72 -14.59 22.20
CA ARG E 415 -31.44 -13.86 23.23
C ARG E 415 -32.15 -14.83 24.16
N LYS E 416 -32.32 -14.40 25.41
CA LYS E 416 -33.01 -15.23 26.41
C LYS E 416 -34.51 -15.01 26.36
N ASN F 2 -28.97 -56.70 -0.10
CA ASN F 2 -28.69 -55.61 0.82
C ASN F 2 -27.36 -55.85 1.54
N GLU F 3 -26.84 -54.80 2.17
CA GLU F 3 -25.52 -54.86 2.80
C GLU F 3 -25.59 -55.37 4.24
N GLN F 4 -26.39 -54.70 5.08
CA GLN F 4 -26.40 -54.93 6.52
C GLN F 4 -25.01 -54.74 7.12
N ILE F 5 -24.24 -53.83 6.51
CA ILE F 5 -22.92 -53.42 6.95
C ILE F 5 -23.13 -52.18 7.80
N PRO F 6 -22.31 -51.93 8.84
CA PRO F 6 -22.51 -50.73 9.67
C PRO F 6 -22.70 -49.47 8.84
N HIS F 7 -23.67 -48.66 9.24
CA HIS F 7 -24.09 -47.49 8.46
C HIS F 7 -24.25 -46.31 9.39
N ASP F 8 -23.41 -45.29 9.22
CA ASP F 8 -23.55 -44.03 9.94
C ASP F 8 -24.55 -43.17 9.17
N LYS F 9 -25.77 -43.07 9.69
CA LYS F 9 -26.87 -42.42 8.99
C LYS F 9 -26.89 -40.91 9.19
N SER F 10 -25.88 -40.33 9.84
CA SER F 10 -25.86 -38.89 10.04
C SER F 10 -25.71 -38.15 8.71
N LEU F 11 -26.29 -36.95 8.65
CA LEU F 11 -26.24 -36.14 7.44
C LEU F 11 -25.16 -35.07 7.48
N ASP F 12 -24.60 -34.78 8.66
CA ASP F 12 -23.53 -33.79 8.81
C ASP F 12 -22.16 -34.44 8.95
N ASN F 13 -21.96 -35.59 8.32
CA ASN F 13 -20.74 -36.35 8.54
C ASN F 13 -19.51 -35.62 8.01
N SER F 14 -19.65 -34.84 6.93
CA SER F 14 -18.52 -34.08 6.42
C SER F 14 -18.09 -33.02 7.43
N LEU F 15 -19.05 -32.40 8.13
CA LEU F 15 -18.69 -31.46 9.18
C LEU F 15 -18.09 -32.18 10.39
N THR F 16 -18.53 -33.41 10.66
CA THR F 16 -17.94 -34.19 11.73
C THR F 16 -16.53 -34.63 11.37
N LEU F 17 -16.28 -34.92 10.10
CA LEU F 17 -14.91 -35.18 9.66
C LEU F 17 -14.02 -33.98 9.88
N LEU F 18 -14.57 -32.76 9.76
CA LEU F 18 -13.77 -31.57 9.98
C LEU F 18 -13.35 -31.44 11.43
N LYS F 19 -14.21 -31.84 12.37
CA LYS F 19 -13.91 -31.67 13.79
C LYS F 19 -13.17 -32.86 14.39
N GLU F 20 -13.24 -34.04 13.76
CA GLU F 20 -12.52 -35.21 14.26
C GLU F 20 -11.26 -35.52 13.48
N GLY F 21 -11.16 -35.07 12.24
CA GLY F 21 -9.90 -35.12 11.51
C GLY F 21 -9.35 -36.52 11.35
N TYR F 22 -8.12 -36.71 11.80
CA TYR F 22 -7.40 -37.97 11.63
C TYR F 22 -8.06 -39.13 12.36
N LEU F 23 -9.01 -38.87 13.25
CA LEU F 23 -9.65 -39.92 14.02
C LEU F 23 -11.07 -40.22 13.57
N PHE F 24 -11.58 -39.54 12.54
CA PHE F 24 -12.97 -39.74 12.13
C PHE F 24 -13.23 -41.19 11.75
N ILE F 25 -12.37 -41.77 10.91
CA ILE F 25 -12.59 -43.15 10.47
C ILE F 25 -12.34 -44.13 11.61
N LYS F 26 -11.29 -43.89 12.40
CA LYS F 26 -10.96 -44.84 13.46
C LYS F 26 -12.00 -44.82 14.57
N ASN F 27 -12.54 -43.63 14.89
CA ASN F 27 -13.58 -43.55 15.90
C ASN F 27 -14.78 -44.43 15.54
N ARG F 28 -15.09 -44.50 14.25
CA ARG F 28 -16.26 -45.26 13.81
C ARG F 28 -15.95 -46.73 13.56
N THR F 29 -14.75 -47.06 13.09
CA THR F 29 -14.37 -48.47 13.00
C THR F 29 -14.29 -49.10 14.39
N GLU F 30 -13.84 -48.33 15.37
CA GLU F 30 -13.89 -48.79 16.76
C GLU F 30 -15.33 -48.91 17.24
N ARG F 31 -16.15 -47.91 16.94
CA ARG F 31 -17.52 -47.89 17.44
C ARG F 31 -18.35 -49.03 16.85
N TYR F 32 -18.15 -49.34 15.58
CA TYR F 32 -18.97 -50.32 14.87
C TYR F 32 -18.40 -51.73 14.91
N ASN F 33 -17.24 -51.92 15.54
CA ASN F 33 -16.58 -53.23 15.59
C ASN F 33 -16.48 -53.83 14.19
N SER F 34 -16.00 -53.03 13.26
CA SER F 34 -15.96 -53.41 11.85
C SER F 34 -14.79 -52.70 11.20
N ASP F 35 -14.17 -53.38 10.23
CA ASP F 35 -13.11 -52.76 9.45
C ASP F 35 -13.66 -51.79 8.42
N LEU F 36 -14.98 -51.69 8.27
CA LEU F 36 -15.57 -50.81 7.28
C LEU F 36 -17.00 -50.45 7.68
N PHE F 37 -17.45 -49.29 7.21
CA PHE F 37 -18.79 -48.81 7.49
C PHE F 37 -19.22 -47.88 6.37
N GLN F 38 -20.54 -47.74 6.19
CA GLN F 38 -21.10 -46.84 5.19
C GLN F 38 -21.36 -45.47 5.81
N ALA F 39 -21.20 -44.43 4.98
CA ALA F 39 -21.47 -43.06 5.40
C ALA F 39 -21.51 -42.17 4.17
N ARG F 40 -22.23 -41.06 4.29
CA ARG F 40 -22.27 -40.04 3.26
C ARG F 40 -21.20 -39.01 3.60
N LEU F 41 -20.16 -38.93 2.77
CA LEU F 41 -19.01 -38.07 3.03
C LEU F 41 -18.64 -37.31 1.77
N LEU F 42 -18.31 -36.04 1.93
CA LEU F 42 -17.84 -35.18 0.83
C LEU F 42 -18.81 -35.20 -0.34
N GLY F 43 -20.10 -35.27 -0.03
CA GLY F 43 -21.13 -35.26 -1.04
C GLY F 43 -21.31 -36.57 -1.77
N LYS F 44 -20.82 -37.68 -1.22
CA LYS F 44 -20.93 -38.98 -1.88
C LYS F 44 -21.26 -40.04 -0.84
N ASN F 45 -22.04 -41.03 -1.27
CA ASN F 45 -22.33 -42.21 -0.45
C ASN F 45 -21.09 -43.08 -0.44
N ALA F 46 -20.36 -43.06 0.67
CA ALA F 46 -19.02 -43.62 0.73
C ALA F 46 -18.96 -44.84 1.64
N ILE F 47 -17.82 -45.52 1.58
CA ILE F 47 -17.47 -46.62 2.47
C ILE F 47 -16.06 -46.36 2.97
N CYS F 48 -15.90 -46.22 4.28
CA CYS F 48 -14.59 -46.05 4.89
C CYS F 48 -14.09 -47.39 5.37
N MET F 49 -12.81 -47.66 5.15
CA MET F 49 -12.21 -48.92 5.57
C MET F 49 -10.82 -48.67 6.13
N THR F 50 -10.32 -49.67 6.87
CA THR F 50 -9.05 -49.56 7.57
C THR F 50 -8.41 -50.93 7.67
N GLY F 51 -7.11 -50.93 7.94
CA GLY F 51 -6.36 -52.17 8.08
C GLY F 51 -5.57 -52.50 6.83
N ALA F 52 -4.55 -53.36 7.02
CA ALA F 52 -3.68 -53.74 5.91
C ALA F 52 -4.42 -54.54 4.86
N GLU F 53 -5.40 -55.37 5.27
CA GLU F 53 -6.18 -56.14 4.31
C GLU F 53 -7.01 -55.22 3.42
N ALA F 54 -7.59 -54.17 4.00
CA ALA F 54 -8.34 -53.21 3.19
C ALA F 54 -7.42 -52.41 2.29
N ALA F 55 -6.21 -52.11 2.76
CA ALA F 55 -5.25 -51.43 1.92
C ALA F 55 -4.86 -52.27 0.72
N LYS F 56 -4.80 -53.59 0.89
CA LYS F 56 -4.53 -54.48 -0.24
C LYS F 56 -5.66 -54.42 -1.27
N VAL F 57 -6.91 -54.38 -0.78
CA VAL F 57 -8.04 -54.27 -1.69
C VAL F 57 -8.08 -52.90 -2.34
N PHE F 58 -7.81 -51.85 -1.55
CA PHE F 58 -7.84 -50.48 -2.07
C PHE F 58 -6.89 -50.29 -3.24
N TYR F 59 -5.76 -51.01 -3.25
CA TYR F 59 -4.74 -50.85 -4.28
C TYR F 59 -4.87 -51.87 -5.40
N ASP F 60 -5.99 -52.59 -5.46
CA ASP F 60 -6.32 -53.43 -6.61
C ASP F 60 -6.86 -52.50 -7.70
N THR F 61 -6.03 -52.22 -8.70
CA THR F 61 -6.43 -51.28 -9.75
C THR F 61 -7.50 -51.85 -10.68
N ASP F 62 -7.78 -53.16 -10.61
CA ASP F 62 -8.95 -53.69 -11.32
C ASP F 62 -10.23 -53.38 -10.58
N ARG F 63 -10.17 -53.25 -9.25
CA ARG F 63 -11.35 -52.97 -8.45
C ARG F 63 -11.53 -51.49 -8.15
N PHE F 64 -10.49 -50.68 -8.27
CA PHE F 64 -10.56 -49.29 -7.88
C PHE F 64 -9.91 -48.39 -8.93
N GLN F 65 -10.47 -47.19 -9.06
CA GLN F 65 -9.93 -46.13 -9.90
C GLN F 65 -9.79 -44.87 -9.05
N ARG F 66 -8.98 -43.94 -9.53
CA ARG F 66 -8.79 -42.67 -8.84
C ARG F 66 -9.49 -41.51 -9.52
N GLN F 67 -9.88 -41.65 -10.78
CA GLN F 67 -10.52 -40.56 -11.50
C GLN F 67 -11.88 -40.23 -10.88
N ASN F 68 -12.08 -38.94 -10.58
CA ASN F 68 -13.32 -38.43 -10.00
C ASN F 68 -13.58 -38.99 -8.60
N ALA F 69 -12.51 -39.32 -7.87
CA ALA F 69 -12.65 -39.93 -6.55
C ALA F 69 -12.72 -38.91 -5.41
N LEU F 70 -12.19 -37.70 -5.62
CA LEU F 70 -12.16 -36.67 -4.59
C LEU F 70 -12.81 -35.40 -5.12
N PRO F 71 -13.33 -34.55 -4.23
CA PRO F 71 -13.90 -33.29 -4.69
C PRO F 71 -12.87 -32.43 -5.39
N LYS F 72 -13.36 -31.54 -6.27
CA LYS F 72 -12.48 -30.68 -7.05
C LYS F 72 -11.64 -29.75 -6.16
N ARG F 73 -12.05 -29.55 -4.91
CA ARG F 73 -11.31 -28.66 -4.02
C ARG F 73 -9.90 -29.13 -3.77
N VAL F 74 -9.66 -30.45 -3.79
CA VAL F 74 -8.32 -30.96 -3.55
C VAL F 74 -7.41 -30.68 -4.75
N GLN F 75 -7.95 -30.85 -5.96
CA GLN F 75 -7.17 -30.52 -7.16
C GLN F 75 -6.81 -29.05 -7.19
N LYS F 76 -7.77 -28.18 -6.90
CA LYS F 76 -7.56 -26.74 -6.99
C LYS F 76 -6.69 -26.19 -5.86
N SER F 77 -6.27 -27.03 -4.91
CA SER F 77 -5.39 -26.60 -3.84
C SER F 77 -4.12 -27.43 -3.76
N LEU F 78 -4.22 -28.73 -3.50
CA LEU F 78 -3.05 -29.56 -3.26
C LEU F 78 -2.45 -30.13 -4.55
N PHE F 79 -3.25 -30.82 -5.35
CA PHE F 79 -2.75 -31.64 -6.45
C PHE F 79 -2.51 -30.86 -7.74
N GLY F 80 -3.39 -29.95 -8.08
CA GLY F 80 -3.46 -29.48 -9.45
C GLY F 80 -4.54 -30.22 -10.22
N VAL F 81 -5.15 -29.52 -11.17
CA VAL F 81 -6.28 -30.09 -11.90
C VAL F 81 -5.78 -31.10 -12.91
N ASN F 82 -6.35 -32.31 -12.87
CA ASN F 82 -6.13 -33.35 -13.87
C ASN F 82 -4.68 -33.83 -13.91
N ALA F 83 -4.02 -33.87 -12.75
CA ALA F 83 -2.64 -34.31 -12.68
C ALA F 83 -2.58 -35.82 -12.42
N ILE F 84 -1.40 -36.31 -12.05
CA ILE F 84 -1.16 -37.75 -11.93
C ILE F 84 -2.07 -38.38 -10.88
N GLN F 85 -2.45 -37.62 -9.85
CA GLN F 85 -3.20 -38.20 -8.73
C GLN F 85 -4.56 -38.74 -9.17
N GLY F 86 -5.12 -38.19 -10.25
CA GLY F 86 -6.40 -38.63 -10.76
C GLY F 86 -6.37 -39.54 -11.97
N MET F 87 -5.18 -39.98 -12.40
CA MET F 87 -5.07 -40.78 -13.60
C MET F 87 -5.14 -42.28 -13.28
N ASP F 88 -5.53 -43.06 -14.28
CA ASP F 88 -5.66 -44.51 -14.17
C ASP F 88 -5.09 -45.15 -15.41
N GLY F 89 -4.87 -46.47 -15.32
CA GLY F 89 -4.50 -47.25 -16.48
C GLY F 89 -3.06 -47.05 -16.91
N SER F 90 -2.82 -47.39 -18.18
CA SER F 90 -1.47 -47.31 -18.74
C SER F 90 -0.96 -45.87 -18.79
N ALA F 91 -1.86 -44.91 -19.03
CA ALA F 91 -1.44 -43.51 -19.06
C ALA F 91 -0.89 -43.07 -17.71
N HIS F 92 -1.49 -43.54 -16.61
CA HIS F 92 -0.98 -43.20 -15.29
C HIS F 92 0.39 -43.83 -15.05
N ILE F 93 0.55 -45.10 -15.42
CA ILE F 93 1.82 -45.79 -15.22
C ILE F 93 2.92 -45.12 -16.04
N HIS F 94 2.58 -44.67 -17.25
CA HIS F 94 3.56 -43.98 -18.08
C HIS F 94 4.04 -42.70 -17.42
N ARG F 95 3.11 -41.90 -16.90
CA ARG F 95 3.51 -40.69 -16.20
C ARG F 95 4.16 -40.99 -14.86
N LYS F 96 3.75 -42.09 -14.21
CA LYS F 96 4.37 -42.46 -12.94
C LYS F 96 5.85 -42.79 -13.12
N MET F 97 6.22 -43.36 -14.26
CA MET F 97 7.63 -43.65 -14.52
C MET F 97 8.46 -42.37 -14.56
N LEU F 98 7.88 -41.27 -15.04
CA LEU F 98 8.59 -40.01 -15.07
C LEU F 98 8.97 -39.55 -13.66
N PHE F 99 8.02 -39.60 -12.73
CA PHE F 99 8.30 -39.21 -11.35
C PHE F 99 9.35 -40.13 -10.73
N LEU F 100 9.19 -41.44 -10.90
CA LEU F 100 10.09 -42.40 -10.27
C LEU F 100 11.52 -42.23 -10.76
N SER F 101 11.70 -41.87 -12.03
CA SER F 101 13.04 -41.65 -12.57
C SER F 101 13.74 -40.47 -11.91
N LEU F 102 12.98 -39.55 -11.29
CA LEU F 102 13.53 -38.37 -10.66
C LEU F 102 13.74 -38.55 -9.15
N MET F 103 13.38 -39.70 -8.59
CA MET F 103 13.43 -39.91 -7.16
C MET F 103 14.19 -41.18 -6.79
N THR F 104 15.04 -41.67 -7.69
CA THR F 104 15.89 -42.83 -7.49
C THR F 104 16.88 -42.58 -6.35
N PRO F 105 17.54 -43.61 -5.82
CA PRO F 105 18.49 -43.41 -4.71
C PRO F 105 19.55 -42.36 -5.01
N PRO F 106 20.08 -42.26 -6.24
CA PRO F 106 21.02 -41.16 -6.50
C PRO F 106 20.41 -39.78 -6.30
N HIS F 107 19.15 -39.59 -6.69
CA HIS F 107 18.47 -38.32 -6.40
C HIS F 107 18.25 -38.16 -4.90
N GLN F 108 17.86 -39.24 -4.21
CA GLN F 108 17.70 -39.17 -2.76
C GLN F 108 19.00 -38.78 -2.07
N LYS F 109 20.11 -39.37 -2.50
CA LYS F 109 21.41 -39.03 -1.95
C LYS F 109 21.75 -37.57 -2.19
N ARG F 110 21.53 -37.09 -3.43
CA ARG F 110 21.87 -35.72 -3.77
C ARG F 110 21.07 -34.73 -2.94
N LEU F 111 19.76 -34.94 -2.84
CA LEU F 111 18.90 -34.02 -2.08
C LEU F 111 19.27 -34.03 -0.61
N ALA F 112 19.54 -35.20 -0.05
CA ALA F 112 19.95 -35.28 1.36
C ALA F 112 21.27 -34.57 1.59
N GLU F 113 22.22 -34.72 0.66
CA GLU F 113 23.52 -34.07 0.81
C GLU F 113 23.39 -32.56 0.74
N LEU F 114 22.56 -32.05 -0.18
CA LEU F 114 22.33 -30.61 -0.25
C LEU F 114 21.68 -30.09 1.02
N MET F 115 20.81 -30.89 1.65
CA MET F 115 20.18 -30.49 2.89
C MET F 115 21.21 -30.38 4.01
N THR F 116 22.09 -31.37 4.12
CA THR F 116 23.16 -31.34 5.12
C THR F 116 24.00 -30.07 4.98
N GLU F 117 24.40 -29.75 3.75
CA GLU F 117 25.20 -28.56 3.51
C GLU F 117 24.46 -27.30 3.93
N GLU F 118 23.16 -27.24 3.69
CA GLU F 118 22.39 -26.05 4.05
C GLU F 118 22.19 -25.95 5.55
N TRP F 119 21.92 -27.07 6.21
CA TRP F 119 21.78 -27.06 7.67
C TRP F 119 23.04 -26.54 8.34
N LYS F 120 24.20 -27.01 7.89
CA LYS F 120 25.46 -26.62 8.51
C LYS F 120 25.72 -25.13 8.31
N ALA F 121 25.41 -24.60 7.12
CA ALA F 121 25.64 -23.18 6.86
C ALA F 121 24.73 -22.30 7.70
N ALA F 122 23.51 -22.77 8.02
CA ALA F 122 22.59 -21.96 8.79
C ALA F 122 23.01 -21.79 10.24
N VAL F 123 23.95 -22.60 10.72
CA VAL F 123 24.35 -22.53 12.13
C VAL F 123 24.90 -21.16 12.46
N THR F 124 25.69 -20.57 11.54
CA THR F 124 26.26 -19.26 11.78
C THR F 124 25.18 -18.21 12.02
N ARG F 125 24.08 -18.28 11.26
CA ARG F 125 22.98 -17.37 11.49
C ARG F 125 22.24 -17.70 12.79
N TRP F 126 22.01 -19.00 13.04
CA TRP F 126 21.22 -19.40 14.20
C TRP F 126 21.92 -18.99 15.50
N GLU F 127 23.25 -19.06 15.53
CA GLU F 127 24.00 -18.66 16.72
C GLU F 127 23.82 -17.18 17.04
N LYS F 128 23.49 -16.36 16.04
CA LYS F 128 23.30 -14.93 16.24
C LYS F 128 21.85 -14.54 16.47
N ALA F 129 20.92 -15.47 16.32
CA ALA F 129 19.50 -15.16 16.49
C ALA F 129 19.05 -15.44 17.92
N ASP F 130 17.99 -14.75 18.33
CA ASP F 130 17.39 -15.02 19.63
C ASP F 130 16.60 -16.33 19.60
N GLU F 131 15.69 -16.46 18.63
CA GLU F 131 14.91 -17.66 18.45
C GLU F 131 14.92 -18.06 16.99
N VAL F 132 14.65 -19.35 16.74
CA VAL F 132 14.60 -19.89 15.39
C VAL F 132 13.43 -20.86 15.33
N VAL F 133 12.52 -20.65 14.38
CA VAL F 133 11.38 -21.52 14.18
C VAL F 133 11.77 -22.56 13.15
N LEU F 134 11.82 -23.83 13.57
CA LEU F 134 12.30 -24.89 12.69
C LEU F 134 11.44 -25.03 11.44
N PHE F 135 10.12 -24.85 11.58
CA PHE F 135 9.23 -24.98 10.44
C PHE F 135 9.53 -23.93 9.37
N GLU F 136 9.73 -22.68 9.79
CA GLU F 136 10.02 -21.62 8.82
C GLU F 136 11.39 -21.80 8.20
N GLU F 137 12.36 -22.28 8.98
CA GLU F 137 13.69 -22.54 8.42
C GLU F 137 13.65 -23.74 7.48
N ALA F 138 12.89 -24.78 7.83
CA ALA F 138 12.83 -25.98 7.01
C ALA F 138 12.23 -25.68 5.65
N LYS F 139 11.13 -24.92 5.61
CA LYS F 139 10.43 -24.70 4.35
C LYS F 139 11.27 -23.87 3.39
N GLU F 140 12.02 -22.89 3.91
CA GLU F 140 12.84 -22.06 3.04
C GLU F 140 14.06 -22.83 2.54
N ILE F 141 14.69 -23.61 3.41
CA ILE F 141 15.83 -24.43 2.99
C ILE F 141 15.37 -25.48 1.99
N LEU F 142 14.26 -26.16 2.28
CA LEU F 142 13.77 -27.19 1.37
C LEU F 142 13.39 -26.60 0.02
N CYS F 143 12.84 -25.39 0.00
CA CYS F 143 12.48 -24.75 -1.26
C CYS F 143 13.72 -24.44 -2.09
N ARG F 144 14.74 -23.86 -1.46
CA ARG F 144 15.97 -23.56 -2.19
C ARG F 144 16.66 -24.83 -2.66
N VAL F 145 16.65 -25.88 -1.84
CA VAL F 145 17.31 -27.14 -2.21
C VAL F 145 16.52 -27.84 -3.31
N ALA F 146 15.18 -27.83 -3.21
CA ALA F 146 14.36 -28.48 -4.23
C ALA F 146 14.52 -27.80 -5.58
N CYS F 147 14.49 -26.47 -5.61
CA CYS F 147 14.59 -25.75 -6.87
C CYS F 147 15.97 -25.91 -7.50
N TYR F 148 17.03 -25.80 -6.69
CA TYR F 148 18.39 -25.97 -7.21
C TYR F 148 18.59 -27.37 -7.77
N TRP F 149 18.12 -28.40 -7.05
CA TRP F 149 18.27 -29.76 -7.53
C TRP F 149 17.43 -30.02 -8.77
N ALA F 150 16.28 -29.36 -8.90
CA ALA F 150 15.43 -29.54 -10.07
C ALA F 150 15.87 -28.70 -11.25
N GLY F 151 16.79 -27.76 -11.07
CA GLY F 151 17.13 -26.83 -12.12
C GLY F 151 16.19 -25.66 -12.26
N VAL F 152 15.38 -25.39 -11.24
CA VAL F 152 14.41 -24.30 -11.28
C VAL F 152 15.09 -23.05 -10.73
N PRO F 153 15.20 -21.98 -11.51
CA PRO F 153 15.82 -20.75 -10.98
C PRO F 153 15.02 -20.18 -9.81
N LEU F 154 15.75 -19.69 -8.81
CA LEU F 154 15.11 -19.18 -7.60
C LEU F 154 15.93 -18.00 -7.09
N LYS F 155 15.42 -16.79 -7.28
CA LYS F 155 16.08 -15.61 -6.74
C LYS F 155 15.94 -15.57 -5.23
N GLU F 156 16.96 -15.02 -4.56
CA GLU F 156 16.92 -14.91 -3.11
C GLU F 156 15.77 -14.03 -2.65
N THR F 157 15.34 -13.08 -3.49
CA THR F 157 14.25 -12.18 -3.15
C THR F 157 12.88 -12.82 -3.27
N GLU F 158 12.79 -14.08 -3.69
CA GLU F 158 11.52 -14.77 -3.81
C GLU F 158 11.48 -16.11 -3.09
N VAL F 159 12.53 -16.49 -2.37
CA VAL F 159 12.56 -17.77 -1.67
C VAL F 159 11.42 -17.84 -0.65
N LYS F 160 11.19 -16.76 0.08
CA LYS F 160 10.16 -16.76 1.12
C LYS F 160 8.76 -16.88 0.51
N GLU F 161 8.49 -16.10 -0.54
CA GLU F 161 7.17 -16.14 -1.16
C GLU F 161 6.89 -17.49 -1.80
N ARG F 162 7.87 -18.03 -2.52
CA ARG F 162 7.68 -19.32 -3.19
C ARG F 162 7.47 -20.44 -2.17
N ALA F 163 8.27 -20.45 -1.11
CA ALA F 163 8.11 -21.46 -0.07
C ALA F 163 6.76 -21.32 0.63
N ASP F 164 6.34 -20.08 0.89
CA ASP F 164 5.02 -19.86 1.49
C ASP F 164 3.91 -20.35 0.59
N ASP F 165 4.02 -20.07 -0.72
CA ASP F 165 3.01 -20.54 -1.66
C ASP F 165 2.94 -22.06 -1.68
N PHE F 166 4.09 -22.74 -1.63
CA PHE F 166 4.10 -24.19 -1.59
C PHE F 166 3.43 -24.72 -0.34
N ILE F 167 3.74 -24.12 0.82
CA ILE F 167 3.19 -24.59 2.09
C ILE F 167 1.70 -24.26 2.17
N ASP F 168 1.29 -23.12 1.63
CA ASP F 168 -0.13 -22.76 1.62
C ASP F 168 -0.96 -23.81 0.90
N MET F 169 -0.46 -24.32 -0.23
CA MET F 169 -1.17 -25.39 -0.94
C MET F 169 -1.31 -26.63 -0.07
N VAL F 170 -0.23 -27.02 0.61
CA VAL F 170 -0.28 -28.20 1.47
C VAL F 170 -1.21 -27.97 2.66
N ASP F 171 -1.05 -26.82 3.33
CA ASP F 171 -1.84 -26.52 4.52
C ASP F 171 -3.33 -26.33 4.23
N ALA F 172 -3.76 -26.47 2.99
CA ALA F 172 -5.15 -26.18 2.62
C ALA F 172 -5.94 -27.41 2.20
N PHE F 173 -5.32 -28.58 2.07
CA PHE F 173 -6.03 -29.71 1.47
C PHE F 173 -7.16 -30.22 2.35
N GLY F 174 -7.06 -30.03 3.67
CA GLY F 174 -8.09 -30.53 4.56
C GLY F 174 -8.85 -29.42 5.28
N ALA F 175 -8.86 -28.23 4.70
CA ALA F 175 -9.39 -27.05 5.37
C ALA F 175 -10.61 -26.51 4.64
N VAL F 176 -11.38 -25.69 5.37
CA VAL F 176 -12.41 -24.84 4.80
C VAL F 176 -12.11 -23.41 5.27
N GLY F 177 -12.69 -22.46 4.55
CA GLY F 177 -12.53 -21.06 4.90
C GLY F 177 -11.18 -20.49 4.49
N PRO F 178 -10.70 -19.51 5.26
CA PRO F 178 -9.49 -18.78 4.85
C PRO F 178 -8.26 -19.67 4.66
N ARG F 179 -8.10 -20.70 5.48
CA ARG F 179 -6.94 -21.57 5.33
C ARG F 179 -6.97 -22.30 3.99
N HIS F 180 -8.14 -22.72 3.55
CA HIS F 180 -8.27 -23.39 2.25
C HIS F 180 -8.08 -22.41 1.11
N TRP F 181 -8.55 -21.16 1.28
CA TRP F 181 -8.48 -20.20 0.19
C TRP F 181 -7.06 -19.74 -0.08
N LYS F 182 -6.19 -19.76 0.94
CA LYS F 182 -4.79 -19.40 0.72
C LYS F 182 -4.13 -20.37 -0.25
N GLY F 183 -4.49 -21.65 -0.17
CA GLY F 183 -4.00 -22.61 -1.14
C GLY F 183 -4.64 -22.48 -2.50
N ARG F 184 -5.91 -22.05 -2.54
CA ARG F 184 -6.57 -21.82 -3.83
C ARG F 184 -5.97 -20.63 -4.55
N ARG F 185 -5.44 -19.66 -3.81
CA ARG F 185 -4.77 -18.51 -4.42
C ARG F 185 -3.31 -18.78 -4.71
N ALA F 186 -2.64 -19.60 -3.90
CA ALA F 186 -1.22 -19.87 -4.12
C ALA F 186 -0.99 -20.74 -5.35
N ARG F 187 -1.91 -21.64 -5.65
CA ARG F 187 -1.70 -22.57 -6.76
C ARG F 187 -1.59 -21.88 -8.11
N PRO F 188 -2.48 -20.95 -8.50
CA PRO F 188 -2.30 -20.28 -9.80
C PRO F 188 -1.02 -19.48 -9.88
N ARG F 189 -0.57 -18.91 -8.76
CA ARG F 189 0.70 -18.17 -8.76
C ARG F 189 1.87 -19.10 -9.07
N ALA F 190 1.90 -20.27 -8.43
CA ALA F 190 2.99 -21.21 -8.66
C ALA F 190 2.91 -21.81 -10.07
N GLU F 191 1.69 -22.09 -10.55
CA GLU F 191 1.54 -22.66 -11.88
C GLU F 191 2.00 -21.69 -12.95
N GLU F 192 1.57 -20.42 -12.85
CA GLU F 192 2.01 -19.41 -13.81
C GLU F 192 3.51 -19.21 -13.73
N TRP F 193 4.07 -19.24 -12.51
CA TRP F 193 5.51 -19.06 -12.33
C TRP F 193 6.30 -20.18 -13.01
N ILE F 194 5.84 -21.43 -12.85
CA ILE F 194 6.57 -22.56 -13.41
C ILE F 194 6.27 -22.74 -14.90
N GLU F 195 5.05 -22.44 -15.33
CA GLU F 195 4.70 -22.62 -16.74
C GLU F 195 5.57 -21.77 -17.64
N VAL F 196 5.86 -20.53 -17.22
CA VAL F 196 6.77 -19.67 -17.99
C VAL F 196 8.12 -20.36 -18.18
N MET F 197 8.58 -21.06 -17.15
CA MET F 197 9.84 -21.81 -17.27
C MET F 197 9.71 -22.93 -18.29
N ILE F 198 8.56 -23.59 -18.33
CA ILE F 198 8.36 -24.70 -19.28
C ILE F 198 8.43 -24.17 -20.71
N GLU F 199 7.68 -23.11 -21.01
CA GLU F 199 7.67 -22.55 -22.36
C GLU F 199 9.04 -21.98 -22.72
N ASP F 200 9.69 -21.31 -21.78
CA ASP F 200 11.03 -20.78 -22.04
C ASP F 200 12.02 -21.90 -22.30
N ALA F 201 11.90 -23.02 -21.57
CA ALA F 201 12.78 -24.15 -21.79
C ALA F 201 12.52 -24.79 -23.16
N ARG F 202 11.25 -24.89 -23.56
CA ARG F 202 10.93 -25.46 -24.86
C ARG F 202 11.43 -24.58 -26.00
N ALA F 203 11.47 -23.26 -25.80
CA ALA F 203 12.02 -22.35 -26.79
C ALA F 203 13.54 -22.24 -26.72
N GLY F 204 14.19 -23.03 -25.87
CA GLY F 204 15.62 -22.94 -25.69
C GLY F 204 16.10 -21.68 -24.99
N LEU F 205 15.19 -20.81 -24.55
CA LEU F 205 15.57 -19.56 -23.91
C LEU F 205 15.87 -19.72 -22.42
N LEU F 206 15.67 -20.92 -21.87
CA LEU F 206 16.02 -21.22 -20.49
C LEU F 206 16.87 -22.48 -20.49
N LYS F 207 18.07 -22.38 -19.93
CA LYS F 207 18.97 -23.51 -19.89
C LYS F 207 18.43 -24.60 -18.96
N THR F 208 18.29 -25.81 -19.48
CA THR F 208 17.92 -26.97 -18.68
C THR F 208 18.99 -28.03 -18.80
N THR F 209 19.01 -28.95 -17.84
CA THR F 209 19.99 -30.01 -17.77
C THR F 209 19.27 -31.35 -17.74
N SER F 210 19.62 -32.22 -18.70
CA SER F 210 19.05 -33.56 -18.75
C SER F 210 19.20 -34.27 -17.41
N GLY F 211 18.15 -34.99 -17.02
CA GLY F 211 18.14 -35.70 -15.76
C GLY F 211 17.62 -34.92 -14.57
N THR F 212 17.40 -33.61 -14.71
CA THR F 212 16.79 -32.81 -13.67
C THR F 212 15.28 -32.68 -13.91
N ALA F 213 14.57 -32.31 -12.86
CA ALA F 213 13.11 -32.34 -12.90
C ALA F 213 12.54 -31.36 -13.92
N LEU F 214 13.08 -30.13 -13.95
CA LEU F 214 12.57 -29.15 -14.91
C LEU F 214 12.74 -29.63 -16.34
N HIS F 215 13.90 -30.21 -16.67
CA HIS F 215 14.12 -30.72 -18.01
C HIS F 215 13.21 -31.90 -18.32
N GLU F 216 13.15 -32.88 -17.42
CA GLU F 216 12.39 -34.09 -17.69
C GLU F 216 10.89 -33.82 -17.78
N MET F 217 10.38 -32.85 -17.04
CA MET F 217 8.97 -32.48 -17.16
C MET F 217 8.70 -31.68 -18.42
N ALA F 218 9.65 -30.85 -18.84
CA ALA F 218 9.42 -30.01 -20.01
C ALA F 218 9.43 -30.82 -21.31
N PHE F 219 10.23 -31.89 -21.37
CA PHE F 219 10.40 -32.66 -22.59
C PHE F 219 9.90 -34.10 -22.45
N HIS F 220 9.15 -34.41 -21.40
CA HIS F 220 8.49 -35.70 -21.30
C HIS F 220 7.44 -35.84 -22.40
N THR F 221 7.38 -37.02 -23.01
CA THR F 221 6.37 -37.33 -24.01
C THR F 221 5.45 -38.42 -23.47
N GLN F 222 4.17 -38.30 -23.79
CA GLN F 222 3.18 -39.27 -23.34
C GLN F 222 3.23 -40.51 -24.24
N GLU F 223 2.23 -41.40 -24.09
CA GLU F 223 2.23 -42.63 -24.86
C GLU F 223 2.10 -42.36 -26.36
N ASP F 224 1.37 -41.31 -26.75
CA ASP F 224 1.22 -40.96 -28.15
C ASP F 224 2.40 -40.16 -28.69
N GLY F 225 3.48 -40.03 -27.92
CA GLY F 225 4.66 -39.33 -28.37
C GLY F 225 4.62 -37.82 -28.24
N SER F 226 3.49 -37.25 -27.84
CA SER F 226 3.37 -35.81 -27.67
C SER F 226 3.73 -35.41 -26.24
N GLN F 227 4.30 -34.22 -26.11
CA GLN F 227 4.63 -33.73 -24.79
C GLN F 227 3.41 -33.12 -24.11
N LEU F 228 3.48 -32.98 -22.80
CA LEU F 228 2.38 -32.40 -22.04
C LEU F 228 2.21 -30.93 -22.38
N ASP F 229 0.98 -30.45 -22.25
CA ASP F 229 0.74 -29.01 -22.29
C ASP F 229 1.63 -28.32 -21.27
N SER F 230 2.07 -27.11 -21.59
CA SER F 230 2.99 -26.40 -20.70
C SER F 230 2.40 -26.23 -19.31
N ARG F 231 1.07 -26.14 -19.20
CA ARG F 231 0.44 -26.03 -17.89
C ARG F 231 0.49 -27.36 -17.15
N MET F 232 0.18 -28.46 -17.84
CA MET F 232 0.29 -29.78 -17.22
C MET F 232 1.71 -30.07 -16.78
N ALA F 233 2.70 -29.73 -17.62
CA ALA F 233 4.09 -29.94 -17.25
C ALA F 233 4.47 -29.12 -16.03
N ALA F 234 3.97 -27.88 -15.94
CA ALA F 234 4.20 -27.07 -14.75
C ALA F 234 3.51 -27.68 -13.54
N ILE F 235 2.31 -28.21 -13.72
CA ILE F 235 1.56 -28.81 -12.62
C ILE F 235 2.30 -30.03 -12.08
N GLU F 236 2.85 -30.85 -12.97
CA GLU F 236 3.55 -32.05 -12.51
C GLU F 236 4.93 -31.73 -11.95
N LEU F 237 5.57 -30.66 -12.42
CA LEU F 237 6.80 -30.21 -11.78
C LEU F 237 6.51 -29.71 -10.37
N ILE F 238 5.38 -29.02 -10.19
CA ILE F 238 4.99 -28.59 -8.85
C ILE F 238 4.66 -29.79 -7.97
N ASN F 239 4.18 -30.89 -8.57
CA ASN F 239 3.98 -32.12 -7.81
C ASN F 239 5.29 -32.79 -7.43
N VAL F 240 6.43 -32.19 -7.79
CA VAL F 240 7.73 -32.58 -7.26
C VAL F 240 8.23 -31.56 -6.24
N LEU F 241 8.16 -30.28 -6.58
CA LEU F 241 8.72 -29.23 -5.72
C LEU F 241 7.92 -29.08 -4.44
N ARG F 242 6.59 -28.98 -4.56
CA ARG F 242 5.76 -28.74 -3.39
C ARG F 242 5.87 -29.84 -2.34
N PRO F 243 5.82 -31.13 -2.66
CA PRO F 243 5.92 -32.14 -1.60
C PRO F 243 7.30 -32.19 -0.95
N ILE F 244 8.37 -31.81 -1.67
CA ILE F 244 9.67 -31.69 -1.04
C ILE F 244 9.64 -30.64 0.05
N VAL F 245 8.99 -29.50 -0.23
CA VAL F 245 8.84 -28.48 0.79
C VAL F 245 7.94 -28.98 1.93
N ALA F 246 6.99 -29.86 1.61
CA ALA F 246 6.09 -30.41 2.61
C ALA F 246 6.78 -31.33 3.61
N ILE F 247 8.03 -31.72 3.35
CA ILE F 247 8.79 -32.49 4.32
C ILE F 247 9.02 -31.69 5.60
N SER F 248 8.85 -30.36 5.53
CA SER F 248 8.95 -29.52 6.73
C SER F 248 8.08 -30.05 7.86
N TYR F 249 6.90 -30.57 7.54
CA TYR F 249 6.03 -31.14 8.57
C TYR F 249 6.70 -32.29 9.29
N PHE F 250 7.29 -33.21 8.53
CA PHE F 250 7.96 -34.37 9.13
C PHE F 250 9.21 -33.95 9.89
N LEU F 251 9.93 -32.93 9.42
CA LEU F 251 11.13 -32.47 10.12
C LEU F 251 10.77 -31.86 11.47
N VAL F 252 9.67 -31.11 11.54
CA VAL F 252 9.23 -30.55 12.82
C VAL F 252 8.81 -31.66 13.77
N PHE F 253 8.04 -32.64 13.27
CA PHE F 253 7.65 -33.77 14.10
C PHE F 253 8.85 -34.56 14.59
N SER F 254 9.90 -34.67 13.77
CA SER F 254 11.11 -35.37 14.18
C SER F 254 11.76 -34.67 15.36
N ALA F 255 11.91 -33.35 15.27
CA ALA F 255 12.48 -32.59 16.39
C ALA F 255 11.61 -32.68 17.63
N LEU F 256 10.28 -32.67 17.44
CA LEU F 256 9.38 -32.83 18.57
C LEU F 256 9.54 -34.20 19.22
N ALA F 257 9.72 -35.24 18.40
CA ALA F 257 9.93 -36.57 18.94
C ALA F 257 11.23 -36.64 19.74
N LEU F 258 12.31 -36.03 19.22
CA LEU F 258 13.57 -35.99 19.94
C LEU F 258 13.43 -35.24 21.26
N HIS F 259 12.58 -34.22 21.31
CA HIS F 259 12.39 -33.44 22.52
C HIS F 259 11.54 -34.18 23.55
N GLU F 260 10.44 -34.80 23.10
CA GLU F 260 9.53 -35.46 24.02
C GLU F 260 10.01 -36.83 24.48
N HIS F 261 11.00 -37.41 23.80
CA HIS F 261 11.56 -38.71 24.15
C HIS F 261 13.07 -38.62 24.10
N PRO F 262 13.69 -37.95 25.07
CA PRO F 262 15.15 -37.69 24.99
C PRO F 262 16.00 -38.93 25.15
N LYS F 263 15.44 -40.07 25.56
CA LYS F 263 16.23 -41.29 25.70
C LYS F 263 16.81 -41.75 24.37
N TYR F 264 16.26 -41.30 23.25
CA TYR F 264 16.72 -41.69 21.93
C TYR F 264 17.83 -40.80 21.39
N LYS F 265 18.07 -39.64 22.00
CA LYS F 265 19.14 -38.76 21.52
C LYS F 265 20.50 -39.43 21.66
N GLU F 266 20.80 -39.97 22.84
CA GLU F 266 22.05 -40.70 23.02
C GLU F 266 22.02 -42.04 22.31
N TRP F 267 20.84 -42.65 22.18
CA TRP F 267 20.71 -43.89 21.41
C TRP F 267 21.08 -43.67 19.95
N LEU F 268 20.73 -42.51 19.41
CA LEU F 268 21.14 -42.18 18.04
C LEU F 268 22.61 -41.78 18.01
N ARG F 269 23.08 -41.10 19.05
CA ARG F 269 24.48 -40.65 19.10
C ARG F 269 25.44 -41.83 19.02
N SER F 270 25.18 -42.87 19.81
CA SER F 270 26.02 -44.07 19.82
C SER F 270 25.72 -45.01 18.66
N GLY F 271 24.72 -44.72 17.85
CA GLY F 271 24.37 -45.55 16.71
C GLY F 271 24.87 -44.99 15.40
N ASN F 272 24.23 -45.40 14.32
CA ASN F 272 24.61 -44.96 12.98
C ASN F 272 23.37 -44.79 12.11
N SER F 273 23.53 -44.96 10.79
CA SER F 273 22.42 -44.76 9.87
C SER F 273 21.26 -45.73 10.15
N ARG F 274 21.56 -46.90 10.71
CA ARG F 274 20.51 -47.86 11.02
C ARG F 274 19.53 -47.30 12.05
N GLU F 275 20.06 -46.69 13.11
CA GLU F 275 19.20 -46.13 14.14
C GLU F 275 18.46 -44.89 13.65
N ARG F 276 19.09 -44.12 12.76
CA ARG F 276 18.40 -42.98 12.17
C ARG F 276 17.25 -43.42 11.27
N GLU F 277 17.40 -44.56 10.60
CA GLU F 277 16.30 -45.11 9.82
C GLU F 277 15.12 -45.45 10.70
N MET F 278 15.36 -46.18 11.79
CA MET F 278 14.28 -46.60 12.68
C MET F 278 13.56 -45.40 13.27
N PHE F 279 14.31 -44.37 13.68
CA PHE F 279 13.70 -43.18 14.22
C PHE F 279 12.85 -42.48 13.18
N VAL F 280 13.40 -42.29 11.98
CA VAL F 280 12.67 -41.58 10.92
C VAL F 280 11.44 -42.36 10.51
N GLN F 281 11.55 -43.69 10.41
CA GLN F 281 10.38 -44.49 10.03
C GLN F 281 9.29 -44.42 11.08
N GLU F 282 9.66 -44.39 12.36
CA GLU F 282 8.65 -44.29 13.41
C GLU F 282 8.00 -42.92 13.43
N VAL F 283 8.74 -41.86 13.08
CA VAL F 283 8.13 -40.54 12.95
C VAL F 283 7.05 -40.57 11.89
N ARG F 284 7.28 -41.26 10.78
CA ARG F 284 6.31 -41.32 9.70
C ARG F 284 5.08 -42.13 10.11
N ARG F 285 5.27 -43.19 10.90
CA ARG F 285 4.15 -44.02 11.33
C ARG F 285 3.34 -43.35 12.43
N TYR F 286 4.03 -42.74 13.41
CA TYR F 286 3.35 -42.26 14.61
C TYR F 286 2.60 -40.96 14.37
N TYR F 287 3.21 -40.01 13.63
CA TYR F 287 2.62 -38.69 13.57
C TYR F 287 1.70 -38.54 12.35
N PRO F 288 0.67 -37.72 12.48
CA PRO F 288 -0.31 -37.60 11.39
C PRO F 288 0.17 -36.67 10.28
N PHE F 289 -0.26 -37.01 9.06
CA PHE F 289 -0.02 -36.18 7.89
C PHE F 289 -1.12 -36.43 6.85
N GLY F 290 -1.04 -37.56 6.16
CA GLY F 290 -2.08 -37.96 5.25
C GLY F 290 -3.20 -38.69 5.97
N PRO F 291 -4.37 -38.07 6.03
CA PRO F 291 -5.49 -38.69 6.75
C PRO F 291 -6.02 -39.95 6.08
N PHE F 292 -6.55 -39.81 4.87
CA PHE F 292 -7.13 -40.93 4.15
C PHE F 292 -6.94 -40.72 2.65
N LEU F 293 -7.23 -41.76 1.89
CA LEU F 293 -7.17 -41.72 0.43
C LEU F 293 -8.52 -42.09 -0.15
N GLY F 294 -8.86 -41.48 -1.27
CA GLY F 294 -10.15 -41.68 -1.92
C GLY F 294 -10.01 -42.39 -3.25
N ALA F 295 -10.94 -43.31 -3.52
CA ALA F 295 -11.02 -44.00 -4.79
C ALA F 295 -12.49 -44.27 -5.11
N LEU F 296 -12.75 -44.66 -6.35
CA LEU F 296 -14.08 -45.05 -6.78
C LEU F 296 -14.07 -46.52 -7.18
N VAL F 297 -15.15 -47.23 -6.82
CA VAL F 297 -15.27 -48.63 -7.17
C VAL F 297 -15.40 -48.76 -8.68
N LYS F 298 -14.47 -49.47 -9.30
CA LYS F 298 -14.43 -49.56 -10.76
C LYS F 298 -15.36 -50.65 -11.29
N LYS F 299 -15.59 -51.70 -10.50
CA LYS F 299 -16.46 -52.80 -10.90
C LYS F 299 -17.06 -53.41 -9.65
N ASP F 300 -18.24 -53.98 -9.80
CA ASP F 300 -18.90 -54.65 -8.67
C ASP F 300 -18.03 -55.78 -8.16
N PHE F 301 -17.87 -55.84 -6.84
CA PHE F 301 -17.15 -56.94 -6.22
C PHE F 301 -17.58 -57.04 -4.76
N VAL F 302 -17.26 -58.19 -4.16
CA VAL F 302 -17.60 -58.46 -2.77
C VAL F 302 -16.31 -58.72 -2.00
N TRP F 303 -16.13 -58.01 -0.89
CA TRP F 303 -15.01 -58.23 0.00
C TRP F 303 -15.47 -58.01 1.43
N ASN F 304 -15.03 -58.88 2.34
CA ASN F 304 -15.36 -58.78 3.76
C ASN F 304 -16.88 -58.73 3.97
N ASN F 305 -17.60 -59.57 3.22
CA ASN F 305 -19.06 -59.66 3.26
C ASN F 305 -19.73 -58.33 2.93
N CYS F 306 -19.04 -57.45 2.22
CA CYS F 306 -19.59 -56.17 1.79
C CYS F 306 -19.62 -56.13 0.27
N GLU F 307 -20.77 -55.74 -0.28
CA GLU F 307 -20.95 -55.65 -1.73
C GLU F 307 -20.57 -54.25 -2.18
N PHE F 308 -19.46 -54.14 -2.91
CA PHE F 308 -18.98 -52.84 -3.42
C PHE F 308 -19.60 -52.62 -4.79
N LYS F 309 -20.50 -51.66 -4.88
CA LYS F 309 -21.17 -51.34 -6.14
C LYS F 309 -20.32 -50.37 -6.95
N LYS F 310 -20.34 -50.54 -8.27
CA LYS F 310 -19.56 -49.69 -9.16
C LYS F 310 -19.95 -48.23 -9.00
N GLY F 311 -18.95 -47.37 -8.80
CA GLY F 311 -19.17 -45.95 -8.70
C GLY F 311 -19.18 -45.39 -7.29
N THR F 312 -19.32 -46.22 -6.26
CA THR F 312 -19.35 -45.72 -4.90
C THR F 312 -17.97 -45.26 -4.45
N SER F 313 -17.95 -44.24 -3.60
CA SER F 313 -16.71 -43.72 -3.05
C SER F 313 -16.20 -44.61 -1.92
N VAL F 314 -14.89 -44.79 -1.85
CA VAL F 314 -14.26 -45.59 -0.82
C VAL F 314 -13.07 -44.82 -0.27
N LEU F 315 -13.00 -44.67 1.04
CA LEU F 315 -11.90 -43.99 1.72
C LEU F 315 -11.09 -45.00 2.52
N LEU F 316 -9.77 -44.97 2.34
CA LEU F 316 -8.87 -45.86 3.05
C LEU F 316 -8.19 -45.08 4.17
N ASP F 317 -8.33 -45.57 5.40
CA ASP F 317 -7.79 -44.88 6.57
C ASP F 317 -6.28 -45.09 6.63
N LEU F 318 -5.52 -44.06 6.28
CA LEU F 318 -4.08 -44.12 6.40
C LEU F 318 -3.64 -44.04 7.86
N TYR F 319 -4.17 -43.06 8.60
CA TYR F 319 -3.74 -42.85 9.98
C TYR F 319 -4.10 -44.04 10.87
N GLY F 320 -5.33 -44.54 10.74
CA GLY F 320 -5.76 -45.65 11.59
C GLY F 320 -5.01 -46.93 11.29
N THR F 321 -4.70 -47.17 10.01
CA THR F 321 -3.90 -48.35 9.66
C THR F 321 -2.51 -48.27 10.28
N ASN F 322 -1.91 -47.08 10.28
CA ASN F 322 -0.59 -46.90 10.88
C ASN F 322 -0.62 -47.03 12.40
N HIS F 323 -1.81 -46.96 13.01
CA HIS F 323 -1.96 -47.14 14.44
C HIS F 323 -2.81 -48.37 14.77
N ASP F 324 -2.84 -49.34 13.87
CA ASP F 324 -3.62 -50.56 14.06
C ASP F 324 -2.92 -51.47 15.07
N PRO F 325 -3.56 -51.80 16.20
CA PRO F 325 -2.91 -52.69 17.17
C PRO F 325 -2.72 -54.11 16.68
N ARG F 326 -3.42 -54.52 15.62
CA ARG F 326 -3.18 -55.84 15.04
C ARG F 326 -1.88 -55.89 14.25
N LEU F 327 -1.37 -54.74 13.81
CA LEU F 327 -0.13 -54.67 13.05
C LEU F 327 1.03 -54.09 13.83
N TRP F 328 0.78 -53.25 14.83
CA TRP F 328 1.83 -52.59 15.60
C TRP F 328 1.55 -52.75 17.08
N ASP F 329 2.54 -53.27 17.81
CA ASP F 329 2.43 -53.39 19.25
C ASP F 329 2.54 -52.01 19.88
N HIS F 330 1.63 -51.71 20.82
CA HIS F 330 1.51 -50.39 21.44
C HIS F 330 1.50 -49.32 20.37
N PRO F 331 0.46 -49.26 19.54
CA PRO F 331 0.52 -48.40 18.34
C PRO F 331 0.52 -46.91 18.66
N ASP F 332 0.02 -46.50 19.82
CA ASP F 332 -0.03 -45.09 20.19
C ASP F 332 1.20 -44.65 20.98
N GLU F 333 2.29 -45.42 20.93
CA GLU F 333 3.54 -45.06 21.58
C GLU F 333 4.62 -44.90 20.53
N PHE F 334 5.51 -43.94 20.75
CA PHE F 334 6.63 -43.66 19.85
C PHE F 334 7.77 -44.60 20.21
N ARG F 335 7.91 -45.68 19.45
CA ARG F 335 8.91 -46.71 19.73
C ARG F 335 9.71 -47.01 18.47
N PRO F 336 10.77 -46.23 18.21
CA PRO F 336 11.62 -46.51 17.04
C PRO F 336 12.16 -47.92 16.98
N GLU F 337 12.34 -48.58 18.13
CA GLU F 337 12.90 -49.93 18.15
C GLU F 337 12.00 -50.96 17.48
N ARG F 338 10.74 -50.63 17.22
CA ARG F 338 9.84 -51.57 16.56
C ARG F 338 10.26 -51.86 15.12
N PHE F 339 11.12 -51.02 14.54
CA PHE F 339 11.60 -51.21 13.18
C PHE F 339 12.95 -51.91 13.12
N ALA F 340 13.38 -52.52 14.23
CA ALA F 340 14.68 -53.18 14.27
C ALA F 340 14.62 -54.49 13.50
N GLU F 341 15.30 -54.53 12.35
CA GLU F 341 15.34 -55.70 11.48
C GLU F 341 13.94 -56.19 11.14
N ARG F 342 13.19 -55.32 10.47
CA ARG F 342 11.81 -55.60 10.08
C ARG F 342 11.74 -55.87 8.59
N GLU F 343 10.94 -56.87 8.21
CA GLU F 343 10.80 -57.22 6.82
C GLU F 343 9.93 -56.20 6.08
N GLU F 344 10.10 -56.16 4.76
CA GLU F 344 9.32 -55.24 3.94
C GLU F 344 7.87 -55.68 3.91
N ASN F 345 6.97 -54.78 4.33
CA ASN F 345 5.53 -54.97 4.20
C ASN F 345 4.96 -53.72 3.56
N LEU F 346 4.25 -53.90 2.45
CA LEU F 346 3.80 -52.78 1.65
C LEU F 346 2.44 -52.24 2.08
N PHE F 347 1.80 -52.85 3.09
CA PHE F 347 0.43 -52.49 3.44
C PHE F 347 0.18 -52.27 4.92
N ASP F 348 1.10 -52.67 5.81
CA ASP F 348 0.93 -52.39 7.23
C ASP F 348 1.45 -51.02 7.63
N MET F 349 2.26 -50.40 6.77
CA MET F 349 2.88 -49.11 7.03
C MET F 349 2.65 -48.24 5.79
N ILE F 350 1.62 -47.40 5.84
CA ILE F 350 1.24 -46.63 4.66
C ILE F 350 1.08 -45.14 4.92
N PRO F 351 2.04 -44.46 5.58
CA PRO F 351 1.90 -43.01 5.75
C PRO F 351 1.98 -42.25 4.44
N GLN F 352 2.65 -42.81 3.43
CA GLN F 352 2.74 -42.22 2.11
C GLN F 352 2.22 -43.19 1.05
N GLY F 353 1.11 -43.86 1.37
CA GLY F 353 0.49 -44.81 0.47
C GLY F 353 1.00 -46.22 0.65
N GLY F 354 0.29 -47.16 0.01
CA GLY F 354 0.63 -48.56 0.05
C GLY F 354 0.80 -49.15 -1.34
N GLY F 355 1.09 -50.45 -1.35
CA GLY F 355 1.27 -51.13 -2.62
C GLY F 355 2.60 -50.80 -3.27
N HIS F 356 2.65 -51.02 -4.59
CA HIS F 356 3.83 -50.75 -5.39
C HIS F 356 3.70 -49.38 -6.06
N ALA F 357 4.72 -48.53 -5.88
CA ALA F 357 4.71 -47.22 -6.51
C ALA F 357 4.78 -47.33 -8.03
N GLU F 358 5.34 -48.42 -8.55
CA GLU F 358 5.43 -48.60 -10.00
C GLU F 358 4.10 -49.06 -10.58
N LYS F 359 3.29 -49.78 -9.81
CA LYS F 359 2.02 -50.32 -10.29
C LYS F 359 0.81 -49.60 -9.69
N GLY F 360 1.03 -48.50 -9.00
CA GLY F 360 -0.07 -47.79 -8.36
C GLY F 360 0.28 -46.37 -8.04
N HIS F 361 -0.49 -45.79 -7.11
CA HIS F 361 -0.39 -44.38 -6.77
C HIS F 361 0.45 -44.12 -5.53
N ARG F 362 1.13 -45.14 -5.00
CA ARG F 362 1.99 -44.94 -3.84
C ARG F 362 3.00 -43.83 -4.10
N CYS F 363 3.28 -43.06 -3.06
CA CYS F 363 4.16 -41.90 -3.17
C CYS F 363 5.52 -42.31 -3.72
N PRO F 364 5.97 -41.71 -4.83
CA PRO F 364 7.33 -41.98 -5.31
C PRO F 364 8.41 -41.26 -4.53
N GLY F 365 8.06 -40.23 -3.76
CA GLY F 365 9.00 -39.48 -2.96
C GLY F 365 9.27 -40.06 -1.59
N GLU F 366 8.86 -41.31 -1.34
CA GLU F 366 9.08 -41.92 -0.04
C GLU F 366 10.57 -42.01 0.30
N GLY F 367 11.38 -42.46 -0.67
CA GLY F 367 12.81 -42.55 -0.42
C GLY F 367 13.46 -41.19 -0.20
N ILE F 368 13.03 -40.19 -0.96
CA ILE F 368 13.55 -38.83 -0.76
C ILE F 368 13.19 -38.33 0.62
N THR F 369 11.93 -38.55 1.04
CA THR F 369 11.47 -38.09 2.35
C THR F 369 12.29 -38.73 3.47
N ILE F 370 12.56 -40.03 3.37
CA ILE F 370 13.28 -40.73 4.42
C ILE F 370 14.73 -40.24 4.49
N GLU F 371 15.37 -40.05 3.34
CA GLU F 371 16.78 -39.67 3.33
C GLU F 371 16.96 -38.22 3.79
N VAL F 372 16.05 -37.33 3.40
CA VAL F 372 16.13 -35.95 3.88
C VAL F 372 15.84 -35.88 5.37
N MET F 373 14.92 -36.72 5.85
CA MET F 373 14.65 -36.78 7.28
C MET F 373 15.86 -37.31 8.05
N LYS F 374 16.55 -38.32 7.50
CA LYS F 374 17.72 -38.86 8.17
C LYS F 374 18.83 -37.83 8.27
N ALA F 375 19.03 -37.05 7.21
CA ALA F 375 20.08 -36.04 7.23
C ALA F 375 19.76 -34.91 8.20
N SER F 376 18.52 -34.43 8.17
CA SER F 376 18.12 -33.38 9.10
C SER F 376 18.14 -33.86 10.55
N LEU F 377 17.80 -35.13 10.77
CA LEU F 377 17.89 -35.70 12.13
C LEU F 377 19.34 -35.84 12.55
N ASP F 378 20.20 -36.29 11.64
CA ASP F 378 21.63 -36.38 11.94
C ASP F 378 22.19 -35.01 12.31
N PHE F 379 21.72 -33.96 11.63
CA PHE F 379 22.18 -32.61 11.92
C PHE F 379 21.77 -32.17 13.32
N LEU F 380 20.50 -32.38 13.68
CA LEU F 380 20.00 -31.97 14.99
C LEU F 380 20.66 -32.74 16.13
N VAL F 381 21.16 -33.94 15.87
CA VAL F 381 21.72 -34.78 16.92
C VAL F 381 23.20 -34.53 17.13
N HIS F 382 23.96 -34.34 16.06
CA HIS F 382 25.42 -34.28 16.13
C HIS F 382 26.00 -32.88 15.98
N GLN F 383 25.30 -31.97 15.30
CA GLN F 383 25.93 -30.73 14.88
C GLN F 383 25.71 -29.57 15.85
N ILE F 384 24.56 -29.52 16.52
CA ILE F 384 24.20 -28.37 17.34
C ILE F 384 23.67 -28.84 18.69
N GLU F 385 23.72 -27.92 19.65
CA GLU F 385 22.96 -28.00 20.88
C GLU F 385 22.04 -26.78 20.94
N TYR F 386 20.87 -26.96 21.55
CA TYR F 386 19.90 -25.89 21.56
C TYR F 386 18.93 -26.09 22.71
N ASP F 387 18.29 -25.00 23.11
CA ASP F 387 17.20 -25.05 24.06
C ASP F 387 15.86 -25.16 23.34
N VAL F 388 14.89 -25.72 24.04
CA VAL F 388 13.50 -25.71 23.57
C VAL F 388 12.71 -24.88 24.57
N PRO F 389 12.62 -23.56 24.37
CA PRO F 389 11.97 -22.71 25.38
C PRO F 389 10.50 -23.00 25.56
N GLU F 390 9.86 -22.33 26.51
CA GLU F 390 8.44 -22.53 26.77
C GLU F 390 7.64 -22.17 25.52
N GLN F 391 6.85 -23.12 25.05
CA GLN F 391 6.08 -22.94 23.83
C GLN F 391 4.95 -23.96 23.81
N SER F 392 4.00 -23.74 22.90
CA SER F 392 2.90 -24.68 22.69
C SER F 392 3.33 -25.68 21.62
N LEU F 393 3.84 -26.83 22.06
CA LEU F 393 4.21 -27.90 21.14
C LEU F 393 3.03 -28.80 20.78
N HIS F 394 1.83 -28.41 21.18
CA HIS F 394 0.65 -29.22 20.92
C HIS F 394 0.31 -29.23 19.44
N TYR F 395 -0.10 -30.40 18.94
CA TYR F 395 -0.62 -30.54 17.59
C TYR F 395 -1.96 -31.24 17.65
N SER F 396 -2.92 -30.75 16.86
CA SER F 396 -4.29 -31.25 16.90
C SER F 396 -4.50 -32.36 15.89
N LEU F 397 -5.18 -33.42 16.33
CA LEU F 397 -5.56 -34.50 15.44
C LEU F 397 -6.80 -34.19 14.62
N ALA F 398 -7.42 -33.03 14.84
CA ALA F 398 -8.53 -32.57 14.01
C ALA F 398 -8.07 -31.74 12.83
N ARG F 399 -6.93 -31.06 12.96
CA ARG F 399 -6.42 -30.18 11.92
C ARG F 399 -5.70 -31.02 10.86
N MET F 400 -6.15 -30.94 9.61
CA MET F 400 -5.51 -31.66 8.51
C MET F 400 -5.00 -30.67 7.47
N PRO F 401 -3.68 -30.57 7.26
CA PRO F 401 -2.61 -31.30 7.96
C PRO F 401 -2.39 -30.75 9.36
N SER F 402 -1.66 -31.47 10.20
CA SER F 402 -1.39 -31.06 11.57
C SER F 402 0.07 -30.65 11.71
N LEU F 403 0.33 -29.78 12.69
CA LEU F 403 1.68 -29.31 12.96
C LEU F 403 1.73 -28.78 14.38
N PRO F 404 2.79 -29.03 15.13
CA PRO F 404 2.96 -28.37 16.43
C PRO F 404 2.80 -26.86 16.29
N GLU F 405 1.95 -26.30 17.15
CA GLU F 405 1.52 -24.90 16.97
C GLU F 405 2.71 -23.95 16.92
N SER F 406 3.69 -24.14 17.82
CA SER F 406 4.87 -23.27 17.83
C SER F 406 5.75 -23.51 16.60
N GLY F 407 5.74 -24.72 16.06
CA GLY F 407 6.68 -25.07 15.02
C GLY F 407 8.04 -25.48 15.53
N PHE F 408 8.12 -25.90 16.79
CA PHE F 408 9.38 -26.22 17.48
C PHE F 408 10.36 -25.05 17.39
N VAL F 409 10.00 -23.95 18.06
CA VAL F 409 10.89 -22.80 18.14
C VAL F 409 12.10 -23.18 18.99
N MET F 410 13.29 -22.84 18.51
CA MET F 410 14.54 -23.16 19.19
C MET F 410 15.26 -21.88 19.61
N SER F 411 16.17 -22.01 20.58
CA SER F 411 16.94 -20.89 21.08
C SER F 411 18.23 -21.41 21.70
N GLY F 412 19.12 -20.48 22.04
CA GLY F 412 20.40 -20.85 22.61
C GLY F 412 21.23 -21.75 21.73
N ILE F 413 21.12 -21.58 20.41
CA ILE F 413 21.77 -22.51 19.48
C ILE F 413 23.27 -22.26 19.46
N ARG F 414 24.04 -23.34 19.53
CA ARG F 414 25.50 -23.27 19.47
C ARG F 414 26.02 -24.50 18.75
N ARG F 415 27.07 -24.31 17.96
CA ARG F 415 27.70 -25.42 17.27
C ARG F 415 28.40 -26.35 18.26
N LYS F 416 28.61 -27.58 17.83
CA LYS F 416 29.29 -28.58 18.66
C LYS F 416 30.57 -29.06 18.00
CHA HEM G . 36.88 8.75 12.14
CHB HEM G . 35.18 4.57 13.76
CHC HEM G . 36.09 2.59 9.49
CHD HEM G . 37.49 6.84 7.78
C1A HEM G . 36.31 7.82 12.95
C2A HEM G . 35.83 8.04 14.32
C3A HEM G . 35.35 6.88 14.76
C4A HEM G . 35.54 5.91 13.68
CMA HEM G . 34.75 6.58 16.11
CAA HEM G . 35.85 9.33 15.05
CBA HEM G . 37.17 9.48 15.83
CGA HEM G . 37.46 10.84 16.40
O1A HEM G . 36.73 11.78 15.99
O2A HEM G . 38.17 10.93 17.44
C1B HEM G . 35.28 3.65 12.76
C2B HEM G . 34.84 2.28 12.86
C3B HEM G . 35.10 1.73 11.65
C4B HEM G . 35.69 2.75 10.82
CMB HEM G . 34.21 1.64 14.07
CAB HEM G . 34.86 0.36 11.14
CBB HEM G . 35.73 -0.62 11.11
C1C HEM G . 36.49 3.56 8.59
C2C HEM G . 36.72 3.37 7.17
C3C HEM G . 37.12 4.57 6.68
C4C HEM G . 37.13 5.50 7.81
CMC HEM G . 36.54 2.07 6.44
CAC HEM G . 37.46 4.92 5.28
CBC HEM G . 38.59 5.41 4.75
C1D HEM G . 37.46 7.77 8.82
C2D HEM G . 37.77 9.17 8.68
C3D HEM G . 37.60 9.71 9.93
C4D HEM G . 37.17 8.64 10.80
CMD HEM G . 38.21 9.86 7.43
CAD HEM G . 37.78 11.12 10.31
CBD HEM G . 39.22 11.17 10.90
CGD HEM G . 39.56 12.49 11.47
O1D HEM G . 38.61 13.26 11.82
O2D HEM G . 40.79 12.72 11.66
NA HEM G . 36.12 6.51 12.60
NB HEM G . 35.80 3.91 11.52
NC HEM G . 36.76 4.84 8.93
ND HEM G . 37.11 7.48 10.11
FE HEM G . 36.59 5.69 10.80
C1 PLM H . 31.66 6.25 8.72
O1 PLM H . 30.54 5.71 8.50
O2 PLM H . 31.97 7.13 9.56
C2 PLM H . 32.82 5.73 7.77
C3 PLM H . 33.86 6.77 7.38
C4 PLM H . 33.44 7.69 6.23
C5 PLM H . 34.53 8.70 5.80
C6 PLM H . 34.02 10.12 5.55
C7 PLM H . 34.80 11.20 6.30
C8 PLM H . 34.69 12.60 5.69
C9 PLM H . 33.27 13.16 5.71
CA PLM H . 33.23 14.70 5.79
CB PLM H . 33.39 15.40 4.43
CC PLM H . 32.07 15.93 3.85
CD PLM H . 32.19 16.41 2.40
CE PLM H . 31.12 17.45 2.01
CF PLM H . 30.89 17.57 0.50
CG PLM H . 29.77 18.56 0.13
C1 GOL I . 35.07 32.90 7.69
O1 GOL I . 35.72 34.12 7.49
C2 GOL I . 33.59 33.13 7.34
O2 GOL I . 33.36 33.06 5.97
C3 GOL I . 32.82 32.06 8.14
O3 GOL I . 31.46 32.26 7.86
C1 GOL J . 48.09 4.22 15.13
O1 GOL J . 48.84 4.17 13.95
C2 GOL J . 48.25 5.66 15.69
O2 GOL J . 47.09 6.11 16.30
C3 GOL J . 49.44 5.57 16.68
O3 GOL J . 49.04 6.23 17.84
C1 GOL K . 13.38 -3.14 22.16
O1 GOL K . 12.62 -3.57 21.07
C2 GOL K . 14.56 -4.13 22.29
O2 GOL K . 15.19 -4.36 21.07
C3 GOL K . 15.51 -3.48 23.32
O3 GOL K . 15.12 -3.95 24.58
C1 GOL L . 36.36 5.92 28.37
O1 GOL L . 37.07 6.95 29.00
C2 GOL L . 36.72 4.60 29.10
O2 GOL L . 37.16 3.63 28.23
C3 GOL L . 35.43 4.18 29.85
O3 GOL L . 34.45 3.99 28.89
C1 GOL M . 12.34 1.59 16.60
O1 GOL M . 12.47 2.24 17.82
C2 GOL M . 12.52 0.08 16.87
O2 GOL M . 12.21 -0.25 18.18
C3 GOL M . 11.62 -0.63 15.83
O3 GOL M . 10.63 0.27 15.44
C1 GOL N . 49.99 -5.51 -14.29
O1 GOL N . 51.29 -5.30 -13.84
C2 GOL N . 49.08 -4.51 -13.55
O2 GOL N . 47.74 -4.70 -13.84
C3 GOL N . 49.39 -4.71 -12.05
O3 GOL N . 50.21 -3.65 -11.66
C1 GOL O . 49.52 -17.01 8.22
O1 GOL O . 50.32 -15.87 8.34
C2 GOL O . 48.31 -16.62 7.34
O2 GOL O . 48.26 -17.37 6.18
C3 GOL O . 47.08 -16.85 8.24
O3 GOL O . 45.97 -16.90 7.40
S SO4 P . 23.89 11.79 -7.10
O1 SO4 P . 25.33 11.74 -7.35
O2 SO4 P . 23.64 12.53 -5.85
O3 SO4 P . 23.22 12.47 -8.20
O4 SO4 P . 23.36 10.44 -6.97
CHA HEM Q . 4.62 -5.06 -38.96
CHB HEM Q . 8.60 -2.67 -37.79
CHC HEM Q . 5.95 1.21 -36.81
CHD HEM Q . 1.96 -1.23 -37.76
C1A HEM Q . 5.93 -4.77 -38.74
C2A HEM Q . 7.06 -5.70 -38.92
C3A HEM Q . 8.16 -5.03 -38.59
C4A HEM Q . 7.75 -3.68 -38.21
CMA HEM Q . 9.59 -5.53 -38.58
CAA HEM Q . 6.96 -7.11 -39.35
CBA HEM Q . 7.00 -7.12 -40.90
CGA HEM Q . 6.71 -8.41 -41.63
O1A HEM Q . 6.29 -9.38 -40.97
O2A HEM Q . 6.99 -8.48 -42.85
C1B HEM Q . 8.26 -1.42 -37.39
C2B HEM Q . 9.18 -0.42 -36.93
C3B HEM Q . 8.42 0.67 -36.66
C4B HEM Q . 7.05 0.34 -36.94
CMB HEM Q . 10.68 -0.60 -36.79
CAB HEM Q . 8.81 2.01 -36.13
CBB HEM Q . 8.82 2.41 -34.88
C1C HEM Q . 4.62 0.92 -36.96
C2C HEM Q . 3.51 1.83 -36.67
C3C HEM Q . 2.38 1.13 -36.94
C4C HEM Q . 2.79 -0.20 -37.39
CMC HEM Q . 3.68 3.24 -36.18
CAC HEM Q . 0.95 1.55 -36.83
CBC HEM Q . 0.40 2.72 -37.15
C1D HEM Q . 2.31 -2.52 -38.15
C2D HEM Q . 1.37 -3.57 -38.47
C3D HEM Q . 2.13 -4.65 -38.83
C4D HEM Q . 3.52 -4.26 -38.70
CMD HEM Q . -0.12 -3.45 -38.43
CAD HEM Q . 1.62 -5.98 -39.22
CBD HEM Q . 1.55 -5.95 -40.77
CGD HEM Q . 1.12 -7.26 -41.29
O1D HEM Q . 1.37 -8.28 -40.58
O2D HEM Q . 0.65 -7.27 -42.47
NA HEM Q . 6.39 -3.56 -38.32
NB HEM Q . 6.98 -0.93 -37.39
NC HEM Q . 4.14 -0.27 -37.38
ND HEM Q . 3.59 -2.98 -38.30
FE HEM Q . 5.24 -1.92 -37.94
C1 PLM R . 5.90 -2.57 -33.24
O1 PLM R . 5.08 -2.90 -32.35
O2 PLM R . 5.75 -2.57 -34.49
C2 PLM R . 7.31 -2.12 -32.69
C3 PLM R . 8.52 -2.68 -33.45
C4 PLM R . 8.67 -4.20 -33.32
C5 PLM R . 9.61 -4.82 -34.36
C6 PLM R . 9.09 -6.15 -34.95
C7 PLM R . 9.85 -7.38 -34.43
C8 PLM R . 9.08 -8.70 -34.63
C9 PLM R . 9.96 -9.95 -34.51
CA PLM R . 10.08 -10.50 -33.08
CB PLM R . 11.46 -11.08 -32.75
CC PLM R . 11.45 -12.18 -31.69
CD PLM R . 12.81 -12.44 -31.02
CE PLM R . 12.91 -13.80 -30.33
CF PLM R . 13.26 -13.72 -28.83
CG PLM R . 14.76 -13.86 -28.56
C1 PEG S . -7.82 -1.81 -17.98
O1 PEG S . -6.51 -1.84 -17.41
C2 PEG S . -8.67 -0.75 -17.34
O2 PEG S . -10.03 -1.10 -17.47
C3 PEG S . -10.81 -0.09 -18.10
C4 PEG S . -12.13 -0.67 -18.51
O4 PEG S . -13.13 0.33 -18.55
C1 GOL T . -13.60 4.92 -20.98
O1 GOL T . -12.33 4.40 -20.82
C2 GOL T . -14.45 3.84 -21.71
O2 GOL T . -15.29 3.16 -20.85
C3 GOL T . -15.22 4.61 -22.80
O3 GOL T . -16.47 4.01 -22.89
C1 GOL U . 14.27 0.66 -21.51
O1 GOL U . 14.48 0.04 -22.75
C2 GOL U . 12.84 1.25 -21.57
O2 GOL U . 12.16 0.86 -22.71
C3 GOL U . 12.16 0.73 -20.28
O3 GOL U . 10.78 0.89 -20.48
C1 PEG V . 26.99 -2.35 -29.12
O1 PEG V . 27.77 -3.19 -28.28
C2 PEG V . 27.59 -0.98 -29.24
O2 PEG V . 26.70 -0.14 -29.95
C3 PEG V . 27.30 1.07 -30.38
C4 PEG V . 27.60 1.94 -29.20
O4 PEG V . 26.43 2.26 -28.47
S SO4 W . 17.25 -7.67 -19.67
O1 SO4 W . 18.07 -8.31 -18.65
O2 SO4 W . 16.96 -6.29 -19.26
O3 SO4 W . 17.97 -7.66 -20.94
O4 SO4 W . 16.00 -8.40 -19.82
S SO4 X . 10.29 22.58 -45.14
O1 SO4 X . 11.56 22.59 -44.42
O2 SO4 X . 9.22 22.18 -44.25
O3 SO4 X . 10.02 23.92 -45.66
O4 SO4 X . 10.38 21.64 -46.26
CHA HEM Y . -1.42 39.47 3.41
CHB HEM Y . 1.42 37.87 -0.11
CHC HEM Y . -2.45 37.07 -2.83
CHD HEM Y . -5.30 38.33 0.81
C1A HEM Y . -0.30 39.09 2.73
C2A HEM Y . 1.07 39.14 3.22
C3A HEM Y . 1.85 38.68 2.24
C4A HEM Y . 0.97 38.35 1.12
CMA HEM Y . 3.35 38.54 2.25
CAA HEM Y . 1.52 39.58 4.57
CBA HEM Y . 1.67 41.11 4.63
CGA HEM Y . 1.97 41.71 5.98
O1A HEM Y . 2.72 42.70 6.03
O2A HEM Y . 1.69 41.00 6.98
C1B HEM Y . 0.63 37.51 -1.17
C2B HEM Y . 1.14 36.98 -2.41
C3B HEM Y . 0.03 36.76 -3.18
C4B HEM Y . -1.12 37.16 -2.40
CMB HEM Y . 2.58 36.73 -2.76
CAB HEM Y . -0.09 36.21 -4.55
CBB HEM Y . 0.06 36.87 -5.68
C1C HEM Y . -3.60 37.27 -2.08
C2C HEM Y . -4.95 37.01 -2.52
C3C HEM Y . -5.77 37.36 -1.49
C4C HEM Y . -4.89 37.85 -0.43
CMC HEM Y . -5.33 36.43 -3.87
CAC HEM Y . -7.25 37.26 -1.43
CBC HEM Y . -8.20 38.19 -1.28
C1D HEM Y . -4.51 38.77 1.86
C2D HEM Y . -5.00 39.22 3.15
C3D HEM Y . -3.89 39.54 3.88
C4D HEM Y . -2.74 39.28 3.04
CMD HEM Y . -6.44 39.30 3.56
CAD HEM Y . -3.87 40.04 5.27
CBD HEM Y . -3.82 41.59 5.14
CGD HEM Y . -3.69 42.26 6.44
O1D HEM Y . -3.85 43.51 6.52
O2D HEM Y . -3.46 41.48 7.42
NA HEM Y . -0.32 38.61 1.45
NB HEM Y . -0.72 37.62 -1.20
NC HEM Y . -3.62 37.78 -0.83
ND HEM Y . -3.14 38.83 1.85
FE HEM Y . -1.98 38.33 0.30
C1 PLM Z . -2.80 33.13 1.39
O1 PLM Z . -2.46 32.00 0.95
O2 PLM Z . -2.24 33.84 2.28
C2 PLM Z . -4.10 33.73 0.74
C3 PLM Z . -5.37 33.63 1.61
C4 PLM Z . -6.03 34.98 1.90
C5 PLM Z . -6.88 35.00 3.18
C6 PLM Z . -6.23 35.72 4.37
C7 PLM Z . -7.24 36.37 5.34
C8 PLM Z . -7.92 35.37 6.28
C9 PLM Z . -7.04 34.94 7.45
CA PLM Z . -7.73 35.03 8.81
CB PLM Z . -8.88 34.04 9.00
CC PLM Z . -9.44 34.01 10.42
CD PLM Z . -9.75 32.60 10.92
CE PLM Z . -11.20 32.14 10.67
CF PLM Z . -11.86 31.51 11.91
CG PLM Z . -12.90 30.45 11.54
C1 GOL AA . -22.02 45.62 -20.61
O1 GOL AA . -21.23 45.84 -21.74
C2 GOL AA . -21.72 46.77 -19.62
O2 GOL AA . -21.42 47.96 -20.28
C3 GOL AA . -22.99 46.90 -18.75
O3 GOL AA . -24.08 46.55 -19.55
C1 GOL BA . 18.65 21.30 -3.78
O1 GOL BA . 19.74 21.66 -2.98
C2 GOL BA . 17.51 20.89 -2.83
O2 GOL BA . 16.30 20.78 -3.50
C3 GOL BA . 17.96 19.54 -2.22
O3 GOL BA . 16.93 18.63 -2.48
C1 PEG CA . -10.08 38.31 26.74
O1 PEG CA . -9.66 39.17 25.70
C2 PEG CA . -9.39 36.97 26.65
O2 PEG CA . -10.09 36.03 27.46
C3 PEG CA . -10.09 36.38 28.84
C4 PEG CA . -11.00 35.45 29.58
O4 PEG CA . -11.00 34.16 28.99
S SO4 DA . -16.10 21.28 5.94
O1 SO4 DA . -14.96 21.56 6.82
O2 SO4 DA . -17.02 20.36 6.63
O3 SO4 DA . -16.79 22.52 5.62
O4 SO4 DA . -15.62 20.66 4.72
C1 GOL EA . 9.72 48.99 17.01
O1 GOL EA . 8.99 48.24 17.93
C2 GOL EA . 9.10 50.41 16.97
O2 GOL EA . 9.27 51.01 15.72
C3 GOL EA . 7.60 50.21 17.32
O3 GOL EA . 6.91 51.23 16.67
S SO4 FA . -26.21 39.98 -16.30
O1 SO4 FA . -25.21 40.70 -15.51
O2 SO4 FA . -27.28 40.90 -16.69
O3 SO4 FA . -26.76 38.89 -15.53
O4 SO4 FA . -25.57 39.45 -17.52
C1 GOL GA . -12.40 20.09 -7.64
O1 GOL GA . -11.52 21.17 -7.65
C2 GOL GA . -13.53 20.41 -6.61
O2 GOL GA . -13.78 19.33 -5.77
C3 GOL GA . -13.05 21.65 -5.82
O3 GOL GA . -13.98 21.88 -4.81
C1 PEG HA . -15.52 29.47 24.61
O1 PEG HA . -14.23 28.89 24.75
C2 PEG HA . -15.43 30.89 24.11
O2 PEG HA . -14.99 30.89 22.75
C3 PEG HA . -15.81 31.67 21.91
C4 PEG HA . -17.08 30.93 21.62
O4 PEG HA . -17.99 31.73 20.90
C1 PEG IA . -15.76 49.57 28.86
O1 PEG IA . -14.40 49.98 28.78
C2 PEG IA . -16.65 50.69 29.29
O2 PEG IA . -17.92 50.18 29.66
C3 PEG IA . -18.51 50.89 30.73
C4 PEG IA . -19.95 50.50 30.86
O4 PEG IA . -20.79 51.64 30.94
CHA HEM JA . -36.59 -9.03 -11.82
CHB HEM JA . -35.53 -10.54 -7.38
CHC HEM JA . -36.22 -6.10 -5.72
CHD HEM JA . -37.17 -4.56 -10.16
C1A HEM JA . -36.20 -9.84 -10.78
C2A HEM JA . -35.84 -11.25 -10.89
C3A HEM JA . -35.53 -11.66 -9.66
C4A HEM JA . -35.72 -10.51 -8.77
CMA HEM JA . -35.10 -13.04 -9.24
CAA HEM JA . -35.78 -12.05 -12.15
CBA HEM JA . -37.19 -12.58 -12.48
CGA HEM JA . -37.39 -13.25 -13.81
O1A HEM JA . -36.51 -13.07 -14.68
O2A HEM JA . -38.26 -14.16 -13.90
C1B HEM JA . -35.61 -9.48 -6.53
C2B HEM JA . -35.33 -9.54 -5.11
C3B HEM JA . -35.52 -8.27 -4.67
C4B HEM JA . -35.93 -7.47 -5.79
CMB HEM JA . -34.89 -10.75 -4.33
CAB HEM JA . -35.38 -7.72 -3.30
CBB HEM JA . -36.22 -7.83 -2.29
C1C HEM JA . -36.49 -5.24 -6.78
C2C HEM JA . -36.66 -3.80 -6.68
C3C HEM JA . -36.93 -3.36 -7.94
C4C HEM JA . -36.93 -4.55 -8.80
CMC HEM JA . -36.55 -3.01 -5.40
CAC HEM JA . -37.19 -2.00 -8.44
CBC HEM JA . -36.59 -1.36 -9.45
C1D HEM JA . -37.10 -5.64 -11.04
C2D HEM JA . -37.27 -5.56 -12.47
C3D HEM JA . -37.11 -6.82 -12.94
C4D HEM JA . -36.83 -7.68 -11.79
CMD HEM JA . -37.57 -4.31 -13.25
CAD HEM JA . -37.18 -7.27 -14.34
CBD HEM JA . -38.68 -7.59 -14.58
CGD HEM JA . -38.91 -8.23 -15.88
O1D HEM JA . -40.10 -8.37 -16.30
O2D HEM JA . -37.86 -8.53 -16.53
NA HEM JA . -36.13 -9.44 -9.48
NB HEM JA . -35.99 -8.22 -6.90
NC HEM JA . -36.67 -5.63 -8.05
ND HEM JA . -36.84 -6.93 -10.66
FE HEM JA . -36.53 -7.56 -8.80
C1 PLM KA . -31.45 -5.78 -8.79
O1 PLM KA . -30.43 -5.50 -8.10
O2 PLM KA . -31.56 -6.59 -9.74
C2 PLM KA . -32.74 -4.97 -8.39
C3 PLM KA . -32.68 -3.46 -8.66
C4 PLM KA . -32.50 -3.08 -10.13
C5 PLM KA . -33.55 -3.70 -11.06
C6 PLM KA . -33.88 -2.83 -12.29
C7 PLM KA . -33.81 -3.60 -13.62
C8 PLM KA . -34.47 -2.87 -14.79
C9 PLM KA . -33.47 -2.38 -15.86
CA PLM KA . -32.68 -3.51 -16.53
CB PLM KA . -31.64 -3.02 -17.54
CC PLM KA . -32.03 -1.69 -18.22
CD PLM KA . -31.16 -1.35 -19.44
CE PLM KA . -29.85 -0.63 -19.09
CF PLM KA . -29.73 0.78 -19.69
CG PLM KA . -28.61 0.90 -20.74
C1 GOL LA . -15.35 -20.89 2.58
O1 GOL LA . -14.79 -19.61 2.71
C2 GOL LA . -16.88 -20.74 2.73
O2 GOL LA . -17.45 -21.86 3.30
C3 GOL LA . -17.08 -19.46 3.58
O3 GOL LA . -18.13 -19.72 4.46
C1 GOL MA . -31.99 19.94 2.43
O1 GOL MA . -31.24 21.10 2.54
C2 GOL MA . -33.11 20.01 3.50
O2 GOL MA . -32.66 20.57 4.67
C3 GOL MA . -34.24 20.82 2.84
O3 GOL MA . -34.78 20.03 1.83
C1 PEG NA . -13.88 -13.49 -3.19
O1 PEG NA . -14.08 -12.09 -3.27
C2 PEG NA . -13.38 -13.90 -1.84
O2 PEG NA . -13.89 -15.19 -1.51
C3 PEG NA . -13.53 -15.62 -0.21
C4 PEG NA . -13.55 -17.11 -0.15
O4 PEG NA . -13.22 -17.68 -1.40
C1 GOL OA . -46.31 19.19 -0.30
O1 GOL OA . -45.25 19.25 0.59
C2 GOL OA . -47.56 18.68 0.48
O2 GOL OA . -47.68 17.30 0.40
C3 GOL OA . -47.35 19.15 1.94
O3 GOL OA . -46.84 18.07 2.66
C1 GOL PA . -48.52 -12.89 -8.93
O1 GOL PA . -49.02 -13.16 -10.20
C2 GOL PA . -47.77 -11.53 -9.02
O2 GOL PA . -47.72 -11.06 -10.32
C3 GOL PA . -48.54 -10.57 -8.08
O3 GOL PA . -47.61 -9.68 -7.57
C1 PEG QA . -43.63 -19.31 -20.42
O1 PEG QA . -43.37 -20.71 -20.44
C2 PEG QA . -42.39 -18.50 -20.65
O2 PEG QA . -41.99 -18.62 -22.01
C3 PEG QA . -41.20 -17.52 -22.44
C4 PEG QA . -41.12 -17.54 -23.94
O4 PEG QA . -40.64 -16.30 -24.44
S SO4 RA . -21.74 8.95 -14.18
O1 SO4 RA . -21.52 9.10 -12.74
O2 SO4 RA . -23.10 9.39 -14.50
O3 SO4 RA . -20.77 9.76 -14.91
O4 SO4 RA . -21.59 7.55 -14.54
S SO4 SA . -53.79 13.43 3.83
O1 SO4 SA . -52.76 14.00 4.70
O2 SO4 SA . -55.10 13.62 4.44
O3 SO4 SA . -53.75 14.09 2.53
O4 SO4 SA . -53.54 12.00 3.65
S SO4 TA . -50.15 -2.08 12.46
O1 SO4 TA . -49.10 -3.01 12.04
O2 SO4 TA . -50.40 -2.23 13.88
O3 SO4 TA . -49.71 -0.72 12.18
O4 SO4 TA . -51.38 -2.36 11.72
CHA HEM UA . -4.58 5.15 39.22
CHB HEM UA . -5.78 0.57 38.47
CHC HEM UA . -9.70 2.01 36.08
CHD HEM UA . -8.25 6.57 36.44
C1A HEM UA . -4.55 3.78 39.25
C2A HEM UA . -3.53 2.95 39.89
C3A HEM UA . -3.87 1.68 39.67
C4A HEM UA . -5.11 1.71 38.90
CMA HEM UA . -3.13 0.45 40.12
CAA HEM UA . -2.32 3.45 40.61
CBA HEM UA . -2.74 3.82 42.05
CGA HEM UA . -1.76 4.59 42.88
O1A HEM UA . -1.84 4.50 44.14
O2A HEM UA . -0.79 5.13 42.30
C1B HEM UA . -6.93 0.54 37.74
C2B HEM UA . -7.59 -0.66 37.31
C3B HEM UA . -8.70 -0.25 36.64
C4B HEM UA . -8.71 1.19 36.65
CMB HEM UA . -7.11 -2.08 37.57
CAB HEM UA . -9.76 -1.04 35.95
CBB HEM UA . -9.76 -1.46 34.70
C1C HEM UA . -9.67 3.39 35.93
C2C HEM UA . -10.62 4.17 35.16
C3C HEM UA . -10.21 5.47 35.26
C4C HEM UA . -9.00 5.46 36.09
CMC HEM UA . -11.79 3.58 34.43
CAC HEM UA . -10.80 6.69 34.67
CBC HEM UA . -12.09 7.04 34.61
C1D HEM UA . -7.10 6.60 37.22
C2D HEM UA . -6.35 7.80 37.54
C3D HEM UA . -5.31 7.40 38.34
C4D HEM UA . -5.43 5.96 38.49
CMD HEM UA . -6.67 9.19 37.09
CAD HEM UA . -4.24 8.23 38.92
CBD HEM UA . -4.84 8.84 40.22
CGD HEM UA . -3.84 9.61 40.96
O1D HEM UA . -4.19 10.25 41.99
O2D HEM UA . -2.67 9.56 40.48
NA HEM UA . -5.50 2.99 38.68
NB HEM UA . -7.63 1.64 37.34
NC HEM UA . -8.73 4.20 36.47
ND HEM UA . -6.51 5.52 37.82
FE HEM UA . -7.14 3.64 37.66
C1 PLM VA . -4.95 2.43 32.81
O1 PLM VA . -5.21 2.35 31.58
O2 PLM VA . -4.45 3.41 33.45
C2 PLM VA . -5.26 1.15 33.65
C3 PLM VA . -4.06 0.25 33.94
C4 PLM VA . -4.28 -0.74 35.08
C5 PLM VA . -2.98 -1.19 35.77
C6 PLM VA . -1.97 -0.05 35.98
C7 PLM VA . -1.13 -0.20 37.24
C8 PLM VA . 0.16 0.63 37.25
C9 PLM VA . 1.38 -0.15 36.77
CA PLM VA . 2.65 0.70 36.65
CB PLM VA . 3.96 -0.10 36.74
CC PLM VA . 4.41 -0.72 35.41
CD PLM VA . 5.11 -2.07 35.56
CE PLM VA . 6.64 -1.97 35.59
CF PLM VA . 7.32 -2.47 34.31
CG PLM VA . 7.82 -3.92 34.41
C1 GOL WA . -15.90 -23.82 42.23
O1 GOL WA . -14.53 -24.03 42.25
C2 GOL WA . -16.52 -25.01 41.46
O2 GOL WA . -17.48 -25.67 42.21
C3 GOL WA . -17.11 -24.39 40.17
O3 GOL WA . -18.37 -24.94 39.99
C1 GOL XA . -12.24 -4.72 51.47
O1 GOL XA . -12.37 -5.50 52.63
C2 GOL XA . -13.66 -4.28 51.04
O2 GOL XA . -13.72 -3.96 49.70
C3 GOL XA . -14.58 -5.47 51.40
O3 GOL XA . -15.89 -5.05 51.19
C1 GOL YA . 6.40 -11.71 23.79
O1 GOL YA . 7.20 -12.73 24.27
C2 GOL YA . 6.12 -10.76 24.99
O2 GOL YA . 5.45 -9.61 24.60
C3 GOL YA . 5.29 -11.61 25.97
O3 GOL YA . 5.55 -11.12 27.25
S SO4 ZA . -31.26 -5.31 40.75
O1 SO4 ZA . -30.54 -4.54 41.77
O2 SO4 ZA . -32.68 -5.32 41.06
O3 SO4 ZA . -31.04 -4.71 39.45
O4 SO4 ZA . -30.75 -6.69 40.74
CHA HEM AB . 1.43 -39.31 -3.56
CHB HEM AB . 2.24 -38.72 1.12
CHC HEM AB . 6.46 -36.68 0.11
CHD HEM AB . 5.56 -37.05 -4.58
C1A HEM AB . 1.26 -39.34 -2.21
C2A HEM AB . 0.08 -39.85 -1.49
C3A HEM AB . 0.31 -39.68 -0.20
C4A HEM AB . 1.63 -39.06 -0.08
CMA HEM AB . -0.59 -40.04 0.95
CAA HEM AB . -1.14 -40.43 -2.12
CBA HEM AB . -0.88 -41.94 -2.29
CGA HEM AB . -1.87 -42.75 -3.11
O1A HEM AB . -2.76 -42.13 -3.72
O2A HEM AB . -1.87 -44.00 -2.99
C1B HEM AB . 3.43 -38.08 1.28
C2B HEM AB . 3.99 -37.68 2.55
C3B HEM AB . 5.18 -37.11 2.25
C4B HEM AB . 5.34 -37.16 0.82
CMB HEM AB . 3.34 -37.89 3.89
CAB HEM AB . 6.21 -36.51 3.12
CBB HEM AB . 6.37 -35.23 3.40
C1C HEM AB . 6.62 -36.57 -1.26
C2C HEM AB . 7.73 -35.91 -1.93
C3C HEM AB . 7.47 -36.02 -3.27
C4C HEM AB . 6.20 -36.74 -3.39
CMC HEM AB . 8.89 -35.27 -1.22
CAC HEM AB . 8.27 -35.53 -4.41
CBC HEM AB . 9.60 -35.54 -4.56
C1D HEM AB . 4.32 -37.68 -4.74
C2D HEM AB . 3.66 -37.92 -6.01
C3D HEM AB . 2.50 -38.56 -5.72
C4D HEM AB . 2.44 -38.70 -4.27
CMD HEM AB . 4.18 -37.53 -7.37
CAD HEM AB . 1.47 -39.00 -6.69
CBD HEM AB . 1.79 -40.49 -7.02
CGD HEM AB . 0.77 -41.05 -7.92
O1D HEM AB . -0.40 -40.57 -7.87
O2D HEM AB . 1.14 -42.03 -8.63
NA HEM AB . 2.18 -38.87 -1.32
NB HEM AB . 4.28 -37.76 0.25
NC HEM AB . 5.73 -37.05 -2.17
ND HEM AB . 3.54 -38.18 -3.73
FE HEM AB . 3.98 -38.06 -1.79
C1 PLM BB . 2.16 -33.07 -0.91
O1 PLM BB . 2.55 -31.88 -0.80
O2 PLM BB . 1.56 -33.61 -1.87
C2 PLM BB . 2.45 -33.98 0.34
C3 PLM BB . 1.48 -33.84 1.52
C4 PLM BB . 0.05 -34.33 1.24
C5 PLM BB . -0.16 -35.84 1.49
C6 PLM BB . -1.60 -36.23 1.92
C7 PLM BB . -2.62 -36.19 0.77
C8 PLM BB . -4.07 -36.41 1.21
C9 PLM BB . -5.11 -35.68 0.33
CA PLM BB . -6.54 -36.20 0.49
CB PLM BB . -7.41 -35.32 1.40
CC PLM BB . -8.93 -35.52 1.20
CD PLM BB . -9.77 -34.30 1.58
CE PLM BB . -9.72 -33.94 3.07
CF PLM BB . -11.12 -33.77 3.71
CG PLM BB . -11.57 -32.31 3.82
C1 PEG CB . -5.04 -49.71 -19.65
O1 PEG CB . -5.42 -48.35 -19.65
C2 PEG CB . -5.51 -50.40 -18.41
O2 PEG CB . -6.90 -50.67 -18.49
C3 PEG CB . -7.62 -50.23 -17.36
C4 PEG CB . -8.04 -48.80 -17.55
O4 PEG CB . -7.85 -48.03 -16.38
C1 GOL DB . 3.41 -22.65 12.89
O1 GOL DB . 2.05 -22.96 13.02
C2 GOL DB . 3.51 -21.09 12.94
O2 GOL DB . 3.22 -20.61 14.20
C3 GOL DB . 4.97 -20.78 12.52
O3 GOL DB . 5.37 -21.78 11.63
C1 PEG EB . 8.12 -15.87 -14.33
O1 PEG EB . 8.58 -17.18 -14.04
C2 PEG EB . 6.79 -15.61 -13.71
O2 PEG EB . 6.95 -15.29 -12.33
C3 PEG EB . 5.84 -14.60 -11.78
C4 PEG EB . 4.61 -15.46 -11.86
O4 PEG EB . 4.15 -15.84 -10.58
C1 GOL FB . 12.86 -16.90 -14.92
O1 GOL FB . 13.36 -18.19 -15.00
C2 GOL FB . 11.89 -16.73 -16.12
O2 GOL FB . 11.17 -15.56 -16.04
C3 GOL FB . 12.80 -16.79 -17.37
O3 GOL FB . 12.96 -18.13 -17.69
C1 GOL GB . 0.49 -23.68 9.55
O1 GOL GB . 0.94 -24.68 8.70
C2 GOL GB . 1.41 -22.46 9.34
O2 GOL GB . 1.63 -22.21 7.99
C3 GOL GB . 0.68 -21.28 10.03
O3 GOL GB . -0.59 -21.22 9.48
C1 GOL HB . 11.19 -39.69 -19.18
O1 GOL HB . 9.99 -39.00 -19.33
C2 GOL HB . 11.00 -40.66 -17.97
O2 GOL HB . 9.78 -41.32 -18.02
C3 GOL HB . 12.21 -41.63 -18.06
O3 GOL HB . 11.81 -42.81 -17.45
C1 PEG IB . -12.70 -44.22 19.59
O1 PEG IB . -12.20 -45.26 20.42
C2 PEG IB . -14.14 -43.92 19.91
O2 PEG IB . -14.95 -45.03 19.58
C3 PEG IB . -16.31 -44.87 19.95
C4 PEG IB . -16.93 -43.77 19.14
O4 PEG IB . -18.34 -43.73 19.30
C1 GOL JB . -6.97 -32.74 19.16
O1 GOL JB . -5.80 -33.17 19.78
C2 GOL JB . -7.42 -31.45 19.88
O2 GOL JB . -6.40 -30.53 19.99
C3 GOL JB . -8.60 -30.92 19.04
O3 GOL JB . -8.30 -29.59 18.73
S SO4 KB . -8.59 -23.46 11.01
O1 SO4 KB . -8.29 -24.75 11.62
O2 SO4 KB . -9.70 -22.84 11.72
O3 SO4 KB . -7.41 -22.59 11.11
O4 SO4 KB . -8.92 -23.64 9.61
S SO4 LB . -13.65 -60.09 -8.54
O1 SO4 LB . -13.91 -61.08 -7.50
O2 SO4 LB . -14.67 -59.05 -8.49
O3 SO4 LB . -12.33 -59.52 -8.33
O4 SO4 LB . -13.69 -60.75 -9.85
S SO4 MB . 9.89 -41.94 26.92
O1 SO4 MB . 10.13 -42.73 28.11
O2 SO4 MB . 8.54 -41.38 26.96
O3 SO4 MB . 10.87 -40.85 26.84
O4 SO4 MB . 10.02 -42.79 25.74
S SO4 NB . 26.71 -43.39 9.55
O1 SO4 NB . 28.16 -43.27 9.65
O2 SO4 NB . 26.09 -42.87 10.77
O3 SO4 NB . 26.23 -42.64 8.40
O4 SO4 NB . 26.34 -44.80 9.38
#